data_3EAO
#
_entry.id   3EAO
#
_cell.length_a   78.231
_cell.length_b   137.754
_cell.length_c   168.954
_cell.angle_alpha   90.00
_cell.angle_beta   94.00
_cell.angle_gamma   90.00
#
_symmetry.space_group_name_H-M   'P 1 21 1'
#
loop_
_entity.id
_entity.type
_entity.pdbx_description
1 polymer 'Thioredoxin reductase 1, cytoplasmic'
2 non-polymer 'FLAVIN-ADENINE DINUCLEOTIDE'
3 non-polymer 'NADP NICOTINAMIDE-ADENINE-DINUCLEOTIDE PHOSPHATE'
4 water water
#
_entity_poly.entity_id   1
_entity_poly.type   'polypeptide(L)'
_entity_poly.pdbx_seq_one_letter_code
;MNDSKDAPKSYDFDLIIIGGGSGGLAAAKEAAKFDKKVMVLDFVTPTPLGTRWGLGGTCVNVGCIPKKLMHQAALLGQAL
KDSRNYGWKLEDTVKHDWEKMTESVQNHIGSLNWGYRVALREKKVVYENAYGKFIGPHKIMATNNKGKEKVYSAERFLIA
TGERPRYLGIPGDKEYCISSDDLFSLPYCPGKTLVVGASYVALECAGFLAGIGLDVTVMVRSILLRGFDQDMANKIGEHM
EEHGIKFIRQFVPTKIEQIEAGTPGRLKVTAKSTNSEETIEDEFNTVLLAVGRDSCTRTIGLETVGVKINEKTGKIPVTD
EEQTNVPYIYAIGDILEGKLELTPVAIQAGRLLAQRLYGGSTVKCDYDNVPTTVFTPLEYGCCGLSEEKAVEKFGEENIE
VYHSFFWPLEWTVPSRDNNKCYAKVICNLKDNERVVGFHVLGPNAGEVTQGFAAALKCGLTKQQLDSTIGIHPVCAEIFT
TLSVTKRSGGDILQSGCUG
;
_entity_poly.pdbx_strand_id   A,B,C,D,E,F
#
loop_
_chem_comp.id
_chem_comp.type
_chem_comp.name
_chem_comp.formula
FAD non-polymer 'FLAVIN-ADENINE DINUCLEOTIDE' 'C27 H33 N9 O15 P2'
NAP non-polymer 'NADP NICOTINAMIDE-ADENINE-DINUCLEOTIDE PHOSPHATE' 'C21 H28 N7 O17 P3'
#
# COMPACT_ATOMS: atom_id res chain seq x y z
N TYR A 11 5.75 -29.45 19.41
CA TYR A 11 7.00 -28.71 19.48
C TYR A 11 6.93 -27.44 18.64
N ASP A 12 8.07 -26.75 18.53
CA ASP A 12 8.18 -25.66 17.56
C ASP A 12 8.95 -26.10 16.31
N PHE A 13 9.94 -26.97 16.52
CA PHE A 13 10.86 -27.34 15.43
C PHE A 13 11.09 -28.87 15.38
N ASP A 14 11.36 -29.42 14.19
CA ASP A 14 11.79 -30.83 14.08
C ASP A 14 13.20 -30.98 14.63
N LEU A 15 14.03 -29.99 14.29
CA LEU A 15 15.45 -30.03 14.60
C LEU A 15 16.02 -28.65 14.95
N ILE A 16 16.79 -28.62 16.04
CA ILE A 16 17.52 -27.46 16.46
C ILE A 16 18.99 -27.87 16.49
N ILE A 17 19.79 -27.09 15.75
CA ILE A 17 21.21 -27.31 15.67
C ILE A 17 21.88 -26.27 16.56
N ILE A 18 22.58 -26.75 17.59
CA ILE A 18 23.32 -25.89 18.52
C ILE A 18 24.73 -25.70 17.96
N GLY A 19 24.98 -24.53 17.39
CA GLY A 19 26.28 -24.24 16.76
C GLY A 19 26.16 -24.10 15.24
N GLY A 20 26.51 -22.91 14.70
CA GLY A 20 26.40 -22.64 13.26
C GLY A 20 27.73 -22.81 12.57
N GLY A 21 28.45 -23.88 12.92
CA GLY A 21 29.76 -24.13 12.37
C GLY A 21 29.71 -24.95 11.11
N SER A 22 30.84 -25.52 10.77
CA SER A 22 30.98 -26.31 9.57
C SER A 22 29.97 -27.43 9.59
N GLY A 23 29.95 -28.18 10.70
CA GLY A 23 29.02 -29.29 10.89
C GLY A 23 27.60 -28.79 11.03
N GLY A 24 27.43 -27.78 11.90
CA GLY A 24 26.14 -27.14 12.08
C GLY A 24 25.45 -26.85 10.75
N LEU A 25 25.96 -25.83 10.04
CA LEU A 25 25.32 -25.31 8.84
C LEU A 25 25.15 -26.36 7.76
N ALA A 26 26.01 -27.38 7.81
CA ALA A 26 25.97 -28.46 6.83
C ALA A 26 24.71 -29.27 7.04
N ALA A 27 24.49 -29.71 8.29
CA ALA A 27 23.34 -30.51 8.66
C ALA A 27 22.09 -29.68 8.46
N ALA A 28 22.12 -28.46 9.01
CA ALA A 28 21.07 -27.48 8.85
C ALA A 28 20.61 -27.35 7.39
N LYS A 29 21.52 -26.94 6.50
CA LYS A 29 21.21 -26.76 5.08
C LYS A 29 20.74 -28.05 4.40
N GLU A 30 21.19 -29.20 4.91
CA GLU A 30 20.82 -30.50 4.37
C GLU A 30 19.42 -30.92 4.80
N ALA A 31 19.09 -30.64 6.05
CA ALA A 31 17.79 -30.99 6.59
C ALA A 31 16.69 -30.20 5.91
N ALA A 32 17.02 -29.02 5.44
CA ALA A 32 16.06 -28.16 4.77
C ALA A 32 15.48 -28.73 3.46
N LYS A 33 16.28 -29.46 2.69
CA LYS A 33 15.78 -30.16 1.49
C LYS A 33 14.51 -30.99 1.76
N PHE A 34 14.42 -31.57 2.96
CA PHE A 34 13.34 -32.47 3.34
C PHE A 34 12.16 -31.76 4.02
N ASP A 35 12.11 -30.45 3.82
CA ASP A 35 11.02 -29.59 4.27
C ASP A 35 10.61 -29.80 5.75
N LYS A 36 11.47 -29.32 6.66
CA LYS A 36 11.25 -29.47 8.10
C LYS A 36 11.55 -28.14 8.78
N LYS A 37 10.94 -27.88 9.92
CA LYS A 37 11.24 -26.65 10.64
C LYS A 37 12.59 -26.84 11.32
N VAL A 38 13.56 -26.03 10.91
CA VAL A 38 14.93 -26.13 11.42
C VAL A 38 15.40 -24.80 12.03
N MET A 39 16.16 -24.89 13.11
CA MET A 39 16.74 -23.68 13.66
C MET A 39 18.22 -23.86 13.99
N VAL A 40 19.00 -22.87 13.56
CA VAL A 40 20.39 -22.78 13.95
C VAL A 40 20.60 -21.70 15.01
N LEU A 41 21.21 -22.10 16.12
CA LEU A 41 21.69 -21.12 17.05
C LEU A 41 23.21 -21.02 16.88
N ASP A 42 23.72 -19.85 16.49
CA ASP A 42 25.14 -19.61 16.57
C ASP A 42 25.40 -18.39 17.45
N PHE A 43 26.44 -18.47 18.30
CA PHE A 43 26.90 -17.34 19.09
C PHE A 43 28.39 -17.47 19.34
N VAL A 44 29.09 -16.37 19.10
CA VAL A 44 30.52 -16.38 19.27
C VAL A 44 30.86 -15.78 20.63
N THR A 45 31.12 -16.66 21.58
CA THR A 45 31.55 -16.24 22.89
C THR A 45 32.93 -15.55 22.66
N PRO A 46 33.09 -14.26 23.08
CA PRO A 46 34.34 -13.53 22.77
C PRO A 46 35.57 -14.13 23.42
N THR A 47 36.73 -13.92 22.81
CA THR A 47 38.01 -14.38 23.38
C THR A 47 38.33 -13.52 24.61
N PRO A 48 39.27 -13.96 25.48
CA PRO A 48 39.79 -13.12 26.56
C PRO A 48 39.94 -11.64 26.20
N LEU A 49 40.76 -11.32 25.20
CA LEU A 49 40.88 -9.91 24.76
C LEU A 49 39.67 -9.42 23.93
N GLY A 50 38.59 -10.19 23.94
CA GLY A 50 37.29 -9.77 23.44
C GLY A 50 37.10 -9.74 21.93
N THR A 51 37.50 -10.81 21.22
CA THR A 51 37.33 -10.82 19.77
C THR A 51 36.02 -11.50 19.35
N ARG A 52 35.41 -11.00 18.26
CA ARG A 52 34.13 -11.52 17.78
C ARG A 52 34.20 -11.90 16.31
N TRP A 53 33.13 -12.59 15.81
CA TRP A 53 32.99 -12.86 14.41
C TRP A 53 31.60 -13.37 14.04
N GLY A 54 31.32 -13.46 12.75
CA GLY A 54 29.99 -13.82 12.29
C GLY A 54 29.72 -15.31 12.11
N LEU A 55 28.59 -15.57 11.45
CA LEU A 55 28.13 -16.92 11.20
C LEU A 55 29.14 -17.67 10.38
N GLY A 56 29.34 -18.96 10.68
CA GLY A 56 30.20 -19.78 9.85
C GLY A 56 31.08 -20.73 10.61
N GLY A 57 31.42 -20.36 11.84
CA GLY A 57 32.18 -21.26 12.70
C GLY A 57 33.67 -21.04 12.57
N THR A 58 34.45 -22.02 13.00
CA THR A 58 35.88 -21.85 13.20
C THR A 58 36.66 -21.79 11.91
N CYS A 59 36.34 -22.68 10.99
CA CYS A 59 37.06 -22.79 9.76
C CYS A 59 36.92 -21.49 9.00
N VAL A 60 35.68 -21.05 8.85
CA VAL A 60 35.35 -19.80 8.15
C VAL A 60 36.03 -18.56 8.76
N ASN A 61 35.96 -18.40 10.09
CA ASN A 61 36.38 -17.16 10.74
C ASN A 61 37.79 -17.15 11.33
N VAL A 62 38.19 -18.25 11.95
CA VAL A 62 39.45 -18.34 12.67
C VAL A 62 40.17 -19.68 12.48
N GLY A 63 39.96 -20.30 11.31
CA GLY A 63 40.57 -21.58 10.97
C GLY A 63 41.12 -21.68 9.56
N CYS A 64 40.63 -22.66 8.81
CA CYS A 64 41.17 -22.98 7.49
C CYS A 64 41.19 -21.79 6.58
N ILE A 65 40.04 -21.16 6.41
CA ILE A 65 39.94 -20.02 5.51
C ILE A 65 41.00 -18.95 5.78
N PRO A 66 40.97 -18.29 6.95
CA PRO A 66 42.03 -17.28 7.11
C PRO A 66 43.45 -17.87 7.17
N LYS A 67 43.57 -19.12 7.59
CA LYS A 67 44.89 -19.76 7.72
C LYS A 67 45.49 -20.02 6.34
N LYS A 68 44.71 -20.63 5.45
CA LYS A 68 45.18 -20.87 4.10
C LYS A 68 45.48 -19.56 3.44
N LEU A 69 44.60 -18.57 3.55
CA LEU A 69 44.86 -17.28 2.91
C LEU A 69 46.21 -16.73 3.34
N MET A 70 46.46 -16.66 4.65
CA MET A 70 47.75 -16.16 5.11
C MET A 70 48.91 -17.06 4.72
N HIS A 71 48.68 -18.36 4.61
CA HIS A 71 49.68 -19.25 4.06
C HIS A 71 50.01 -18.77 2.66
N GLN A 72 48.96 -18.50 1.87
CA GLN A 72 49.14 -18.16 0.48
C GLN A 72 49.99 -16.90 0.38
N ALA A 73 49.69 -15.91 1.23
CA ALA A 73 50.48 -14.68 1.30
C ALA A 73 51.95 -15.00 1.44
N ALA A 74 52.28 -15.95 2.32
CA ALA A 74 53.67 -16.38 2.48
C ALA A 74 54.22 -16.94 1.19
N LEU A 75 53.49 -17.89 0.62
CA LEU A 75 53.90 -18.50 -0.63
C LEU A 75 54.15 -17.45 -1.71
N LEU A 76 53.27 -16.46 -1.78
CA LEU A 76 53.37 -15.42 -2.80
C LEU A 76 54.67 -14.64 -2.65
N GLY A 77 55.12 -14.44 -1.41
CA GLY A 77 56.43 -13.87 -1.18
C GLY A 77 57.50 -14.77 -1.80
N GLN A 78 57.36 -16.07 -1.60
CA GLN A 78 58.30 -17.00 -2.19
C GLN A 78 58.24 -16.81 -3.69
N ALA A 79 57.01 -16.75 -4.20
CA ALA A 79 56.75 -16.62 -5.63
C ALA A 79 57.46 -15.39 -6.24
N LEU A 80 57.36 -14.23 -5.58
CA LEU A 80 58.10 -13.03 -5.96
C LEU A 80 59.60 -13.29 -6.03
N LYS A 81 60.17 -13.98 -5.05
CA LYS A 81 61.61 -14.27 -5.05
C LYS A 81 61.99 -15.08 -6.28
N ASP A 82 61.17 -16.06 -6.62
CA ASP A 82 61.46 -16.96 -7.72
C ASP A 82 61.40 -16.25 -9.06
N SER A 83 60.50 -15.29 -9.18
CA SER A 83 60.18 -14.73 -10.47
C SER A 83 61.36 -14.07 -11.18
N ARG A 84 62.40 -13.71 -10.42
CA ARG A 84 63.60 -13.06 -10.96
C ARG A 84 64.23 -13.97 -12.01
N ASN A 85 64.55 -15.21 -11.62
CA ASN A 85 65.18 -16.15 -12.53
C ASN A 85 64.31 -16.60 -13.68
N TYR A 86 62.99 -16.45 -13.57
CA TYR A 86 62.08 -16.73 -14.68
C TYR A 86 61.92 -15.49 -15.56
N GLY A 87 62.68 -14.46 -15.25
CA GLY A 87 62.82 -13.32 -16.15
C GLY A 87 62.04 -12.08 -15.78
N TRP A 88 61.40 -12.07 -14.62
CA TRP A 88 60.65 -10.89 -14.18
C TRP A 88 61.58 -9.88 -13.57
N LYS A 89 61.57 -8.67 -14.13
CA LYS A 89 62.44 -7.60 -13.64
C LYS A 89 61.91 -7.01 -12.34
N LEU A 90 61.78 -7.87 -11.33
CA LEU A 90 61.63 -7.41 -9.95
C LEU A 90 62.81 -6.55 -9.52
N GLU A 91 62.52 -5.41 -8.89
CA GLU A 91 63.45 -4.79 -7.96
C GLU A 91 63.79 -5.75 -6.82
N ASP A 92 64.58 -5.26 -5.86
CA ASP A 92 65.46 -6.11 -5.07
C ASP A 92 64.69 -6.86 -3.99
N THR A 93 63.89 -6.12 -3.23
CA THR A 93 63.03 -6.72 -2.22
C THR A 93 61.70 -5.99 -2.13
N VAL A 94 60.61 -6.75 -2.14
CA VAL A 94 59.29 -6.21 -1.84
C VAL A 94 58.91 -6.45 -0.38
N LYS A 95 58.31 -5.45 0.24
CA LYS A 95 57.95 -5.52 1.65
C LYS A 95 56.50 -5.93 1.85
N HIS A 96 56.18 -6.46 3.02
CA HIS A 96 54.82 -6.89 3.29
C HIS A 96 54.08 -5.97 4.24
N ASP A 97 52.77 -5.85 4.06
CA ASP A 97 51.94 -4.97 4.89
C ASP A 97 50.88 -5.79 5.60
N TRP A 98 51.10 -6.09 6.88
CA TRP A 98 50.16 -6.93 7.66
C TRP A 98 48.69 -6.49 7.54
N GLU A 99 48.47 -5.17 7.71
CA GLU A 99 47.14 -4.57 7.78
C GLU A 99 46.39 -4.74 6.48
N LYS A 100 47.03 -4.38 5.36
CA LYS A 100 46.48 -4.61 4.02
C LYS A 100 46.09 -6.07 3.81
N MET A 101 46.93 -6.99 4.31
CA MET A 101 46.66 -8.43 4.22
C MET A 101 45.44 -8.83 5.02
N THR A 102 45.52 -8.68 6.34
CA THR A 102 44.43 -9.10 7.21
C THR A 102 43.12 -8.39 6.86
N GLU A 103 43.21 -7.22 6.23
CA GLU A 103 42.02 -6.56 5.70
C GLU A 103 41.36 -7.39 4.59
N SER A 104 42.12 -7.83 3.59
CA SER A 104 41.54 -8.61 2.50
C SER A 104 40.97 -9.91 3.00
N VAL A 105 41.67 -10.55 3.94
CA VAL A 105 41.25 -11.82 4.52
C VAL A 105 39.89 -11.66 5.18
N GLN A 106 39.77 -10.65 6.04
CA GLN A 106 38.51 -10.29 6.69
C GLN A 106 37.44 -9.98 5.67
N ASN A 107 37.76 -9.18 4.66
CA ASN A 107 36.83 -8.91 3.58
C ASN A 107 36.26 -10.17 2.96
N HIS A 108 37.09 -11.22 2.86
CA HIS A 108 36.58 -12.50 2.38
C HIS A 108 35.77 -13.24 3.46
N ILE A 109 36.34 -13.35 4.67
CA ILE A 109 35.61 -13.93 5.79
C ILE A 109 34.22 -13.29 5.89
N GLY A 110 34.18 -11.96 5.95
CA GLY A 110 32.94 -11.19 5.96
C GLY A 110 31.89 -11.61 4.93
N SER A 111 32.32 -11.81 3.68
CA SER A 111 31.36 -12.25 2.66
C SER A 111 30.92 -13.65 2.91
N LEU A 112 31.75 -14.44 3.59
CA LEU A 112 31.36 -15.81 3.93
C LEU A 112 30.30 -15.79 5.01
N ASN A 113 30.55 -15.03 6.08
CA ASN A 113 29.54 -14.75 7.14
C ASN A 113 28.17 -14.38 6.52
N TRP A 114 28.16 -13.26 5.80
CA TRP A 114 27.01 -12.75 5.03
C TRP A 114 26.59 -13.57 3.81
N GLY A 115 27.22 -14.74 3.60
CA GLY A 115 26.81 -15.74 2.62
C GLY A 115 25.99 -16.83 3.30
N TYR A 116 26.46 -17.29 4.46
CA TYR A 116 25.75 -18.30 5.23
C TYR A 116 24.45 -17.77 5.80
N ARG A 117 24.45 -16.51 6.24
CA ARG A 117 23.25 -15.88 6.75
C ARG A 117 22.19 -15.84 5.67
N VAL A 118 22.58 -15.48 4.46
CA VAL A 118 21.66 -15.55 3.29
C VAL A 118 21.23 -16.98 2.96
N ALA A 119 22.19 -17.89 2.89
CA ALA A 119 21.92 -19.28 2.56
C ALA A 119 20.84 -19.90 3.46
N LEU A 120 20.91 -19.60 4.76
CA LEU A 120 19.92 -20.08 5.74
C LEU A 120 18.54 -19.50 5.43
N ARG A 121 18.50 -18.19 5.21
CA ARG A 121 17.26 -17.55 4.81
C ARG A 121 16.67 -18.19 3.55
N GLU A 122 17.46 -18.34 2.49
CA GLU A 122 16.98 -18.94 1.23
C GLU A 122 16.43 -20.35 1.41
N LYS A 123 17.13 -21.19 2.18
CA LYS A 123 16.69 -22.57 2.39
C LYS A 123 15.58 -22.58 3.48
N LYS A 124 15.26 -21.41 4.01
CA LYS A 124 14.17 -21.24 5.00
C LYS A 124 14.47 -21.71 6.42
N VAL A 125 15.74 -21.96 6.73
CA VAL A 125 16.18 -22.29 8.10
C VAL A 125 16.12 -21.03 8.97
N VAL A 126 15.74 -21.16 10.24
CA VAL A 126 15.65 -19.98 11.10
C VAL A 126 16.98 -19.78 11.78
N TYR A 127 17.55 -18.60 11.59
CA TYR A 127 18.81 -18.24 12.26
C TYR A 127 18.50 -17.34 13.45
N GLU A 128 19.06 -17.73 14.59
CA GLU A 128 18.94 -16.96 15.80
C GLU A 128 20.35 -16.84 16.34
N ASN A 129 20.84 -15.61 16.37
CA ASN A 129 22.19 -15.36 16.88
C ASN A 129 22.17 -15.34 18.42
N ALA A 130 22.21 -16.53 19.01
CA ALA A 130 22.12 -16.66 20.47
C ALA A 130 22.83 -17.92 21.01
N TYR A 131 23.30 -17.83 22.24
CA TYR A 131 23.90 -18.97 22.93
C TYR A 131 22.84 -19.97 23.33
N GLY A 132 23.09 -21.22 22.98
CA GLY A 132 22.14 -22.29 23.26
C GLY A 132 22.54 -23.07 24.49
N LYS A 133 21.60 -23.19 25.41
CA LYS A 133 21.82 -23.93 26.66
C LYS A 133 20.60 -24.80 26.95
N PHE A 134 20.83 -26.09 27.14
CA PHE A 134 19.71 -26.99 27.46
C PHE A 134 19.13 -26.65 28.83
N ILE A 135 17.80 -26.64 28.92
CA ILE A 135 17.13 -26.46 30.22
C ILE A 135 16.29 -27.67 30.71
N GLY A 136 15.85 -28.54 29.80
CA GLY A 136 15.12 -29.73 30.19
C GLY A 136 14.86 -30.54 28.95
N PRO A 137 14.37 -31.80 29.10
CA PRO A 137 14.14 -32.63 27.89
C PRO A 137 13.37 -31.86 26.77
N HIS A 138 13.87 -31.94 25.54
CA HIS A 138 13.31 -31.24 24.35
C HIS A 138 13.12 -29.72 24.49
N LYS A 139 13.79 -29.13 25.48
CA LYS A 139 13.67 -27.69 25.79
C LYS A 139 15.05 -27.02 25.85
N ILE A 140 15.21 -25.96 25.05
CA ILE A 140 16.46 -25.20 25.07
C ILE A 140 16.22 -23.73 25.35
N MET A 141 17.16 -23.13 26.08
CA MET A 141 17.13 -21.68 26.30
C MET A 141 18.12 -20.94 25.42
N ALA A 142 17.62 -19.93 24.73
CA ALA A 142 18.43 -19.14 23.82
C ALA A 142 18.73 -17.76 24.41
N THR A 143 19.88 -17.66 25.10
CA THR A 143 20.35 -16.36 25.60
C THR A 143 20.95 -15.50 24.48
N ASN A 144 20.17 -14.54 23.99
CA ASN A 144 20.68 -13.68 22.92
C ASN A 144 21.81 -12.75 23.37
N ASN A 145 22.34 -12.01 22.40
CA ASN A 145 23.54 -11.20 22.61
C ASN A 145 23.43 -10.17 23.76
N LYS A 146 22.25 -9.56 23.93
CA LYS A 146 22.07 -8.54 24.94
C LYS A 146 21.69 -9.09 26.32
N GLY A 147 21.16 -10.30 26.38
CA GLY A 147 20.82 -10.91 27.67
C GLY A 147 19.45 -11.57 27.70
N LYS A 148 18.50 -11.07 26.89
CA LYS A 148 17.13 -11.64 26.84
C LYS A 148 17.21 -13.12 26.46
N GLU A 149 16.30 -13.91 27.02
CA GLU A 149 16.26 -15.35 26.73
C GLU A 149 14.90 -15.71 26.13
N LYS A 150 14.90 -16.68 25.24
CA LYS A 150 13.65 -17.22 24.74
C LYS A 150 13.76 -18.72 24.94
N VAL A 151 12.63 -19.40 25.04
CA VAL A 151 12.70 -20.84 25.25
C VAL A 151 12.08 -21.51 24.05
N TYR A 152 12.86 -22.41 23.43
CA TYR A 152 12.41 -23.14 22.27
C TYR A 152 12.36 -24.65 22.57
N SER A 153 11.57 -25.35 21.75
CA SER A 153 11.46 -26.80 21.80
C SER A 153 11.69 -27.43 20.40
N ALA A 154 12.11 -28.71 20.42
CA ALA A 154 12.32 -29.49 19.21
C ALA A 154 12.30 -31.00 19.46
N GLU A 155 11.85 -31.74 18.45
CA GLU A 155 11.79 -33.20 18.51
C GLU A 155 13.19 -33.81 18.58
N ARG A 156 14.12 -33.28 17.76
CA ARG A 156 15.52 -33.70 17.79
C ARG A 156 16.49 -32.53 17.96
N PHE A 157 17.70 -32.85 18.43
CA PHE A 157 18.75 -31.85 18.63
C PHE A 157 20.11 -32.27 18.05
N LEU A 158 20.79 -31.30 17.45
CA LEU A 158 22.14 -31.53 17.03
C LEU A 158 23.06 -30.63 17.82
N ILE A 159 23.93 -31.24 18.61
CA ILE A 159 25.00 -30.51 19.27
C ILE A 159 26.18 -30.43 18.30
N ALA A 160 26.53 -29.20 17.92
CA ALA A 160 27.58 -28.96 16.91
C ALA A 160 28.32 -27.70 17.33
N THR A 161 28.94 -27.76 18.49
CA THR A 161 29.43 -26.56 19.17
C THR A 161 30.93 -26.36 19.03
N GLY A 162 31.62 -27.38 18.53
CA GLY A 162 33.07 -27.29 18.33
C GLY A 162 33.84 -26.93 19.61
N GLU A 163 35.07 -26.46 19.41
CA GLU A 163 36.02 -26.21 20.49
C GLU A 163 36.54 -24.77 20.48
N ARG A 164 37.42 -24.42 21.42
CA ARG A 164 38.07 -23.12 21.48
C ARG A 164 39.48 -23.30 22.02
N PRO A 165 40.39 -22.38 21.67
CA PRO A 165 41.81 -22.55 22.03
C PRO A 165 41.97 -22.63 23.55
N ARG A 166 42.81 -23.55 24.00
CA ARG A 166 43.14 -23.66 25.43
C ARG A 166 44.33 -22.78 25.74
N TYR A 167 44.32 -22.20 26.93
CA TYR A 167 45.47 -21.50 27.46
C TYR A 167 46.34 -22.40 28.34
N LEU A 168 47.53 -21.92 28.69
CA LEU A 168 48.37 -22.55 29.70
C LEU A 168 47.84 -22.14 31.07
N GLY A 169 48.01 -23.01 32.04
CA GLY A 169 47.64 -22.61 33.40
C GLY A 169 48.56 -21.57 34.04
N ILE A 170 49.23 -20.74 33.22
CA ILE A 170 50.23 -19.79 33.75
C ILE A 170 49.76 -18.33 33.70
N PRO A 171 50.49 -17.40 34.36
CA PRO A 171 49.96 -16.04 34.45
C PRO A 171 50.45 -15.11 33.34
N GLY A 172 49.64 -14.10 33.02
CA GLY A 172 49.91 -13.14 31.92
C GLY A 172 49.34 -13.60 30.57
N ASP A 173 49.27 -14.92 30.41
CA ASP A 173 48.87 -15.57 29.18
C ASP A 173 47.53 -15.14 28.59
N LYS A 174 46.48 -15.02 29.42
CA LYS A 174 45.15 -14.57 28.95
C LYS A 174 45.11 -13.07 28.62
N GLU A 175 45.79 -12.24 29.39
CA GLU A 175 45.71 -10.80 29.18
C GLU A 175 46.75 -10.31 28.17
N TYR A 176 47.82 -11.09 28.00
CA TYR A 176 48.93 -10.67 27.11
C TYR A 176 49.19 -11.50 25.83
N CYS A 177 48.71 -12.74 25.77
CA CYS A 177 48.95 -13.56 24.59
C CYS A 177 47.75 -13.65 23.65
N ILE A 178 48.00 -14.15 22.43
CA ILE A 178 46.94 -14.39 21.48
C ILE A 178 46.84 -15.89 21.16
N SER A 179 45.66 -16.31 20.74
CA SER A 179 45.42 -17.66 20.26
C SER A 179 45.25 -17.61 18.74
N SER A 180 44.89 -18.75 18.15
CA SER A 180 44.49 -18.78 16.77
C SER A 180 43.35 -17.76 16.59
N ASP A 181 42.40 -17.76 17.53
CA ASP A 181 41.20 -16.93 17.47
C ASP A 181 41.48 -15.46 17.23
N ASP A 182 42.64 -15.00 17.66
CA ASP A 182 42.97 -13.56 17.68
C ASP A 182 43.84 -13.15 16.51
N LEU A 183 44.80 -14.00 16.21
CA LEU A 183 45.80 -13.75 15.18
C LEU A 183 45.18 -13.25 13.89
N PHE A 184 44.12 -13.93 13.46
CA PHE A 184 43.56 -13.70 12.14
C PHE A 184 42.79 -12.39 11.95
N SER A 185 42.66 -11.60 13.00
CA SER A 185 42.12 -10.23 12.87
C SER A 185 43.00 -9.20 13.59
N LEU A 186 44.21 -9.62 13.94
CA LEU A 186 45.10 -8.78 14.68
C LEU A 186 45.16 -7.43 13.97
N PRO A 187 44.74 -6.34 14.66
CA PRO A 187 44.72 -4.98 14.09
C PRO A 187 46.10 -4.34 13.86
N TYR A 188 47.18 -5.08 14.12
CA TYR A 188 48.52 -4.58 13.95
C TYR A 188 49.43 -5.74 13.62
N CYS A 189 50.50 -5.41 12.89
CA CYS A 189 51.59 -6.34 12.61
C CYS A 189 52.03 -6.96 13.93
N PRO A 190 52.05 -8.30 14.00
CA PRO A 190 52.45 -8.98 15.22
C PRO A 190 53.91 -8.71 15.64
N GLY A 191 54.79 -8.33 14.71
CA GLY A 191 56.24 -8.19 14.98
C GLY A 191 56.89 -9.48 15.46
N LYS A 192 58.08 -9.38 16.07
CA LYS A 192 58.78 -10.56 16.59
C LYS A 192 57.84 -11.40 17.42
N THR A 193 57.78 -12.71 17.11
CA THR A 193 56.78 -13.57 17.71
C THR A 193 57.41 -14.80 18.30
N LEU A 194 56.84 -15.21 19.43
CA LEU A 194 56.99 -16.57 19.93
C LEU A 194 55.69 -17.33 19.72
N VAL A 195 55.81 -18.48 19.06
CA VAL A 195 54.70 -19.41 18.95
C VAL A 195 54.96 -20.54 19.90
N VAL A 196 54.01 -20.81 20.79
CA VAL A 196 54.14 -21.90 21.75
C VAL A 196 53.23 -23.06 21.39
N GLY A 197 53.83 -24.24 21.23
CA GLY A 197 53.13 -25.37 20.63
C GLY A 197 53.49 -25.69 19.20
N ALA A 198 53.27 -26.94 18.81
CA ALA A 198 53.96 -27.67 17.74
C ALA A 198 53.10 -28.78 17.18
N SER A 199 51.79 -28.53 17.08
CA SER A 199 50.94 -29.24 16.15
C SER A 199 50.49 -28.32 15.00
N TYR A 200 49.53 -28.80 14.22
CA TYR A 200 49.17 -28.13 12.97
C TYR A 200 49.04 -26.60 13.16
N VAL A 201 48.19 -26.17 14.06
CA VAL A 201 48.06 -24.75 14.29
C VAL A 201 49.38 -24.05 14.60
N ALA A 202 50.22 -24.65 15.44
CA ALA A 202 51.42 -23.94 15.90
C ALA A 202 52.41 -23.71 14.76
N LEU A 203 52.68 -24.78 14.01
CA LEU A 203 53.68 -24.77 12.95
C LEU A 203 53.20 -24.02 11.73
N GLU A 204 51.94 -24.25 11.36
CA GLU A 204 51.29 -23.49 10.28
C GLU A 204 51.43 -21.99 10.49
N CYS A 205 51.05 -21.53 11.65
CA CYS A 205 51.14 -20.14 11.99
C CYS A 205 52.54 -19.58 12.02
N ALA A 206 53.43 -20.32 12.68
CA ALA A 206 54.83 -19.95 12.72
C ALA A 206 55.31 -19.83 11.29
N GLY A 207 54.84 -20.74 10.46
CA GLY A 207 55.26 -20.83 9.09
C GLY A 207 54.86 -19.64 8.26
N PHE A 208 53.60 -19.25 8.31
CA PHE A 208 53.21 -18.12 7.51
C PHE A 208 53.71 -16.79 8.06
N LEU A 209 53.83 -16.69 9.39
CA LEU A 209 54.33 -15.45 10.00
C LEU A 209 55.77 -15.21 9.55
N ALA A 210 56.56 -16.26 9.57
CA ALA A 210 57.96 -16.11 9.17
C ALA A 210 58.00 -15.77 7.70
N GLY A 211 57.18 -16.50 6.92
CA GLY A 211 57.09 -16.37 5.45
C GLY A 211 56.70 -14.99 4.96
N ILE A 212 55.95 -14.21 5.76
CA ILE A 212 55.68 -12.82 5.37
C ILE A 212 56.72 -11.85 5.93
N GLY A 213 57.76 -12.39 6.57
CA GLY A 213 58.93 -11.61 6.90
C GLY A 213 59.23 -11.34 8.36
N LEU A 214 58.43 -11.91 9.28
CA LEU A 214 58.61 -11.67 10.71
C LEU A 214 59.65 -12.57 11.38
N ASP A 215 60.20 -12.09 12.51
CA ASP A 215 61.14 -12.83 13.35
C ASP A 215 60.40 -13.83 14.27
N VAL A 216 60.44 -15.11 13.90
CA VAL A 216 59.60 -16.12 14.55
C VAL A 216 60.33 -17.26 15.28
N THR A 217 59.90 -17.51 16.50
CA THR A 217 60.45 -18.61 17.28
C THR A 217 59.36 -19.57 17.73
N VAL A 218 59.62 -20.87 17.59
CA VAL A 218 58.71 -21.90 18.07
C VAL A 218 59.26 -22.62 19.31
N MET A 219 58.50 -22.57 20.41
CA MET A 219 58.85 -23.29 21.65
C MET A 219 58.17 -24.65 21.77
N VAL A 220 58.97 -25.67 21.61
CA VAL A 220 58.47 -27.05 21.59
C VAL A 220 58.56 -27.69 22.96
N ARG A 221 57.43 -28.16 23.50
CA ARG A 221 57.50 -28.96 24.74
C ARG A 221 58.18 -30.35 24.54
N SER A 222 57.60 -31.20 23.71
CA SER A 222 58.21 -32.50 23.49
C SER A 222 58.60 -32.68 22.04
N ILE A 223 57.76 -33.42 21.30
CA ILE A 223 58.00 -33.72 19.88
C ILE A 223 57.14 -32.79 19.00
N LEU A 224 57.48 -32.72 17.71
CA LEU A 224 56.69 -31.97 16.74
C LEU A 224 55.56 -32.84 16.21
N LEU A 225 54.36 -32.27 16.11
CA LEU A 225 53.20 -32.92 15.47
C LEU A 225 52.95 -34.33 15.99
N ARG A 226 52.82 -34.42 17.32
CA ARG A 226 52.38 -35.64 17.99
C ARG A 226 51.17 -36.21 17.27
N GLY A 227 51.27 -37.44 16.83
CA GLY A 227 50.13 -38.09 16.17
C GLY A 227 50.40 -38.33 14.72
N PHE A 228 51.16 -37.42 14.09
CA PHE A 228 51.50 -37.56 12.68
C PHE A 228 52.80 -38.32 12.63
N ASP A 229 53.04 -39.04 11.53
CA ASP A 229 54.30 -39.76 11.28
C ASP A 229 55.49 -38.90 11.71
N GLN A 230 56.22 -39.35 12.72
CA GLN A 230 57.29 -38.55 13.35
C GLN A 230 58.48 -38.20 12.47
N ASP A 231 58.78 -39.04 11.49
CA ASP A 231 59.84 -38.75 10.54
C ASP A 231 59.45 -37.56 9.66
N MET A 232 58.23 -37.58 9.11
CA MET A 232 57.71 -36.44 8.34
C MET A 232 57.72 -35.19 9.19
N ALA A 233 57.27 -35.33 10.45
CA ALA A 233 57.20 -34.21 11.37
C ALA A 233 58.58 -33.59 11.49
N ASN A 234 59.60 -34.42 11.67
CA ASN A 234 60.95 -33.91 11.80
C ASN A 234 61.46 -33.20 10.55
N LYS A 235 61.12 -33.76 9.38
CA LYS A 235 61.48 -33.16 8.13
C LYS A 235 60.82 -31.79 8.04
N ILE A 236 59.55 -31.72 8.42
CA ILE A 236 58.85 -30.44 8.42
C ILE A 236 59.62 -29.45 9.30
N GLY A 237 60.00 -29.92 10.49
CA GLY A 237 60.81 -29.15 11.41
C GLY A 237 62.12 -28.67 10.81
N GLU A 238 62.88 -29.60 10.23
CA GLU A 238 64.17 -29.29 9.58
C GLU A 238 64.01 -28.26 8.49
N HIS A 239 62.95 -28.42 7.70
CA HIS A 239 62.70 -27.51 6.64
C HIS A 239 62.45 -26.15 7.22
N MET A 240 61.55 -26.08 8.20
CA MET A 240 61.20 -24.80 8.81
C MET A 240 62.40 -24.09 9.43
N GLU A 241 63.30 -24.88 10.02
CA GLU A 241 64.48 -24.32 10.62
C GLU A 241 65.45 -23.82 9.54
N GLU A 242 65.64 -24.61 8.50
CA GLU A 242 66.51 -24.21 7.40
C GLU A 242 66.05 -22.94 6.69
N HIS A 243 64.76 -22.64 6.75
CA HIS A 243 64.21 -21.44 6.10
C HIS A 243 63.84 -20.39 7.14
N GLY A 244 64.69 -20.26 8.16
CA GLY A 244 64.64 -19.14 9.08
C GLY A 244 63.55 -19.11 10.15
N ILE A 245 63.16 -20.28 10.64
CA ILE A 245 62.33 -20.34 11.88
C ILE A 245 63.18 -20.83 13.08
N LYS A 246 63.15 -20.09 14.19
CA LYS A 246 63.98 -20.44 15.33
C LYS A 246 63.24 -21.39 16.24
N PHE A 247 63.94 -22.45 16.66
CA PHE A 247 63.33 -23.51 17.51
C PHE A 247 63.93 -23.61 18.92
N ILE A 248 63.09 -23.49 19.93
CA ILE A 248 63.51 -23.70 21.31
C ILE A 248 62.96 -25.08 21.73
N ARG A 249 63.84 -26.07 21.78
CA ARG A 249 63.45 -27.46 22.02
C ARG A 249 63.41 -27.80 23.51
N GLN A 250 62.39 -28.53 23.94
CA GLN A 250 62.21 -28.92 25.38
C GLN A 250 62.17 -27.73 26.37
N PHE A 251 61.17 -26.87 26.23
CA PHE A 251 60.92 -25.76 27.16
C PHE A 251 59.43 -25.44 27.22
N VAL A 252 58.92 -25.14 28.42
CA VAL A 252 57.56 -24.64 28.57
C VAL A 252 57.60 -23.26 29.23
N PRO A 253 56.78 -22.31 28.74
CA PRO A 253 56.76 -21.03 29.43
C PRO A 253 56.10 -21.11 30.79
N THR A 254 56.65 -20.35 31.73
CA THR A 254 56.19 -20.33 33.11
C THR A 254 55.42 -19.05 33.42
N LYS A 255 55.82 -17.94 32.79
CA LYS A 255 55.13 -16.65 32.93
C LYS A 255 55.33 -15.71 31.72
N ILE A 256 54.29 -14.90 31.48
CA ILE A 256 54.33 -13.86 30.47
C ILE A 256 54.00 -12.52 31.14
N GLU A 257 54.92 -11.57 31.03
CA GLU A 257 54.75 -10.27 31.66
C GLU A 257 54.90 -9.10 30.68
N GLN A 258 53.93 -8.19 30.70
CA GLN A 258 53.98 -7.01 29.84
C GLN A 258 55.12 -6.07 30.22
N ILE A 259 56.09 -5.93 29.32
CA ILE A 259 57.13 -4.92 29.48
C ILE A 259 56.72 -3.60 28.86
N GLU A 260 55.64 -3.62 28.09
CA GLU A 260 55.02 -2.40 27.59
C GLU A 260 53.61 -2.65 27.09
N ALA A 261 52.79 -1.60 27.07
CA ALA A 261 51.63 -1.55 26.20
C ALA A 261 51.99 -0.97 24.83
N GLY A 262 51.21 -1.32 23.82
CA GLY A 262 51.58 -1.03 22.43
C GLY A 262 50.78 -1.89 21.46
N THR A 263 50.81 -1.50 20.20
CA THR A 263 50.21 -2.28 19.13
C THR A 263 51.24 -2.44 18.01
N PRO A 264 52.15 -3.44 18.12
CA PRO A 264 52.25 -4.43 19.19
C PRO A 264 52.90 -3.89 20.49
N GLY A 265 52.65 -4.55 21.61
CA GLY A 265 53.34 -4.23 22.85
C GLY A 265 54.78 -4.73 22.84
N ARG A 266 55.25 -5.10 24.02
CA ARG A 266 56.55 -5.75 24.21
C ARG A 266 56.37 -6.62 25.45
N LEU A 267 56.61 -7.92 25.31
CA LEU A 267 56.34 -8.87 26.38
C LEU A 267 57.59 -9.67 26.70
N LYS A 268 57.69 -10.13 27.95
CA LYS A 268 58.81 -10.94 28.39
C LYS A 268 58.41 -12.38 28.76
N VAL A 269 58.90 -13.34 28.00
CA VAL A 269 58.54 -14.73 28.25
C VAL A 269 59.66 -15.44 28.98
N THR A 270 59.28 -16.05 30.10
CA THR A 270 60.22 -16.80 30.91
C THR A 270 59.78 -18.26 30.77
N ALA A 271 60.73 -19.13 30.45
CA ALA A 271 60.44 -20.55 30.23
C ALA A 271 61.38 -21.49 30.97
N LYS A 272 60.80 -22.54 31.56
CA LYS A 272 61.54 -23.60 32.27
C LYS A 272 61.81 -24.79 31.32
N SER A 273 62.87 -25.56 31.60
CA SER A 273 63.15 -26.77 30.81
C SER A 273 62.19 -27.92 31.12
N THR A 274 62.09 -28.84 30.17
CA THR A 274 61.28 -30.08 30.29
C THR A 274 61.85 -31.07 31.33
N ASN A 275 63.16 -31.01 31.52
CA ASN A 275 63.87 -31.98 32.38
C ASN A 275 64.93 -31.34 33.31
N SER A 276 65.81 -30.50 32.75
CA SER A 276 66.77 -29.74 33.56
C SER A 276 66.09 -28.66 34.45
N GLU A 277 66.89 -27.95 35.22
CA GLU A 277 66.36 -26.91 36.12
C GLU A 277 66.41 -25.49 35.49
N GLU A 278 67.25 -25.36 34.46
CA GLU A 278 67.51 -24.13 33.68
C GLU A 278 66.32 -23.24 33.30
N THR A 279 66.62 -21.96 33.09
CA THR A 279 65.61 -20.93 32.82
C THR A 279 66.08 -20.04 31.68
N ILE A 280 65.17 -19.70 30.77
CA ILE A 280 65.48 -18.71 29.73
C ILE A 280 64.50 -17.55 29.69
N GLU A 281 65.00 -16.42 29.23
CA GLU A 281 64.23 -15.21 29.06
C GLU A 281 64.55 -14.65 27.68
N ASP A 282 63.50 -14.38 26.92
CA ASP A 282 63.56 -13.42 25.82
C ASP A 282 62.34 -12.50 25.85
N GLU A 283 62.38 -11.47 25.00
CA GLU A 283 61.22 -10.60 24.82
C GLU A 283 60.74 -10.56 23.37
N PHE A 284 59.42 -10.68 23.20
CA PHE A 284 58.77 -10.72 21.89
C PHE A 284 57.71 -9.62 21.80
N ASN A 285 57.19 -9.39 20.59
CA ASN A 285 56.07 -8.45 20.40
C ASN A 285 54.74 -9.14 20.58
N THR A 286 54.69 -10.43 20.23
CA THR A 286 53.45 -11.21 20.24
C THR A 286 53.76 -12.63 20.69
N VAL A 287 52.93 -13.16 21.58
CA VAL A 287 53.08 -14.55 21.92
C VAL A 287 51.83 -15.28 21.44
N LEU A 288 52.06 -16.24 20.56
CA LEU A 288 50.97 -17.03 20.03
C LEU A 288 50.90 -18.35 20.75
N LEU A 289 49.80 -18.53 21.49
CA LEU A 289 49.58 -19.75 22.25
C LEU A 289 48.73 -20.65 21.39
N ALA A 290 49.34 -21.72 20.93
CA ALA A 290 48.64 -22.70 20.14
C ALA A 290 48.93 -24.04 20.79
N VAL A 291 48.14 -24.28 21.85
CA VAL A 291 48.39 -25.40 22.76
C VAL A 291 47.12 -26.20 23.02
N GLY A 292 46.47 -26.69 21.96
CA GLY A 292 45.24 -27.48 22.07
C GLY A 292 43.94 -26.70 22.15
N ARG A 293 42.82 -27.41 22.10
CA ARG A 293 41.51 -26.76 22.22
C ARG A 293 40.56 -27.66 22.99
N ASP A 294 39.78 -27.07 23.91
CA ASP A 294 38.77 -27.81 24.69
C ASP A 294 37.41 -27.68 24.05
N SER A 295 36.63 -28.74 24.14
CA SER A 295 35.27 -28.72 23.62
C SER A 295 34.32 -27.80 24.40
N CYS A 296 33.42 -27.15 23.68
CA CYS A 296 32.37 -26.35 24.28
C CYS A 296 31.19 -27.27 24.54
N THR A 297 31.39 -28.15 25.51
CA THR A 297 30.38 -29.15 25.88
C THR A 297 29.99 -28.92 27.33
N ARG A 298 30.90 -28.26 28.07
CA ARG A 298 30.72 -27.97 29.48
C ARG A 298 29.43 -27.19 29.77
N THR A 299 29.37 -25.95 29.31
CA THR A 299 28.31 -25.07 29.73
C THR A 299 27.19 -24.97 28.70
N ILE A 300 26.73 -26.10 28.15
CA ILE A 300 25.55 -26.11 27.27
C ILE A 300 24.38 -26.80 27.94
N GLY A 301 24.50 -26.97 29.26
CA GLY A 301 23.43 -27.52 30.09
C GLY A 301 23.10 -28.93 29.70
N LEU A 302 24.14 -29.74 29.51
CA LEU A 302 23.93 -31.16 29.15
C LEU A 302 23.35 -32.00 30.28
N GLU A 303 23.66 -31.63 31.53
CA GLU A 303 23.09 -32.29 32.71
C GLU A 303 21.56 -32.36 32.58
N THR A 304 20.93 -31.20 32.29
CA THR A 304 19.46 -31.06 32.25
C THR A 304 18.73 -31.95 31.21
N VAL A 305 19.49 -32.72 30.45
CA VAL A 305 18.93 -33.68 29.49
C VAL A 305 19.71 -34.98 29.54
N GLY A 306 20.73 -35.01 30.40
CA GLY A 306 21.50 -36.21 30.75
C GLY A 306 22.28 -36.83 29.61
N VAL A 307 22.89 -35.98 28.78
CA VAL A 307 23.80 -36.47 27.72
C VAL A 307 25.11 -36.84 28.41
N LYS A 308 25.60 -38.04 28.21
CA LYS A 308 26.88 -38.38 28.83
C LYS A 308 28.04 -37.81 28.03
N ILE A 309 28.97 -37.19 28.75
CA ILE A 309 30.22 -36.74 28.14
C ILE A 309 31.44 -37.33 28.84
N ASN A 310 32.51 -37.57 28.09
CA ASN A 310 33.76 -37.94 28.69
C ASN A 310 34.17 -36.80 29.61
N GLU A 311 34.18 -37.04 30.92
CA GLU A 311 34.51 -35.98 31.89
C GLU A 311 35.94 -35.47 31.81
N LYS A 312 36.88 -36.41 31.69
CA LYS A 312 38.30 -36.12 31.54
C LYS A 312 38.57 -35.21 30.32
N THR A 313 38.15 -35.64 29.11
CA THR A 313 38.47 -34.91 27.84
C THR A 313 37.46 -33.85 27.44
N GLY A 314 36.17 -34.12 27.65
CA GLY A 314 35.12 -33.15 27.33
C GLY A 314 34.40 -33.53 26.06
N LYS A 315 34.85 -34.63 25.44
CA LYS A 315 34.26 -35.11 24.19
C LYS A 315 32.91 -35.79 24.44
N ILE A 316 32.06 -35.81 23.42
CA ILE A 316 30.81 -36.55 23.49
C ILE A 316 30.96 -37.88 22.78
N PRO A 317 30.99 -39.03 23.52
CA PRO A 317 30.93 -40.37 22.91
C PRO A 317 29.61 -40.52 22.17
N VAL A 318 29.62 -41.30 21.10
CA VAL A 318 28.55 -41.19 20.12
C VAL A 318 28.48 -42.48 19.29
N THR A 319 27.28 -42.89 18.89
CA THR A 319 27.12 -44.12 18.13
C THR A 319 27.69 -43.93 16.73
N ASP A 320 27.98 -45.02 16.03
CA ASP A 320 28.43 -44.93 14.66
C ASP A 320 27.40 -44.16 13.76
N GLU A 321 26.32 -43.70 14.38
CA GLU A 321 25.31 -42.85 13.72
C GLU A 321 25.22 -41.41 14.27
N GLU A 322 26.28 -41.02 14.99
CA GLU A 322 26.43 -39.67 15.58
C GLU A 322 25.36 -39.35 16.64
N GLN A 323 24.82 -40.41 17.21
CA GLN A 323 23.83 -40.31 18.26
C GLN A 323 24.52 -40.34 19.62
N THR A 324 24.15 -39.40 20.50
CA THR A 324 24.60 -39.45 21.90
C THR A 324 23.80 -40.52 22.64
N ASN A 325 24.15 -40.82 23.89
CA ASN A 325 23.36 -41.76 24.72
C ASN A 325 21.85 -41.40 24.82
N VAL A 326 21.53 -40.10 24.78
CA VAL A 326 20.13 -39.65 24.73
C VAL A 326 19.59 -39.66 23.29
N PRO A 327 18.68 -40.61 22.98
CA PRO A 327 18.23 -40.96 21.61
C PRO A 327 17.75 -39.86 20.66
N TYR A 328 17.27 -38.72 21.19
CA TYR A 328 16.82 -37.62 20.31
C TYR A 328 17.93 -36.56 20.05
N ILE A 329 19.06 -36.72 20.76
CA ILE A 329 20.17 -35.77 20.71
C ILE A 329 21.40 -36.29 19.92
N TYR A 330 21.90 -35.46 19.03
CA TYR A 330 23.03 -35.86 18.21
C TYR A 330 24.19 -34.92 18.35
N ALA A 331 25.35 -35.44 18.01
CA ALA A 331 26.60 -34.68 18.07
C ALA A 331 27.40 -34.87 16.78
N ILE A 332 27.99 -33.76 16.36
CA ILE A 332 28.63 -33.63 15.06
C ILE A 332 30.03 -33.00 15.20
N GLY A 333 31.00 -33.49 14.42
CA GLY A 333 32.24 -32.75 14.23
C GLY A 333 33.31 -32.89 15.30
N ASP A 334 33.82 -31.75 15.80
CA ASP A 334 35.04 -31.72 16.62
C ASP A 334 34.80 -32.24 18.03
N ILE A 335 33.61 -31.94 18.57
CA ILE A 335 33.22 -32.35 19.94
C ILE A 335 33.07 -33.86 20.11
N LEU A 336 33.00 -34.62 19.02
CA LEU A 336 32.99 -36.09 19.08
C LEU A 336 34.29 -36.70 19.63
N GLU A 337 34.15 -37.87 20.24
CA GLU A 337 35.26 -38.56 20.86
C GLU A 337 35.86 -39.53 19.89
N GLY A 338 37.20 -39.57 19.85
CA GLY A 338 37.93 -40.45 18.95
C GLY A 338 37.58 -40.27 17.48
N LYS A 339 37.46 -39.03 17.05
CA LYS A 339 37.25 -38.73 15.64
C LYS A 339 38.30 -37.76 15.17
N LEU A 340 38.25 -37.45 13.89
CA LEU A 340 39.10 -36.43 13.37
C LEU A 340 38.39 -35.10 13.55
N GLU A 341 39.13 -34.10 13.96
CA GLU A 341 38.63 -32.73 14.09
C GLU A 341 39.00 -31.90 12.84
N LEU A 342 38.34 -32.22 11.73
CA LEU A 342 38.59 -31.63 10.42
C LEU A 342 37.24 -31.24 9.80
N THR A 343 37.22 -30.13 9.06
CA THR A 343 35.99 -29.54 8.50
C THR A 343 35.23 -30.45 7.54
N PRO A 344 35.90 -31.01 6.53
CA PRO A 344 35.14 -31.84 5.60
C PRO A 344 34.44 -32.98 6.29
N VAL A 345 35.08 -33.55 7.33
CA VAL A 345 34.51 -34.61 8.21
C VAL A 345 33.20 -34.13 8.82
N ALA A 346 33.23 -33.04 9.59
CA ALA A 346 32.02 -32.43 10.13
C ALA A 346 30.94 -32.17 9.06
N ILE A 347 31.32 -31.62 7.91
CA ILE A 347 30.36 -31.39 6.83
C ILE A 347 29.69 -32.70 6.44
N GLN A 348 30.52 -33.70 6.13
CA GLN A 348 30.07 -35.03 5.70
C GLN A 348 29.18 -35.67 6.75
N ALA A 349 29.70 -35.79 7.95
CA ALA A 349 28.93 -36.29 9.10
C ALA A 349 27.56 -35.60 9.17
N GLY A 350 27.57 -34.27 9.31
CA GLY A 350 26.33 -33.51 9.37
C GLY A 350 25.38 -33.72 8.21
N ARG A 351 25.92 -33.68 7.00
CA ARG A 351 25.12 -33.82 5.79
C ARG A 351 24.48 -35.20 5.74
N LEU A 352 25.28 -36.23 6.02
CA LEU A 352 24.80 -37.61 5.99
C LEU A 352 23.84 -37.95 7.12
N LEU A 353 24.03 -37.35 8.31
CA LEU A 353 23.08 -37.51 9.43
C LEU A 353 21.68 -36.97 9.03
N ALA A 354 21.63 -35.81 8.39
CA ALA A 354 20.36 -35.28 7.97
C ALA A 354 19.72 -36.25 6.96
N GLN A 355 20.54 -36.94 6.16
CA GLN A 355 20.06 -37.93 5.20
C GLN A 355 19.32 -39.05 5.92
N ARG A 356 19.96 -39.61 6.94
CA ARG A 356 19.40 -40.74 7.67
C ARG A 356 18.06 -40.33 8.28
N LEU A 357 18.06 -39.25 9.06
CA LEU A 357 16.88 -38.81 9.80
C LEU A 357 15.67 -38.52 8.93
N TYR A 358 15.83 -37.73 7.89
CA TYR A 358 14.68 -37.23 7.12
C TYR A 358 14.56 -37.74 5.67
N GLY A 359 15.49 -38.60 5.24
CA GLY A 359 15.55 -39.04 3.84
C GLY A 359 15.68 -40.53 3.75
N GLY A 360 15.80 -41.16 4.92
CA GLY A 360 15.90 -42.62 5.04
C GLY A 360 17.07 -43.27 4.32
N SER A 361 18.19 -42.56 4.26
CA SER A 361 19.44 -43.12 3.75
C SER A 361 19.99 -43.99 4.88
N THR A 362 20.55 -45.16 4.56
CA THR A 362 21.23 -45.95 5.60
C THR A 362 22.72 -45.69 5.64
N VAL A 363 23.19 -44.77 4.80
CA VAL A 363 24.63 -44.46 4.63
C VAL A 363 25.23 -43.80 5.88
N LYS A 364 26.18 -44.49 6.50
CA LYS A 364 26.91 -43.96 7.66
C LYS A 364 28.08 -43.09 7.21
N CYS A 365 28.78 -42.53 8.18
CA CYS A 365 29.88 -41.66 7.90
C CYS A 365 31.21 -42.43 8.02
N ASP A 366 32.00 -42.47 6.95
CA ASP A 366 33.21 -43.27 7.05
C ASP A 366 34.39 -42.50 7.61
N TYR A 367 34.78 -42.81 8.84
CA TYR A 367 35.87 -42.07 9.50
C TYR A 367 37.25 -42.64 9.25
N ASP A 368 37.30 -43.66 8.39
CA ASP A 368 38.55 -44.37 8.12
C ASP A 368 39.37 -43.77 7.00
N ASN A 369 40.66 -43.55 7.23
CA ASN A 369 41.56 -43.02 6.21
C ASN A 369 41.13 -41.67 5.66
N VAL A 370 40.71 -40.79 6.57
CA VAL A 370 40.43 -39.41 6.20
C VAL A 370 41.78 -38.75 5.94
N PRO A 371 41.97 -38.21 4.71
CA PRO A 371 43.17 -37.48 4.40
C PRO A 371 43.21 -36.14 5.16
N THR A 372 44.42 -35.71 5.51
CA THR A 372 44.62 -34.41 6.16
C THR A 372 45.80 -33.66 5.50
N THR A 373 45.83 -32.33 5.63
CA THR A 373 47.02 -31.61 5.19
C THR A 373 47.50 -30.56 6.18
N VAL A 374 48.75 -30.71 6.64
CA VAL A 374 49.41 -29.67 7.43
C VAL A 374 50.01 -28.66 6.44
N PHE A 375 49.59 -27.39 6.56
CA PHE A 375 50.03 -26.39 5.63
C PHE A 375 51.23 -25.62 6.11
N THR A 376 52.22 -26.35 6.60
CA THR A 376 53.52 -25.78 6.92
C THR A 376 54.14 -25.20 5.65
N PRO A 377 55.13 -24.28 5.76
CA PRO A 377 55.76 -23.70 4.55
C PRO A 377 56.00 -24.75 3.45
N LEU A 378 56.79 -25.80 3.72
CA LEU A 378 56.72 -26.96 2.87
C LEU A 378 55.57 -27.80 3.36
N GLU A 379 54.55 -27.94 2.51
CA GLU A 379 53.24 -28.50 2.89
C GLU A 379 53.36 -29.99 3.13
N TYR A 380 52.58 -30.49 4.07
CA TYR A 380 52.57 -31.92 4.35
C TYR A 380 51.19 -32.50 4.32
N GLY A 381 50.98 -33.35 3.33
CA GLY A 381 49.73 -34.08 3.14
C GLY A 381 50.01 -35.55 3.35
N CYS A 382 48.98 -36.25 3.82
CA CYS A 382 49.06 -37.66 4.18
C CYS A 382 47.69 -38.26 4.42
N CYS A 383 47.60 -39.57 4.22
CA CYS A 383 46.35 -40.27 4.40
C CYS A 383 46.62 -41.72 4.68
N GLY A 384 45.93 -42.29 5.66
CA GLY A 384 46.15 -43.68 6.03
C GLY A 384 46.98 -43.76 7.28
N LEU A 385 47.78 -44.81 7.43
CA LEU A 385 48.53 -45.01 8.68
C LEU A 385 49.95 -44.45 8.59
N SER A 386 50.49 -44.00 9.73
CA SER A 386 51.88 -43.54 9.82
C SER A 386 52.79 -44.75 9.87
N GLU A 387 54.10 -44.55 9.71
CA GLU A 387 55.04 -45.68 9.62
C GLU A 387 55.10 -46.50 10.93
N GLU A 388 55.24 -45.80 12.07
CA GLU A 388 55.21 -46.46 13.38
C GLU A 388 53.89 -47.22 13.63
N LYS A 389 52.76 -46.60 13.30
CA LYS A 389 51.43 -47.17 13.54
C LYS A 389 51.09 -48.34 12.62
N ALA A 390 51.69 -48.41 11.44
CA ALA A 390 51.48 -49.56 10.56
C ALA A 390 52.36 -50.72 11.04
N VAL A 391 53.54 -50.39 11.55
CA VAL A 391 54.44 -51.36 12.21
C VAL A 391 53.71 -51.93 13.42
N GLU A 392 53.32 -51.04 14.35
CA GLU A 392 52.50 -51.43 15.48
C GLU A 392 51.27 -52.27 15.03
N LYS A 393 50.38 -51.71 14.21
CA LYS A 393 49.18 -52.45 13.82
C LYS A 393 49.46 -53.75 13.05
N PHE A 394 50.43 -53.76 12.14
CA PHE A 394 50.60 -54.90 11.22
C PHE A 394 51.85 -55.77 11.42
N GLY A 395 52.69 -55.39 12.38
CA GLY A 395 53.91 -56.15 12.65
C GLY A 395 55.12 -55.76 11.83
N GLU A 396 56.21 -55.39 12.53
CA GLU A 396 57.39 -54.80 11.91
C GLU A 396 57.76 -55.34 10.53
N GLU A 397 58.26 -56.57 10.41
CA GLU A 397 58.79 -56.97 9.09
C GLU A 397 57.68 -57.42 8.10
N ASN A 398 56.42 -57.18 8.47
CA ASN A 398 55.32 -57.25 7.50
C ASN A 398 55.10 -55.98 6.68
N ILE A 399 55.75 -54.90 7.12
CA ILE A 399 55.65 -53.60 6.49
C ILE A 399 56.83 -53.41 5.54
N GLU A 400 56.50 -52.96 4.33
CA GLU A 400 57.47 -52.52 3.32
C GLU A 400 57.19 -51.05 2.97
N VAL A 401 58.24 -50.24 2.98
CA VAL A 401 58.10 -48.83 2.73
C VAL A 401 58.90 -48.45 1.51
N TYR A 402 58.19 -48.04 0.46
CA TYR A 402 58.79 -47.43 -0.71
C TYR A 402 58.76 -45.91 -0.49
N HIS A 403 59.90 -45.26 -0.74
CA HIS A 403 60.06 -43.85 -0.45
C HIS A 403 61.11 -43.20 -1.33
N SER A 404 61.05 -41.88 -1.46
CA SER A 404 62.00 -41.15 -2.32
C SER A 404 61.95 -39.60 -2.19
N PHE A 405 63.09 -38.94 -2.39
CA PHE A 405 63.12 -37.48 -2.43
C PHE A 405 62.73 -37.03 -3.83
N PHE A 406 62.30 -35.77 -3.97
CA PHE A 406 62.06 -35.19 -5.31
C PHE A 406 62.31 -33.68 -5.36
N TRP A 407 62.37 -33.15 -6.59
CA TRP A 407 62.66 -31.74 -6.79
C TRP A 407 61.65 -31.14 -7.74
N PRO A 408 60.69 -30.35 -7.24
CA PRO A 408 59.68 -29.84 -8.16
C PRO A 408 60.36 -29.06 -9.30
N LEU A 409 59.97 -29.36 -10.54
CA LEU A 409 60.59 -28.70 -11.66
C LEU A 409 60.58 -27.19 -11.42
N GLU A 410 59.52 -26.70 -10.78
CA GLU A 410 59.37 -25.26 -10.56
C GLU A 410 60.48 -24.59 -9.79
N TRP A 411 61.33 -25.38 -9.14
CA TRP A 411 62.36 -24.84 -8.25
C TRP A 411 63.71 -24.88 -8.92
N THR A 412 63.83 -25.60 -10.03
CA THR A 412 65.12 -25.80 -10.66
C THR A 412 65.69 -24.47 -11.18
N VAL A 413 64.82 -23.69 -11.82
CA VAL A 413 65.23 -22.40 -12.34
C VAL A 413 65.58 -21.41 -11.23
N PRO A 414 64.74 -21.30 -10.19
CA PRO A 414 65.14 -20.46 -9.08
C PRO A 414 66.33 -21.08 -8.37
N SER A 415 66.65 -22.32 -8.68
CA SER A 415 67.85 -22.97 -8.17
C SER A 415 67.88 -22.97 -6.64
N ARG A 416 66.93 -23.69 -6.04
CA ARG A 416 66.79 -23.81 -4.59
C ARG A 416 66.16 -25.15 -4.16
N ASP A 417 66.51 -25.57 -2.95
CA ASP A 417 65.75 -26.58 -2.24
C ASP A 417 65.61 -27.91 -2.97
N ASN A 418 66.71 -28.35 -3.60
CA ASN A 418 66.77 -29.71 -4.08
C ASN A 418 66.72 -30.70 -2.90
N ASN A 419 66.25 -31.92 -3.13
CA ASN A 419 66.21 -32.97 -2.10
C ASN A 419 65.64 -32.54 -0.75
N LYS A 420 64.55 -31.78 -0.79
CA LYS A 420 63.84 -31.44 0.44
C LYS A 420 62.49 -32.16 0.43
N CYS A 421 61.88 -32.20 -0.75
CA CYS A 421 60.57 -32.82 -0.93
C CYS A 421 60.71 -34.34 -0.93
N TYR A 422 59.79 -35.00 -0.24
CA TYR A 422 59.91 -36.40 0.10
C TYR A 422 58.56 -37.07 0.05
N ALA A 423 58.50 -38.23 -0.59
CA ALA A 423 57.27 -39.03 -0.71
C ALA A 423 57.55 -40.43 -0.23
N LYS A 424 56.54 -41.07 0.36
CA LYS A 424 56.58 -42.48 0.74
C LYS A 424 55.17 -43.10 0.75
N VAL A 425 55.07 -44.36 0.37
CA VAL A 425 53.88 -45.16 0.61
C VAL A 425 54.25 -46.25 1.60
N ILE A 426 53.30 -46.61 2.45
CA ILE A 426 53.49 -47.69 3.42
C ILE A 426 52.64 -48.90 3.05
N CYS A 427 53.32 -50.01 2.82
CA CYS A 427 52.65 -51.20 2.29
C CYS A 427 52.64 -52.38 3.24
N ASN A 428 51.51 -53.10 3.24
CA ASN A 428 51.30 -54.30 4.09
C ASN A 428 51.59 -55.60 3.32
N LEU A 429 52.73 -56.23 3.62
CA LEU A 429 53.16 -57.42 2.89
C LEU A 429 52.19 -58.58 3.05
N LYS A 430 51.58 -58.70 4.22
CA LYS A 430 50.51 -59.70 4.41
C LYS A 430 49.18 -59.43 3.67
N ASP A 431 49.18 -58.55 2.65
CA ASP A 431 47.92 -58.04 2.11
C ASP A 431 47.98 -57.63 0.64
N ASN A 432 48.96 -58.17 -0.09
CA ASN A 432 49.25 -57.76 -1.48
C ASN A 432 49.91 -56.38 -1.59
N GLU A 433 50.59 -55.96 -0.51
CA GLU A 433 51.13 -54.60 -0.38
C GLU A 433 50.04 -53.51 -0.51
N ARG A 434 48.97 -53.66 0.26
CA ARG A 434 47.99 -52.60 0.38
C ARG A 434 48.73 -51.33 0.83
N VAL A 435 48.50 -50.22 0.12
CA VAL A 435 49.02 -48.94 0.55
C VAL A 435 48.11 -48.48 1.68
N VAL A 436 48.53 -48.82 2.90
CA VAL A 436 47.76 -48.51 4.12
C VAL A 436 48.29 -47.20 4.70
N GLY A 437 49.25 -46.61 3.99
CA GLY A 437 49.88 -45.37 4.42
C GLY A 437 50.41 -44.58 3.23
N PHE A 438 50.18 -43.27 3.27
CA PHE A 438 50.54 -42.38 2.18
C PHE A 438 51.03 -41.07 2.78
N HIS A 439 52.18 -40.58 2.27
CA HIS A 439 52.79 -39.34 2.77
C HIS A 439 53.59 -38.59 1.73
N VAL A 440 53.45 -37.27 1.75
CA VAL A 440 54.15 -36.42 0.82
C VAL A 440 54.44 -35.10 1.46
N LEU A 441 55.70 -34.73 1.35
CA LEU A 441 56.15 -33.42 1.76
C LEU A 441 56.63 -32.68 0.53
N GLY A 442 55.87 -31.67 0.11
CA GLY A 442 56.17 -30.89 -1.09
C GLY A 442 55.10 -29.85 -1.38
N PRO A 443 55.23 -29.12 -2.50
CA PRO A 443 54.23 -28.07 -2.80
C PRO A 443 52.86 -28.65 -3.12
N ASN A 444 51.80 -27.88 -2.87
CA ASN A 444 50.44 -28.27 -3.22
C ASN A 444 50.11 -29.67 -2.73
N ALA A 445 50.63 -30.01 -1.56
CA ALA A 445 50.43 -31.34 -0.98
C ALA A 445 48.95 -31.75 -0.97
N GLY A 446 48.09 -30.79 -0.68
CA GLY A 446 46.68 -31.05 -0.53
C GLY A 446 46.14 -31.66 -1.79
N GLU A 447 46.43 -31.01 -2.92
CA GLU A 447 45.92 -31.43 -4.22
C GLU A 447 46.46 -32.79 -4.56
N VAL A 448 47.73 -33.03 -4.22
CA VAL A 448 48.40 -34.30 -4.53
C VAL A 448 47.67 -35.45 -3.85
N THR A 449 47.47 -35.28 -2.54
CA THR A 449 46.89 -36.32 -1.67
C THR A 449 45.44 -36.75 -1.99
N GLN A 450 44.53 -35.78 -2.14
CA GLN A 450 43.10 -36.06 -2.37
C GLN A 450 42.82 -37.30 -3.19
N GLY A 451 43.26 -37.29 -4.47
CA GLY A 451 43.13 -38.44 -5.36
C GLY A 451 43.58 -39.75 -4.73
N PHE A 452 44.75 -39.77 -4.12
CA PHE A 452 45.26 -40.99 -3.53
C PHE A 452 44.41 -41.47 -2.39
N ALA A 453 43.81 -40.53 -1.65
CA ALA A 453 42.87 -40.88 -0.59
C ALA A 453 41.70 -41.64 -1.18
N ALA A 454 41.14 -41.16 -2.28
CA ALA A 454 40.13 -41.90 -3.00
C ALA A 454 40.71 -43.24 -3.43
N ALA A 455 41.97 -43.25 -3.89
CA ALA A 455 42.62 -44.50 -4.29
C ALA A 455 42.74 -45.47 -3.13
N LEU A 456 42.94 -44.96 -1.92
CA LEU A 456 43.00 -45.80 -0.72
C LEU A 456 41.64 -46.42 -0.41
N LYS A 457 40.56 -45.63 -0.44
CA LYS A 457 39.19 -46.14 -0.27
C LYS A 457 38.87 -47.25 -1.24
N CYS A 458 39.63 -47.37 -2.34
CA CYS A 458 39.47 -48.48 -3.26
C CYS A 458 40.46 -49.61 -2.94
N GLY A 459 41.06 -49.55 -1.75
CA GLY A 459 42.07 -50.50 -1.32
C GLY A 459 43.22 -50.63 -2.29
N LEU A 460 43.85 -49.52 -2.63
CA LEU A 460 44.98 -49.50 -3.57
C LEU A 460 46.17 -50.38 -3.13
N THR A 461 46.65 -51.18 -4.06
CA THR A 461 47.84 -52.01 -3.86
C THR A 461 49.03 -51.42 -4.61
N LYS A 462 50.22 -51.60 -4.04
CA LYS A 462 51.48 -51.13 -4.63
C LYS A 462 51.69 -51.53 -6.09
N GLN A 463 51.22 -52.70 -6.48
CA GLN A 463 51.39 -53.11 -7.86
C GLN A 463 50.38 -52.42 -8.79
N GLN A 464 49.24 -52.01 -8.24
CA GLN A 464 48.27 -51.19 -8.98
C GLN A 464 48.83 -49.76 -9.16
N LEU A 465 49.46 -49.23 -8.09
CA LEU A 465 50.07 -47.91 -8.10
C LEU A 465 51.13 -47.84 -9.18
N ASP A 466 51.95 -48.89 -9.24
CA ASP A 466 52.99 -49.02 -10.24
C ASP A 466 52.46 -49.07 -11.67
N SER A 467 51.35 -49.79 -11.90
CA SER A 467 50.75 -49.89 -13.22
C SER A 467 50.11 -48.57 -13.71
N THR A 468 49.97 -47.61 -12.78
CA THR A 468 49.39 -46.29 -13.06
C THR A 468 50.51 -45.41 -13.60
N ILE A 469 50.30 -44.83 -14.79
CA ILE A 469 51.33 -43.99 -15.42
C ILE A 469 51.37 -42.59 -14.77
N GLY A 470 52.55 -42.00 -14.71
CA GLY A 470 52.70 -40.65 -14.10
C GLY A 470 52.17 -39.55 -14.98
N ILE A 471 52.04 -38.34 -14.42
CA ILE A 471 51.86 -37.12 -15.23
C ILE A 471 53.13 -36.27 -15.11
N HIS A 472 53.69 -35.85 -16.24
CA HIS A 472 54.99 -35.19 -16.27
C HIS A 472 54.83 -33.81 -16.90
N PRO A 473 55.58 -32.82 -16.40
CA PRO A 473 56.31 -32.86 -15.14
C PRO A 473 55.42 -32.34 -14.01
N VAL A 474 55.16 -33.18 -13.01
CA VAL A 474 54.22 -32.89 -11.93
C VAL A 474 54.75 -33.58 -10.69
N CYS A 475 54.59 -32.94 -9.54
CA CYS A 475 55.15 -33.48 -8.32
C CYS A 475 54.59 -34.86 -8.03
N ALA A 476 53.27 -35.02 -8.18
CA ALA A 476 52.56 -36.23 -7.80
C ALA A 476 53.00 -37.49 -8.52
N GLU A 477 53.60 -37.34 -9.69
CA GLU A 477 54.05 -38.49 -10.46
C GLU A 477 55.09 -39.33 -9.76
N ILE A 478 55.77 -38.74 -8.78
CA ILE A 478 56.74 -39.48 -7.99
C ILE A 478 56.16 -40.80 -7.42
N PHE A 479 54.90 -40.77 -6.99
CA PHE A 479 54.24 -41.93 -6.45
C PHE A 479 54.07 -43.08 -7.45
N THR A 480 54.17 -42.81 -8.75
CA THR A 480 53.95 -43.85 -9.75
C THR A 480 55.19 -44.66 -9.92
N THR A 481 56.31 -44.16 -9.42
CA THR A 481 57.59 -44.81 -9.68
C THR A 481 58.47 -45.01 -8.44
N LEU A 482 57.84 -45.34 -7.33
CA LEU A 482 58.55 -45.51 -6.07
C LEU A 482 59.13 -46.92 -6.00
N SER A 483 60.36 -47.07 -6.48
CA SER A 483 60.98 -48.39 -6.53
C SER A 483 61.94 -48.74 -5.38
N VAL A 484 62.63 -47.75 -4.80
CA VAL A 484 63.55 -48.00 -3.65
C VAL A 484 62.88 -48.20 -2.24
N THR A 485 63.10 -49.36 -1.61
CA THR A 485 62.49 -49.62 -0.30
C THR A 485 63.37 -49.13 0.82
N LYS A 486 62.74 -48.80 1.95
CA LYS A 486 63.48 -48.33 3.12
C LYS A 486 64.33 -49.49 3.64
N ARG A 487 63.71 -50.65 3.78
CA ARG A 487 64.36 -51.91 4.18
C ARG A 487 65.58 -52.23 3.29
N SER A 488 65.39 -52.15 1.96
CA SER A 488 66.47 -52.41 0.99
C SER A 488 67.75 -51.60 1.26
N GLY A 489 67.63 -50.50 2.01
CA GLY A 489 68.76 -49.65 2.36
C GLY A 489 69.31 -48.76 1.22
N GLY A 490 68.76 -48.87 0.00
CA GLY A 490 69.28 -48.11 -1.14
C GLY A 490 69.32 -46.61 -0.91
N ASP A 491 70.33 -45.93 -1.47
CA ASP A 491 70.42 -44.46 -1.41
C ASP A 491 69.20 -43.82 -2.09
N ILE A 492 68.59 -42.82 -1.46
CA ILE A 492 67.49 -42.09 -2.10
C ILE A 492 67.79 -40.61 -2.39
N LEU A 493 68.98 -40.13 -1.97
CA LEU A 493 69.36 -38.70 -2.13
C LEU A 493 69.34 -38.26 -3.63
N GLN A 494 70.36 -38.39 -4.50
CA GLN A 494 71.61 -37.61 -4.57
C GLN A 494 72.29 -37.65 -5.99
N SER A 495 71.79 -37.06 -7.11
CA SER A 495 70.46 -36.48 -7.48
C SER A 495 70.54 -35.18 -8.35
N GLY A 496 70.44 -35.23 -9.68
CA GLY A 496 70.25 -36.42 -10.53
C GLY A 496 68.90 -37.10 -10.39
N CYS A 497 67.78 -36.62 -10.98
CA CYS A 497 67.55 -35.73 -12.21
C CYS A 497 67.49 -36.53 -13.51
N SEC A 498 68.45 -37.44 -13.63
CA SEC A 498 68.98 -38.01 -14.85
C SEC A 498 69.83 -39.14 -14.30
N GLY A 499 69.32 -40.35 -14.48
CA GLY A 499 70.04 -41.59 -14.27
C GLY A 499 69.15 -42.77 -14.58
N SER B 10 79.19 -64.07 -32.25
CA SER B 10 78.11 -63.04 -32.40
C SER B 10 78.34 -61.61 -31.78
N TYR B 11 77.28 -60.79 -31.76
CA TYR B 11 77.29 -59.29 -31.84
C TYR B 11 77.94 -58.40 -30.76
N ASP B 12 78.15 -57.15 -31.20
CA ASP B 12 78.83 -56.05 -30.50
C ASP B 12 78.11 -55.58 -29.24
N PHE B 13 76.78 -55.45 -29.33
CA PHE B 13 75.92 -55.17 -28.18
C PHE B 13 74.76 -56.16 -28.09
N ASP B 14 74.32 -56.44 -26.88
CA ASP B 14 73.06 -57.16 -26.66
C ASP B 14 71.91 -56.33 -27.21
N LEU B 15 72.03 -55.02 -27.03
CA LEU B 15 70.98 -54.08 -27.36
C LEU B 15 71.50 -52.70 -27.81
N ILE B 16 70.98 -52.24 -28.93
CA ILE B 16 71.24 -50.90 -29.41
C ILE B 16 69.92 -50.16 -29.44
N ILE B 17 69.89 -49.05 -28.72
CA ILE B 17 68.74 -48.20 -28.67
C ILE B 17 68.95 -47.05 -29.66
N ILE B 18 68.08 -46.95 -30.66
CA ILE B 18 68.09 -45.86 -31.63
C ILE B 18 67.24 -44.72 -31.10
N GLY B 19 67.88 -43.66 -30.65
CA GLY B 19 67.20 -42.52 -30.04
C GLY B 19 67.47 -42.41 -28.54
N GLY B 20 68.02 -41.28 -28.10
CA GLY B 20 68.31 -41.10 -26.67
C GLY B 20 67.27 -40.25 -25.98
N GLY B 21 66.01 -40.58 -26.22
CA GLY B 21 64.89 -39.79 -25.72
C GLY B 21 64.40 -40.28 -24.38
N SER B 22 63.20 -39.87 -24.05
CA SER B 22 62.58 -40.25 -22.80
C SER B 22 62.49 -41.77 -22.73
N GLY B 23 62.02 -42.40 -23.82
CA GLY B 23 61.90 -43.85 -23.92
C GLY B 23 63.27 -44.48 -24.08
N GLY B 24 64.08 -43.90 -24.95
CA GLY B 24 65.43 -44.42 -25.17
C GLY B 24 66.17 -44.61 -23.87
N LEU B 25 66.48 -43.50 -23.23
CA LEU B 25 67.36 -43.49 -22.07
C LEU B 25 66.81 -44.30 -20.91
N ALA B 26 65.49 -44.42 -20.87
CA ALA B 26 64.80 -45.19 -19.85
C ALA B 26 65.09 -46.67 -20.00
N ALA B 27 64.90 -47.19 -21.22
CA ALA B 27 65.18 -48.59 -21.51
C ALA B 27 66.67 -48.81 -21.31
N ALA B 28 67.47 -47.94 -21.94
CA ALA B 28 68.91 -47.98 -21.83
C ALA B 28 69.32 -48.14 -20.37
N LYS B 29 69.00 -47.14 -19.55
CA LYS B 29 69.39 -47.12 -18.14
C LYS B 29 68.89 -48.34 -17.37
N GLU B 30 67.77 -48.89 -17.81
CA GLU B 30 67.17 -50.06 -17.15
C GLU B 30 67.90 -51.35 -17.55
N ALA B 31 68.26 -51.44 -18.82
CA ALA B 31 68.90 -52.65 -19.33
C ALA B 31 70.24 -52.82 -18.65
N ALA B 32 70.83 -51.72 -18.22
CA ALA B 32 72.16 -51.75 -17.64
C ALA B 32 72.24 -52.46 -16.27
N LYS B 33 71.19 -52.37 -15.45
CA LYS B 33 71.08 -53.15 -14.19
C LYS B 33 71.39 -54.65 -14.39
N PHE B 34 71.01 -55.18 -15.57
CA PHE B 34 71.17 -56.61 -15.89
C PHE B 34 72.48 -56.95 -16.59
N ASP B 35 73.46 -56.04 -16.45
CA ASP B 35 74.82 -56.21 -16.93
C ASP B 35 74.93 -56.75 -18.39
N LYS B 36 74.62 -55.89 -19.34
CA LYS B 36 74.63 -56.23 -20.77
C LYS B 36 75.33 -55.11 -21.54
N LYS B 37 75.91 -55.42 -22.69
CA LYS B 37 76.50 -54.36 -23.52
C LYS B 37 75.37 -53.56 -24.18
N VAL B 38 75.26 -52.27 -23.82
CA VAL B 38 74.17 -51.43 -24.33
C VAL B 38 74.75 -50.20 -25.01
N MET B 39 74.13 -49.81 -26.12
CA MET B 39 74.50 -48.58 -26.80
C MET B 39 73.30 -47.72 -27.17
N VAL B 40 73.41 -46.45 -26.80
CA VAL B 40 72.47 -45.44 -27.22
C VAL B 40 73.07 -44.64 -28.37
N LEU B 41 72.30 -44.49 -29.43
CA LEU B 41 72.60 -43.51 -30.45
C LEU B 41 71.62 -42.34 -30.35
N ASP B 42 72.10 -41.14 -30.09
CA ASP B 42 71.21 -39.99 -30.18
C ASP B 42 71.83 -38.99 -31.13
N PHE B 43 71.00 -38.36 -31.95
CA PHE B 43 71.42 -37.31 -32.87
C PHE B 43 70.27 -36.38 -33.19
N VAL B 44 70.54 -35.09 -33.00
CA VAL B 44 69.53 -34.08 -33.19
C VAL B 44 69.68 -33.48 -34.59
N THR B 45 68.86 -34.01 -35.50
CA THR B 45 68.77 -33.47 -36.85
C THR B 45 68.26 -32.02 -36.68
N PRO B 46 69.00 -31.01 -37.23
CA PRO B 46 68.65 -29.61 -36.97
C PRO B 46 67.33 -29.20 -37.61
N THR B 47 66.61 -28.27 -36.98
CA THR B 47 65.38 -27.75 -37.55
C THR B 47 65.74 -26.98 -38.83
N PRO B 48 64.75 -26.66 -39.69
CA PRO B 48 64.92 -25.74 -40.82
C PRO B 48 65.86 -24.55 -40.58
N LEU B 49 65.56 -23.64 -39.65
CA LEU B 49 66.48 -22.54 -39.33
C LEU B 49 67.69 -22.98 -38.47
N GLY B 50 67.94 -24.30 -38.43
CA GLY B 50 69.16 -24.91 -37.86
C GLY B 50 69.37 -24.95 -36.35
N THR B 51 68.36 -25.38 -35.57
CA THR B 51 68.51 -25.40 -34.11
C THR B 51 68.98 -26.79 -33.66
N ARG B 52 69.76 -26.83 -32.58
CA ARG B 52 70.36 -28.05 -32.06
C ARG B 52 70.12 -28.19 -30.56
N TRP B 53 70.43 -29.37 -30.00
CA TRP B 53 70.35 -29.55 -28.55
C TRP B 53 70.95 -30.89 -28.14
N GLY B 54 71.07 -31.09 -26.83
CA GLY B 54 71.82 -32.19 -26.30
C GLY B 54 71.03 -33.45 -26.11
N LEU B 55 71.69 -34.39 -25.42
CA LEU B 55 71.10 -35.67 -25.07
C LEU B 55 69.89 -35.40 -24.19
N GLY B 56 68.86 -36.22 -24.36
CA GLY B 56 67.65 -36.12 -23.55
C GLY B 56 66.32 -36.24 -24.27
N GLY B 57 66.33 -35.90 -25.56
CA GLY B 57 65.14 -36.03 -26.39
C GLY B 57 64.24 -34.82 -26.30
N THR B 58 62.99 -34.99 -26.71
CA THR B 58 62.04 -33.90 -26.87
C THR B 58 61.55 -33.27 -25.60
N CYS B 59 61.19 -34.08 -24.62
CA CYS B 59 60.68 -33.57 -23.35
C CYS B 59 61.70 -32.66 -22.65
N VAL B 60 62.92 -33.20 -22.54
CA VAL B 60 64.05 -32.49 -21.94
C VAL B 60 64.36 -31.16 -22.64
N ASN B 61 64.44 -31.18 -23.98
CA ASN B 61 65.00 -30.06 -24.71
C ASN B 61 64.00 -29.09 -25.30
N VAL B 62 62.91 -29.62 -25.85
CA VAL B 62 61.95 -28.81 -26.61
C VAL B 62 60.49 -29.20 -26.33
N GLY B 63 60.24 -29.66 -25.11
CA GLY B 63 58.97 -30.26 -24.73
C GLY B 63 58.57 -29.89 -23.32
N CYS B 64 58.20 -30.89 -22.52
CA CYS B 64 57.66 -30.70 -21.15
C CYS B 64 58.51 -29.79 -20.30
N ILE B 65 59.80 -30.07 -20.24
CA ILE B 65 60.68 -29.30 -19.41
C ILE B 65 60.66 -27.80 -19.73
N PRO B 66 61.05 -27.39 -20.95
CA PRO B 66 60.99 -25.97 -21.19
C PRO B 66 59.57 -25.43 -21.20
N LYS B 67 58.62 -26.25 -21.63
CA LYS B 67 57.22 -25.80 -21.70
C LYS B 67 56.66 -25.52 -20.32
N LYS B 68 56.80 -26.46 -19.40
CA LYS B 68 56.38 -26.21 -18.03
C LYS B 68 57.05 -24.97 -17.46
N LEU B 69 58.38 -24.89 -17.54
CA LEU B 69 59.09 -23.72 -17.05
C LEU B 69 58.55 -22.39 -17.60
N MET B 70 58.32 -22.33 -18.90
CA MET B 70 57.79 -21.12 -19.42
C MET B 70 56.35 -20.91 -18.96
N HIS B 71 55.60 -21.99 -18.79
CA HIS B 71 54.27 -21.89 -18.14
C HIS B 71 54.39 -21.25 -16.76
N GLN B 72 55.32 -21.73 -15.94
CA GLN B 72 55.52 -21.24 -14.59
C GLN B 72 55.80 -19.76 -14.60
N ALA B 73 56.65 -19.32 -15.55
CA ALA B 73 56.93 -17.90 -15.79
C ALA B 73 55.67 -17.07 -15.97
N ALA B 74 54.72 -17.57 -16.74
CA ALA B 74 53.43 -16.93 -16.89
C ALA B 74 52.66 -16.89 -15.57
N LEU B 75 52.52 -18.04 -14.93
CA LEU B 75 51.86 -18.14 -13.64
C LEU B 75 52.45 -17.13 -12.65
N LEU B 76 53.77 -17.07 -12.62
CA LEU B 76 54.43 -16.19 -11.69
C LEU B 76 54.08 -14.71 -11.92
N GLY B 77 53.80 -14.32 -13.17
CA GLY B 77 53.31 -13.00 -13.42
C GLY B 77 51.95 -12.86 -12.76
N GLN B 78 51.10 -13.85 -12.97
CA GLN B 78 49.81 -13.86 -12.32
C GLN B 78 50.03 -13.69 -10.82
N ALA B 79 50.96 -14.49 -10.28
CA ALA B 79 51.31 -14.46 -8.87
C ALA B 79 51.65 -13.05 -8.40
N LEU B 80 52.41 -12.32 -9.20
CA LEU B 80 52.78 -10.96 -8.82
C LEU B 80 51.55 -10.09 -8.73
N LYS B 81 50.61 -10.27 -9.64
CA LYS B 81 49.41 -9.45 -9.65
C LYS B 81 48.64 -9.70 -8.37
N ASP B 82 48.52 -10.98 -8.00
CA ASP B 82 47.73 -11.36 -6.83
C ASP B 82 48.30 -10.81 -5.55
N SER B 83 49.64 -10.68 -5.49
CA SER B 83 50.32 -10.43 -4.25
C SER B 83 49.93 -9.09 -3.62
N ARG B 84 49.39 -8.19 -4.42
CA ARG B 84 48.99 -6.88 -3.93
C ARG B 84 47.95 -7.05 -2.84
N ASN B 85 46.88 -7.77 -3.17
CA ASN B 85 45.79 -7.96 -2.22
C ASN B 85 46.13 -8.81 -1.01
N TYR B 86 47.21 -9.59 -1.08
CA TYR B 86 47.65 -10.34 0.09
C TYR B 86 48.59 -9.49 0.93
N GLY B 87 48.80 -8.24 0.50
CA GLY B 87 49.54 -7.26 1.30
C GLY B 87 50.99 -7.00 0.91
N TRP B 88 51.41 -7.48 -0.26
CA TRP B 88 52.74 -7.22 -0.74
C TRP B 88 52.75 -5.90 -1.48
N LYS B 89 53.55 -4.95 -1.00
CA LYS B 89 53.60 -3.62 -1.58
C LYS B 89 54.34 -3.63 -2.91
N LEU B 90 53.77 -4.32 -3.90
CA LEU B 90 54.28 -4.25 -5.27
C LEU B 90 54.03 -2.89 -5.89
N GLU B 91 55.08 -2.31 -6.47
CA GLU B 91 54.92 -1.27 -7.48
C GLU B 91 54.07 -1.75 -8.65
N ASP B 92 53.66 -0.82 -9.51
CA ASP B 92 52.39 -0.94 -10.22
C ASP B 92 52.41 -2.13 -11.19
N THR B 93 53.41 -2.14 -12.06
CA THR B 93 53.57 -3.22 -13.03
C THR B 93 55.02 -3.66 -13.12
N VAL B 94 55.24 -4.98 -13.10
CA VAL B 94 56.55 -5.55 -13.36
C VAL B 94 56.67 -6.07 -14.78
N LYS B 95 57.82 -5.84 -15.40
CA LYS B 95 58.01 -6.18 -16.80
C LYS B 95 58.79 -7.48 -16.98
N HIS B 96 58.55 -8.13 -18.11
CA HIS B 96 59.18 -9.40 -18.38
C HIS B 96 60.31 -9.35 -19.39
N ASP B 97 61.36 -10.11 -19.14
CA ASP B 97 62.54 -10.11 -19.99
C ASP B 97 62.72 -11.47 -20.66
N TRP B 98 62.26 -11.63 -21.91
CA TRP B 98 62.38 -12.94 -22.60
C TRP B 98 63.76 -13.61 -22.53
N GLU B 99 64.81 -12.82 -22.70
CA GLU B 99 66.16 -13.35 -22.77
C GLU B 99 66.61 -13.96 -21.46
N LYS B 100 66.41 -13.19 -20.39
CA LYS B 100 66.70 -13.64 -19.04
C LYS B 100 65.99 -14.95 -18.77
N MET B 101 64.74 -15.05 -19.19
CA MET B 101 63.96 -16.27 -18.98
C MET B 101 64.52 -17.43 -19.76
N THR B 102 64.58 -17.32 -21.08
CA THR B 102 65.00 -18.46 -21.89
C THR B 102 66.42 -18.88 -21.51
N GLU B 103 67.18 -17.93 -20.96
CA GLU B 103 68.51 -18.25 -20.50
C GLU B 103 68.49 -19.23 -19.32
N SER B 104 67.67 -18.96 -18.30
CA SER B 104 67.56 -19.86 -17.14
C SER B 104 67.04 -21.24 -17.53
N VAL B 105 66.08 -21.24 -18.45
CA VAL B 105 65.48 -22.47 -18.95
C VAL B 105 66.55 -23.32 -19.59
N GLN B 106 67.32 -22.71 -20.48
CA GLN B 106 68.43 -23.36 -21.17
C GLN B 106 69.45 -23.85 -20.17
N ASN B 107 69.75 -23.01 -19.19
CA ASN B 107 70.65 -23.42 -18.11
C ASN B 107 70.20 -24.68 -17.41
N HIS B 108 68.90 -24.84 -17.19
CA HIS B 108 68.40 -26.11 -16.65
C HIS B 108 68.42 -27.25 -17.67
N ILE B 109 67.89 -27.01 -18.88
CA ILE B 109 68.00 -27.99 -19.96
C ILE B 109 69.45 -28.50 -20.08
N GLY B 110 70.39 -27.56 -20.23
CA GLY B 110 71.81 -27.86 -20.28
C GLY B 110 72.27 -28.84 -19.21
N SER B 111 71.92 -28.60 -17.95
CA SER B 111 72.33 -29.52 -16.90
C SER B 111 71.62 -30.87 -17.04
N LEU B 112 70.44 -30.90 -17.66
CA LEU B 112 69.77 -32.18 -17.90
C LEU B 112 70.52 -32.96 -18.96
N ASN B 113 70.83 -32.29 -20.06
CA ASN B 113 71.67 -32.86 -21.12
C ASN B 113 72.87 -33.57 -20.53
N TRP B 114 73.64 -32.82 -19.72
CA TRP B 114 74.89 -33.27 -19.14
C TRP B 114 74.63 -34.34 -18.12
N GLY B 115 73.52 -34.23 -17.41
CA GLY B 115 73.11 -35.26 -16.44
C GLY B 115 72.97 -36.64 -17.04
N TYR B 116 72.33 -36.71 -18.21
CA TYR B 116 72.08 -37.96 -18.90
C TYR B 116 73.34 -38.54 -19.48
N ARG B 117 74.20 -37.67 -20.03
CA ARG B 117 75.49 -38.11 -20.59
C ARG B 117 76.32 -38.73 -19.49
N VAL B 118 76.25 -38.13 -18.29
CA VAL B 118 76.87 -38.69 -17.06
C VAL B 118 76.22 -40.01 -16.63
N ALA B 119 74.90 -39.99 -16.52
CA ALA B 119 74.13 -41.17 -16.10
C ALA B 119 74.44 -42.40 -16.98
N LEU B 120 74.54 -42.21 -18.30
CA LEU B 120 74.94 -43.28 -19.20
C LEU B 120 76.31 -43.80 -18.87
N ARG B 121 77.26 -42.88 -18.73
CA ARG B 121 78.62 -43.24 -18.36
C ARG B 121 78.65 -44.04 -17.06
N GLU B 122 77.96 -43.55 -16.01
CA GLU B 122 77.96 -44.24 -14.71
C GLU B 122 77.37 -45.64 -14.78
N LYS B 123 76.28 -45.81 -15.53
CA LYS B 123 75.64 -47.12 -15.67
C LYS B 123 76.37 -47.98 -16.72
N LYS B 124 77.42 -47.41 -17.32
CA LYS B 124 78.31 -48.11 -18.27
C LYS B 124 77.71 -48.32 -19.66
N VAL B 125 76.65 -47.59 -19.97
CA VAL B 125 76.09 -47.59 -21.32
C VAL B 125 77.01 -46.80 -22.28
N VAL B 126 77.16 -47.26 -23.52
CA VAL B 126 78.00 -46.55 -24.49
C VAL B 126 77.18 -45.46 -25.20
N TYR B 127 77.60 -44.22 -25.07
CA TYR B 127 76.90 -43.17 -25.79
C TYR B 127 77.66 -42.84 -27.06
N GLU B 128 76.94 -42.72 -28.16
CA GLU B 128 77.53 -42.32 -29.41
C GLU B 128 76.59 -41.29 -30.02
N ASN B 129 77.10 -40.06 -30.15
CA ASN B 129 76.28 -39.01 -30.70
C ASN B 129 76.29 -39.10 -32.22
N ALA B 130 75.42 -39.98 -32.73
CA ALA B 130 75.32 -40.22 -34.18
C ALA B 130 73.92 -40.64 -34.63
N TYR B 131 73.63 -40.36 -35.90
CA TYR B 131 72.37 -40.80 -36.54
C TYR B 131 72.39 -42.29 -36.85
N GLY B 132 71.38 -43.01 -36.36
CA GLY B 132 71.33 -44.43 -36.54
C GLY B 132 70.48 -44.71 -37.75
N LYS B 133 70.99 -45.56 -38.63
CA LYS B 133 70.27 -45.99 -39.83
C LYS B 133 70.52 -47.46 -40.06
N PHE B 134 69.45 -48.25 -40.14
CA PHE B 134 69.62 -49.67 -40.39
C PHE B 134 70.25 -49.90 -41.78
N ILE B 135 71.22 -50.84 -41.84
CA ILE B 135 71.78 -51.28 -43.14
C ILE B 135 71.50 -52.75 -43.56
N GLY B 136 71.22 -53.62 -42.58
CA GLY B 136 70.91 -55.02 -42.85
C GLY B 136 70.59 -55.71 -41.55
N PRO B 137 70.06 -56.96 -41.61
CA PRO B 137 69.69 -57.64 -40.34
C PRO B 137 70.81 -57.57 -39.28
N HIS B 138 70.44 -57.14 -38.06
CA HIS B 138 71.37 -57.01 -36.91
C HIS B 138 72.54 -56.04 -37.12
N LYS B 139 72.44 -55.20 -38.15
CA LYS B 139 73.53 -54.30 -38.57
C LYS B 139 73.02 -52.86 -38.70
N ILE B 140 73.66 -51.94 -37.99
CA ILE B 140 73.26 -50.55 -38.09
C ILE B 140 74.46 -49.67 -38.48
N MET B 141 74.20 -48.61 -39.26
CA MET B 141 75.23 -47.65 -39.57
C MET B 141 75.03 -46.41 -38.73
N ALA B 142 76.12 -45.95 -38.10
CA ALA B 142 76.09 -44.76 -37.27
C ALA B 142 76.84 -43.61 -37.96
N THR B 143 76.09 -42.76 -38.68
CA THR B 143 76.65 -41.54 -39.28
C THR B 143 76.84 -40.43 -38.22
N ASN B 144 78.08 -40.22 -37.81
CA ASN B 144 78.36 -39.22 -36.79
C ASN B 144 78.22 -37.80 -37.32
N ASN B 145 78.38 -36.84 -36.41
CA ASN B 145 78.09 -35.45 -36.67
C ASN B 145 78.81 -34.84 -37.88
N LYS B 146 80.06 -35.25 -38.11
CA LYS B 146 80.85 -34.70 -39.22
C LYS B 146 80.70 -35.46 -40.53
N GLY B 147 80.24 -36.71 -40.48
CA GLY B 147 80.03 -37.46 -41.71
C GLY B 147 80.55 -38.87 -41.68
N LYS B 148 81.57 -39.12 -40.87
CA LYS B 148 82.15 -40.49 -40.77
C LYS B 148 81.09 -41.46 -40.27
N GLU B 149 81.16 -42.70 -40.75
CA GLU B 149 80.20 -43.74 -40.36
C GLU B 149 80.95 -44.87 -39.71
N LYS B 150 80.30 -45.56 -38.80
CA LYS B 150 80.86 -46.77 -38.24
C LYS B 150 79.73 -47.77 -38.32
N VAL B 151 80.07 -49.05 -38.41
CA VAL B 151 79.01 -50.06 -38.48
C VAL B 151 79.02 -50.90 -37.21
N TYR B 152 77.86 -50.99 -36.55
CA TYR B 152 77.73 -51.74 -35.31
C TYR B 152 76.69 -52.83 -35.49
N SER B 153 76.80 -53.87 -34.67
CA SER B 153 75.83 -54.96 -34.64
C SER B 153 75.28 -55.18 -33.23
N ALA B 154 74.07 -55.75 -33.15
CA ALA B 154 73.43 -56.11 -31.86
C ALA B 154 72.43 -57.25 -32.02
N GLU B 155 72.28 -58.05 -30.95
CA GLU B 155 71.29 -59.14 -30.90
C GLU B 155 69.84 -58.65 -30.97
N ARG B 156 69.56 -57.57 -30.20
CA ARG B 156 68.28 -56.86 -30.26
C ARG B 156 68.41 -55.34 -30.49
N PHE B 157 67.33 -54.74 -30.96
CA PHE B 157 67.28 -53.31 -31.24
C PHE B 157 66.02 -52.66 -30.66
N LEU B 158 66.18 -51.44 -30.17
CA LEU B 158 65.05 -50.66 -29.76
C LEU B 158 65.00 -49.42 -30.63
N ILE B 159 63.91 -49.30 -31.38
CA ILE B 159 63.60 -48.07 -32.10
C ILE B 159 62.83 -47.14 -31.16
N ALA B 160 63.42 -45.98 -30.87
CA ALA B 160 62.89 -45.01 -29.93
C ALA B 160 63.25 -43.61 -30.43
N THR B 161 62.78 -43.30 -31.62
CA THR B 161 63.25 -42.13 -32.34
C THR B 161 62.29 -40.96 -32.29
N GLY B 162 61.08 -41.18 -31.78
CA GLY B 162 60.11 -40.09 -31.62
C GLY B 162 59.71 -39.40 -32.90
N GLU B 163 59.26 -38.16 -32.79
CA GLU B 163 58.72 -37.41 -33.93
C GLU B 163 59.29 -36.01 -33.96
N ARG B 164 58.89 -35.20 -34.94
CA ARG B 164 59.36 -33.81 -35.04
C ARG B 164 58.22 -32.99 -35.63
N PRO B 165 58.19 -31.68 -35.36
CA PRO B 165 57.08 -30.83 -35.74
C PRO B 165 56.83 -30.89 -37.23
N ARG B 166 55.57 -30.94 -37.64
CA ARG B 166 55.20 -30.90 -39.05
C ARG B 166 54.95 -29.47 -39.46
N TYR B 167 55.29 -29.14 -40.70
CA TYR B 167 54.97 -27.82 -41.25
C TYR B 167 53.70 -27.91 -42.08
N LEU B 168 53.18 -26.77 -42.52
CA LEU B 168 52.11 -26.72 -43.51
C LEU B 168 52.68 -26.93 -44.91
N GLY B 169 51.89 -27.43 -45.84
CA GLY B 169 52.42 -27.51 -47.19
C GLY B 169 52.53 -26.17 -47.90
N ILE B 170 52.67 -25.07 -47.17
CA ILE B 170 52.56 -23.71 -47.76
C ILE B 170 53.90 -22.99 -47.78
N PRO B 171 54.02 -21.89 -48.56
CA PRO B 171 55.35 -21.27 -48.74
C PRO B 171 55.65 -20.17 -47.69
N GLY B 172 56.93 -20.02 -47.36
CA GLY B 172 57.36 -19.02 -46.35
C GLY B 172 57.52 -19.65 -44.98
N ASP B 173 56.72 -20.69 -44.74
CA ASP B 173 56.61 -21.37 -43.46
C ASP B 173 57.91 -21.97 -42.88
N LYS B 174 58.69 -22.66 -43.71
CA LYS B 174 59.95 -23.22 -43.23
C LYS B 174 61.05 -22.16 -42.96
N GLU B 175 61.12 -21.14 -43.81
CA GLU B 175 62.19 -20.13 -43.71
C GLU B 175 61.82 -18.98 -42.77
N TYR B 176 60.52 -18.81 -42.50
CA TYR B 176 60.09 -17.67 -41.67
C TYR B 176 59.36 -18.01 -40.36
N CYS B 177 58.86 -19.24 -40.23
CA CYS B 177 58.13 -19.62 -39.02
C CYS B 177 58.95 -20.51 -38.09
N ILE B 178 58.54 -20.52 -36.82
CA ILE B 178 59.12 -21.39 -35.79
C ILE B 178 58.18 -22.52 -35.38
N SER B 179 58.74 -23.63 -34.91
CA SER B 179 57.94 -24.70 -34.35
C SER B 179 58.14 -24.74 -32.84
N SER B 180 57.60 -25.76 -32.20
CA SER B 180 57.91 -25.97 -30.79
C SER B 180 59.44 -26.03 -30.63
N ASP B 181 60.09 -26.77 -31.53
CA ASP B 181 61.54 -26.97 -31.50
C ASP B 181 62.36 -25.66 -31.39
N ASP B 182 61.80 -24.54 -31.83
CA ASP B 182 62.57 -23.32 -31.99
C ASP B 182 62.27 -22.34 -30.88
N LEU B 183 60.99 -22.17 -30.59
CA LEU B 183 60.51 -21.24 -29.59
C LEU B 183 61.33 -21.27 -28.30
N PHE B 184 61.61 -22.46 -27.80
CA PHE B 184 62.22 -22.63 -26.49
C PHE B 184 63.67 -22.21 -26.37
N SER B 185 64.30 -21.85 -27.48
CA SER B 185 65.62 -21.24 -27.41
C SER B 185 65.68 -19.94 -28.22
N LEU B 186 64.53 -19.41 -28.58
CA LEU B 186 64.47 -18.20 -29.37
C LEU B 186 65.38 -17.16 -28.75
N PRO B 187 66.39 -16.70 -29.53
CA PRO B 187 67.39 -15.76 -29.03
C PRO B 187 66.88 -14.32 -28.92
N TYR B 188 65.61 -14.10 -29.23
CA TYR B 188 64.96 -12.78 -29.05
C TYR B 188 63.49 -12.95 -28.63
N CYS B 189 62.98 -11.96 -27.90
CA CYS B 189 61.56 -11.85 -27.57
C CYS B 189 60.76 -12.05 -28.85
N PRO B 190 59.82 -13.03 -28.85
CA PRO B 190 59.03 -13.33 -30.06
C PRO B 190 58.12 -12.18 -30.51
N GLY B 191 57.83 -11.23 -29.62
CA GLY B 191 56.87 -10.13 -29.93
C GLY B 191 55.49 -10.60 -30.38
N LYS B 192 54.68 -9.72 -30.98
CA LYS B 192 53.34 -10.11 -31.44
C LYS B 192 53.42 -11.44 -32.19
N THR B 193 52.60 -12.40 -31.77
CA THR B 193 52.68 -13.75 -32.32
C THR B 193 51.32 -14.24 -32.83
N LEU B 194 51.41 -15.01 -33.90
CA LEU B 194 50.31 -15.85 -34.35
C LEU B 194 50.71 -17.30 -34.09
N VAL B 195 49.86 -18.00 -33.33
CA VAL B 195 50.05 -19.40 -33.15
C VAL B 195 49.04 -20.07 -34.03
N VAL B 196 49.51 -20.98 -34.89
CA VAL B 196 48.62 -21.70 -35.80
C VAL B 196 48.44 -23.15 -35.35
N GLY B 197 47.19 -23.58 -35.22
CA GLY B 197 46.87 -24.83 -34.57
C GLY B 197 46.63 -24.80 -33.08
N ALA B 198 45.84 -25.75 -32.58
CA ALA B 198 44.94 -25.68 -31.45
C ALA B 198 44.79 -27.06 -30.79
N SER B 199 45.91 -27.71 -30.54
CA SER B 199 45.97 -28.82 -29.58
C SER B 199 46.91 -28.49 -28.44
N TYR B 200 47.39 -29.49 -27.71
CA TYR B 200 48.15 -29.15 -26.50
C TYR B 200 49.30 -28.16 -26.77
N VAL B 201 50.12 -28.45 -27.75
CA VAL B 201 51.22 -27.54 -28.01
C VAL B 201 50.79 -26.13 -28.42
N ALA B 202 49.79 -26.03 -29.27
CA ALA B 202 49.40 -24.73 -29.76
C ALA B 202 48.86 -23.83 -28.65
N LEU B 203 47.91 -24.33 -27.88
CA LEU B 203 47.27 -23.57 -26.82
C LEU B 203 48.17 -23.33 -25.62
N GLU B 204 48.92 -24.34 -25.20
CA GLU B 204 49.90 -24.19 -24.15
C GLU B 204 50.84 -23.03 -24.43
N CYS B 205 51.37 -23.00 -25.65
CA CYS B 205 52.33 -21.99 -26.06
C CYS B 205 51.71 -20.62 -26.20
N ALA B 206 50.54 -20.56 -26.81
CA ALA B 206 49.79 -19.33 -26.88
C ALA B 206 49.57 -18.84 -25.46
N GLY B 207 49.23 -19.77 -24.57
CA GLY B 207 48.95 -19.47 -23.17
C GLY B 207 50.08 -18.83 -22.40
N PHE B 208 51.26 -19.44 -22.45
CA PHE B 208 52.41 -18.84 -21.79
C PHE B 208 52.97 -17.60 -22.47
N LEU B 209 52.91 -17.53 -23.79
CA LEU B 209 53.41 -16.36 -24.44
C LEU B 209 52.54 -15.20 -24.00
N ALA B 210 51.22 -15.40 -23.99
CA ALA B 210 50.33 -14.31 -23.62
C ALA B 210 50.54 -13.91 -22.16
N GLY B 211 50.72 -14.94 -21.33
CA GLY B 211 50.96 -14.80 -19.88
C GLY B 211 52.16 -13.99 -19.46
N ILE B 212 53.22 -14.01 -20.27
CA ILE B 212 54.42 -13.16 -20.03
C ILE B 212 54.35 -11.76 -20.68
N GLY B 213 53.16 -11.42 -21.21
CA GLY B 213 52.87 -10.08 -21.70
C GLY B 213 52.72 -9.84 -23.21
N LEU B 214 52.91 -10.85 -24.06
CA LEU B 214 52.92 -10.62 -25.52
C LEU B 214 51.53 -10.64 -26.17
N ASP B 215 51.43 -9.97 -27.32
CA ASP B 215 50.20 -9.91 -28.13
C ASP B 215 49.98 -11.19 -28.97
N VAL B 216 49.09 -12.07 -28.49
CA VAL B 216 48.99 -13.42 -29.07
C VAL B 216 47.64 -13.71 -29.70
N THR B 217 47.68 -14.32 -30.90
CA THR B 217 46.49 -14.75 -31.64
C THR B 217 46.60 -16.23 -32.02
N VAL B 218 45.52 -16.97 -31.81
CA VAL B 218 45.48 -18.37 -32.21
C VAL B 218 44.55 -18.55 -33.39
N MET B 219 45.06 -19.20 -34.43
CA MET B 219 44.28 -19.47 -35.64
C MET B 219 43.84 -20.90 -35.65
N VAL B 220 42.54 -21.09 -35.47
CA VAL B 220 41.94 -22.41 -35.32
C VAL B 220 41.38 -22.89 -36.66
N ARG B 221 41.83 -24.03 -37.15
CA ARG B 221 41.21 -24.62 -38.34
C ARG B 221 39.79 -25.12 -38.06
N SER B 222 39.66 -26.10 -37.18
CA SER B 222 38.32 -26.58 -36.86
C SER B 222 37.97 -26.37 -35.38
N ILE B 223 38.03 -27.44 -34.60
CA ILE B 223 37.71 -27.46 -33.17
C ILE B 223 38.99 -27.34 -32.33
N LEU B 224 38.86 -26.91 -31.06
CA LEU B 224 40.00 -26.87 -30.15
C LEU B 224 40.24 -28.28 -29.57
N LEU B 225 41.51 -28.65 -29.45
CA LEU B 225 41.93 -29.90 -28.76
C LEU B 225 41.15 -31.11 -29.20
N ARG B 226 41.10 -31.35 -30.50
CA ARG B 226 40.52 -32.59 -31.06
C ARG B 226 41.00 -33.81 -30.28
N GLY B 227 40.07 -34.65 -29.83
CA GLY B 227 40.44 -35.82 -29.08
C GLY B 227 40.15 -35.72 -27.61
N PHE B 228 40.18 -34.50 -27.07
CA PHE B 228 39.92 -34.27 -25.65
C PHE B 228 38.47 -33.90 -25.56
N ASP B 229 37.85 -34.16 -24.40
CA ASP B 229 36.47 -33.76 -24.10
C ASP B 229 36.16 -32.37 -24.60
N GLN B 230 35.29 -32.26 -25.58
CA GLN B 230 35.07 -31.01 -26.30
C GLN B 230 34.49 -29.86 -25.46
N ASP B 231 33.68 -30.21 -24.46
CA ASP B 231 33.16 -29.20 -23.56
C ASP B 231 34.33 -28.57 -22.79
N MET B 232 35.19 -29.41 -22.21
CA MET B 232 36.41 -28.93 -21.51
C MET B 232 37.24 -28.04 -22.47
N ALA B 233 37.42 -28.52 -23.69
CA ALA B 233 38.20 -27.79 -24.66
C ALA B 233 37.62 -26.40 -24.80
N ASN B 234 36.32 -26.30 -24.97
CA ASN B 234 35.71 -24.99 -25.17
C ASN B 234 35.88 -24.08 -23.98
N LYS B 235 35.72 -24.65 -22.80
CA LYS B 235 35.91 -23.88 -21.58
C LYS B 235 37.35 -23.34 -21.57
N ILE B 236 38.33 -24.17 -21.95
CA ILE B 236 39.74 -23.75 -21.99
C ILE B 236 39.87 -22.55 -22.93
N GLY B 237 39.26 -22.69 -24.09
CA GLY B 237 39.20 -21.63 -25.10
C GLY B 237 38.56 -20.37 -24.58
N GLU B 238 37.36 -20.47 -24.01
CA GLU B 238 36.70 -19.34 -23.39
C GLU B 238 37.58 -18.66 -22.35
N HIS B 239 38.23 -19.46 -21.51
CA HIS B 239 39.10 -18.93 -20.48
C HIS B 239 40.22 -18.17 -21.14
N MET B 240 40.89 -18.80 -22.10
CA MET B 240 41.97 -18.15 -22.81
C MET B 240 41.55 -16.85 -23.49
N GLU B 241 40.38 -16.82 -24.08
CA GLU B 241 39.93 -15.61 -24.72
C GLU B 241 39.62 -14.53 -23.70
N GLU B 242 39.02 -14.88 -22.58
CA GLU B 242 38.64 -13.90 -21.58
C GLU B 242 39.86 -13.29 -20.92
N HIS B 243 40.98 -13.99 -20.98
CA HIS B 243 42.19 -13.47 -20.34
C HIS B 243 43.19 -12.97 -21.37
N GLY B 244 42.67 -12.36 -22.43
CA GLY B 244 43.46 -11.68 -23.46
C GLY B 244 44.19 -12.47 -24.54
N ILE B 245 43.63 -13.58 -25.00
CA ILE B 245 44.19 -14.27 -26.19
C ILE B 245 43.18 -14.14 -27.33
N LYS B 246 43.67 -13.76 -28.50
CA LYS B 246 42.78 -13.51 -29.64
C LYS B 246 42.63 -14.79 -30.42
N PHE B 247 41.39 -15.07 -30.82
CA PHE B 247 41.08 -16.27 -31.58
C PHE B 247 40.54 -15.95 -32.97
N ILE B 248 41.15 -16.57 -33.97
CA ILE B 248 40.67 -16.50 -35.36
C ILE B 248 40.11 -17.89 -35.69
N ARG B 249 38.79 -18.01 -35.68
CA ARG B 249 38.09 -19.28 -35.87
C ARG B 249 37.80 -19.60 -37.33
N GLN B 250 38.00 -20.86 -37.71
CA GLN B 250 37.83 -21.36 -39.08
C GLN B 250 38.63 -20.59 -40.13
N PHE B 251 39.96 -20.71 -40.07
CA PHE B 251 40.89 -20.17 -41.06
C PHE B 251 42.19 -20.99 -41.10
N VAL B 252 42.76 -21.18 -42.28
CA VAL B 252 44.09 -21.76 -42.44
C VAL B 252 44.99 -20.77 -43.20
N PRO B 253 46.25 -20.61 -42.76
CA PRO B 253 47.10 -19.75 -43.52
C PRO B 253 47.45 -20.37 -44.87
N THR B 254 47.60 -19.50 -45.86
CA THR B 254 47.92 -19.88 -47.24
C THR B 254 49.36 -19.50 -47.62
N LYS B 255 49.86 -18.41 -47.03
CA LYS B 255 51.23 -17.99 -47.26
C LYS B 255 51.76 -17.10 -46.13
N ILE B 256 53.06 -17.24 -45.87
CA ILE B 256 53.82 -16.40 -44.95
C ILE B 256 55.00 -15.69 -45.71
N GLU B 257 55.02 -14.37 -45.67
CA GLU B 257 56.00 -13.63 -46.41
C GLU B 257 56.73 -12.63 -45.53
N GLN B 258 58.05 -12.62 -45.64
CA GLN B 258 58.88 -11.71 -44.84
C GLN B 258 58.71 -10.27 -45.29
N ILE B 259 58.12 -9.45 -44.44
CA ILE B 259 58.05 -8.02 -44.69
C ILE B 259 59.29 -7.30 -44.15
N GLU B 260 60.08 -8.02 -43.34
CA GLU B 260 61.37 -7.51 -42.90
C GLU B 260 62.21 -8.64 -42.30
N ALA B 261 63.53 -8.45 -42.33
CA ALA B 261 64.43 -9.19 -41.46
C ALA B 261 64.66 -8.45 -40.15
N GLY B 262 65.05 -9.18 -39.11
CA GLY B 262 64.97 -8.68 -37.75
C GLY B 262 64.94 -9.78 -36.71
N THR B 263 65.22 -9.41 -35.47
CA THR B 263 65.15 -10.32 -34.36
C THR B 263 64.36 -9.62 -33.27
N PRO B 264 63.02 -9.68 -33.34
CA PRO B 264 62.22 -10.41 -34.32
C PRO B 264 62.05 -9.65 -35.63
N GLY B 265 61.70 -10.37 -36.68
CA GLY B 265 61.44 -9.74 -37.96
C GLY B 265 60.10 -9.05 -37.96
N ARG B 266 59.46 -9.05 -39.13
CA ARG B 266 58.07 -8.66 -39.31
C ARG B 266 57.57 -9.50 -40.46
N LEU B 267 56.49 -10.26 -40.27
CA LEU B 267 56.03 -11.21 -41.28
C LEU B 267 54.59 -10.94 -41.60
N LYS B 268 54.16 -11.30 -42.80
CA LYS B 268 52.75 -11.12 -43.20
C LYS B 268 52.04 -12.44 -43.45
N VAL B 269 51.00 -12.70 -42.66
CA VAL B 269 50.25 -13.95 -42.80
C VAL B 269 48.92 -13.72 -43.49
N THR B 270 48.73 -14.48 -44.56
CA THR B 270 47.52 -14.43 -45.35
C THR B 270 46.85 -15.79 -45.15
N ALA B 271 45.55 -15.74 -44.82
CA ALA B 271 44.81 -16.95 -44.51
C ALA B 271 43.44 -16.99 -45.17
N LYS B 272 43.08 -18.16 -45.70
CA LYS B 272 41.79 -18.43 -46.34
C LYS B 272 40.80 -19.01 -45.32
N SER B 273 39.50 -18.92 -45.59
CA SER B 273 38.48 -19.55 -44.72
C SER B 273 38.34 -21.07 -44.93
N THR B 274 37.83 -21.75 -43.90
CA THR B 274 37.59 -23.19 -43.91
C THR B 274 36.45 -23.55 -44.83
N ASN B 275 35.53 -22.61 -45.04
CA ASN B 275 34.30 -22.83 -45.87
C ASN B 275 33.96 -21.69 -46.84
N SER B 276 33.95 -20.45 -46.37
CA SER B 276 33.73 -19.29 -47.28
C SER B 276 34.94 -19.04 -48.23
N GLU B 277 34.86 -17.99 -49.03
CA GLU B 277 35.94 -17.71 -49.99
C GLU B 277 36.91 -16.65 -49.46
N GLU B 278 36.43 -15.89 -48.49
CA GLU B 278 37.10 -14.77 -47.81
C GLU B 278 38.61 -14.92 -47.48
N THR B 279 39.30 -13.78 -47.38
CA THR B 279 40.74 -13.75 -47.14
C THR B 279 41.05 -12.74 -46.07
N ILE B 280 41.94 -13.08 -45.13
CA ILE B 280 42.46 -12.09 -44.16
C ILE B 280 43.99 -11.93 -44.18
N GLU B 281 44.42 -10.71 -43.87
CA GLU B 281 45.83 -10.37 -43.72
C GLU B 281 46.07 -9.71 -42.37
N ASP B 282 47.04 -10.21 -41.61
CA ASP B 282 47.65 -9.40 -40.59
C ASP B 282 49.15 -9.62 -40.63
N GLU B 283 49.87 -8.81 -39.86
CA GLU B 283 51.31 -8.97 -39.71
C GLU B 283 51.75 -9.15 -38.24
N PHE B 284 52.64 -10.13 -38.02
CA PHE B 284 53.10 -10.50 -36.69
C PHE B 284 54.62 -10.43 -36.63
N ASN B 285 55.20 -10.55 -35.43
CA ASN B 285 56.66 -10.71 -35.30
C ASN B 285 57.14 -12.17 -35.41
N THR B 286 56.32 -13.10 -34.93
CA THR B 286 56.67 -14.51 -34.93
C THR B 286 55.45 -15.31 -35.29
N VAL B 287 55.63 -16.35 -36.11
CA VAL B 287 54.52 -17.24 -36.38
C VAL B 287 54.91 -18.59 -35.86
N LEU B 288 54.10 -19.07 -34.92
CA LEU B 288 54.33 -20.37 -34.32
C LEU B 288 53.45 -21.40 -35.00
N LEU B 289 54.08 -22.36 -35.64
CA LEU B 289 53.37 -23.42 -36.29
C LEU B 289 53.37 -24.62 -35.37
N ALA B 290 52.23 -24.91 -34.77
CA ALA B 290 52.08 -26.07 -33.91
C ALA B 290 50.95 -26.87 -34.49
N VAL B 291 51.27 -27.67 -35.51
CA VAL B 291 50.28 -28.34 -36.36
C VAL B 291 50.66 -29.78 -36.56
N GLY B 292 50.93 -30.47 -35.46
CA GLY B 292 51.18 -31.92 -35.51
C GLY B 292 52.65 -32.29 -35.61
N ARG B 293 52.95 -33.59 -35.50
CA ARG B 293 54.32 -34.06 -35.63
C ARG B 293 54.36 -35.41 -36.32
N ASP B 294 55.30 -35.58 -37.25
CA ASP B 294 55.48 -36.85 -37.97
C ASP B 294 56.59 -37.64 -37.30
N SER B 295 56.41 -38.94 -37.29
CA SER B 295 57.40 -39.84 -36.74
C SER B 295 58.67 -39.89 -37.56
N CYS B 296 59.78 -40.04 -36.86
CA CYS B 296 61.08 -40.27 -37.50
C CYS B 296 61.28 -41.78 -37.73
N THR B 297 60.50 -42.32 -38.65
CA THR B 297 60.53 -43.72 -38.91
C THR B 297 60.89 -43.93 -40.37
N ARG B 298 60.69 -42.89 -41.17
CA ARG B 298 61.01 -42.89 -42.60
C ARG B 298 62.49 -43.24 -42.90
N THR B 299 63.39 -42.37 -42.48
CA THR B 299 64.77 -42.46 -42.95
C THR B 299 65.69 -43.13 -41.95
N ILE B 300 65.23 -44.22 -41.35
CA ILE B 300 66.07 -45.00 -40.44
C ILE B 300 66.37 -46.34 -41.08
N GLY B 301 66.16 -46.43 -42.39
CA GLY B 301 66.50 -47.62 -43.16
C GLY B 301 65.78 -48.87 -42.67
N LEU B 302 64.49 -48.71 -42.38
CA LEU B 302 63.67 -49.85 -41.91
C LEU B 302 63.49 -50.94 -42.96
N GLU B 303 63.43 -50.53 -44.23
CA GLU B 303 63.36 -51.48 -45.38
C GLU B 303 64.43 -52.57 -45.20
N THR B 304 65.69 -52.16 -44.99
CA THR B 304 66.83 -53.07 -44.92
C THR B 304 66.74 -54.16 -43.82
N VAL B 305 65.71 -54.10 -42.99
CA VAL B 305 65.49 -55.14 -41.96
C VAL B 305 64.03 -55.54 -41.93
N GLY B 306 63.25 -54.92 -42.81
CA GLY B 306 61.86 -55.30 -43.07
C GLY B 306 60.88 -55.08 -41.93
N VAL B 307 61.09 -54.01 -41.17
CA VAL B 307 60.12 -53.62 -40.17
C VAL B 307 58.91 -53.01 -40.87
N LYS B 308 57.72 -53.54 -40.61
CA LYS B 308 56.52 -52.95 -41.20
C LYS B 308 56.09 -51.69 -40.45
N ILE B 309 55.82 -50.64 -41.21
CA ILE B 309 55.28 -49.43 -40.62
C ILE B 309 54.00 -49.05 -41.32
N ASN B 310 53.12 -48.37 -40.61
CA ASN B 310 51.95 -47.79 -41.22
C ASN B 310 52.43 -46.73 -42.20
N GLU B 311 52.28 -47.01 -43.49
CA GLU B 311 52.72 -46.08 -44.53
C GLU B 311 52.00 -44.73 -44.52
N LYS B 312 50.68 -44.76 -44.33
CA LYS B 312 49.88 -43.55 -44.25
C LYS B 312 50.33 -42.60 -43.12
N THR B 313 50.36 -43.09 -41.88
CA THR B 313 50.67 -42.26 -40.68
C THR B 313 52.15 -42.22 -40.33
N GLY B 314 52.86 -43.32 -40.51
CA GLY B 314 54.28 -43.35 -40.20
C GLY B 314 54.55 -44.01 -38.86
N LYS B 315 53.50 -44.51 -38.21
CA LYS B 315 53.64 -45.19 -36.92
C LYS B 315 54.10 -46.62 -37.11
N ILE B 316 54.72 -47.18 -36.07
CA ILE B 316 55.12 -48.58 -36.08
C ILE B 316 54.10 -49.40 -35.26
N PRO B 317 53.26 -50.23 -35.92
CA PRO B 317 52.42 -51.22 -35.22
C PRO B 317 53.29 -52.17 -34.45
N VAL B 318 52.76 -52.67 -33.34
CA VAL B 318 53.62 -53.24 -32.32
C VAL B 318 52.80 -54.16 -31.38
N THR B 319 53.37 -55.31 -31.00
CA THR B 319 52.68 -56.28 -30.12
C THR B 319 52.46 -55.64 -28.77
N ASP B 320 51.55 -56.20 -27.96
CA ASP B 320 51.34 -55.68 -26.59
C ASP B 320 52.61 -55.80 -25.75
N GLU B 321 53.70 -56.27 -26.37
CA GLU B 321 55.04 -56.32 -25.76
C GLU B 321 56.07 -55.39 -26.42
N GLU B 322 55.58 -54.41 -27.18
CA GLU B 322 56.39 -53.38 -27.85
C GLU B 322 57.36 -53.96 -28.91
N GLN B 323 56.97 -55.12 -29.42
CA GLN B 323 57.71 -55.81 -30.45
C GLN B 323 57.14 -55.47 -31.80
N THR B 324 58.01 -55.10 -32.74
CA THR B 324 57.63 -54.91 -34.13
C THR B 324 57.42 -56.30 -34.80
N ASN B 325 56.88 -56.31 -36.01
CA ASN B 325 56.79 -57.56 -36.77
C ASN B 325 58.14 -58.34 -36.87
N VAL B 326 59.28 -57.64 -36.87
CA VAL B 326 60.58 -58.32 -36.84
C VAL B 326 61.01 -58.62 -35.41
N PRO B 327 61.01 -59.91 -35.03
CA PRO B 327 61.17 -60.41 -33.64
C PRO B 327 62.33 -59.88 -32.75
N TYR B 328 63.43 -59.43 -33.34
CA TYR B 328 64.55 -58.88 -32.54
C TYR B 328 64.49 -57.34 -32.40
N ILE B 329 63.58 -56.71 -33.14
CA ILE B 329 63.45 -55.27 -33.14
C ILE B 329 62.23 -54.77 -32.36
N TYR B 330 62.44 -53.76 -31.51
CA TYR B 330 61.36 -53.22 -30.69
C TYR B 330 61.16 -51.73 -30.86
N ALA B 331 59.97 -51.26 -30.51
CA ALA B 331 59.64 -49.86 -30.63
C ALA B 331 58.97 -49.32 -29.37
N ILE B 332 59.28 -48.08 -29.06
CA ILE B 332 58.97 -47.52 -27.78
C ILE B 332 58.48 -46.09 -27.99
N GLY B 333 57.50 -45.66 -27.20
CA GLY B 333 57.13 -44.26 -27.13
C GLY B 333 56.20 -43.71 -28.18
N ASP B 334 56.58 -42.57 -28.76
CA ASP B 334 55.70 -41.77 -29.59
C ASP B 334 55.47 -42.41 -30.93
N ILE B 335 56.50 -43.09 -31.45
CA ILE B 335 56.45 -43.67 -32.80
C ILE B 335 55.49 -44.85 -32.91
N LEU B 336 55.04 -45.36 -31.76
CA LEU B 336 54.05 -46.47 -31.71
C LEU B 336 52.68 -46.06 -32.24
N GLU B 337 51.93 -47.04 -32.77
CA GLU B 337 50.61 -46.83 -33.38
C GLU B 337 49.50 -46.97 -32.37
N GLY B 338 48.54 -46.07 -32.41
CA GLY B 338 47.46 -46.06 -31.44
C GLY B 338 47.91 -46.14 -29.98
N LYS B 339 48.89 -45.33 -29.61
CA LYS B 339 49.27 -45.21 -28.22
C LYS B 339 49.22 -43.75 -27.84
N LEU B 340 49.53 -43.48 -26.58
CA LEU B 340 49.61 -42.12 -26.12
C LEU B 340 51.03 -41.67 -26.35
N GLU B 341 51.17 -40.46 -26.85
CA GLU B 341 52.49 -39.85 -27.06
C GLU B 341 52.81 -38.95 -25.87
N LEU B 342 53.08 -39.59 -24.74
CA LEU B 342 53.39 -38.91 -23.49
C LEU B 342 54.68 -39.48 -22.89
N THR B 343 55.43 -38.65 -22.18
CA THR B 343 56.75 -39.02 -21.64
C THR B 343 56.71 -40.17 -20.63
N PRO B 344 55.86 -40.05 -19.59
CA PRO B 344 55.87 -41.11 -18.61
C PRO B 344 55.52 -42.47 -19.21
N VAL B 345 54.64 -42.48 -20.21
CA VAL B 345 54.32 -43.68 -21.00
C VAL B 345 55.61 -44.29 -21.60
N ALA B 346 56.30 -43.52 -22.44
CA ALA B 346 57.58 -43.96 -23.01
C ALA B 346 58.54 -44.50 -21.94
N ILE B 347 58.71 -43.76 -20.85
CA ILE B 347 59.61 -44.17 -19.76
C ILE B 347 59.22 -45.52 -19.24
N GLN B 348 57.94 -45.65 -18.89
CA GLN B 348 57.37 -46.89 -18.37
C GLN B 348 57.54 -48.03 -19.39
N ALA B 349 57.04 -47.80 -20.60
CA ALA B 349 57.12 -48.79 -21.62
C ALA B 349 58.57 -49.28 -21.71
N GLY B 350 59.50 -48.34 -21.93
CA GLY B 350 60.92 -48.64 -22.08
C GLY B 350 61.49 -49.38 -20.90
N ARG B 351 61.19 -48.90 -19.71
CA ARG B 351 61.68 -49.53 -18.47
C ARG B 351 61.16 -50.97 -18.28
N LEU B 352 59.87 -51.16 -18.46
CA LEU B 352 59.26 -52.48 -18.38
C LEU B 352 59.68 -53.47 -19.49
N LEU B 353 59.95 -52.95 -20.70
CA LEU B 353 60.48 -53.77 -21.81
C LEU B 353 61.85 -54.37 -21.46
N ALA B 354 62.70 -53.57 -20.81
CA ALA B 354 64.01 -54.03 -20.38
C ALA B 354 63.84 -55.11 -19.33
N GLN B 355 62.82 -54.97 -18.50
CA GLN B 355 62.49 -55.96 -17.48
C GLN B 355 62.21 -57.31 -18.11
N ARG B 356 61.30 -57.32 -19.09
CA ARG B 356 60.93 -58.54 -19.76
C ARG B 356 62.17 -59.22 -20.39
N LEU B 357 62.93 -58.47 -21.19
CA LEU B 357 64.03 -59.03 -21.96
C LEU B 357 65.15 -59.65 -21.13
N TYR B 358 65.58 -58.95 -20.09
CA TYR B 358 66.77 -59.36 -19.35
C TYR B 358 66.55 -59.65 -17.86
N GLY B 359 65.32 -59.52 -17.39
CA GLY B 359 65.01 -59.76 -15.98
C GLY B 359 63.90 -60.78 -15.78
N GLY B 360 63.37 -61.27 -16.90
CA GLY B 360 62.24 -62.21 -16.89
C GLY B 360 60.96 -61.82 -16.17
N SER B 361 60.63 -60.50 -16.17
CA SER B 361 59.34 -60.02 -15.70
C SER B 361 58.31 -60.31 -16.78
N THR B 362 57.09 -60.71 -16.41
CA THR B 362 56.02 -60.87 -17.41
C THR B 362 55.09 -59.65 -17.46
N VAL B 363 55.43 -58.64 -16.66
CA VAL B 363 54.62 -57.40 -16.56
C VAL B 363 54.64 -56.57 -17.85
N LYS B 364 53.46 -56.43 -18.45
CA LYS B 364 53.28 -55.65 -19.66
C LYS B 364 53.06 -54.17 -19.29
N CYS B 365 52.94 -53.34 -20.30
CA CYS B 365 52.75 -51.93 -20.10
C CYS B 365 51.27 -51.60 -20.21
N ASP B 366 50.72 -50.96 -19.20
CA ASP B 366 49.30 -50.70 -19.23
C ASP B 366 49.00 -49.35 -19.87
N TYR B 367 48.44 -49.36 -21.08
CA TYR B 367 48.16 -48.13 -21.81
C TYR B 367 46.76 -47.57 -21.54
N ASP B 368 46.03 -48.23 -20.64
CA ASP B 368 44.62 -47.88 -20.39
C ASP B 368 44.45 -46.85 -19.28
N ASN B 369 43.73 -45.77 -19.57
CA ASN B 369 43.50 -44.70 -18.59
C ASN B 369 44.77 -43.99 -18.12
N VAL B 370 45.67 -43.71 -19.05
CA VAL B 370 46.84 -42.93 -18.74
C VAL B 370 46.36 -41.49 -18.57
N PRO B 371 46.66 -40.87 -17.41
CA PRO B 371 46.28 -39.47 -17.18
C PRO B 371 47.13 -38.53 -18.01
N THR B 372 46.56 -37.39 -18.42
CA THR B 372 47.29 -36.37 -19.16
C THR B 372 46.97 -35.00 -18.61
N THR B 373 47.82 -34.01 -18.86
CA THR B 373 47.45 -32.65 -18.46
C THR B 373 47.82 -31.62 -19.49
N VAL B 374 46.83 -30.89 -19.97
CA VAL B 374 47.10 -29.77 -20.86
C VAL B 374 47.39 -28.59 -19.98
N PHE B 375 48.54 -27.97 -20.21
CA PHE B 375 48.99 -26.89 -19.35
C PHE B 375 48.65 -25.50 -19.90
N THR B 376 47.41 -25.36 -20.34
CA THR B 376 46.85 -24.07 -20.68
C THR B 376 46.85 -23.16 -19.47
N PRO B 377 46.77 -21.82 -19.66
CA PRO B 377 46.74 -20.89 -18.53
C PRO B 377 45.86 -21.39 -17.38
N LEU B 378 44.59 -21.62 -17.63
CA LEU B 378 43.88 -22.47 -16.68
C LEU B 378 44.14 -23.91 -17.07
N GLU B 379 44.83 -24.63 -16.20
CA GLU B 379 45.30 -25.97 -16.52
C GLU B 379 44.15 -26.95 -16.63
N TYR B 380 44.31 -27.93 -17.52
CA TYR B 380 43.32 -28.97 -17.66
C TYR B 380 43.94 -30.33 -17.57
N GLY B 381 43.54 -31.03 -16.52
CA GLY B 381 43.94 -32.39 -16.25
C GLY B 381 42.72 -33.29 -16.34
N CYS B 382 42.96 -34.53 -16.77
CA CYS B 382 41.90 -35.48 -17.06
C CYS B 382 42.44 -36.91 -17.20
N CYS B 383 41.58 -37.87 -16.91
CA CYS B 383 41.96 -39.25 -17.01
C CYS B 383 40.75 -40.09 -17.22
N GLY B 384 40.85 -41.06 -18.14
CA GLY B 384 39.73 -41.92 -18.51
C GLY B 384 39.07 -41.47 -19.80
N LEU B 385 37.76 -41.67 -19.92
CA LEU B 385 37.05 -41.42 -21.17
C LEU B 385 36.43 -40.04 -21.12
N SER B 386 36.31 -39.41 -22.28
CA SER B 386 35.59 -38.12 -22.40
C SER B 386 34.07 -38.36 -22.38
N GLU B 387 33.28 -37.32 -22.14
CA GLU B 387 31.81 -37.45 -22.06
C GLU B 387 31.23 -38.08 -23.35
N GLU B 388 31.53 -37.50 -24.51
CA GLU B 388 31.10 -38.07 -25.78
C GLU B 388 31.52 -39.54 -25.95
N LYS B 389 32.78 -39.86 -25.63
CA LYS B 389 33.30 -41.24 -25.80
C LYS B 389 32.72 -42.27 -24.84
N ALA B 390 32.29 -41.83 -23.65
CA ALA B 390 31.63 -42.73 -22.70
C ALA B 390 30.22 -42.95 -23.13
N VAL B 391 29.60 -41.90 -23.68
CA VAL B 391 28.29 -42.01 -24.32
C VAL B 391 28.42 -43.01 -25.46
N GLU B 392 29.26 -42.70 -26.44
CA GLU B 392 29.54 -43.65 -27.51
C GLU B 392 29.83 -45.06 -26.99
N LYS B 393 30.86 -45.24 -26.16
CA LYS B 393 31.20 -46.58 -25.67
C LYS B 393 30.10 -47.27 -24.82
N PHE B 394 29.44 -46.54 -23.95
CA PHE B 394 28.55 -47.20 -22.98
C PHE B 394 27.04 -46.95 -23.15
N GLY B 395 26.66 -46.20 -24.18
CA GLY B 395 25.25 -45.90 -24.42
C GLY B 395 24.74 -44.71 -23.63
N GLU B 396 24.18 -43.74 -24.35
CA GLU B 396 23.77 -42.44 -23.80
C GLU B 396 23.15 -42.44 -22.40
N GLU B 397 21.94 -42.96 -22.23
CA GLU B 397 21.30 -42.84 -20.91
C GLU B 397 21.81 -43.88 -19.85
N ASN B 398 22.88 -44.62 -20.19
CA ASN B 398 23.67 -45.37 -19.20
C ASN B 398 24.77 -44.57 -18.47
N ILE B 399 25.01 -43.37 -18.98
CA ILE B 399 26.02 -42.49 -18.45
C ILE B 399 25.36 -41.47 -17.54
N GLU B 400 25.92 -41.32 -16.35
CA GLU B 400 25.56 -40.26 -15.43
C GLU B 400 26.79 -39.38 -15.21
N VAL B 401 26.60 -38.07 -15.27
CA VAL B 401 27.70 -37.13 -15.13
C VAL B 401 27.49 -36.20 -13.94
N TYR B 402 28.27 -36.41 -12.90
CA TYR B 402 28.31 -35.45 -11.79
C TYR B 402 29.38 -34.40 -12.08
N HIS B 403 29.00 -33.13 -11.92
CA HIS B 403 29.86 -32.02 -12.30
C HIS B 403 29.57 -30.79 -11.45
N SER B 404 30.52 -29.85 -11.41
CA SER B 404 30.36 -28.62 -10.64
C SER B 404 31.47 -27.61 -10.89
N PHE B 405 31.13 -26.33 -10.77
CA PHE B 405 32.13 -25.27 -10.77
C PHE B 405 32.76 -25.13 -9.36
N PHE B 406 33.93 -24.49 -9.27
CA PHE B 406 34.56 -24.18 -7.98
C PHE B 406 35.45 -22.96 -8.03
N TRP B 407 35.83 -22.45 -6.87
CA TRP B 407 36.59 -21.22 -6.82
C TRP B 407 37.75 -21.48 -5.89
N PRO B 408 38.98 -21.54 -6.41
CA PRO B 408 40.11 -21.77 -5.53
C PRO B 408 40.20 -20.69 -4.46
N LEU B 409 40.37 -21.11 -3.21
CA LEU B 409 40.36 -20.14 -2.12
C LEU B 409 41.36 -19.07 -2.45
N GLU B 410 42.46 -19.49 -3.09
CA GLU B 410 43.57 -18.60 -3.46
C GLU B 410 43.21 -17.38 -4.33
N TRP B 411 42.00 -17.38 -4.90
CA TRP B 411 41.61 -16.34 -5.82
C TRP B 411 40.65 -15.37 -5.17
N THR B 412 40.06 -15.79 -4.04
CA THR B 412 39.03 -14.97 -3.37
C THR B 412 39.58 -13.58 -3.02
N VAL B 413 40.74 -13.54 -2.35
CA VAL B 413 41.36 -12.31 -1.93
C VAL B 413 41.83 -11.43 -3.12
N PRO B 414 42.47 -12.02 -4.15
CA PRO B 414 42.70 -11.26 -5.39
C PRO B 414 41.40 -10.89 -6.06
N SER B 415 40.30 -11.55 -5.63
CA SER B 415 38.94 -11.24 -6.09
C SER B 415 38.82 -11.34 -7.61
N ARG B 416 39.07 -12.53 -8.16
CA ARG B 416 39.04 -12.75 -9.61
C ARG B 416 38.58 -14.15 -9.92
N ASP B 417 38.02 -14.30 -11.11
CA ASP B 417 37.81 -15.61 -11.74
C ASP B 417 36.99 -16.61 -10.94
N ASN B 418 35.92 -16.14 -10.32
CA ASN B 418 34.95 -17.06 -9.73
C ASN B 418 34.26 -17.82 -10.86
N ASN B 419 33.74 -19.01 -10.54
CA ASN B 419 33.01 -19.85 -11.50
C ASN B 419 33.67 -20.03 -12.86
N LYS B 420 34.97 -20.27 -12.87
CA LYS B 420 35.69 -20.60 -14.11
C LYS B 420 36.23 -22.02 -13.99
N CYS B 421 36.71 -22.37 -12.80
CA CYS B 421 37.20 -23.72 -12.53
C CYS B 421 36.04 -24.72 -12.46
N TYR B 422 36.23 -25.90 -13.04
CA TYR B 422 35.13 -26.84 -13.26
C TYR B 422 35.63 -28.30 -13.19
N ALA B 423 34.91 -29.11 -12.43
CA ALA B 423 35.22 -30.52 -12.28
C ALA B 423 34.03 -31.34 -12.69
N LYS B 424 34.29 -32.55 -13.19
CA LYS B 424 33.25 -33.53 -13.49
C LYS B 424 33.80 -34.96 -13.42
N VAL B 425 32.98 -35.89 -12.94
CA VAL B 425 33.28 -37.32 -13.11
C VAL B 425 32.25 -37.94 -14.03
N ILE B 426 32.67 -38.89 -14.85
CA ILE B 426 31.74 -39.55 -15.76
C ILE B 426 31.57 -40.96 -15.29
N CYS B 427 30.31 -41.31 -15.01
CA CYS B 427 29.95 -42.58 -14.36
C CYS B 427 29.10 -43.53 -15.21
N ASN B 428 29.40 -44.82 -15.10
CA ASN B 428 28.72 -45.87 -15.88
C ASN B 428 27.63 -46.54 -15.03
N LEU B 429 26.37 -46.21 -15.33
CA LEU B 429 25.22 -46.73 -14.58
C LEU B 429 25.12 -48.27 -14.62
N LYS B 430 25.41 -48.86 -15.78
CA LYS B 430 25.52 -50.32 -15.91
C LYS B 430 26.71 -50.98 -15.19
N ASP B 431 27.31 -50.34 -14.18
CA ASP B 431 28.60 -50.79 -13.66
C ASP B 431 28.90 -50.35 -12.22
N ASN B 432 27.86 -49.97 -11.48
CA ASN B 432 28.00 -49.42 -10.12
C ASN B 432 28.48 -48.00 -10.12
N GLU B 433 28.19 -47.28 -11.19
CA GLU B 433 28.75 -45.94 -11.42
C GLU B 433 30.28 -45.90 -11.33
N ARG B 434 30.93 -46.75 -12.11
CA ARG B 434 32.38 -46.73 -12.30
C ARG B 434 32.73 -45.34 -12.86
N VAL B 435 33.67 -44.67 -12.21
CA VAL B 435 34.13 -43.39 -12.72
C VAL B 435 35.06 -43.75 -13.87
N VAL B 436 34.47 -43.82 -15.06
CA VAL B 436 35.20 -44.17 -16.27
C VAL B 436 35.75 -42.91 -16.93
N GLY B 437 35.52 -41.75 -16.31
CA GLY B 437 35.95 -40.47 -16.84
C GLY B 437 36.15 -39.49 -15.72
N PHE B 438 37.22 -38.71 -15.79
CA PHE B 438 37.59 -37.76 -14.76
C PHE B 438 38.10 -36.52 -15.45
N HIS B 439 37.65 -35.34 -15.03
CA HIS B 439 38.07 -34.08 -15.62
C HIS B 439 38.06 -32.94 -14.63
N VAL B 440 39.09 -32.09 -14.71
CA VAL B 440 39.20 -30.92 -13.85
C VAL B 440 39.85 -29.75 -14.58
N LEU B 441 39.19 -28.61 -14.57
CA LEU B 441 39.80 -27.43 -15.11
C LEU B 441 40.03 -26.47 -13.93
N GLY B 442 41.29 -26.33 -13.52
CA GLY B 442 41.66 -25.50 -12.37
C GLY B 442 43.15 -25.47 -12.15
N PRO B 443 43.60 -24.79 -11.08
CA PRO B 443 45.04 -24.66 -10.86
C PRO B 443 45.64 -25.96 -10.43
N ASN B 444 46.92 -26.19 -10.73
CA ASN B 444 47.62 -27.41 -10.31
C ASN B 444 46.87 -28.64 -10.76
N ALA B 445 46.32 -28.60 -11.95
CA ALA B 445 45.49 -29.69 -12.44
C ALA B 445 46.22 -31.03 -12.43
N GLY B 446 47.52 -30.95 -12.68
CA GLY B 446 48.35 -32.13 -12.73
C GLY B 446 48.35 -32.86 -11.42
N GLU B 447 48.58 -32.10 -10.33
CA GLU B 447 48.69 -32.66 -9.00
C GLU B 447 47.36 -33.30 -8.57
N VAL B 448 46.28 -32.59 -8.85
CA VAL B 448 44.94 -33.06 -8.55
C VAL B 448 44.74 -34.40 -9.20
N THR B 449 44.88 -34.48 -10.52
CA THR B 449 44.55 -35.67 -11.30
C THR B 449 45.28 -36.96 -10.89
N GLN B 450 46.60 -36.89 -10.68
CA GLN B 450 47.45 -38.07 -10.46
C GLN B 450 46.82 -39.11 -9.57
N GLY B 451 46.58 -38.73 -8.32
CA GLY B 451 45.88 -39.58 -7.37
C GLY B 451 44.66 -40.30 -7.92
N PHE B 452 43.74 -39.55 -8.52
CA PHE B 452 42.50 -40.13 -9.05
C PHE B 452 42.76 -41.11 -10.16
N ALA B 453 43.83 -40.91 -10.92
CA ALA B 453 44.24 -41.85 -11.97
C ALA B 453 44.57 -43.18 -11.35
N ALA B 454 45.37 -43.15 -10.27
CA ALA B 454 45.59 -44.36 -9.47
C ALA B 454 44.24 -44.90 -8.96
N ALA B 455 43.38 -44.01 -8.48
CA ALA B 455 42.04 -44.43 -8.05
C ALA B 455 41.24 -45.08 -9.18
N LEU B 456 41.39 -44.61 -10.41
CA LEU B 456 40.73 -45.26 -11.56
C LEU B 456 41.27 -46.67 -11.84
N LYS B 457 42.59 -46.84 -11.74
CA LYS B 457 43.24 -48.15 -11.85
C LYS B 457 42.73 -49.09 -10.79
N CYS B 458 42.15 -48.57 -9.71
CA CYS B 458 41.48 -49.43 -8.73
C CYS B 458 39.99 -49.57 -9.02
N GLY B 459 39.56 -49.23 -10.22
CA GLY B 459 38.15 -49.20 -10.58
C GLY B 459 37.24 -48.42 -9.64
N LEU B 460 37.60 -47.18 -9.35
CA LEU B 460 36.82 -46.35 -8.45
C LEU B 460 35.36 -46.20 -8.90
N THR B 461 34.47 -46.40 -7.94
CA THR B 461 33.03 -46.16 -8.10
C THR B 461 32.60 -44.84 -7.39
N LYS B 462 31.60 -44.18 -7.97
CA LYS B 462 31.05 -42.92 -7.44
C LYS B 462 30.70 -42.98 -5.96
N GLN B 463 30.25 -44.15 -5.48
CA GLN B 463 29.86 -44.24 -4.10
C GLN B 463 31.06 -44.41 -3.21
N GLN B 464 32.12 -45.00 -3.75
CA GLN B 464 33.42 -44.98 -3.07
C GLN B 464 33.97 -43.53 -3.01
N LEU B 465 33.88 -42.80 -4.13
CA LEU B 465 34.37 -41.42 -4.21
C LEU B 465 33.66 -40.58 -3.15
N ASP B 466 32.35 -40.78 -3.02
CA ASP B 466 31.58 -40.06 -2.02
C ASP B 466 31.97 -40.37 -0.59
N SER B 467 32.31 -41.63 -0.30
CA SER B 467 32.73 -42.04 1.05
C SER B 467 34.13 -41.52 1.46
N THR B 468 34.87 -41.00 0.47
CA THR B 468 36.17 -40.39 0.68
C THR B 468 35.98 -38.94 1.13
N ILE B 469 36.59 -38.59 2.25
CA ILE B 469 36.46 -37.25 2.82
C ILE B 469 37.38 -36.28 2.11
N GLY B 470 36.93 -35.05 1.90
CA GLY B 470 37.74 -34.04 1.22
C GLY B 470 38.90 -33.55 2.07
N ILE B 471 39.86 -32.84 1.45
CA ILE B 471 40.85 -32.03 2.19
C ILE B 471 40.52 -30.55 1.98
N HIS B 472 40.45 -29.78 3.07
CA HIS B 472 39.97 -28.41 3.02
C HIS B 472 41.06 -27.47 3.54
N PRO B 473 41.17 -26.27 2.95
CA PRO B 473 40.57 -25.90 1.69
C PRO B 473 41.59 -26.21 0.61
N VAL B 474 41.15 -27.00 -0.35
CA VAL B 474 41.99 -27.51 -1.40
C VAL B 474 41.08 -27.68 -2.61
N CYS B 475 41.59 -27.44 -3.81
CA CYS B 475 40.79 -27.56 -5.00
C CYS B 475 40.25 -28.96 -5.22
N ALA B 476 41.11 -29.96 -5.10
CA ALA B 476 40.73 -31.38 -5.40
C ALA B 476 39.55 -31.95 -4.58
N GLU B 477 39.27 -31.36 -3.42
CA GLU B 477 38.18 -31.80 -2.54
C GLU B 477 36.82 -31.74 -3.22
N ILE B 478 36.67 -30.85 -4.21
CA ILE B 478 35.42 -30.75 -4.94
C ILE B 478 34.95 -32.12 -5.42
N PHE B 479 35.87 -33.04 -5.70
CA PHE B 479 35.53 -34.34 -6.25
C PHE B 479 34.89 -35.25 -5.22
N THR B 480 35.10 -34.94 -3.93
CA THR B 480 34.51 -35.77 -2.87
C THR B 480 33.04 -35.48 -2.66
N THR B 481 32.57 -34.33 -3.18
CA THR B 481 31.20 -33.90 -2.93
C THR B 481 30.45 -33.52 -4.22
N LEU B 482 30.62 -34.30 -5.28
CA LEU B 482 29.96 -34.00 -6.52
C LEU B 482 28.58 -34.57 -6.56
N SER B 483 27.59 -33.78 -6.17
CA SER B 483 26.21 -34.28 -6.03
C SER B 483 25.26 -33.95 -7.20
N VAL B 484 25.42 -32.80 -7.86
CA VAL B 484 24.52 -32.37 -8.95
C VAL B 484 24.80 -33.05 -10.28
N THR B 485 23.84 -33.84 -10.79
CA THR B 485 24.09 -34.51 -12.09
C THR B 485 23.79 -33.58 -13.29
N LYS B 486 24.41 -33.88 -14.44
CA LYS B 486 24.15 -33.10 -15.64
C LYS B 486 22.73 -33.38 -16.09
N ARG B 487 22.37 -34.66 -16.13
CA ARG B 487 21.01 -35.12 -16.44
C ARG B 487 19.95 -34.43 -15.58
N SER B 488 20.19 -34.38 -14.26
CA SER B 488 19.26 -33.74 -13.30
C SER B 488 18.87 -32.31 -13.66
N GLY B 489 19.72 -31.64 -14.45
CA GLY B 489 19.49 -30.27 -14.88
C GLY B 489 19.79 -29.19 -13.85
N GLY B 490 20.09 -29.55 -12.60
CA GLY B 490 20.30 -28.59 -11.53
C GLY B 490 21.30 -27.50 -11.85
N ASP B 491 21.05 -26.29 -11.35
CA ASP B 491 21.99 -25.16 -11.50
C ASP B 491 23.33 -25.48 -10.83
N ILE B 492 24.46 -25.26 -11.52
CA ILE B 492 25.78 -25.47 -10.88
C ILE B 492 26.58 -24.19 -10.66
N LEU B 493 26.10 -23.07 -11.22
CA LEU B 493 26.79 -21.76 -11.10
C LEU B 493 27.12 -21.43 -9.62
N GLN B 494 26.29 -20.82 -8.75
CA GLN B 494 25.83 -19.40 -8.75
C GLN B 494 25.34 -18.87 -7.33
N SER B 495 26.16 -18.71 -6.25
CA SER B 495 27.57 -19.13 -5.93
C SER B 495 28.37 -18.03 -5.13
N GLY B 496 28.46 -18.08 -3.79
CA GLY B 496 27.88 -19.09 -2.88
C GLY B 496 28.46 -20.50 -2.98
N CYS B 497 29.64 -20.84 -2.40
CA CYS B 497 30.47 -20.22 -1.28
C CYS B 497 30.05 -20.75 0.10
N SEC B 498 28.73 -20.82 0.25
CA SEC B 498 27.99 -20.91 1.49
C SEC B 498 26.61 -21.25 1.00
N GLY B 499 26.24 -22.49 1.29
CA GLY B 499 24.90 -22.98 1.18
C GLY B 499 24.93 -24.46 1.49
N ASP C 14 -39.27 9.25 -20.38
CA ASP C 14 -38.37 9.20 -21.57
C ASP C 14 -37.61 7.87 -21.60
N LEU C 15 -37.28 7.38 -20.40
CA LEU C 15 -36.35 6.28 -20.26
C LEU C 15 -36.65 5.50 -19.02
N ILE C 16 -36.76 4.19 -19.18
CA ILE C 16 -36.86 3.27 -18.07
C ILE C 16 -35.64 2.34 -18.09
N ILE C 17 -34.94 2.29 -16.97
CA ILE C 17 -33.80 1.43 -16.85
C ILE C 17 -34.23 0.22 -16.04
N ILE C 18 -34.16 -0.95 -16.66
CA ILE C 18 -34.46 -2.22 -15.99
C ILE C 18 -33.21 -2.78 -15.35
N GLY C 19 -33.14 -2.73 -14.01
CA GLY C 19 -31.93 -3.07 -13.22
C GLY C 19 -31.25 -1.84 -12.60
N GLY C 20 -31.08 -1.87 -11.29
CA GLY C 20 -30.44 -0.75 -10.57
C GLY C 20 -29.00 -1.08 -10.19
N GLY C 21 -28.26 -1.69 -11.13
CA GLY C 21 -26.90 -2.10 -10.88
C GLY C 21 -25.94 -1.00 -11.23
N SER C 22 -24.69 -1.42 -11.40
CA SER C 22 -23.60 -0.52 -11.70
C SER C 22 -23.88 0.24 -12.97
N GLY C 23 -24.30 -0.49 -14.01
CA GLY C 23 -24.65 0.11 -15.30
C GLY C 23 -25.94 0.90 -15.20
N GLY C 24 -26.97 0.25 -14.63
CA GLY C 24 -28.27 0.87 -14.37
C GLY C 24 -28.13 2.28 -13.80
N LEU C 25 -27.73 2.35 -12.52
CA LEU C 25 -27.68 3.61 -11.78
C LEU C 25 -26.80 4.66 -12.42
N ALA C 26 -25.80 4.18 -13.17
CA ALA C 26 -24.84 5.03 -13.85
C ALA C 26 -25.53 5.80 -14.96
N ALA C 27 -26.24 5.06 -15.82
CA ALA C 27 -26.99 5.67 -16.91
C ALA C 27 -28.11 6.55 -16.36
N ALA C 28 -28.87 5.99 -15.43
CA ALA C 28 -29.93 6.69 -14.70
C ALA C 28 -29.45 8.05 -14.23
N LYS C 29 -28.40 8.04 -13.41
CA LYS C 29 -27.87 9.25 -12.78
C LYS C 29 -27.36 10.21 -13.82
N GLU C 30 -26.93 9.66 -14.95
CA GLU C 30 -26.37 10.48 -16.03
C GLU C 30 -27.45 11.14 -16.87
N ALA C 31 -28.52 10.39 -17.12
CA ALA C 31 -29.64 10.87 -17.90
C ALA C 31 -30.30 12.05 -17.20
N ALA C 32 -30.24 12.03 -15.88
CA ALA C 32 -30.89 13.05 -15.08
C ALA C 32 -30.35 14.48 -15.31
N LYS C 33 -29.05 14.60 -15.57
CA LYS C 33 -28.46 15.92 -15.87
C LYS C 33 -29.22 16.63 -17.00
N PHE C 34 -29.81 15.85 -17.90
CA PHE C 34 -30.45 16.42 -19.11
C PHE C 34 -31.96 16.62 -18.94
N ASP C 35 -32.38 16.62 -17.69
CA ASP C 35 -33.74 16.90 -17.30
C ASP C 35 -34.81 16.08 -18.08
N LYS C 36 -34.86 14.79 -17.80
CA LYS C 36 -35.81 13.87 -18.44
C LYS C 36 -36.50 13.00 -17.39
N LYS C 37 -37.73 12.57 -17.65
CA LYS C 37 -38.38 11.62 -16.73
C LYS C 37 -37.71 10.26 -16.83
N VAL C 38 -37.03 9.88 -15.73
CA VAL C 38 -36.30 8.60 -15.68
C VAL C 38 -36.84 7.67 -14.57
N MET C 39 -36.84 6.38 -14.85
CA MET C 39 -37.24 5.45 -13.81
C MET C 39 -36.34 4.21 -13.72
N VAL C 40 -35.89 3.92 -12.51
CA VAL C 40 -35.14 2.71 -12.29
C VAL C 40 -36.02 1.68 -11.62
N LEU C 41 -36.00 0.49 -12.15
CA LEU C 41 -36.59 -0.62 -11.45
C LEU C 41 -35.45 -1.53 -10.98
N ASP C 42 -35.30 -1.70 -9.67
CA ASP C 42 -34.40 -2.73 -9.20
C ASP C 42 -35.17 -3.72 -8.33
N PHE C 43 -34.86 -5.00 -8.50
CA PHE C 43 -35.44 -6.02 -7.65
C PHE C 43 -34.46 -7.18 -7.51
N VAL C 44 -34.24 -7.58 -6.27
CA VAL C 44 -33.31 -8.65 -6.00
C VAL C 44 -34.09 -9.95 -5.79
N THR C 45 -34.19 -10.71 -6.88
CA THR C 45 -34.73 -12.04 -6.82
C THR C 45 -33.85 -12.85 -5.83
N PRO C 46 -34.45 -13.45 -4.77
CA PRO C 46 -33.66 -14.13 -3.71
C PRO C 46 -32.92 -15.35 -4.17
N THR C 47 -31.78 -15.65 -3.56
CA THR C 47 -31.02 -16.83 -3.91
C THR C 47 -31.82 -18.02 -3.47
N PRO C 48 -31.47 -19.24 -3.93
CA PRO C 48 -32.02 -20.49 -3.36
C PRO C 48 -32.29 -20.48 -1.84
N LEU C 49 -31.26 -20.32 -1.00
CA LEU C 49 -31.49 -20.27 0.45
C LEU C 49 -32.08 -18.92 0.92
N GLY C 50 -32.57 -18.14 -0.03
CA GLY C 50 -33.35 -16.93 0.26
C GLY C 50 -32.65 -15.68 0.73
N THR C 51 -31.56 -15.27 0.07
CA THR C 51 -30.83 -14.08 0.52
C THR C 51 -31.29 -12.86 -0.27
N ARG C 52 -31.23 -11.66 0.34
CA ARG C 52 -31.69 -10.41 -0.26
C ARG C 52 -30.66 -9.31 -0.08
N TRP C 53 -30.89 -8.19 -0.79
CA TRP C 53 -30.06 -7.01 -0.58
C TRP C 53 -30.62 -5.77 -1.29
N GLY C 54 -30.09 -4.61 -0.95
CA GLY C 54 -30.68 -3.37 -1.41
C GLY C 54 -30.20 -2.91 -2.77
N LEU C 55 -30.59 -1.68 -3.10
CA LEU C 55 -30.20 -1.00 -4.33
C LEU C 55 -28.70 -0.94 -4.49
N GLY C 56 -28.23 -1.04 -5.73
CA GLY C 56 -26.79 -0.93 -6.02
C GLY C 56 -26.21 -1.99 -6.95
N GLY C 57 -26.85 -3.16 -7.00
CA GLY C 57 -26.44 -4.25 -7.92
C GLY C 57 -25.43 -5.18 -7.31
N THR C 58 -24.72 -5.91 -8.16
CA THR C 58 -23.85 -7.01 -7.73
C THR C 58 -22.54 -6.53 -7.09
N CYS C 59 -21.92 -5.55 -7.71
CA CYS C 59 -20.66 -5.04 -7.23
C CYS C 59 -20.87 -4.60 -5.78
N VAL C 60 -21.85 -3.72 -5.58
CA VAL C 60 -22.13 -3.10 -4.28
C VAL C 60 -22.47 -4.14 -3.20
N ASN C 61 -23.28 -5.11 -3.54
CA ASN C 61 -23.84 -5.98 -2.53
C ASN C 61 -23.19 -7.34 -2.42
N VAL C 62 -22.80 -7.93 -3.54
CA VAL C 62 -22.27 -9.29 -3.54
C VAL C 62 -21.12 -9.48 -4.50
N GLY C 63 -20.41 -8.40 -4.80
CA GLY C 63 -19.30 -8.42 -5.74
C GLY C 63 -18.03 -7.73 -5.26
N CYS C 64 -17.62 -6.69 -5.98
CA CYS C 64 -16.36 -6.00 -5.72
C CYS C 64 -16.26 -5.48 -4.31
N ILE C 65 -17.28 -4.75 -3.89
CA ILE C 65 -17.26 -4.10 -2.61
C ILE C 65 -17.06 -5.08 -1.43
N PRO C 66 -17.96 -6.05 -1.22
CA PRO C 66 -17.65 -6.97 -0.14
C PRO C 66 -16.43 -7.87 -0.38
N LYS C 67 -16.12 -8.12 -1.65
CA LYS C 67 -15.02 -9.00 -2.01
C LYS C 67 -13.70 -8.36 -1.61
N LYS C 68 -13.52 -7.12 -2.05
CA LYS C 68 -12.30 -6.37 -1.75
C LYS C 68 -12.15 -6.26 -0.24
N LEU C 69 -13.24 -5.89 0.44
CA LEU C 69 -13.19 -5.73 1.91
C LEU C 69 -12.69 -7.00 2.56
N MET C 70 -13.28 -8.12 2.20
CA MET C 70 -12.79 -9.39 2.74
C MET C 70 -11.36 -9.77 2.31
N HIS C 71 -10.96 -9.35 1.12
CA HIS C 71 -9.58 -9.43 0.73
C HIS C 71 -8.70 -8.61 1.68
N GLN C 72 -9.09 -7.36 1.90
CA GLN C 72 -8.33 -6.53 2.79
C GLN C 72 -8.17 -7.15 4.15
N ALA C 73 -9.24 -7.71 4.71
CA ALA C 73 -9.19 -8.49 5.93
C ALA C 73 -8.08 -9.51 5.91
N ALA C 74 -7.98 -10.26 4.83
CA ALA C 74 -6.94 -11.28 4.72
C ALA C 74 -5.57 -10.63 4.78
N LEU C 75 -5.38 -9.57 3.98
CA LEU C 75 -4.11 -8.84 3.89
C LEU C 75 -3.71 -8.35 5.24
N LEU C 76 -4.69 -7.78 5.97
CA LEU C 76 -4.43 -7.24 7.31
C LEU C 76 -3.91 -8.30 8.27
N GLY C 77 -4.33 -9.54 8.11
CA GLY C 77 -3.76 -10.61 8.89
C GLY C 77 -2.30 -10.78 8.51
N GLN C 78 -2.02 -10.70 7.20
CA GLN C 78 -0.65 -10.75 6.71
C GLN C 78 0.11 -9.62 7.35
N ALA C 79 -0.49 -8.43 7.30
CA ALA C 79 0.11 -7.22 7.91
C ALA C 79 0.46 -7.42 9.36
N LEU C 80 -0.45 -8.04 10.12
CA LEU C 80 -0.18 -8.37 11.53
C LEU C 80 1.05 -9.24 11.69
N LYS C 81 1.20 -10.24 10.82
CA LYS C 81 2.38 -11.13 10.88
C LYS C 81 3.68 -10.36 10.65
N ASP C 82 3.66 -9.42 9.69
CA ASP C 82 4.85 -8.68 9.31
C ASP C 82 5.29 -7.73 10.38
N SER C 83 4.32 -7.16 11.10
CA SER C 83 4.61 -6.05 12.00
C SER C 83 5.62 -6.41 13.08
N ARG C 84 5.82 -7.72 13.33
CA ARG C 84 6.75 -8.15 14.37
C ARG C 84 8.15 -7.69 14.02
N ASN C 85 8.60 -7.98 12.82
CA ASN C 85 9.97 -7.60 12.44
C ASN C 85 10.19 -6.13 12.16
N TYR C 86 9.11 -5.35 12.05
CA TYR C 86 9.26 -3.92 11.94
C TYR C 86 9.24 -3.35 13.35
N GLY C 87 9.17 -4.23 14.35
CA GLY C 87 9.30 -3.85 15.75
C GLY C 87 8.03 -3.66 16.55
N TRP C 88 6.90 -4.11 16.02
CA TRP C 88 5.66 -4.07 16.79
C TRP C 88 5.56 -5.27 17.73
N LYS C 89 5.45 -5.00 19.02
CA LYS C 89 5.49 -6.03 20.05
C LYS C 89 4.17 -6.76 20.02
N LEU C 90 4.01 -7.64 19.03
CA LEU C 90 2.79 -8.42 18.89
C LEU C 90 2.85 -9.72 19.69
N GLU C 91 1.78 -10.03 20.40
CA GLU C 91 1.58 -11.36 20.95
C GLU C 91 1.37 -12.40 19.84
N ASP C 92 1.42 -13.67 20.20
CA ASP C 92 1.98 -14.70 19.33
C ASP C 92 1.08 -14.92 18.12
N THR C 93 -0.22 -15.00 18.35
CA THR C 93 -1.19 -15.16 17.28
C THR C 93 -2.47 -14.39 17.56
N VAL C 94 -2.92 -13.61 16.57
CA VAL C 94 -4.22 -12.95 16.65
C VAL C 94 -5.28 -13.74 15.90
N LYS C 95 -6.44 -13.89 16.52
CA LYS C 95 -7.54 -14.68 15.94
C LYS C 95 -8.55 -13.84 15.17
N HIS C 96 -9.23 -14.46 14.23
CA HIS C 96 -10.19 -13.77 13.40
C HIS C 96 -11.62 -14.12 13.74
N ASP C 97 -12.49 -13.12 13.66
CA ASP C 97 -13.91 -13.24 14.01
C ASP C 97 -14.79 -13.01 12.75
N TRP C 98 -15.26 -14.08 12.12
CA TRP C 98 -16.07 -13.93 10.90
C TRP C 98 -17.22 -12.96 11.02
N GLU C 99 -17.97 -13.08 12.12
CA GLU C 99 -19.19 -12.30 12.35
C GLU C 99 -18.88 -10.82 12.41
N LYS C 100 -17.91 -10.46 13.25
CA LYS C 100 -17.45 -9.08 13.41
C LYS C 100 -17.08 -8.50 12.05
N MET C 101 -16.45 -9.31 11.22
CA MET C 101 -16.05 -8.87 9.89
C MET C 101 -17.25 -8.62 8.99
N THR C 102 -18.01 -9.68 8.76
CA THR C 102 -19.12 -9.60 7.82
C THR C 102 -20.10 -8.52 8.26
N GLU C 103 -20.11 -8.23 9.56
CA GLU C 103 -20.94 -7.16 10.08
C GLU C 103 -20.51 -5.80 9.57
N SER C 104 -19.21 -5.48 9.64
CA SER C 104 -18.73 -4.18 9.20
C SER C 104 -18.92 -4.05 7.70
N VAL C 105 -18.75 -5.17 7.01
CA VAL C 105 -18.86 -5.18 5.56
C VAL C 105 -20.24 -4.76 5.20
N GLN C 106 -21.21 -5.43 5.83
CA GLN C 106 -22.64 -5.17 5.61
C GLN C 106 -22.98 -3.74 5.95
N ASN C 107 -22.43 -3.28 7.08
CA ASN C 107 -22.60 -1.92 7.47
C ASN C 107 -22.20 -0.98 6.36
N HIS C 108 -21.10 -1.29 5.69
CA HIS C 108 -20.71 -0.43 4.58
C HIS C 108 -21.62 -0.62 3.37
N ILE C 109 -21.91 -1.88 3.03
CA ILE C 109 -22.83 -2.18 1.94
C ILE C 109 -24.13 -1.40 2.16
N GLY C 110 -24.73 -1.62 3.34
CA GLY C 110 -25.92 -0.90 3.81
C GLY C 110 -25.92 0.61 3.53
N SER C 111 -24.84 1.29 3.87
CA SER C 111 -24.75 2.72 3.58
C SER C 111 -24.70 2.96 2.08
N LEU C 112 -24.14 2.02 1.33
CA LEU C 112 -24.09 2.20 -0.13
C LEU C 112 -25.49 2.10 -0.69
N ASN C 113 -26.23 1.05 -0.27
CA ASN C 113 -27.66 0.88 -0.60
C ASN C 113 -28.40 2.19 -0.41
N TRP C 114 -28.28 2.73 0.78
CA TRP C 114 -28.96 3.96 1.07
C TRP C 114 -28.47 5.07 0.20
N GLY C 115 -27.16 5.17 0.08
CA GLY C 115 -26.54 6.25 -0.69
C GLY C 115 -27.16 6.39 -2.06
N TYR C 116 -27.37 5.26 -2.72
CA TYR C 116 -27.96 5.25 -4.07
C TYR C 116 -29.43 5.65 -4.05
N ARG C 117 -30.20 5.12 -3.07
CA ARG C 117 -31.62 5.46 -2.95
C ARG C 117 -31.75 6.97 -2.82
N VAL C 118 -30.86 7.55 -2.02
CA VAL C 118 -30.78 9.01 -1.84
C VAL C 118 -30.35 9.71 -3.13
N ALA C 119 -29.30 9.17 -3.75
CA ALA C 119 -28.75 9.77 -4.95
C ALA C 119 -29.81 9.88 -6.07
N LEU C 120 -30.64 8.84 -6.20
CA LEU C 120 -31.73 8.85 -7.17
C LEU C 120 -32.77 9.91 -6.83
N ARG C 121 -33.19 9.97 -5.56
CA ARG C 121 -34.09 11.00 -5.09
C ARG C 121 -33.55 12.39 -5.38
N GLU C 122 -32.29 12.64 -5.02
CA GLU C 122 -31.70 13.97 -5.22
C GLU C 122 -31.64 14.40 -6.70
N LYS C 123 -31.33 13.45 -7.59
CA LYS C 123 -31.26 13.76 -9.03
C LYS C 123 -32.66 13.68 -9.67
N LYS C 124 -33.67 13.31 -8.87
CA LYS C 124 -35.09 13.30 -9.29
C LYS C 124 -35.50 12.12 -10.18
N VAL C 125 -34.69 11.07 -10.16
CA VAL C 125 -35.07 9.86 -10.83
C VAL C 125 -36.09 9.14 -9.97
N VAL C 126 -37.06 8.47 -10.59
CA VAL C 126 -38.00 7.64 -9.84
C VAL C 126 -37.46 6.22 -9.55
N TYR C 127 -37.39 5.86 -8.27
CA TYR C 127 -37.01 4.50 -7.91
C TYR C 127 -38.23 3.68 -7.56
N GLU C 128 -38.31 2.48 -8.11
CA GLU C 128 -39.41 1.62 -7.83
C GLU C 128 -38.79 0.26 -7.58
N ASN C 129 -38.91 -0.23 -6.35
CA ASN C 129 -38.32 -1.52 -6.03
C ASN C 129 -39.23 -2.64 -6.51
N ALA C 130 -39.12 -2.94 -7.81
CA ALA C 130 -39.95 -3.95 -8.46
C ALA C 130 -39.27 -4.68 -9.64
N TYR C 131 -39.63 -5.96 -9.84
CA TYR C 131 -39.17 -6.74 -10.99
C TYR C 131 -39.79 -6.19 -12.29
N GLY C 132 -38.94 -5.89 -13.26
CA GLY C 132 -39.41 -5.36 -14.55
C GLY C 132 -39.55 -6.51 -15.52
N LYS C 133 -40.68 -6.55 -16.21
CA LYS C 133 -40.95 -7.56 -17.25
C LYS C 133 -41.67 -6.85 -18.37
N PHE C 134 -41.09 -6.90 -19.57
CA PHE C 134 -41.75 -6.38 -20.76
C PHE C 134 -43.10 -7.08 -21.02
N ILE C 135 -44.10 -6.28 -21.38
CA ILE C 135 -45.40 -6.88 -21.80
C ILE C 135 -45.77 -6.63 -23.28
N GLY C 136 -45.21 -5.58 -23.90
CA GLY C 136 -45.54 -5.17 -25.26
C GLY C 136 -44.73 -3.94 -25.63
N PRO C 137 -44.69 -3.57 -26.93
CA PRO C 137 -43.86 -2.42 -27.32
C PRO C 137 -44.10 -1.19 -26.44
N HIS C 138 -43.03 -0.58 -25.93
CA HIS C 138 -43.07 0.61 -25.05
C HIS C 138 -43.80 0.42 -23.69
N LYS C 139 -44.05 -0.84 -23.33
CA LYS C 139 -44.90 -1.19 -22.20
C LYS C 139 -44.18 -2.19 -21.28
N ILE C 140 -43.99 -1.80 -20.02
CA ILE C 140 -43.41 -2.71 -19.06
C ILE C 140 -44.32 -2.92 -17.84
N MET C 141 -44.32 -4.15 -17.33
CA MET C 141 -45.04 -4.47 -16.11
C MET C 141 -44.07 -4.52 -14.94
N ALA C 142 -44.41 -3.80 -13.87
CA ALA C 142 -43.61 -3.74 -12.66
C ALA C 142 -44.26 -4.54 -11.50
N THR C 143 -43.91 -5.83 -11.39
CA THR C 143 -44.32 -6.69 -10.25
C THR C 143 -43.55 -6.37 -8.98
N ASN C 144 -44.16 -5.58 -8.10
CA ASN C 144 -43.52 -5.20 -6.87
C ASN C 144 -43.34 -6.39 -5.90
N ASN C 145 -42.70 -6.10 -4.78
CA ASN C 145 -42.27 -7.10 -3.83
C ASN C 145 -43.40 -8.02 -3.30
N LYS C 146 -44.59 -7.44 -3.07
CA LYS C 146 -45.70 -8.22 -2.53
C LYS C 146 -46.52 -8.96 -3.57
N GLY C 147 -46.56 -8.44 -4.79
CA GLY C 147 -47.23 -9.14 -5.89
C GLY C 147 -48.04 -8.22 -6.79
N LYS C 148 -48.40 -7.05 -6.29
CA LYS C 148 -49.16 -6.07 -7.09
C LYS C 148 -48.32 -5.66 -8.29
N GLU C 149 -48.99 -5.41 -9.41
CA GLU C 149 -48.31 -4.98 -10.64
C GLU C 149 -48.79 -3.61 -11.05
N LYS C 150 -47.90 -2.81 -11.61
CA LYS C 150 -48.33 -1.56 -12.23
C LYS C 150 -47.80 -1.62 -13.66
N VAL C 151 -48.41 -0.87 -14.55
CA VAL C 151 -47.93 -0.88 -15.92
C VAL C 151 -47.44 0.50 -16.31
N TYR C 152 -46.17 0.54 -16.74
CA TYR C 152 -45.54 1.78 -17.14
C TYR C 152 -45.16 1.76 -18.63
N SER C 153 -45.03 2.97 -19.18
CA SER C 153 -44.56 3.15 -20.53
C SER C 153 -43.36 4.12 -20.60
N ALA C 154 -42.53 3.96 -21.64
CA ALA C 154 -41.38 4.85 -21.93
C ALA C 154 -40.97 4.87 -23.40
N GLU C 155 -40.53 6.02 -23.89
CA GLU C 155 -40.02 6.19 -25.27
C GLU C 155 -38.80 5.32 -25.58
N ARG C 156 -37.86 5.23 -24.60
CA ARG C 156 -36.70 4.30 -24.64
C ARG C 156 -36.53 3.41 -23.39
N PHE C 157 -35.82 2.31 -23.57
CA PHE C 157 -35.58 1.35 -22.50
C PHE C 157 -34.10 0.97 -22.39
N LEU C 158 -33.61 0.86 -21.15
CA LEU C 158 -32.30 0.31 -20.95
C LEU C 158 -32.40 -0.99 -20.18
N ILE C 159 -31.99 -2.08 -20.82
CA ILE C 159 -31.86 -3.34 -20.13
C ILE C 159 -30.49 -3.33 -19.49
N ALA C 160 -30.46 -3.51 -18.16
CA ALA C 160 -29.22 -3.50 -17.39
C ALA C 160 -29.37 -4.45 -16.20
N THR C 161 -29.65 -5.70 -16.50
CA THR C 161 -30.10 -6.67 -15.49
C THR C 161 -29.03 -7.60 -14.96
N GLY C 162 -27.85 -7.56 -15.58
CA GLY C 162 -26.72 -8.34 -15.11
C GLY C 162 -27.02 -9.83 -15.05
N GLU C 163 -26.31 -10.55 -14.19
CA GLU C 163 -26.34 -12.02 -14.17
C GLU C 163 -26.41 -12.50 -12.72
N ARG C 164 -26.48 -13.82 -12.52
CA ARG C 164 -26.54 -14.39 -11.17
C ARG C 164 -25.78 -15.67 -11.23
N PRO C 165 -25.28 -16.16 -10.09
CA PRO C 165 -24.45 -17.36 -10.02
C PRO C 165 -25.13 -18.60 -10.59
N ARG C 166 -24.41 -19.37 -11.40
CA ARG C 166 -24.92 -20.64 -11.93
C ARG C 166 -24.56 -21.75 -10.98
N TYR C 167 -25.46 -22.72 -10.83
CA TYR C 167 -25.19 -23.93 -10.07
C TYR C 167 -24.71 -25.03 -11.00
N LEU C 168 -24.26 -26.14 -10.41
CA LEU C 168 -24.05 -27.38 -11.17
C LEU C 168 -25.41 -28.08 -11.41
N GLY C 169 -25.55 -28.79 -12.53
CA GLY C 169 -26.73 -29.63 -12.69
C GLY C 169 -26.77 -30.84 -11.75
N ILE C 170 -26.16 -30.77 -10.56
CA ILE C 170 -26.06 -31.95 -9.64
C ILE C 170 -26.92 -31.77 -8.37
N PRO C 171 -27.16 -32.84 -7.58
CA PRO C 171 -28.12 -32.75 -6.47
C PRO C 171 -27.48 -32.41 -5.11
N GLY C 172 -28.23 -31.69 -4.28
CA GLY C 172 -27.75 -31.21 -2.97
C GLY C 172 -27.26 -29.76 -3.07
N ASP C 173 -26.77 -29.42 -4.27
CA ASP C 173 -26.10 -28.17 -4.55
C ASP C 173 -26.90 -26.87 -4.25
N LYS C 174 -28.19 -26.85 -4.59
CA LYS C 174 -29.01 -25.65 -4.35
C LYS C 174 -29.42 -25.50 -2.90
N GLU C 175 -29.67 -26.62 -2.21
CA GLU C 175 -30.15 -26.60 -0.83
C GLU C 175 -28.99 -26.61 0.17
N TYR C 176 -27.83 -27.07 -0.25
CA TYR C 176 -26.70 -27.18 0.70
C TYR C 176 -25.46 -26.31 0.46
N CYS C 177 -25.31 -25.74 -0.74
CA CYS C 177 -24.13 -24.95 -1.08
C CYS C 177 -24.44 -23.48 -1.20
N ILE C 178 -23.38 -22.68 -1.12
CA ILE C 178 -23.50 -21.23 -1.28
C ILE C 178 -22.80 -20.75 -2.54
N SER C 179 -23.26 -19.61 -3.04
CA SER C 179 -22.64 -18.97 -4.17
C SER C 179 -21.89 -17.76 -3.67
N SER C 180 -21.35 -16.96 -4.59
CA SER C 180 -20.85 -15.64 -4.27
C SER C 180 -21.96 -14.86 -3.54
N ASP C 181 -23.19 -14.97 -4.04
CA ASP C 181 -24.34 -14.20 -3.52
C ASP C 181 -24.56 -14.36 -2.01
N ASP C 182 -24.14 -15.51 -1.49
CA ASP C 182 -24.46 -15.92 -0.13
C ASP C 182 -23.31 -15.66 0.83
N LEU C 183 -22.13 -16.08 0.41
CA LEU C 183 -20.91 -15.97 1.21
C LEU C 183 -20.79 -14.64 1.95
N PHE C 184 -21.08 -13.53 1.24
CA PHE C 184 -20.80 -12.19 1.74
C PHE C 184 -21.75 -11.70 2.83
N SER C 185 -22.75 -12.51 3.18
CA SER C 185 -23.58 -12.23 4.35
C SER C 185 -23.78 -13.47 5.22
N LEU C 186 -22.98 -14.49 4.99
CA LEU C 186 -23.03 -15.70 5.77
C LEU C 186 -23.07 -15.36 7.25
N PRO C 187 -24.19 -15.72 7.91
CA PRO C 187 -24.39 -15.37 9.31
C PRO C 187 -23.54 -16.23 10.25
N TYR C 188 -22.70 -17.11 9.71
CA TYR C 188 -21.77 -17.86 10.57
C TYR C 188 -20.44 -18.05 9.84
N CYS C 189 -19.39 -18.25 10.63
CA CYS C 189 -18.09 -18.57 10.11
C CYS C 189 -18.28 -19.78 9.22
N PRO C 190 -17.77 -19.71 7.95
CA PRO C 190 -17.89 -20.82 6.99
C PRO C 190 -17.17 -22.10 7.36
N GLY C 191 -16.21 -22.05 8.29
CA GLY C 191 -15.39 -23.25 8.63
C GLY C 191 -14.71 -23.87 7.40
N LYS C 192 -14.18 -25.08 7.57
CA LYS C 192 -13.55 -25.81 6.44
C LYS C 192 -14.38 -25.69 5.18
N THR C 193 -13.75 -25.29 4.07
CA THR C 193 -14.48 -24.98 2.85
C THR C 193 -13.87 -25.69 1.66
N LEU C 194 -14.77 -26.02 0.74
CA LEU C 194 -14.42 -26.42 -0.60
C LEU C 194 -14.97 -25.38 -1.53
N VAL C 195 -14.08 -24.79 -2.30
CA VAL C 195 -14.50 -23.88 -3.34
C VAL C 195 -14.43 -24.67 -4.62
N VAL C 196 -15.52 -24.63 -5.37
CA VAL C 196 -15.63 -25.34 -6.63
C VAL C 196 -15.63 -24.30 -7.74
N GLY C 197 -14.62 -24.45 -8.61
CA GLY C 197 -14.36 -23.53 -9.73
C GLY C 197 -13.00 -22.84 -9.61
N ALA C 198 -12.50 -22.27 -10.71
CA ALA C 198 -11.15 -21.70 -10.76
C ALA C 198 -10.98 -20.44 -11.60
N SER C 199 -11.97 -19.54 -11.57
CA SER C 199 -11.75 -18.20 -12.15
C SER C 199 -11.68 -17.11 -11.10
N TYR C 200 -11.87 -15.85 -11.51
CA TYR C 200 -11.67 -14.76 -10.54
C TYR C 200 -12.46 -15.04 -9.24
N VAL C 201 -13.77 -15.20 -9.33
CA VAL C 201 -14.54 -15.44 -8.12
C VAL C 201 -14.05 -16.62 -7.31
N ALA C 202 -13.74 -17.72 -7.98
CA ALA C 202 -13.38 -18.92 -7.23
C ALA C 202 -12.10 -18.73 -6.40
N LEU C 203 -11.07 -18.22 -7.07
CA LEU C 203 -9.74 -18.10 -6.43
C LEU C 203 -9.69 -16.95 -5.45
N GLU C 204 -10.23 -15.81 -5.85
CA GLU C 204 -10.37 -14.67 -4.95
C GLU C 204 -10.96 -15.10 -3.61
N CYS C 205 -12.10 -15.78 -3.67
CA CYS C 205 -12.78 -16.27 -2.46
C CYS C 205 -11.99 -17.28 -1.69
N ALA C 206 -11.44 -18.27 -2.39
CA ALA C 206 -10.58 -19.24 -1.73
C ALA C 206 -9.45 -18.48 -1.05
N GLY C 207 -8.97 -17.45 -1.73
CA GLY C 207 -7.89 -16.64 -1.23
C GLY C 207 -8.16 -15.96 0.11
N PHE C 208 -9.23 -15.18 0.17
CA PHE C 208 -9.48 -14.47 1.37
C PHE C 208 -9.97 -15.41 2.48
N LEU C 209 -10.74 -16.45 2.14
CA LEU C 209 -11.17 -17.41 3.18
C LEU C 209 -9.97 -18.07 3.84
N ALA C 210 -8.97 -18.45 3.04
CA ALA C 210 -7.75 -19.02 3.59
C ALA C 210 -6.96 -17.99 4.41
N GLY C 211 -6.92 -16.76 3.89
CA GLY C 211 -6.21 -15.65 4.48
C GLY C 211 -6.67 -15.28 5.86
N ILE C 212 -7.95 -15.40 6.13
CA ILE C 212 -8.49 -15.15 7.49
C ILE C 212 -8.47 -16.37 8.46
N GLY C 213 -7.82 -17.46 8.04
CA GLY C 213 -7.51 -18.57 8.92
C GLY C 213 -8.17 -19.91 8.63
N LEU C 214 -9.07 -20.01 7.65
CA LEU C 214 -9.86 -21.25 7.44
C LEU C 214 -9.15 -22.29 6.57
N ASP C 215 -9.58 -23.55 6.73
CA ASP C 215 -9.11 -24.72 5.95
C ASP C 215 -9.77 -24.88 4.54
N VAL C 216 -9.06 -24.41 3.52
CA VAL C 216 -9.65 -24.22 2.19
C VAL C 216 -9.10 -25.14 1.10
N THR C 217 -10.02 -25.70 0.33
CA THR C 217 -9.65 -26.52 -0.81
C THR C 217 -10.34 -26.02 -2.07
N VAL C 218 -9.58 -25.95 -3.15
CA VAL C 218 -10.16 -25.55 -4.44
C VAL C 218 -10.18 -26.75 -5.37
N MET C 219 -11.36 -27.03 -5.91
CA MET C 219 -11.57 -28.13 -6.87
C MET C 219 -11.60 -27.60 -8.31
N VAL C 220 -10.52 -27.92 -9.03
CA VAL C 220 -10.31 -27.43 -10.39
C VAL C 220 -10.76 -28.44 -11.46
N ARG C 221 -11.74 -28.07 -12.29
CA ARG C 221 -12.14 -28.94 -13.39
C ARG C 221 -10.99 -29.10 -14.41
N SER C 222 -10.63 -28.00 -15.08
CA SER C 222 -9.52 -28.03 -16.05
C SER C 222 -8.32 -27.17 -15.64
N ILE C 223 -8.17 -26.02 -16.28
CA ILE C 223 -7.10 -25.07 -16.03
C ILE C 223 -7.59 -23.98 -15.07
N LEU C 224 -6.66 -23.25 -14.44
CA LEU C 224 -6.99 -22.06 -13.64
C LEU C 224 -7.19 -20.83 -14.50
N LEU C 225 -8.19 -20.02 -14.17
CA LEU C 225 -8.42 -18.73 -14.83
C LEU C 225 -8.42 -18.80 -16.36
N ARG C 226 -9.26 -19.64 -16.91
CA ARG C 226 -9.47 -19.69 -18.34
C ARG C 226 -9.73 -18.31 -18.89
N GLY C 227 -8.93 -17.91 -19.88
CA GLY C 227 -9.08 -16.60 -20.50
C GLY C 227 -7.96 -15.63 -20.15
N PHE C 228 -7.38 -15.78 -18.98
CA PHE C 228 -6.26 -14.96 -18.56
C PHE C 228 -4.95 -15.66 -18.97
N ASP C 229 -3.89 -14.89 -19.17
CA ASP C 229 -2.56 -15.47 -19.44
C ASP C 229 -2.35 -16.70 -18.57
N GLN C 230 -2.20 -17.86 -19.19
CA GLN C 230 -2.11 -19.12 -18.44
C GLN C 230 -0.88 -19.29 -17.56
N ASP C 231 0.24 -18.67 -17.93
CA ASP C 231 1.45 -18.68 -17.09
C ASP C 231 1.25 -17.88 -15.79
N MET C 232 0.76 -16.65 -15.89
CA MET C 232 0.32 -15.89 -14.72
C MET C 232 -0.65 -16.71 -13.87
N ALA C 233 -1.71 -17.23 -14.47
CA ALA C 233 -2.65 -18.09 -13.78
C ALA C 233 -1.93 -19.17 -12.98
N ASN C 234 -0.97 -19.88 -13.58
CA ASN C 234 -0.28 -20.94 -12.85
C ASN C 234 0.54 -20.45 -11.71
N LYS C 235 1.20 -19.31 -11.90
CA LYS C 235 1.95 -18.67 -10.82
C LYS C 235 1.00 -18.31 -9.67
N ILE C 236 -0.15 -17.71 -9.99
CA ILE C 236 -1.18 -17.42 -8.99
C ILE C 236 -1.48 -18.70 -8.24
N GLY C 237 -1.71 -19.77 -8.99
CA GLY C 237 -1.96 -21.09 -8.43
C GLY C 237 -0.86 -21.57 -7.52
N GLU C 238 0.38 -21.55 -8.02
CA GLU C 238 1.53 -21.95 -7.22
C GLU C 238 1.65 -21.14 -5.95
N HIS C 239 1.38 -19.83 -6.05
CA HIS C 239 1.48 -18.96 -4.91
C HIS C 239 0.43 -19.36 -3.91
N MET C 240 -0.80 -19.53 -4.36
CA MET C 240 -1.89 -19.94 -3.47
C MET C 240 -1.62 -21.27 -2.77
N GLU C 241 -1.07 -22.24 -3.49
CA GLU C 241 -0.74 -23.51 -2.89
C GLU C 241 0.38 -23.42 -1.87
N GLU C 242 1.40 -22.63 -2.19
CA GLU C 242 2.53 -22.48 -1.27
C GLU C 242 2.12 -21.77 0.04
N HIS C 243 1.05 -20.97 -0.01
CA HIS C 243 0.60 -20.27 1.18
C HIS C 243 -0.67 -20.91 1.75
N GLY C 244 -0.67 -22.24 1.72
CA GLY C 244 -1.68 -23.09 2.37
C GLY C 244 -3.11 -23.22 1.82
N ILE C 245 -3.27 -23.21 0.50
CA ILE C 245 -4.57 -23.52 -0.08
C ILE C 245 -4.40 -24.87 -0.74
N LYS C 246 -5.38 -25.75 -0.53
CA LYS C 246 -5.31 -27.12 -1.05
C LYS C 246 -5.96 -27.19 -2.42
N PHE C 247 -5.29 -27.87 -3.34
CA PHE C 247 -5.80 -27.99 -4.70
C PHE C 247 -6.12 -29.45 -5.10
N ILE C 248 -7.33 -29.63 -5.62
CA ILE C 248 -7.78 -30.90 -6.16
C ILE C 248 -7.91 -30.69 -7.68
N ARG C 249 -6.93 -31.24 -8.41
CA ARG C 249 -6.81 -30.98 -9.84
C ARG C 249 -7.56 -32.02 -10.67
N GLN C 250 -8.28 -31.58 -11.68
CA GLN C 250 -9.07 -32.46 -12.55
C GLN C 250 -10.07 -33.34 -11.78
N PHE C 251 -11.10 -32.69 -11.22
CA PHE C 251 -12.25 -33.36 -10.56
C PHE C 251 -13.48 -32.46 -10.62
N VAL C 252 -14.66 -33.04 -10.82
CA VAL C 252 -15.92 -32.31 -10.72
C VAL C 252 -16.76 -33.01 -9.63
N PRO C 253 -17.45 -32.22 -8.79
CA PRO C 253 -18.34 -32.88 -7.85
C PRO C 253 -19.58 -33.47 -8.58
N THR C 254 -20.06 -34.57 -8.03
CA THR C 254 -21.20 -35.30 -8.61
C THR C 254 -22.42 -35.14 -7.72
N LYS C 255 -22.17 -35.07 -6.41
CA LYS C 255 -23.25 -34.91 -5.41
C LYS C 255 -22.77 -34.28 -4.10
N ILE C 256 -23.69 -33.50 -3.49
CA ILE C 256 -23.48 -32.87 -2.17
C ILE C 256 -24.62 -33.29 -1.26
N GLU C 257 -24.27 -33.95 -0.16
CA GLU C 257 -25.29 -34.50 0.76
C GLU C 257 -25.08 -34.04 2.19
N GLN C 258 -26.15 -33.49 2.80
CA GLN C 258 -26.09 -33.04 4.20
C GLN C 258 -25.82 -34.18 5.20
N ILE C 259 -24.66 -34.15 5.84
CA ILE C 259 -24.36 -35.07 6.94
C ILE C 259 -24.83 -34.50 8.28
N GLU C 260 -25.23 -33.23 8.27
CA GLU C 260 -25.85 -32.61 9.44
C GLU C 260 -26.53 -31.30 9.07
N ALA C 261 -27.28 -30.75 10.01
CA ALA C 261 -27.46 -29.31 10.10
C ALA C 261 -26.78 -28.74 11.34
N GLY C 262 -26.78 -27.42 11.46
CA GLY C 262 -25.56 -26.65 11.32
C GLY C 262 -25.44 -25.22 10.89
N THR C 263 -24.87 -24.39 11.76
CA THR C 263 -24.39 -23.06 11.34
C THR C 263 -22.91 -22.92 11.80
N PRO C 264 -21.96 -23.47 11.02
CA PRO C 264 -22.14 -24.16 9.74
C PRO C 264 -22.54 -25.63 9.95
N GLY C 265 -23.09 -26.22 8.88
CA GLY C 265 -23.46 -27.65 8.86
C GLY C 265 -22.26 -28.56 8.82
N ARG C 266 -22.45 -29.70 8.19
CA ARG C 266 -21.37 -30.63 7.84
C ARG C 266 -21.87 -31.31 6.59
N LEU C 267 -21.13 -31.20 5.50
CA LEU C 267 -21.61 -31.68 4.21
C LEU C 267 -20.60 -32.68 3.64
N LYS C 268 -21.07 -33.59 2.76
CA LYS C 268 -20.19 -34.58 2.13
C LYS C 268 -20.17 -34.43 0.61
N VAL C 269 -18.98 -34.11 0.09
CA VAL C 269 -18.81 -33.90 -1.34
C VAL C 269 -18.12 -35.11 -1.97
N THR C 270 -18.79 -35.62 -3.00
CA THR C 270 -18.32 -36.77 -3.76
C THR C 270 -18.05 -36.22 -5.17
N ALA C 271 -16.83 -36.48 -5.64
CA ALA C 271 -16.40 -35.96 -6.94
C ALA C 271 -15.73 -37.03 -7.81
N LYS C 272 -16.08 -36.98 -9.11
CA LYS C 272 -15.54 -37.87 -10.14
C LYS C 272 -14.36 -37.20 -10.84
N SER C 273 -13.46 -37.98 -11.42
CA SER C 273 -12.36 -37.44 -12.24
C SER C 273 -12.80 -36.89 -13.62
N THR C 274 -11.95 -36.04 -14.19
CA THR C 274 -12.18 -35.38 -15.50
C THR C 274 -11.99 -36.41 -16.63
N ASN C 275 -11.19 -37.44 -16.34
CA ASN C 275 -10.76 -38.42 -17.35
C ASN C 275 -10.75 -39.89 -16.86
N SER C 276 -10.14 -40.15 -15.71
CA SER C 276 -10.21 -41.48 -15.10
C SER C 276 -11.62 -41.79 -14.54
N GLU C 277 -11.75 -42.97 -13.95
CA GLU C 277 -13.03 -43.42 -13.42
C GLU C 277 -13.17 -43.12 -11.91
N GLU C 278 -12.03 -43.03 -11.23
CA GLU C 278 -11.87 -42.73 -9.80
C GLU C 278 -12.88 -41.77 -9.12
N THR C 279 -13.01 -41.99 -7.80
CA THR C 279 -13.95 -41.25 -6.99
C THR C 279 -13.30 -40.80 -5.66
N ILE C 280 -13.54 -39.55 -5.27
CA ILE C 280 -13.11 -39.10 -3.92
C ILE C 280 -14.27 -38.57 -3.07
N GLU C 281 -14.09 -38.74 -1.77
CA GLU C 281 -14.99 -38.21 -0.75
C GLU C 281 -14.22 -37.48 0.30
N ASP C 282 -14.65 -36.24 0.54
CA ASP C 282 -14.33 -35.54 1.79
C ASP C 282 -15.57 -34.86 2.37
N GLU C 283 -15.41 -34.29 3.56
CA GLU C 283 -16.46 -33.51 4.20
C GLU C 283 -16.00 -32.13 4.67
N PHE C 284 -16.81 -31.14 4.32
CA PHE C 284 -16.52 -29.73 4.57
C PHE C 284 -17.62 -29.09 5.42
N ASN C 285 -17.41 -27.88 5.90
CA ASN C 285 -18.51 -27.12 6.53
C ASN C 285 -19.31 -26.29 5.51
N THR C 286 -18.64 -25.82 4.47
CA THR C 286 -19.30 -24.99 3.50
C THR C 286 -18.81 -25.38 2.12
N VAL C 287 -19.69 -25.38 1.13
CA VAL C 287 -19.22 -25.60 -0.21
C VAL C 287 -19.58 -24.36 -1.00
N LEU C 288 -18.52 -23.74 -1.55
CA LEU C 288 -18.71 -22.56 -2.33
C LEU C 288 -18.67 -22.93 -3.80
N LEU C 289 -19.81 -22.67 -4.45
CA LEU C 289 -19.95 -22.91 -5.87
C LEU C 289 -19.74 -21.63 -6.64
N ALA C 290 -18.58 -21.52 -7.28
CA ALA C 290 -18.27 -20.36 -8.11
C ALA C 290 -17.93 -20.92 -9.47
N VAL C 291 -18.98 -21.15 -10.24
CA VAL C 291 -18.87 -21.87 -11.50
C VAL C 291 -19.66 -21.16 -12.57
N GLY C 292 -19.39 -19.87 -12.75
CA GLY C 292 -20.02 -19.07 -13.81
C GLY C 292 -21.30 -18.39 -13.41
N ARG C 293 -21.81 -17.54 -14.30
CA ARG C 293 -23.08 -16.82 -14.03
C ARG C 293 -23.88 -16.64 -15.31
N ASP C 294 -25.20 -16.93 -15.23
CA ASP C 294 -26.13 -16.74 -16.38
C ASP C 294 -26.79 -15.38 -16.35
N SER C 295 -26.94 -14.76 -17.51
CA SER C 295 -27.63 -13.50 -17.62
C SER C 295 -29.10 -13.61 -17.24
N CYS C 296 -29.64 -12.53 -16.67
CA CYS C 296 -31.06 -12.41 -16.36
C CYS C 296 -31.67 -11.73 -17.57
N THR C 297 -31.74 -12.48 -18.66
CA THR C 297 -32.31 -11.99 -19.93
C THR C 297 -33.51 -12.85 -20.31
N ARG C 298 -33.52 -14.07 -19.77
CA ARG C 298 -34.62 -15.01 -19.96
C ARG C 298 -35.97 -14.40 -19.60
N THR C 299 -36.23 -14.19 -18.32
CA THR C 299 -37.58 -13.93 -17.84
C THR C 299 -37.87 -12.45 -17.65
N ILE C 300 -37.45 -11.66 -18.63
CA ILE C 300 -37.81 -10.25 -18.64
C ILE C 300 -38.76 -9.95 -19.77
N GLY C 301 -39.39 -11.00 -20.30
CA GLY C 301 -40.39 -10.85 -21.35
C GLY C 301 -39.88 -10.14 -22.59
N LEU C 302 -38.69 -10.54 -23.02
CA LEU C 302 -38.10 -9.94 -24.20
C LEU C 302 -38.87 -10.31 -25.50
N GLU C 303 -39.48 -11.51 -25.51
CA GLU C 303 -40.34 -11.94 -26.64
C GLU C 303 -41.32 -10.83 -26.97
N THR C 304 -42.10 -10.40 -25.98
CA THR C 304 -43.16 -9.38 -26.15
C THR C 304 -42.75 -8.01 -26.79
N VAL C 305 -41.45 -7.81 -27.02
CA VAL C 305 -40.96 -6.62 -27.74
C VAL C 305 -39.94 -7.01 -28.81
N GLY C 306 -39.68 -8.32 -28.89
CA GLY C 306 -38.84 -8.90 -29.93
C GLY C 306 -37.38 -8.49 -29.91
N VAL C 307 -36.80 -8.43 -28.72
CA VAL C 307 -35.37 -8.22 -28.59
C VAL C 307 -34.68 -9.58 -28.88
N LYS C 308 -33.76 -9.58 -29.83
CA LYS C 308 -33.01 -10.80 -30.10
C LYS C 308 -31.89 -11.01 -29.07
N ILE C 309 -31.85 -12.21 -28.52
CA ILE C 309 -30.79 -12.63 -27.63
C ILE C 309 -30.13 -13.90 -28.12
N ASN C 310 -28.83 -14.01 -27.88
CA ASN C 310 -28.13 -15.26 -28.11
C ASN C 310 -28.80 -16.36 -27.28
N GLU C 311 -29.44 -17.31 -27.94
CA GLU C 311 -30.17 -18.38 -27.25
C GLU C 311 -29.28 -19.32 -26.47
N LYS C 312 -28.14 -19.67 -27.06
CA LYS C 312 -27.18 -20.57 -26.44
C LYS C 312 -26.58 -19.98 -25.15
N THR C 313 -26.04 -18.74 -25.20
CA THR C 313 -25.36 -18.11 -24.03
C THR C 313 -26.29 -17.30 -23.12
N GLY C 314 -27.19 -16.54 -23.73
CA GLY C 314 -28.14 -15.69 -22.98
C GLY C 314 -27.78 -14.23 -23.09
N LYS C 315 -26.70 -13.94 -23.83
CA LYS C 315 -26.24 -12.58 -23.97
C LYS C 315 -27.10 -11.79 -24.97
N ILE C 316 -27.12 -10.48 -24.84
CA ILE C 316 -27.79 -9.62 -25.81
C ILE C 316 -26.76 -9.00 -26.75
N PRO C 317 -26.70 -9.49 -28.01
CA PRO C 317 -25.89 -8.80 -29.03
C PRO C 317 -26.38 -7.36 -29.23
N VAL C 318 -25.48 -6.48 -29.63
CA VAL C 318 -25.73 -5.08 -29.43
C VAL C 318 -24.80 -4.26 -30.34
N THR C 319 -25.30 -3.14 -30.85
CA THR C 319 -24.50 -2.31 -31.73
C THR C 319 -23.36 -1.67 -30.97
N ASP C 320 -22.38 -1.13 -31.67
CA ASP C 320 -21.28 -0.44 -31.01
C ASP C 320 -21.77 0.81 -30.23
N GLU C 321 -23.10 1.01 -30.22
CA GLU C 321 -23.78 2.06 -29.43
C GLU C 321 -24.69 1.51 -28.31
N GLU C 322 -24.47 0.23 -27.97
CA GLU C 322 -25.20 -0.49 -26.92
C GLU C 322 -26.70 -0.64 -27.20
N GLN C 323 -27.03 -0.57 -28.50
CA GLN C 323 -28.40 -0.72 -29.02
C GLN C 323 -28.67 -2.18 -29.33
N THR C 324 -29.79 -2.69 -28.84
CA THR C 324 -30.30 -3.99 -29.27
C THR C 324 -30.91 -3.89 -30.68
N ASN C 325 -31.30 -5.05 -31.23
CA ASN C 325 -31.93 -5.07 -32.56
C ASN C 325 -33.19 -4.21 -32.61
N VAL C 326 -33.90 -4.13 -31.50
CA VAL C 326 -35.03 -3.21 -31.37
C VAL C 326 -34.56 -1.75 -31.06
N PRO C 327 -34.73 -0.81 -32.01
CA PRO C 327 -34.16 0.58 -31.97
C PRO C 327 -34.41 1.50 -30.73
N TYR C 328 -35.44 1.24 -29.93
CA TYR C 328 -35.69 2.04 -28.73
C TYR C 328 -35.17 1.32 -27.47
N ILE C 329 -34.73 0.08 -27.60
CA ILE C 329 -34.23 -0.70 -26.46
C ILE C 329 -32.70 -0.85 -26.41
N TYR C 330 -32.11 -0.61 -25.24
CA TYR C 330 -30.67 -0.67 -25.11
C TYR C 330 -30.26 -1.66 -24.05
N ALA C 331 -29.00 -2.10 -24.16
CA ALA C 331 -28.44 -3.04 -23.20
C ALA C 331 -27.04 -2.59 -22.77
N ILE C 332 -26.73 -2.82 -21.49
CA ILE C 332 -25.58 -2.24 -20.83
C ILE C 332 -24.94 -3.31 -19.95
N GLY C 333 -23.61 -3.31 -19.88
CA GLY C 333 -22.95 -4.09 -18.85
C GLY C 333 -22.75 -5.57 -19.08
N ASP C 334 -23.06 -6.38 -18.08
CA ASP C 334 -22.66 -7.79 -18.08
C ASP C 334 -23.41 -8.60 -19.11
N ILE C 335 -24.69 -8.25 -19.31
CA ILE C 335 -25.59 -9.00 -20.21
C ILE C 335 -25.20 -8.89 -21.70
N LEU C 336 -24.36 -7.91 -22.05
CA LEU C 336 -23.87 -7.77 -23.42
C LEU C 336 -23.00 -8.95 -23.86
N GLU C 337 -23.02 -9.21 -25.17
CA GLU C 337 -22.29 -10.33 -25.79
C GLU C 337 -20.90 -9.90 -26.25
N GLY C 338 -19.92 -10.75 -25.93
CA GLY C 338 -18.51 -10.51 -26.20
C GLY C 338 -18.01 -9.17 -25.67
N LYS C 339 -18.35 -8.85 -24.42
CA LYS C 339 -17.78 -7.69 -23.76
C LYS C 339 -17.17 -8.12 -22.46
N LEU C 340 -16.61 -7.16 -21.75
CA LEU C 340 -16.06 -7.46 -20.47
C LEU C 340 -17.14 -7.29 -19.46
N GLU C 341 -17.23 -8.24 -18.54
CA GLU C 341 -18.17 -8.18 -17.41
C GLU C 341 -17.48 -7.61 -16.15
N LEU C 342 -17.23 -6.29 -16.21
CA LEU C 342 -16.55 -5.51 -15.18
C LEU C 342 -17.34 -4.21 -14.95
N THR C 343 -17.36 -3.79 -13.67
CA THR C 343 -18.15 -2.64 -13.20
C THR C 343 -17.83 -1.30 -13.86
N PRO C 344 -16.53 -0.91 -13.91
CA PRO C 344 -16.24 0.39 -14.53
C PRO C 344 -16.66 0.44 -15.99
N VAL C 345 -16.57 -0.71 -16.69
CA VAL C 345 -17.10 -0.87 -18.06
C VAL C 345 -18.57 -0.44 -18.09
N ALA C 346 -19.41 -1.20 -17.37
CA ALA C 346 -20.85 -0.89 -17.25
C ALA C 346 -21.11 0.58 -16.91
N ILE C 347 -20.43 1.10 -15.89
CA ILE C 347 -20.56 2.52 -15.56
C ILE C 347 -20.27 3.38 -16.79
N GLN C 348 -19.15 3.10 -17.45
CA GLN C 348 -18.70 3.92 -18.57
C GLN C 348 -19.72 3.81 -19.70
N ALA C 349 -20.01 2.57 -20.08
CA ALA C 349 -20.99 2.29 -21.14
C ALA C 349 -22.29 3.10 -20.88
N GLY C 350 -22.92 2.81 -19.73
CA GLY C 350 -24.13 3.48 -19.29
C GLY C 350 -24.04 5.00 -19.29
N ARG C 351 -22.97 5.54 -18.72
CA ARG C 351 -22.82 6.98 -18.61
C ARG C 351 -22.74 7.58 -20.01
N LEU C 352 -21.94 6.95 -20.87
CA LEU C 352 -21.72 7.46 -22.23
C LEU C 352 -22.94 7.28 -23.16
N LEU C 353 -23.71 6.22 -22.89
CA LEU C 353 -24.99 6.02 -23.61
C LEU C 353 -25.94 7.19 -23.38
N ALA C 354 -26.06 7.62 -22.13
CA ALA C 354 -26.91 8.72 -21.77
C ALA C 354 -26.44 10.01 -22.45
N GLN C 355 -25.12 10.15 -22.62
CA GLN C 355 -24.53 11.31 -23.28
C GLN C 355 -25.02 11.39 -24.70
N ARG C 356 -24.94 10.26 -25.41
CA ARG C 356 -25.35 10.18 -26.82
C ARG C 356 -26.84 10.49 -26.95
N LEU C 357 -27.70 9.77 -26.20
CA LEU C 357 -29.15 9.95 -26.29
C LEU C 357 -29.63 11.39 -26.03
N TYR C 358 -29.20 12.01 -24.93
CA TYR C 358 -29.82 13.28 -24.52
C TYR C 358 -28.88 14.47 -24.51
N GLY C 359 -27.61 14.24 -24.85
CA GLY C 359 -26.59 15.30 -24.80
C GLY C 359 -25.87 15.47 -26.13
N GLY C 360 -26.23 14.61 -27.08
CA GLY C 360 -25.67 14.67 -28.43
C GLY C 360 -24.16 14.53 -28.49
N SER C 361 -23.59 13.70 -27.60
CA SER C 361 -22.16 13.35 -27.70
C SER C 361 -22.08 12.24 -28.73
N THR C 362 -21.06 12.26 -29.58
CA THR C 362 -20.83 11.13 -30.51
C THR C 362 -19.85 10.08 -29.97
N VAL C 363 -19.42 10.27 -28.72
CA VAL C 363 -18.40 9.43 -28.09
C VAL C 363 -18.94 8.05 -27.75
N LYS C 364 -18.32 7.04 -28.36
CA LYS C 364 -18.69 5.64 -28.14
C LYS C 364 -17.93 5.11 -26.94
N CYS C 365 -18.21 3.86 -26.58
CA CYS C 365 -17.58 3.24 -25.45
C CYS C 365 -16.39 2.38 -25.88
N ASP C 366 -15.19 2.64 -25.37
CA ASP C 366 -14.05 1.89 -25.83
C ASP C 366 -13.85 0.61 -25.05
N TYR C 367 -14.16 -0.52 -25.66
CA TYR C 367 -14.00 -1.81 -25.00
C TYR C 367 -12.61 -2.44 -25.16
N ASP C 368 -11.71 -1.73 -25.82
CA ASP C 368 -10.39 -2.28 -26.13
C ASP C 368 -9.37 -2.01 -25.05
N ASN C 369 -8.70 -3.08 -24.60
CA ASN C 369 -7.64 -2.98 -23.56
C ASN C 369 -8.12 -2.46 -22.20
N VAL C 370 -9.27 -2.96 -21.77
CA VAL C 370 -9.82 -2.60 -20.48
C VAL C 370 -9.00 -3.39 -19.47
N PRO C 371 -8.37 -2.69 -18.51
CA PRO C 371 -7.55 -3.33 -17.48
C PRO C 371 -8.44 -4.09 -16.50
N THR C 372 -7.94 -5.15 -15.93
CA THR C 372 -8.70 -5.91 -14.95
C THR C 372 -7.75 -6.29 -13.81
N THR C 373 -8.27 -6.64 -12.64
CA THR C 373 -7.40 -7.17 -11.60
C THR C 373 -8.01 -8.32 -10.81
N VAL C 374 -7.34 -9.45 -10.81
CA VAL C 374 -7.78 -10.58 -10.03
C VAL C 374 -7.19 -10.37 -8.67
N PHE C 375 -8.02 -10.39 -7.65
CA PHE C 375 -7.55 -10.05 -6.32
C PHE C 375 -7.21 -11.27 -5.50
N THR C 376 -6.51 -12.20 -6.11
CA THR C 376 -5.98 -13.34 -5.39
C THR C 376 -5.01 -12.88 -4.31
N PRO C 377 -4.73 -13.72 -3.30
CA PRO C 377 -3.79 -13.32 -2.26
C PRO C 377 -2.61 -12.54 -2.82
N LEU C 378 -1.80 -13.14 -3.69
CA LEU C 378 -0.91 -12.31 -4.44
C LEU C 378 -1.71 -11.79 -5.61
N GLU C 379 -1.99 -10.49 -5.63
CA GLU C 379 -2.88 -9.89 -6.61
C GLU C 379 -2.30 -9.97 -8.01
N TYR C 380 -3.17 -10.11 -9.01
CA TYR C 380 -2.74 -10.11 -10.37
C TYR C 380 -3.51 -9.07 -11.17
N GLY C 381 -2.80 -8.04 -11.64
CA GLY C 381 -3.36 -7.01 -12.52
C GLY C 381 -2.77 -7.16 -13.90
N CYS C 382 -3.52 -6.76 -14.92
CA CYS C 382 -3.11 -6.96 -16.31
C CYS C 382 -3.99 -6.20 -17.26
N CYS C 383 -3.43 -5.86 -18.41
CA CYS C 383 -4.11 -5.06 -19.39
C CYS C 383 -3.53 -5.29 -20.77
N GLY C 384 -4.40 -5.54 -21.75
CA GLY C 384 -3.98 -5.83 -23.12
C GLY C 384 -4.08 -7.30 -23.42
N LEU C 385 -3.25 -7.80 -24.30
CA LEU C 385 -3.34 -9.19 -24.72
C LEU C 385 -2.49 -10.09 -23.84
N SER C 386 -2.91 -11.35 -23.66
CA SER C 386 -2.05 -12.35 -23.02
C SER C 386 -0.94 -12.82 -23.97
N GLU C 387 0.04 -13.56 -23.45
CA GLU C 387 1.19 -14.02 -24.26
C GLU C 387 0.75 -14.93 -25.43
N GLU C 388 -0.04 -15.96 -25.09
CA GLU C 388 -0.59 -16.83 -26.10
C GLU C 388 -1.42 -16.06 -27.14
N LYS C 389 -2.26 -15.14 -26.69
CA LYS C 389 -3.10 -14.36 -27.62
C LYS C 389 -2.38 -13.33 -28.47
N ALA C 390 -1.21 -12.86 -28.02
CA ALA C 390 -0.44 -11.96 -28.86
C ALA C 390 0.34 -12.76 -29.87
N VAL C 391 0.79 -13.95 -29.46
CA VAL C 391 1.39 -14.92 -30.38
C VAL C 391 0.37 -15.23 -31.46
N GLU C 392 -0.78 -15.77 -31.06
CA GLU C 392 -1.85 -16.04 -31.98
C GLU C 392 -2.14 -14.84 -32.84
N LYS C 393 -2.52 -13.71 -32.26
CA LYS C 393 -2.87 -12.56 -33.09
C LYS C 393 -1.74 -12.02 -33.98
N PHE C 394 -0.52 -11.96 -33.47
CA PHE C 394 0.55 -11.26 -34.16
C PHE C 394 1.67 -12.12 -34.71
N GLY C 395 1.60 -13.42 -34.48
CA GLY C 395 2.63 -14.33 -34.99
C GLY C 395 3.79 -14.55 -34.06
N GLU C 396 3.98 -15.80 -33.64
CA GLU C 396 5.04 -16.21 -32.72
C GLU C 396 6.30 -15.34 -32.72
N GLU C 397 7.19 -15.46 -33.71
CA GLU C 397 8.49 -14.76 -33.59
C GLU C 397 8.42 -13.24 -33.90
N ASN C 398 7.22 -12.71 -34.03
CA ASN C 398 7.01 -11.26 -34.04
C ASN C 398 6.75 -10.67 -32.66
N ILE C 399 6.60 -11.55 -31.69
CA ILE C 399 6.42 -11.15 -30.30
C ILE C 399 7.74 -11.21 -29.56
N GLU C 400 8.04 -10.14 -28.84
CA GLU C 400 9.13 -10.09 -27.87
C GLU C 400 8.55 -9.83 -26.48
N VAL C 401 9.01 -10.60 -25.49
CA VAL C 401 8.50 -10.50 -24.13
C VAL C 401 9.63 -10.14 -23.19
N TYR C 402 9.56 -8.93 -22.62
CA TYR C 402 10.47 -8.55 -21.56
C TYR C 402 9.79 -8.88 -20.27
N HIS C 403 10.49 -9.56 -19.37
CA HIS C 403 9.90 -10.03 -18.11
C HIS C 403 10.93 -10.15 -16.97
N SER C 404 10.45 -10.18 -15.73
CA SER C 404 11.35 -10.21 -14.58
C SER C 404 10.62 -10.46 -13.22
N PHE C 405 11.29 -11.16 -12.29
CA PHE C 405 10.80 -11.30 -10.90
C PHE C 405 11.19 -10.09 -10.08
N PHE C 406 10.48 -9.80 -8.98
CA PHE C 406 10.84 -8.70 -8.07
C PHE C 406 10.44 -8.97 -6.64
N TRP C 407 11.02 -8.23 -5.74
CA TRP C 407 10.79 -8.42 -4.33
C TRP C 407 10.37 -7.08 -3.73
N PRO C 408 9.10 -6.93 -3.35
CA PRO C 408 8.70 -5.69 -2.73
C PRO C 408 9.57 -5.38 -1.50
N LEU C 409 10.14 -4.19 -1.44
CA LEU C 409 10.97 -3.82 -0.31
C LEU C 409 10.27 -4.17 0.98
N GLU C 410 8.96 -3.93 1.01
CA GLU C 410 8.10 -4.24 2.16
C GLU C 410 8.19 -5.65 2.73
N TRP C 411 8.82 -6.57 2.01
CA TRP C 411 8.83 -7.97 2.40
C TRP C 411 10.20 -8.35 2.87
N THR C 412 11.20 -7.52 2.60
CA THR C 412 12.58 -7.88 2.95
C THR C 412 12.73 -8.09 4.46
N VAL C 413 12.22 -7.14 5.22
CA VAL C 413 12.33 -7.15 6.68
C VAL C 413 11.55 -8.30 7.31
N PRO C 414 10.30 -8.55 6.85
CA PRO C 414 9.60 -9.75 7.28
C PRO C 414 10.30 -10.97 6.75
N SER C 415 11.20 -10.76 5.81
CA SER C 415 12.03 -11.86 5.27
C SER C 415 11.22 -13.00 4.72
N ARG C 416 10.43 -12.73 3.70
CA ARG C 416 9.51 -13.73 3.10
C ARG C 416 9.33 -13.47 1.63
N ASP C 417 9.04 -14.54 0.90
CA ASP C 417 8.47 -14.45 -0.43
C ASP C 417 9.29 -13.67 -1.46
N ASN C 418 10.60 -13.85 -1.41
CA ASN C 418 11.45 -13.37 -2.49
C ASN C 418 11.12 -14.10 -3.79
N ASN C 419 11.30 -13.42 -4.92
CA ASN C 419 11.13 -14.09 -6.22
C ASN C 419 9.78 -14.77 -6.42
N LYS C 420 8.71 -14.12 -5.99
CA LYS C 420 7.37 -14.63 -6.23
C LYS C 420 6.71 -13.64 -7.14
N CYS C 421 6.93 -12.36 -6.89
CA CYS C 421 6.29 -11.29 -7.68
C CYS C 421 6.93 -11.25 -9.06
N TYR C 422 6.12 -11.04 -10.10
CA TYR C 422 6.59 -11.18 -11.46
C TYR C 422 5.91 -10.19 -12.40
N ALA C 423 6.69 -9.51 -13.23
CA ALA C 423 6.17 -8.55 -14.19
C ALA C 423 6.60 -8.94 -15.58
N LYS C 424 5.77 -8.64 -16.58
CA LYS C 424 6.13 -8.81 -17.99
C LYS C 424 5.35 -7.86 -18.88
N VAL C 425 6.03 -7.34 -19.90
CA VAL C 425 5.36 -6.64 -20.97
C VAL C 425 5.48 -7.45 -22.25
N ILE C 426 4.45 -7.42 -23.10
CA ILE C 426 4.41 -8.16 -24.37
C ILE C 426 4.44 -7.17 -25.50
N CYS C 427 5.46 -7.29 -26.34
CA CYS C 427 5.72 -6.33 -27.37
C CYS C 427 5.63 -6.89 -28.78
N ASN C 428 5.14 -6.05 -29.68
CA ASN C 428 4.95 -6.40 -31.08
C ASN C 428 6.08 -5.85 -31.92
N LEU C 429 6.95 -6.76 -32.37
CA LEU C 429 8.16 -6.37 -33.11
C LEU C 429 7.81 -5.69 -34.42
N LYS C 430 6.74 -6.15 -35.06
CA LYS C 430 6.22 -5.53 -36.30
C LYS C 430 5.59 -4.14 -36.10
N ASP C 431 5.83 -3.50 -34.96
CA ASP C 431 5.04 -2.33 -34.59
C ASP C 431 5.80 -1.32 -33.71
N ASN C 432 7.12 -1.33 -33.74
CA ASN C 432 7.93 -0.51 -32.80
C ASN C 432 7.88 -1.01 -31.36
N GLU C 433 7.65 -2.31 -31.20
CA GLU C 433 7.49 -2.94 -29.89
C GLU C 433 6.40 -2.21 -29.10
N ARG C 434 5.21 -2.13 -29.71
CA ARG C 434 4.02 -1.72 -29.00
C ARG C 434 3.86 -2.69 -27.82
N VAL C 435 3.62 -2.15 -26.64
CA VAL C 435 3.30 -2.97 -25.49
C VAL C 435 1.82 -3.28 -25.66
N VAL C 436 1.53 -4.42 -26.28
CA VAL C 436 0.16 -4.83 -26.55
C VAL C 436 -0.32 -5.75 -25.43
N GLY C 437 0.55 -5.94 -24.43
CA GLY C 437 0.28 -6.83 -23.32
C GLY C 437 1.04 -6.37 -22.08
N PHE C 438 0.39 -6.41 -20.92
CA PHE C 438 0.93 -5.91 -19.65
C PHE C 438 0.49 -6.81 -18.50
N HIS C 439 1.42 -7.25 -17.67
CA HIS C 439 1.08 -8.17 -16.60
C HIS C 439 1.97 -8.01 -15.39
N VAL C 440 1.35 -8.05 -14.22
CA VAL C 440 2.04 -7.93 -12.96
C VAL C 440 1.39 -8.78 -11.89
N LEU C 441 2.20 -9.61 -11.25
CA LEU C 441 1.79 -10.35 -10.10
C LEU C 441 2.59 -9.83 -8.92
N GLY C 442 1.91 -9.09 -8.04
CA GLY C 442 2.54 -8.44 -6.88
C GLY C 442 1.51 -7.68 -6.06
N PRO C 443 1.96 -7.03 -4.98
CA PRO C 443 1.02 -6.33 -4.14
C PRO C 443 0.48 -5.10 -4.84
N ASN C 444 -0.72 -4.67 -4.47
CA ASN C 444 -1.35 -3.46 -5.03
C ASN C 444 -1.37 -3.46 -6.55
N ALA C 445 -1.56 -4.65 -7.11
CA ALA C 445 -1.54 -4.85 -8.55
C ALA C 445 -2.43 -3.86 -9.25
N GLY C 446 -3.56 -3.55 -8.64
CA GLY C 446 -4.55 -2.71 -9.26
C GLY C 446 -4.03 -1.32 -9.44
N GLU C 447 -3.37 -0.79 -8.42
CA GLU C 447 -2.88 0.58 -8.48
C GLU C 447 -1.77 0.68 -9.52
N VAL C 448 -0.94 -0.36 -9.58
CA VAL C 448 0.19 -0.42 -10.50
C VAL C 448 -0.31 -0.36 -11.93
N THR C 449 -1.33 -1.18 -12.25
CA THR C 449 -1.82 -1.34 -13.60
C THR C 449 -2.50 -0.09 -14.16
N GLN C 450 -3.37 0.53 -13.40
CA GLN C 450 -4.17 1.60 -13.94
C GLN C 450 -3.43 2.53 -14.87
N GLY C 451 -2.41 3.18 -14.37
CA GLY C 451 -1.62 4.11 -15.17
C GLY C 451 -1.11 3.56 -16.48
N PHE C 452 -0.60 2.32 -16.44
CA PHE C 452 -0.13 1.66 -17.65
C PHE C 452 -1.26 1.39 -18.64
N ALA C 453 -2.46 1.14 -18.13
CA ALA C 453 -3.62 1.03 -19.02
C ALA C 453 -3.79 2.34 -19.78
N ALA C 454 -3.74 3.46 -19.08
CA ALA C 454 -3.77 4.73 -19.75
C ALA C 454 -2.62 4.84 -20.73
N ALA C 455 -1.46 4.33 -20.36
CA ALA C 455 -0.29 4.39 -21.22
C ALA C 455 -0.50 3.53 -22.47
N LEU C 456 -1.24 2.44 -22.34
CA LEU C 456 -1.56 1.58 -23.48
C LEU C 456 -2.50 2.30 -24.43
N LYS C 457 -3.53 2.94 -23.91
CA LYS C 457 -4.41 3.79 -24.74
C LYS C 457 -3.66 4.85 -25.54
N CYS C 458 -2.45 5.19 -25.13
CA CYS C 458 -1.62 6.14 -25.87
C CYS C 458 -0.66 5.43 -26.82
N GLY C 459 -0.85 4.12 -27.00
CA GLY C 459 0.00 3.27 -27.83
C GLY C 459 1.45 3.19 -27.35
N LEU C 460 1.64 2.91 -26.08
CA LEU C 460 2.96 2.93 -25.50
C LEU C 460 3.85 1.90 -26.21
N THR C 461 5.05 2.34 -26.54
CA THR C 461 6.13 1.49 -27.06
C THR C 461 7.19 1.17 -26.01
N LYS C 462 7.84 0.02 -26.14
CA LYS C 462 8.86 -0.41 -25.18
C LYS C 462 9.97 0.60 -25.03
N GLN C 463 10.31 1.31 -26.10
CA GLN C 463 11.39 2.30 -25.99
C GLN C 463 10.96 3.57 -25.30
N GLN C 464 9.66 3.89 -25.34
CA GLN C 464 9.07 4.94 -24.50
C GLN C 464 9.03 4.51 -23.03
N LEU C 465 8.66 3.25 -22.80
CA LEU C 465 8.60 2.71 -21.45
C LEU C 465 9.96 2.82 -20.85
N ASP C 466 11.00 2.48 -21.60
CA ASP C 466 12.37 2.51 -21.12
C ASP C 466 12.83 3.91 -20.76
N SER C 467 12.45 4.90 -21.57
CA SER C 467 12.82 6.29 -21.36
C SER C 467 12.12 6.92 -20.13
N THR C 468 11.07 6.26 -19.62
CA THR C 468 10.37 6.69 -18.41
C THR C 468 11.15 6.26 -17.18
N ILE C 469 11.39 7.20 -16.27
CA ILE C 469 12.20 6.89 -15.09
C ILE C 469 11.35 6.22 -14.02
N GLY C 470 11.93 5.32 -13.24
CA GLY C 470 11.18 4.63 -12.20
C GLY C 470 10.92 5.50 -10.98
N ILE C 471 10.00 5.07 -10.12
CA ILE C 471 9.88 5.62 -8.76
C ILE C 471 10.42 4.59 -7.76
N HIS C 472 11.33 5.00 -6.88
CA HIS C 472 12.01 4.05 -6.01
C HIS C 472 11.75 4.45 -4.56
N PRO C 473 11.61 3.48 -3.65
CA PRO C 473 11.42 2.10 -3.95
C PRO C 473 9.95 1.87 -4.05
N VAL C 474 9.51 1.28 -5.15
CA VAL C 474 8.10 1.08 -5.46
C VAL C 474 8.03 -0.13 -6.39
N CYS C 475 7.01 -0.95 -6.25
CA CYS C 475 6.89 -2.17 -7.04
C CYS C 475 6.84 -1.88 -8.53
N ALA C 476 6.06 -0.88 -8.90
CA ALA C 476 5.79 -0.57 -10.30
C ALA C 476 7.01 -0.17 -11.11
N GLU C 477 8.05 0.31 -10.44
CA GLU C 477 9.24 0.76 -11.13
C GLU C 477 9.91 -0.35 -11.91
N ILE C 478 9.73 -1.61 -11.50
CA ILE C 478 10.21 -2.75 -12.26
C ILE C 478 9.94 -2.62 -13.78
N PHE C 479 8.78 -2.10 -14.15
CA PHE C 479 8.43 -1.92 -15.54
C PHE C 479 9.29 -0.93 -16.31
N THR C 480 9.98 -0.02 -15.62
CA THR C 480 10.83 0.94 -16.32
C THR C 480 12.18 0.37 -16.73
N THR C 481 12.53 -0.80 -16.22
CA THR C 481 13.85 -1.34 -16.48
C THR C 481 13.78 -2.82 -16.88
N LEU C 482 12.79 -3.19 -17.67
CA LEU C 482 12.66 -4.57 -18.09
C LEU C 482 13.57 -4.87 -19.27
N SER C 483 14.78 -5.34 -18.99
CA SER C 483 15.75 -5.60 -20.06
C SER C 483 15.84 -7.07 -20.55
N VAL C 484 15.64 -8.05 -19.67
CA VAL C 484 15.83 -9.45 -20.07
C VAL C 484 14.66 -10.00 -20.89
N THR C 485 14.89 -10.47 -22.12
CA THR C 485 13.77 -11.02 -22.90
C THR C 485 13.57 -12.50 -22.65
N LYS C 486 12.35 -12.98 -22.89
CA LYS C 486 12.02 -14.39 -22.66
C LYS C 486 12.78 -15.20 -23.70
N ARG C 487 12.72 -14.74 -24.96
CA ARG C 487 13.46 -15.33 -26.09
C ARG C 487 14.96 -15.42 -25.83
N SER C 488 15.56 -14.33 -25.35
CA SER C 488 16.98 -14.28 -25.00
C SER C 488 17.41 -15.42 -24.08
N GLY C 489 16.47 -15.97 -23.31
CA GLY C 489 16.75 -17.10 -22.43
C GLY C 489 17.44 -16.76 -21.11
N GLY C 490 17.81 -15.49 -20.91
CA GLY C 490 18.55 -15.06 -19.70
C GLY C 490 17.88 -15.42 -18.39
N ASP C 491 18.67 -15.78 -17.37
CA ASP C 491 18.17 -16.05 -16.03
C ASP C 491 17.46 -14.81 -15.47
N ILE C 492 16.26 -14.98 -14.92
CA ILE C 492 15.58 -13.86 -14.32
C ILE C 492 15.45 -14.06 -12.83
N LEU C 493 15.83 -15.24 -12.36
CA LEU C 493 15.60 -15.60 -10.98
C LEU C 493 16.31 -14.69 -9.95
N GLN C 494 17.64 -14.80 -9.89
CA GLN C 494 18.33 -15.35 -8.71
C GLN C 494 19.66 -14.70 -8.17
N SER C 495 19.71 -13.64 -7.34
CA SER C 495 18.72 -12.59 -6.96
C SER C 495 18.86 -12.19 -5.45
N GLY C 496 19.56 -11.11 -5.09
CA GLY C 496 20.29 -10.19 -5.98
C GLY C 496 19.41 -9.35 -6.91
N CYS C 497 18.82 -8.22 -6.48
CA CYS C 497 19.10 -7.32 -5.30
C CYS C 497 19.89 -5.99 -5.62
N SEC C 498 20.94 -5.88 -6.46
CA SEC C 498 22.42 -6.01 -6.40
C SEC C 498 22.85 -7.02 -7.41
N GLY C 499 22.99 -6.71 -8.70
CA GLY C 499 24.07 -6.00 -9.29
C GLY C 499 23.83 -5.40 -10.64
N LYS D 9 49.71 8.73 -22.99
CA LYS D 9 48.33 8.31 -23.36
C LYS D 9 48.10 6.77 -23.60
N SER D 10 48.45 5.97 -22.58
CA SER D 10 48.11 4.51 -22.47
C SER D 10 47.94 4.21 -20.96
N TYR D 11 46.74 3.79 -20.51
CA TYR D 11 46.43 3.89 -19.08
C TYR D 11 46.19 2.61 -18.31
N ASP D 12 45.98 2.77 -16.99
CA ASP D 12 45.56 1.71 -16.09
C ASP D 12 44.14 1.18 -16.39
N PHE D 13 43.19 2.09 -16.66
CA PHE D 13 41.77 1.74 -16.80
C PHE D 13 41.06 2.52 -17.90
N ASP D 14 40.09 1.91 -18.57
CA ASP D 14 39.28 2.62 -19.55
C ASP D 14 38.47 3.66 -18.82
N LEU D 15 37.95 3.27 -17.66
CA LEU D 15 37.04 4.11 -16.88
C LEU D 15 37.21 3.93 -15.38
N ILE D 16 37.33 5.07 -14.70
CA ILE D 16 37.32 5.13 -13.22
C ILE D 16 36.10 5.92 -12.75
N ILE D 17 35.28 5.26 -11.93
CA ILE D 17 34.07 5.86 -11.40
C ILE D 17 34.38 6.27 -9.97
N ILE D 18 34.34 7.57 -9.73
CA ILE D 18 34.55 8.09 -8.38
C ILE D 18 33.19 8.11 -7.68
N GLY D 19 32.99 7.15 -6.79
CA GLY D 19 31.74 7.02 -6.06
C GLY D 19 31.01 5.72 -6.37
N GLY D 20 30.66 4.96 -5.35
CA GLY D 20 29.98 3.69 -5.54
C GLY D 20 28.51 3.78 -5.23
N GLY D 21 27.89 4.85 -5.68
CA GLY D 21 26.51 5.08 -5.38
C GLY D 21 25.58 4.46 -6.38
N SER D 22 24.34 4.95 -6.36
CA SER D 22 23.31 4.50 -7.26
C SER D 22 23.78 4.72 -8.69
N GLY D 23 24.28 5.92 -8.97
CA GLY D 23 24.79 6.26 -10.28
C GLY D 23 26.08 5.53 -10.58
N GLY D 24 27.00 5.59 -9.63
CA GLY D 24 28.28 4.92 -9.79
C GLY D 24 28.13 3.49 -10.23
N LEU D 25 27.56 2.66 -9.35
CA LEU D 25 27.52 1.22 -9.57
C LEU D 25 26.70 0.83 -10.78
N ALA D 26 25.74 1.69 -11.12
CA ALA D 26 24.93 1.53 -12.32
C ALA D 26 25.80 1.60 -13.56
N ALA D 27 26.60 2.67 -13.66
CA ALA D 27 27.45 2.89 -14.80
C ALA D 27 28.50 1.83 -14.80
N ALA D 28 29.08 1.61 -13.64
CA ALA D 28 30.09 0.58 -13.46
C ALA D 28 29.61 -0.76 -14.00
N LYS D 29 28.51 -1.26 -13.47
CA LYS D 29 27.97 -2.57 -13.84
C LYS D 29 27.57 -2.63 -15.32
N GLU D 30 27.21 -1.49 -15.88
CA GLU D 30 26.84 -1.42 -17.29
C GLU D 30 28.04 -1.42 -18.22
N ALA D 31 29.08 -0.69 -17.84
CA ALA D 31 30.31 -0.61 -18.63
C ALA D 31 30.97 -1.97 -18.76
N ALA D 32 30.78 -2.82 -17.75
CA ALA D 32 31.40 -4.13 -17.73
C ALA D 32 30.90 -5.05 -18.83
N LYS D 33 29.62 -4.99 -19.20
CA LYS D 33 29.09 -5.73 -20.38
C LYS D 33 29.96 -5.58 -21.64
N PHE D 34 30.62 -4.43 -21.80
CA PHE D 34 31.39 -4.12 -23.00
C PHE D 34 32.86 -4.43 -22.84
N ASP D 35 33.17 -5.24 -21.84
CA ASP D 35 34.50 -5.76 -21.58
C ASP D 35 35.60 -4.67 -21.58
N LYS D 36 35.61 -3.86 -20.52
CA LYS D 36 36.57 -2.78 -20.37
C LYS D 36 37.11 -2.85 -18.96
N LYS D 37 38.32 -2.35 -18.74
CA LYS D 37 38.87 -2.28 -17.38
C LYS D 37 38.18 -1.14 -16.65
N VAL D 38 37.40 -1.47 -15.62
CA VAL D 38 36.64 -0.48 -14.86
C VAL D 38 37.02 -0.52 -13.39
N MET D 39 37.08 0.65 -12.76
CA MET D 39 37.31 0.69 -11.32
C MET D 39 36.35 1.62 -10.59
N VAL D 40 35.76 1.10 -9.52
CA VAL D 40 34.92 1.89 -8.64
C VAL D 40 35.68 2.21 -7.38
N LEU D 41 35.69 3.49 -7.01
CA LEU D 41 36.20 3.89 -5.72
C LEU D 41 35.01 4.35 -4.90
N ASP D 42 34.75 3.67 -3.79
CA ASP D 42 33.76 4.15 -2.82
C ASP D 42 34.39 4.30 -1.46
N PHE D 43 34.09 5.40 -0.80
CA PHE D 43 34.54 5.62 0.56
C PHE D 43 33.52 6.47 1.27
N VAL D 44 33.14 6.03 2.46
CA VAL D 44 32.12 6.74 3.25
C VAL D 44 32.79 7.60 4.30
N THR D 45 32.94 8.87 3.99
CA THR D 45 33.52 9.80 4.93
C THR D 45 32.53 9.86 6.10
N PRO D 46 33.00 9.62 7.34
CA PRO D 46 32.09 9.46 8.47
C PRO D 46 31.37 10.73 8.85
N THR D 47 30.17 10.63 9.40
CA THR D 47 29.41 11.81 9.84
C THR D 47 30.12 12.44 11.05
N PRO D 48 29.80 13.71 11.42
CA PRO D 48 30.29 14.30 12.63
C PRO D 48 30.41 13.31 13.79
N LEU D 49 29.32 12.70 14.24
CA LEU D 49 29.37 11.73 15.35
C LEU D 49 29.97 10.37 14.93
N GLY D 50 30.57 10.32 13.75
CA GLY D 50 31.33 9.17 13.28
C GLY D 50 30.59 7.94 12.78
N THR D 51 29.58 8.10 11.92
CA THR D 51 28.87 6.93 11.44
C THR D 51 29.44 6.50 10.08
N ARG D 52 29.35 5.20 9.79
CA ARG D 52 29.94 4.59 8.61
C ARG D 52 28.94 3.69 7.90
N TRP D 53 29.25 3.23 6.70
CA TRP D 53 28.44 2.22 6.05
C TRP D 53 29.12 1.64 4.81
N GLY D 54 28.54 0.58 4.24
CA GLY D 54 29.13 -0.16 3.13
C GLY D 54 28.79 0.34 1.76
N LEU D 55 29.26 -0.41 0.79
CA LEU D 55 29.11 -0.08 -0.61
C LEU D 55 27.63 0.06 -0.92
N GLY D 56 27.28 0.99 -1.79
CA GLY D 56 25.91 1.14 -2.24
C GLY D 56 25.44 2.56 -2.40
N GLY D 57 26.03 3.47 -1.64
CA GLY D 57 25.66 4.88 -1.67
C GLY D 57 24.55 5.28 -0.74
N THR D 58 23.96 6.43 -0.99
CA THR D 58 22.99 7.03 -0.07
C THR D 58 21.66 6.30 -0.01
N CYS D 59 21.15 5.87 -1.17
CA CYS D 59 19.86 5.25 -1.21
C CYS D 59 19.92 3.96 -0.42
N VAL D 60 20.89 3.14 -0.74
CA VAL D 60 21.05 1.86 -0.08
C VAL D 60 21.19 1.96 1.46
N ASN D 61 22.01 2.89 1.91
CA ASN D 61 22.46 2.93 3.29
C ASN D 61 21.81 3.94 4.17
N VAL D 62 21.49 5.12 3.65
CA VAL D 62 20.94 6.20 4.45
C VAL D 62 19.91 7.01 3.71
N GLY D 63 19.22 6.38 2.76
CA GLY D 63 18.23 7.05 1.90
C GLY D 63 16.92 6.28 1.74
N CYS D 64 16.52 6.02 0.48
CA CYS D 64 15.27 5.35 0.12
C CYS D 64 15.07 4.01 0.82
N ILE D 65 16.08 3.15 0.81
CA ILE D 65 15.95 1.83 1.39
C ILE D 65 15.59 1.83 2.87
N PRO D 66 16.45 2.38 3.75
CA PRO D 66 16.02 2.44 5.13
C PRO D 66 14.80 3.35 5.35
N LYS D 67 14.65 4.40 4.56
CA LYS D 67 13.55 5.33 4.72
C LYS D 67 12.22 4.65 4.47
N LYS D 68 12.09 4.00 3.32
CA LYS D 68 10.85 3.26 2.99
C LYS D 68 10.57 2.16 4.02
N LEU D 69 11.59 1.41 4.43
CA LEU D 69 11.36 0.38 5.44
C LEU D 69 10.78 0.97 6.71
N MET D 70 11.35 2.06 7.21
CA MET D 70 10.83 2.69 8.41
C MET D 70 9.46 3.32 8.19
N HIS D 71 9.19 3.79 6.97
CA HIS D 71 7.85 4.19 6.58
C HIS D 71 6.92 2.97 6.70
N GLN D 72 7.35 1.82 6.21
CA GLN D 72 6.51 0.66 6.23
C GLN D 72 6.20 0.32 7.66
N ALA D 73 7.21 0.36 8.50
CA ALA D 73 6.98 0.13 9.93
C ALA D 73 5.80 0.98 10.44
N ALA D 74 5.81 2.26 10.11
CA ALA D 74 4.75 3.13 10.53
C ALA D 74 3.42 2.65 10.01
N LEU D 75 3.35 2.40 8.70
CA LEU D 75 2.11 1.94 8.07
C LEU D 75 1.61 0.70 8.78
N LEU D 76 2.52 -0.21 9.10
CA LEU D 76 2.11 -1.45 9.70
C LEU D 76 1.47 -1.24 11.06
N GLY D 77 1.90 -0.20 11.77
CA GLY D 77 1.21 0.21 12.97
C GLY D 77 -0.24 0.56 12.65
N GLN D 78 -0.44 1.42 11.66
CA GLN D 78 -1.76 1.78 11.15
C GLN D 78 -2.54 0.52 10.82
N ALA D 79 -1.89 -0.37 10.06
CA ALA D 79 -2.46 -1.66 9.69
C ALA D 79 -2.98 -2.45 10.91
N LEU D 80 -2.20 -2.47 12.00
CA LEU D 80 -2.63 -3.16 13.22
C LEU D 80 -3.91 -2.53 13.75
N LYS D 81 -3.99 -1.20 13.75
CA LYS D 81 -5.18 -0.47 14.22
C LYS D 81 -6.42 -0.84 13.41
N ASP D 82 -6.26 -0.91 12.09
CA ASP D 82 -7.39 -1.22 11.23
C ASP D 82 -7.88 -2.62 11.43
N SER D 83 -6.97 -3.56 11.68
CA SER D 83 -7.33 -4.97 11.67
C SER D 83 -8.47 -5.34 12.64
N ARG D 84 -8.72 -4.51 13.66
CA ARG D 84 -9.80 -4.79 14.62
C ARG D 84 -11.15 -4.88 13.89
N ASN D 85 -11.46 -3.84 13.11
CA ASN D 85 -12.75 -3.79 12.43
C ASN D 85 -12.92 -4.78 11.27
N TYR D 86 -11.81 -5.36 10.82
CA TYR D 86 -11.89 -6.40 9.81
C TYR D 86 -11.97 -7.76 10.52
N GLY D 87 -12.01 -7.71 11.86
CA GLY D 87 -12.31 -8.88 12.65
C GLY D 87 -11.13 -9.58 13.25
N TRP D 88 -10.00 -8.91 13.30
CA TRP D 88 -8.84 -9.50 13.96
C TRP D 88 -8.89 -9.17 15.43
N LYS D 89 -8.91 -10.20 16.28
CA LYS D 89 -9.00 -10.01 17.72
C LYS D 89 -7.69 -9.51 18.30
N LEU D 90 -7.32 -8.28 17.96
CA LEU D 90 -6.15 -7.64 18.54
C LEU D 90 -6.40 -7.28 20.01
N GLU D 91 -5.39 -7.51 20.84
CA GLU D 91 -5.25 -6.76 22.09
C GLU D 91 -5.36 -5.26 21.85
N ASP D 92 -5.29 -4.49 22.93
CA ASP D 92 -5.78 -3.12 22.93
C ASP D 92 -4.77 -2.16 22.32
N THR D 93 -3.49 -2.41 22.59
CA THR D 93 -2.42 -1.70 21.92
C THR D 93 -1.16 -2.55 21.82
N VAL D 94 -0.52 -2.54 20.66
CA VAL D 94 0.79 -3.14 20.50
C VAL D 94 1.89 -2.08 20.49
N LYS D 95 3.01 -2.37 21.15
CA LYS D 95 4.06 -1.40 21.33
C LYS D 95 5.17 -1.59 20.32
N HIS D 96 5.90 -0.52 20.05
CA HIS D 96 7.00 -0.57 19.08
C HIS D 96 8.39 -0.59 19.70
N ASP D 97 9.29 -1.37 19.10
CA ASP D 97 10.65 -1.53 19.60
C ASP D 97 11.71 -1.02 18.60
N TRP D 98 12.19 0.21 18.78
CA TRP D 98 13.08 0.85 17.82
C TRP D 98 14.24 -0.03 17.44
N GLU D 99 14.83 -0.68 18.44
CA GLU D 99 16.07 -1.45 18.23
C GLU D 99 15.82 -2.62 17.32
N LYS D 100 14.78 -3.38 17.65
CA LYS D 100 14.35 -4.51 16.84
C LYS D 100 14.15 -4.09 15.40
N MET D 101 13.49 -2.96 15.17
CA MET D 101 13.27 -2.43 13.83
C MET D 101 14.56 -2.09 13.15
N THR D 102 15.31 -1.12 13.68
CA THR D 102 16.51 -0.67 13.00
C THR D 102 17.50 -1.81 12.79
N GLU D 103 17.39 -2.87 13.57
CA GLU D 103 18.23 -4.05 13.42
C GLU D 103 17.89 -4.77 12.15
N SER D 104 16.60 -4.96 11.88
CA SER D 104 16.18 -5.62 10.66
C SER D 104 16.56 -4.82 9.45
N VAL D 105 16.41 -3.50 9.56
CA VAL D 105 16.69 -2.60 8.47
C VAL D 105 18.11 -2.76 8.09
N GLN D 106 18.98 -2.70 9.10
CA GLN D 106 20.41 -2.82 8.90
C GLN D 106 20.74 -4.17 8.33
N ASN D 107 20.13 -5.22 8.86
CA ASN D 107 20.29 -6.53 8.27
C ASN D 107 20.03 -6.60 6.79
N HIS D 108 19.02 -5.86 6.32
CA HIS D 108 18.79 -5.77 4.90
C HIS D 108 19.80 -4.87 4.22
N ILE D 109 20.09 -3.72 4.82
CA ILE D 109 21.11 -2.84 4.26
C ILE D 109 22.39 -3.65 4.06
N GLY D 110 22.84 -4.27 5.13
CA GLY D 110 23.98 -5.17 5.12
C GLY D 110 24.05 -6.13 3.94
N SER D 111 22.98 -6.85 3.63
CA SER D 111 23.01 -7.77 2.52
C SER D 111 23.07 -7.03 1.19
N LEU D 112 22.55 -5.80 1.14
CA LEU D 112 22.68 -5.00 -0.07
C LEU D 112 24.13 -4.61 -0.27
N ASN D 113 24.75 -4.07 0.77
CA ASN D 113 26.18 -3.79 0.77
C ASN D 113 26.96 -4.93 0.13
N TRP D 114 26.77 -6.15 0.63
CA TRP D 114 27.57 -7.28 0.18
C TRP D 114 27.07 -7.73 -1.15
N GLY D 115 25.83 -7.43 -1.45
CA GLY D 115 25.32 -7.76 -2.76
C GLY D 115 26.11 -7.08 -3.84
N TYR D 116 26.36 -5.79 -3.64
CA TYR D 116 27.03 -4.96 -4.59
C TYR D 116 28.49 -5.30 -4.69
N ARG D 117 29.12 -5.57 -3.55
CA ARG D 117 30.53 -6.01 -3.52
C ARG D 117 30.67 -7.31 -4.34
N VAL D 118 29.75 -8.24 -4.17
CA VAL D 118 29.70 -9.43 -4.99
C VAL D 118 29.45 -9.06 -6.44
N ALA D 119 28.43 -8.26 -6.70
CA ALA D 119 28.06 -7.95 -8.07
C ALA D 119 29.22 -7.39 -8.87
N LEU D 120 30.04 -6.55 -8.23
CA LEU D 120 31.22 -5.98 -8.90
C LEU D 120 32.26 -7.05 -9.21
N ARG D 121 32.50 -7.94 -8.26
CA ARG D 121 33.41 -9.06 -8.46
C ARG D 121 32.97 -9.92 -9.63
N GLU D 122 31.68 -10.26 -9.68
CA GLU D 122 31.15 -11.12 -10.72
C GLU D 122 31.28 -10.49 -12.11
N LYS D 123 30.99 -9.20 -12.22
CA LYS D 123 31.06 -8.53 -13.52
C LYS D 123 32.50 -8.10 -13.79
N LYS D 124 33.40 -8.40 -12.86
CA LYS D 124 34.84 -8.18 -13.03
C LYS D 124 35.33 -6.75 -12.89
N VAL D 125 34.50 -5.88 -12.32
CA VAL D 125 34.90 -4.53 -11.98
C VAL D 125 35.82 -4.55 -10.75
N VAL D 126 36.83 -3.70 -10.72
CA VAL D 126 37.71 -3.59 -9.54
C VAL D 126 37.13 -2.64 -8.50
N TYR D 127 36.90 -3.16 -7.29
CA TYR D 127 36.44 -2.32 -6.19
C TYR D 127 37.63 -1.98 -5.33
N GLU D 128 37.70 -0.72 -4.95
CA GLU D 128 38.74 -0.27 -4.07
C GLU D 128 38.05 0.64 -3.11
N ASN D 129 38.05 0.26 -1.84
CA ASN D 129 37.38 1.07 -0.82
C ASN D 129 38.30 2.18 -0.41
N ALA D 130 38.31 3.25 -1.21
CA ALA D 130 39.18 4.39 -0.98
C ALA D 130 38.59 5.72 -1.46
N TYR D 131 39.03 6.83 -0.86
CA TYR D 131 38.60 8.18 -1.26
C TYR D 131 39.34 8.60 -2.50
N GLY D 132 38.60 9.02 -3.50
CA GLY D 132 39.20 9.39 -4.76
C GLY D 132 39.39 10.89 -4.81
N LYS D 133 40.59 11.30 -5.20
CA LYS D 133 40.92 12.71 -5.36
C LYS D 133 41.75 12.85 -6.59
N PHE D 134 41.35 13.73 -7.50
CA PHE D 134 42.15 14.01 -8.69
C PHE D 134 43.50 14.65 -8.34
N ILE D 135 44.57 14.20 -9.00
CA ILE D 135 45.90 14.83 -8.84
C ILE D 135 46.50 15.51 -10.10
N GLY D 136 46.02 15.13 -11.27
CA GLY D 136 46.47 15.71 -12.54
C GLY D 136 45.74 15.05 -13.70
N PRO D 137 45.87 15.58 -14.92
CA PRO D 137 45.12 14.97 -16.02
C PRO D 137 45.26 13.43 -16.11
N HIS D 138 44.12 12.74 -16.24
CA HIS D 138 44.07 11.30 -16.27
C HIS D 138 44.68 10.57 -15.06
N LYS D 139 44.91 11.27 -13.95
CA LYS D 139 45.57 10.73 -12.77
C LYS D 139 44.76 10.98 -11.51
N ILE D 140 44.51 9.93 -10.76
CA ILE D 140 43.76 10.05 -9.53
C ILE D 140 44.55 9.42 -8.40
N MET D 141 44.43 10.00 -7.22
CA MET D 141 44.99 9.41 -6.00
C MET D 141 43.90 8.72 -5.17
N ALA D 142 44.17 7.50 -4.75
CA ALA D 142 43.22 6.76 -3.93
C ALA D 142 43.72 6.61 -2.50
N THR D 143 43.25 7.49 -1.62
CA THR D 143 43.59 7.43 -0.19
C THR D 143 42.70 6.42 0.51
N ASN D 144 43.29 5.27 0.83
CA ASN D 144 42.54 4.21 1.45
C ASN D 144 42.24 4.53 2.89
N ASN D 145 41.48 3.64 3.51
CA ASN D 145 40.90 3.83 4.82
C ASN D 145 41.92 4.14 5.92
N LYS D 146 43.07 3.48 5.87
CA LYS D 146 44.13 3.69 6.86
C LYS D 146 45.05 4.84 6.55
N GLY D 147 45.12 5.29 5.30
CA GLY D 147 45.93 6.46 4.99
C GLY D 147 46.88 6.27 3.83
N LYS D 148 47.19 5.02 3.47
CA LYS D 148 48.09 4.76 2.32
C LYS D 148 47.40 5.25 1.07
N GLU D 149 48.19 5.71 0.10
CA GLU D 149 47.65 6.19 -1.15
C GLU D 149 48.19 5.37 -2.30
N LYS D 150 47.41 5.15 -3.34
CA LYS D 150 47.89 4.57 -4.59
C LYS D 150 47.50 5.53 -5.72
N VAL D 151 48.27 5.56 -6.79
CA VAL D 151 47.93 6.44 -7.89
C VAL D 151 47.52 5.60 -9.10
N TYR D 152 46.33 5.89 -9.61
CA TYR D 152 45.78 5.16 -10.74
C TYR D 152 45.57 6.13 -11.88
N SER D 153 45.48 5.59 -13.09
CA SER D 153 45.18 6.36 -14.29
C SER D 153 44.04 5.73 -15.09
N ALA D 154 43.36 6.55 -15.89
CA ALA D 154 42.28 6.08 -16.74
C ALA D 154 42.03 7.02 -17.94
N GLU D 155 41.57 6.48 -19.07
CA GLU D 155 41.21 7.26 -20.25
C GLU D 155 40.01 8.18 -20.02
N ARG D 156 39.00 7.68 -19.31
CA ARG D 156 37.82 8.45 -18.94
C ARG D 156 37.52 8.31 -17.46
N PHE D 157 36.79 9.30 -16.93
CA PHE D 157 36.42 9.34 -15.53
C PHE D 157 34.93 9.67 -15.34
N LEU D 158 34.29 9.02 -14.37
CA LEU D 158 32.95 9.37 -14.02
C LEU D 158 32.95 9.87 -12.62
N ILE D 159 32.55 11.12 -12.42
CA ILE D 159 32.34 11.68 -11.10
C ILE D 159 30.92 11.41 -10.69
N ALA D 160 30.75 10.65 -9.60
CA ALA D 160 29.45 10.20 -9.16
C ALA D 160 29.45 10.15 -7.65
N THR D 161 29.69 11.30 -7.05
CA THR D 161 30.03 11.36 -5.65
C THR D 161 28.85 11.76 -4.75
N GLY D 162 27.76 12.22 -5.34
CA GLY D 162 26.59 12.56 -4.54
C GLY D 162 26.84 13.68 -3.54
N GLU D 163 25.99 13.76 -2.53
CA GLU D 163 26.00 14.85 -1.58
C GLU D 163 25.92 14.30 -0.19
N ARG D 164 25.89 15.18 0.82
CA ARG D 164 25.81 14.78 2.23
C ARG D 164 25.02 15.85 2.96
N PRO D 165 24.41 15.51 4.11
CA PRO D 165 23.53 16.42 4.81
C PRO D 165 24.23 17.70 5.24
N ARG D 166 23.57 18.83 5.07
CA ARG D 166 24.08 20.12 5.50
C ARG D 166 23.64 20.40 6.90
N TYR D 167 24.51 21.02 7.69
CA TYR D 167 24.14 21.49 9.00
C TYR D 167 23.76 22.96 8.96
N LEU D 168 23.26 23.48 10.09
CA LEU D 168 22.97 24.91 10.24
C LEU D 168 24.26 25.55 10.67
N GLY D 169 24.46 26.81 10.31
CA GLY D 169 25.66 27.48 10.81
C GLY D 169 25.64 27.82 12.29
N ILE D 170 24.93 27.04 13.13
CA ILE D 170 24.71 27.38 14.55
C ILE D 170 25.43 26.41 15.47
N PRO D 171 25.58 26.74 16.78
CA PRO D 171 26.38 25.90 17.68
C PRO D 171 25.62 24.79 18.40
N GLY D 172 26.30 23.65 18.59
CA GLY D 172 25.71 22.47 19.26
C GLY D 172 25.26 21.44 18.24
N ASP D 173 24.92 21.94 17.07
CA ASP D 173 24.28 21.18 16.02
C ASP D 173 25.09 19.97 15.53
N LYS D 174 26.40 20.13 15.37
CA LYS D 174 27.23 19.03 14.89
C LYS D 174 27.51 17.99 15.96
N GLU D 175 27.66 18.42 17.20
CA GLU D 175 27.99 17.50 18.29
C GLU D 175 26.75 16.91 18.96
N TYR D 176 25.61 17.58 18.84
CA TYR D 176 24.40 17.09 19.48
C TYR D 176 23.22 16.62 18.58
N CYS D 177 23.18 17.02 17.31
CA CYS D 177 22.06 16.66 16.46
C CYS D 177 22.43 15.54 15.52
N ILE D 178 21.40 14.94 14.91
CA ILE D 178 21.58 13.91 13.90
C ILE D 178 21.04 14.37 12.55
N SER D 179 21.58 13.81 11.47
CA SER D 179 21.07 14.05 10.13
C SER D 179 20.36 12.81 9.66
N SER D 180 19.95 12.81 8.38
CA SER D 180 19.42 11.61 7.76
C SER D 180 20.42 10.47 7.92
N ASP D 181 21.70 10.77 7.71
CA ASP D 181 22.83 9.82 7.77
C ASP D 181 22.92 9.04 9.06
N ASP D 182 22.42 9.61 10.14
CA ASP D 182 22.58 9.02 11.47
C ASP D 182 21.34 8.27 11.96
N LEU D 183 20.18 8.85 11.68
CA LEU D 183 18.89 8.35 12.14
C LEU D 183 18.73 6.88 11.86
N PHE D 184 19.09 6.45 10.65
CA PHE D 184 18.80 5.09 10.17
C PHE D 184 19.64 3.99 10.78
N SER D 185 20.58 4.33 11.65
CA SER D 185 21.27 3.32 12.42
C SER D 185 21.33 3.70 13.92
N LEU D 186 20.52 4.67 14.32
CA LEU D 186 20.52 5.14 15.69
C LEU D 186 20.44 3.95 16.65
N PRO D 187 21.46 3.78 17.51
CA PRO D 187 21.54 2.64 18.41
C PRO D 187 20.55 2.69 19.59
N TYR D 188 19.69 3.69 19.62
CA TYR D 188 18.69 3.85 20.69
C TYR D 188 17.46 4.56 20.11
N CYS D 189 16.32 4.28 20.75
CA CYS D 189 15.06 4.92 20.42
C CYS D 189 15.26 6.43 20.49
N PRO D 190 14.93 7.14 19.41
CA PRO D 190 15.21 8.55 19.42
C PRO D 190 14.44 9.33 20.47
N GLY D 191 13.32 8.80 20.99
CA GLY D 191 12.43 9.54 21.88
C GLY D 191 11.81 10.82 21.29
N LYS D 192 11.27 11.69 22.14
CA LYS D 192 10.74 12.98 21.67
C LYS D 192 11.72 13.64 20.74
N THR D 193 11.24 14.07 19.58
CA THR D 193 12.11 14.60 18.55
C THR D 193 11.62 15.88 17.98
N LEU D 194 12.58 16.72 17.65
CA LEU D 194 12.35 17.86 16.82
C LEU D 194 13.00 17.61 15.47
N VAL D 195 12.21 17.70 14.42
CA VAL D 195 12.76 17.66 13.11
C VAL D 195 12.78 19.09 12.59
N VAL D 196 13.96 19.51 12.13
CA VAL D 196 14.15 20.86 11.63
C VAL D 196 14.30 20.76 10.14
N GLY D 197 13.38 21.42 9.42
CA GLY D 197 13.33 21.39 7.96
C GLY D 197 11.96 20.95 7.46
N ALA D 198 11.63 21.17 6.20
CA ALA D 198 10.31 20.83 5.73
C ALA D 198 10.22 20.37 4.27
N SER D 199 11.19 19.60 3.81
CA SER D 199 11.08 18.98 2.47
C SER D 199 10.98 17.47 2.56
N TYR D 200 11.26 16.75 1.48
CA TYR D 200 10.99 15.32 1.51
C TYR D 200 11.62 14.67 2.73
N VAL D 201 12.92 14.81 2.90
CA VAL D 201 13.55 14.17 4.07
C VAL D 201 12.91 14.56 5.42
N ALA D 202 12.68 15.86 5.62
CA ALA D 202 12.18 16.36 6.90
C ALA D 202 10.82 15.73 7.25
N LEU D 203 9.85 15.89 6.35
CA LEU D 203 8.50 15.42 6.56
C LEU D 203 8.38 13.91 6.59
N GLU D 204 9.01 13.24 5.64
CA GLU D 204 9.08 11.77 5.63
C GLU D 204 9.52 11.21 6.98
N CYS D 205 10.63 11.70 7.49
CA CYS D 205 11.15 11.26 8.76
C CYS D 205 10.27 11.58 9.95
N ALA D 206 9.82 12.83 10.01
CA ALA D 206 8.87 13.22 11.04
C ALA D 206 7.69 12.27 11.00
N GLY D 207 7.23 11.97 9.81
CA GLY D 207 6.12 11.07 9.62
C GLY D 207 6.30 9.66 10.13
N PHE D 208 7.40 8.99 9.78
CA PHE D 208 7.55 7.63 10.25
C PHE D 208 7.91 7.57 11.73
N LEU D 209 8.61 8.60 12.22
CA LEU D 209 8.92 8.68 13.64
C LEU D 209 7.63 8.78 14.45
N ALA D 210 6.74 9.66 14.03
CA ALA D 210 5.45 9.81 14.69
C ALA D 210 4.65 8.53 14.59
N GLY D 211 4.64 7.99 13.36
CA GLY D 211 3.95 6.75 13.02
C GLY D 211 4.30 5.57 13.88
N ILE D 212 5.55 5.45 14.34
CA ILE D 212 5.92 4.35 15.25
C ILE D 212 5.72 4.69 16.74
N GLY D 213 5.09 5.83 17.01
CA GLY D 213 4.65 6.18 18.35
C GLY D 213 5.34 7.30 19.11
N LEU D 214 6.33 7.96 18.50
CA LEU D 214 7.13 9.01 19.18
C LEU D 214 6.50 10.42 19.15
N ASP D 215 6.90 11.26 20.11
CA ASP D 215 6.44 12.64 20.21
C ASP D 215 7.20 13.57 19.26
N VAL D 216 6.61 13.92 18.12
CA VAL D 216 7.36 14.60 17.06
C VAL D 216 6.92 16.01 16.74
N THR D 217 7.90 16.90 16.60
CA THR D 217 7.66 18.29 16.23
C THR D 217 8.48 18.73 15.00
N VAL D 218 7.82 19.38 14.05
CA VAL D 218 8.51 19.87 12.88
C VAL D 218 8.60 21.38 12.92
N MET D 219 9.81 21.90 12.82
CA MET D 219 10.09 23.32 12.80
C MET D 219 10.34 23.82 11.37
N VAL D 220 9.35 24.54 10.85
CA VAL D 220 9.32 25.01 9.48
C VAL D 220 9.83 26.44 9.41
N ARG D 221 10.86 26.67 8.59
CA ARG D 221 11.30 28.05 8.36
C ARG D 221 10.30 28.85 7.52
N SER D 222 10.02 28.40 6.30
CA SER D 222 9.03 29.11 5.51
C SER D 222 7.81 28.26 5.15
N ILE D 223 7.78 27.79 3.89
CA ILE D 223 6.72 26.93 3.35
C ILE D 223 7.15 25.45 3.43
N LEU D 224 6.15 24.56 3.37
CA LEU D 224 6.40 23.12 3.29
C LEU D 224 6.73 22.70 1.87
N LEU D 225 7.74 21.86 1.70
CA LEU D 225 8.07 21.23 0.40
C LEU D 225 8.25 22.23 -0.73
N ARG D 226 9.06 23.26 -0.52
CA ARG D 226 9.36 24.22 -1.57
C ARG D 226 9.69 23.47 -2.86
N GLY D 227 9.09 23.89 -3.96
CA GLY D 227 9.34 23.25 -5.23
C GLY D 227 8.23 22.33 -5.69
N PHE D 228 7.55 21.65 -4.75
CA PHE D 228 6.40 20.82 -5.05
C PHE D 228 5.13 21.68 -5.03
N ASP D 229 4.10 21.28 -5.78
CA ASP D 229 2.81 21.95 -5.76
C ASP D 229 2.41 22.32 -4.35
N GLN D 230 2.27 23.63 -4.10
CA GLN D 230 2.08 24.16 -2.74
C GLN D 230 0.76 23.77 -2.06
N ASP D 231 -0.29 23.62 -2.84
CA ASP D 231 -1.56 23.15 -2.31
C ASP D 231 -1.41 21.70 -1.79
N MET D 232 -0.87 20.80 -2.61
CA MET D 232 -0.55 19.43 -2.15
C MET D 232 0.31 19.48 -0.87
N ALA D 233 1.34 20.32 -0.90
CA ALA D 233 2.22 20.44 0.24
C ALA D 233 1.40 20.74 1.50
N ASN D 234 0.46 21.66 1.37
CA ASN D 234 -0.32 22.06 2.52
C ASN D 234 -1.23 20.98 3.00
N LYS D 235 -1.82 20.25 2.07
CA LYS D 235 -2.65 19.11 2.42
C LYS D 235 -1.84 18.05 3.18
N ILE D 236 -0.61 17.80 2.71
CA ILE D 236 0.29 16.86 3.38
C ILE D 236 0.50 17.35 4.79
N GLY D 237 0.74 18.65 4.92
CA GLY D 237 0.91 19.32 6.21
C GLY D 237 -0.30 19.13 7.10
N GLU D 238 -1.47 19.50 6.60
CA GLU D 238 -2.71 19.34 7.33
C GLU D 238 -2.92 17.93 7.79
N HIS D 239 -2.67 16.97 6.90
CA HIS D 239 -2.86 15.57 7.24
C HIS D 239 -1.94 15.18 8.38
N MET D 240 -0.66 15.53 8.26
CA MET D 240 0.32 15.23 9.28
C MET D 240 -0.06 15.83 10.64
N GLU D 241 -0.55 17.07 10.63
CA GLU D 241 -0.96 17.70 11.84
C GLU D 241 -2.17 16.98 12.44
N GLU D 242 -3.12 16.61 11.59
CA GLU D 242 -4.35 15.98 12.08
C GLU D 242 -4.08 14.61 12.65
N HIS D 243 -2.96 14.02 12.27
CA HIS D 243 -2.60 12.71 12.78
C HIS D 243 -1.42 12.77 13.77
N GLY D 244 -1.43 13.81 14.61
CA GLY D 244 -0.52 13.93 15.75
C GLY D 244 0.93 14.34 15.53
N ILE D 245 1.22 15.16 14.52
CA ILE D 245 2.54 15.76 14.36
C ILE D 245 2.45 17.24 14.70
N LYS D 246 3.34 17.73 15.54
CA LYS D 246 3.26 19.12 15.98
C LYS D 246 4.08 20.01 15.07
N PHE D 247 3.54 21.15 14.70
CA PHE D 247 4.23 22.05 13.78
C PHE D 247 4.57 23.39 14.38
N ILE D 248 5.82 23.79 14.26
CA ILE D 248 6.25 25.12 14.71
C ILE D 248 6.53 25.97 13.47
N ARG D 249 5.61 26.85 13.13
CA ARG D 249 5.67 27.59 11.88
C ARG D 249 6.43 28.92 11.98
N GLN D 250 7.20 29.25 10.95
CA GLN D 250 8.11 30.40 10.94
C GLN D 250 9.02 30.53 12.17
N PHE D 251 9.98 29.61 12.30
CA PHE D 251 11.04 29.65 13.33
C PHE D 251 12.29 28.89 12.88
N VAL D 252 13.47 29.41 13.19
CA VAL D 252 14.72 28.71 12.90
C VAL D 252 15.48 28.58 14.20
N PRO D 253 16.09 27.42 14.45
CA PRO D 253 16.86 27.29 15.68
C PRO D 253 18.13 28.13 15.63
N THR D 254 18.50 28.62 16.81
CA THR D 254 19.64 29.50 16.98
C THR D 254 20.74 28.77 17.74
N LYS D 255 20.38 27.84 18.62
CA LYS D 255 21.38 27.07 19.34
C LYS D 255 20.81 25.79 19.89
N ILE D 256 21.66 24.77 20.00
CA ILE D 256 21.31 23.49 20.59
C ILE D 256 22.32 23.20 21.69
N GLU D 257 21.84 22.99 22.92
CA GLU D 257 22.74 22.76 24.05
C GLU D 257 22.38 21.50 24.80
N GLN D 258 23.39 20.69 25.12
CA GLN D 258 23.21 19.41 25.80
C GLN D 258 22.84 19.62 27.25
N ILE D 259 21.62 19.22 27.62
CA ILE D 259 21.18 19.26 29.01
C ILE D 259 21.46 17.92 29.70
N GLU D 260 21.79 16.91 28.91
CA GLU D 260 22.40 15.69 29.43
C GLU D 260 23.25 15.01 28.38
N ALA D 261 24.00 13.99 28.80
CA ALA D 261 24.33 12.87 27.93
C ALA D 261 23.51 11.64 28.28
N GLY D 262 23.36 10.73 27.32
CA GLY D 262 22.37 9.71 27.40
C GLY D 262 22.12 9.12 26.03
N THR D 263 21.45 7.98 26.03
CA THR D 263 21.05 7.30 24.82
C THR D 263 19.56 6.94 24.93
N PRO D 264 18.67 7.91 24.61
CA PRO D 264 18.94 9.26 24.10
C PRO D 264 19.30 10.22 25.21
N GLY D 265 19.93 11.33 24.85
CA GLY D 265 20.30 12.35 25.82
C GLY D 265 19.09 13.17 26.16
N ARG D 266 19.31 14.45 26.44
CA ARG D 266 18.25 15.47 26.59
C ARG D 266 18.86 16.77 26.12
N LEU D 267 18.22 17.44 25.16
CA LEU D 267 18.81 18.62 24.53
C LEU D 267 17.85 19.77 24.57
N LYS D 268 18.36 21.00 24.57
CA LYS D 268 17.51 22.19 24.64
C LYS D 268 17.65 23.03 23.39
N VAL D 269 16.55 23.19 22.69
CA VAL D 269 16.62 23.93 21.44
C VAL D 269 15.99 25.27 21.63
N THR D 270 16.75 26.29 21.24
CA THR D 270 16.33 27.67 21.30
C THR D 270 16.17 28.14 19.87
N ALA D 271 15.03 28.77 19.58
CA ALA D 271 14.73 29.20 18.22
C ALA D 271 14.15 30.61 18.14
N LYS D 272 14.61 31.35 17.14
CA LYS D 272 14.16 32.73 16.85
C LYS D 272 13.07 32.73 15.77
N SER D 273 12.23 33.76 15.73
CA SER D 273 11.22 33.86 14.68
C SER D 273 11.79 34.28 13.30
N THR D 274 11.03 34.00 12.24
CA THR D 274 11.38 34.34 10.85
C THR D 274 11.26 35.84 10.65
N ASN D 275 10.40 36.50 11.44
CA ASN D 275 10.09 37.93 11.25
C ASN D 275 10.04 38.75 12.56
N SER D 276 9.26 38.27 13.54
CA SER D 276 9.19 38.91 14.86
C SER D 276 10.51 38.71 15.63
N GLU D 277 10.58 39.26 16.85
CA GLU D 277 11.82 39.20 17.63
C GLU D 277 11.84 38.01 18.59
N GLU D 278 10.62 37.51 18.86
CA GLU D 278 10.31 36.42 19.80
C GLU D 278 11.26 35.19 19.85
N THR D 279 11.25 34.48 20.98
CA THR D 279 12.14 33.35 21.23
C THR D 279 11.37 32.23 21.92
N ILE D 280 11.59 31.00 21.45
CA ILE D 280 11.06 29.80 22.14
C ILE D 280 12.15 28.79 22.56
N GLU D 281 11.90 28.08 23.66
CA GLU D 281 12.72 26.97 24.22
C GLU D 281 11.68 25.87 24.31
N ASP D 282 11.88 24.70 23.72
CA ASP D 282 11.76 23.43 24.38
C ASP D 282 12.96 22.52 24.47
N GLU D 283 12.73 21.34 25.09
CA GLU D 283 13.73 20.27 25.17
C GLU D 283 13.24 18.93 24.60
N PHE D 284 14.09 18.32 23.79
CA PHE D 284 13.77 17.08 23.10
C PHE D 284 14.79 15.99 23.44
N ASN D 285 14.59 14.77 22.97
CA ASN D 285 15.62 13.74 23.11
C ASN D 285 16.55 13.67 21.90
N THR D 286 16.05 14.08 20.74
CA THR D 286 16.81 14.00 19.52
C THR D 286 16.44 15.17 18.65
N VAL D 287 17.42 15.79 18.02
CA VAL D 287 17.08 16.81 17.05
C VAL D 287 17.55 16.35 15.69
N LEU D 288 16.61 16.27 14.75
CA LEU D 288 16.92 15.82 13.43
C LEU D 288 17.00 17.02 12.54
N LEU D 289 18.20 17.24 12.03
CA LEU D 289 18.46 18.29 11.09
C LEU D 289 18.33 17.75 9.68
N ALA D 290 17.30 18.18 9.00
CA ALA D 290 17.09 17.80 7.61
C ALA D 290 16.89 19.11 6.86
N VAL D 291 18.02 19.73 6.55
CA VAL D 291 18.02 21.08 6.01
C VAL D 291 18.95 21.17 4.81
N GLY D 292 18.73 20.33 3.82
CA GLY D 292 19.53 20.38 2.57
C GLY D 292 20.77 19.53 2.54
N ARG D 293 21.39 19.38 1.36
CA ARG D 293 22.61 18.62 1.24
C ARG D 293 23.54 19.27 0.26
N ASP D 294 24.82 19.37 0.60
CA ASP D 294 25.82 19.93 -0.30
C ASP D 294 26.54 18.84 -1.07
N SER D 295 26.87 19.11 -2.32
CA SER D 295 27.60 18.16 -3.16
C SER D 295 29.04 17.90 -2.71
N CYS D 296 29.51 16.67 -2.89
CA CYS D 296 30.89 16.30 -2.59
C CYS D 296 31.70 16.50 -3.83
N THR D 297 31.83 17.77 -4.18
CA THR D 297 32.54 18.20 -5.37
C THR D 297 33.73 19.07 -5.00
N ARG D 298 33.66 19.64 -3.81
CA ARG D 298 34.75 20.45 -3.28
C ARG D 298 36.09 19.72 -3.21
N THR D 299 36.21 18.72 -2.36
CA THR D 299 37.51 18.18 -2.08
C THR D 299 37.83 16.90 -2.84
N ILE D 300 37.51 16.89 -4.13
CA ILE D 300 37.89 15.78 -5.01
C ILE D 300 38.98 16.17 -6.00
N GLY D 301 39.62 17.30 -5.69
CA GLY D 301 40.74 17.82 -6.47
C GLY D 301 40.39 18.16 -7.91
N LEU D 302 39.22 18.77 -8.11
CA LEU D 302 38.78 19.12 -9.45
C LEU D 302 39.67 20.17 -10.12
N GLU D 303 40.27 21.06 -9.31
CA GLU D 303 41.20 22.08 -9.82
C GLU D 303 42.25 21.40 -10.68
N THR D 304 42.85 20.34 -10.14
CA THR D 304 43.97 19.66 -10.78
C THR D 304 43.64 19.04 -12.15
N VAL D 305 42.39 19.11 -12.59
CA VAL D 305 42.00 18.66 -13.94
C VAL D 305 41.08 19.66 -14.60
N GLY D 306 40.84 20.75 -13.88
CA GLY D 306 40.14 21.92 -14.39
C GLY D 306 38.72 21.64 -14.80
N VAL D 307 38.02 20.86 -14.00
CA VAL D 307 36.59 20.68 -14.19
C VAL D 307 35.88 21.91 -13.62
N LYS D 308 35.04 22.57 -14.40
CA LYS D 308 34.34 23.73 -13.88
C LYS D 308 33.14 23.30 -13.08
N ILE D 309 32.99 23.87 -11.89
CA ILE D 309 31.81 23.68 -11.06
C ILE D 309 31.15 25.00 -10.73
N ASN D 310 29.84 24.97 -10.51
CA ASN D 310 29.14 26.12 -9.99
C ASN D 310 29.67 26.40 -8.60
N GLU D 311 30.37 27.53 -8.44
CA GLU D 311 31.00 27.84 -7.16
C GLU D 311 29.99 28.09 -6.07
N LYS D 312 28.93 28.81 -6.39
CA LYS D 312 27.89 29.15 -5.42
C LYS D 312 27.19 27.89 -4.91
N THR D 313 26.67 27.04 -5.80
CA THR D 313 25.89 25.85 -5.38
C THR D 313 26.71 24.59 -5.18
N GLY D 314 27.73 24.37 -6.00
CA GLY D 314 28.61 23.22 -5.83
C GLY D 314 28.31 22.14 -6.83
N LYS D 315 27.32 22.42 -7.68
CA LYS D 315 26.92 21.50 -8.73
C LYS D 315 27.88 21.53 -9.93
N ILE D 316 27.92 20.43 -10.67
CA ILE D 316 28.72 20.34 -11.86
C ILE D 316 27.77 20.51 -13.04
N PRO D 317 27.83 21.66 -13.75
CA PRO D 317 27.17 21.83 -15.07
C PRO D 317 27.75 20.84 -16.06
N VAL D 318 26.91 20.41 -17.00
CA VAL D 318 27.16 19.17 -17.72
C VAL D 318 26.35 19.16 -19.03
N THR D 319 26.91 18.59 -20.09
CA THR D 319 26.24 18.55 -21.39
C THR D 319 25.04 17.63 -21.31
N ASP D 320 24.12 17.74 -22.26
CA ASP D 320 22.99 16.83 -22.27
C ASP D 320 23.45 15.35 -22.44
N GLU D 321 24.76 15.13 -22.41
CA GLU D 321 25.36 13.78 -22.45
C GLU D 321 26.13 13.45 -21.16
N GLU D 322 25.89 14.24 -20.12
CA GLU D 322 26.53 14.07 -18.81
C GLU D 322 28.07 14.28 -18.82
N GLN D 323 28.52 15.11 -19.77
CA GLN D 323 29.92 15.46 -19.93
C GLN D 323 30.22 16.78 -19.25
N THR D 324 31.28 16.83 -18.46
CA THR D 324 31.71 18.08 -17.84
C THR D 324 32.44 18.88 -18.88
N ASN D 325 32.87 20.09 -18.56
CA ASN D 325 33.64 20.87 -19.53
C ASN D 325 34.94 20.20 -19.98
N VAL D 326 35.49 19.32 -19.15
CA VAL D 326 36.66 18.56 -19.53
C VAL D 326 36.25 17.23 -20.21
N PRO D 327 36.50 17.10 -21.51
CA PRO D 327 35.94 16.07 -22.39
C PRO D 327 36.07 14.59 -21.98
N TYR D 328 37.05 14.25 -21.14
CA TYR D 328 37.22 12.84 -20.71
C TYR D 328 36.58 12.57 -19.34
N ILE D 329 36.05 13.63 -18.72
CA ILE D 329 35.42 13.55 -17.40
C ILE D 329 33.87 13.69 -17.44
N TYR D 330 33.16 12.79 -16.77
CA TYR D 330 31.72 12.84 -16.76
C TYR D 330 31.18 12.96 -15.37
N ALA D 331 29.93 13.37 -15.28
CA ALA D 331 29.27 13.50 -13.99
C ALA D 331 27.84 12.96 -14.03
N ILE D 332 27.41 12.32 -12.95
CA ILE D 332 26.22 11.51 -12.92
C ILE D 332 25.48 11.83 -11.64
N GLY D 333 24.15 11.88 -11.72
CA GLY D 333 23.34 11.84 -10.50
C GLY D 333 23.07 13.14 -9.77
N ASP D 334 23.22 13.13 -8.45
CA ASP D 334 22.83 14.26 -7.59
C ASP D 334 23.68 15.50 -7.77
N ILE D 335 24.97 15.30 -8.04
CA ILE D 335 25.94 16.37 -8.17
C ILE D 335 25.75 17.22 -9.43
N LEU D 336 24.90 16.77 -10.36
CA LEU D 336 24.62 17.54 -11.57
C LEU D 336 23.79 18.79 -11.28
N GLU D 337 23.93 19.80 -12.13
CA GLU D 337 23.25 21.08 -11.95
C GLU D 337 21.91 21.08 -12.66
N GLY D 338 20.89 21.63 -12.00
CA GLY D 338 19.53 21.68 -12.55
C GLY D 338 19.02 20.34 -13.03
N LYS D 339 19.20 19.30 -12.22
CA LYS D 339 18.59 17.99 -12.50
C LYS D 339 17.81 17.54 -11.29
N LEU D 340 17.17 16.40 -11.41
CA LEU D 340 16.52 15.81 -10.28
C LEU D 340 17.50 14.95 -9.50
N GLU D 341 17.46 15.08 -8.18
CA GLU D 341 18.31 14.30 -7.30
C GLU D 341 17.56 13.07 -6.79
N LEU D 342 17.27 12.15 -7.70
CA LEU D 342 16.52 10.92 -7.42
C LEU D 342 17.31 9.70 -7.90
N THR D 343 17.18 8.58 -7.23
CA THR D 343 17.95 7.35 -7.56
C THR D 343 17.77 6.78 -8.99
N PRO D 344 16.51 6.55 -9.39
CA PRO D 344 16.30 5.99 -10.71
C PRO D 344 16.88 6.84 -11.83
N VAL D 345 16.88 8.15 -11.65
CA VAL D 345 17.53 9.10 -12.55
C VAL D 345 19.00 8.77 -12.65
N ALA D 346 19.70 8.78 -11.54
CA ALA D 346 21.12 8.47 -11.55
C ALA D 346 21.40 7.12 -12.18
N ILE D 347 20.61 6.09 -11.85
CA ILE D 347 20.79 4.75 -12.43
C ILE D 347 20.65 4.83 -13.94
N GLN D 348 19.58 5.47 -14.41
CA GLN D 348 19.32 5.62 -15.84
C GLN D 348 20.44 6.40 -16.51
N ALA D 349 20.75 7.58 -15.98
CA ALA D 349 21.78 8.41 -16.53
C ALA D 349 23.04 7.59 -16.69
N GLY D 350 23.48 6.99 -15.61
CA GLY D 350 24.72 6.23 -15.57
C GLY D 350 24.72 5.05 -16.50
N ARG D 351 23.63 4.31 -16.50
CA ARG D 351 23.49 3.15 -17.41
C ARG D 351 23.55 3.57 -18.87
N LEU D 352 22.83 4.63 -19.23
CA LEU D 352 22.79 5.15 -20.59
C LEU D 352 24.05 5.85 -21.04
N LEU D 353 24.79 6.42 -20.10
CA LEU D 353 26.12 6.94 -20.37
C LEU D 353 27.10 5.85 -20.79
N ALA D 354 27.07 4.73 -20.11
CA ALA D 354 27.93 3.64 -20.47
C ALA D 354 27.56 3.09 -21.83
N GLN D 355 26.28 3.15 -22.19
CA GLN D 355 25.82 2.72 -23.50
C GLN D 355 26.46 3.55 -24.58
N ARG D 356 26.41 4.87 -24.42
CA ARG D 356 26.97 5.79 -25.39
C ARG D 356 28.47 5.56 -25.61
N LEU D 357 29.21 5.56 -24.50
CA LEU D 357 30.65 5.43 -24.53
C LEU D 357 31.14 4.16 -25.18
N TYR D 358 30.63 3.02 -24.76
CA TYR D 358 31.20 1.75 -25.16
C TYR D 358 30.27 0.83 -25.97
N GLY D 359 29.05 1.28 -26.25
CA GLY D 359 28.10 0.47 -27.02
C GLY D 359 27.53 1.21 -28.21
N GLY D 360 27.99 2.43 -28.39
CA GLY D 360 27.53 3.29 -29.48
C GLY D 360 26.02 3.48 -29.57
N SER D 361 25.33 3.56 -28.44
CA SER D 361 23.94 3.98 -28.43
C SER D 361 23.91 5.49 -28.53
N THR D 362 22.96 6.07 -29.24
CA THR D 362 22.86 7.53 -29.29
C THR D 362 21.80 8.07 -28.34
N VAL D 363 21.19 7.15 -27.58
CA VAL D 363 20.11 7.47 -26.65
C VAL D 363 20.61 8.27 -25.45
N LYS D 364 20.09 9.50 -25.34
CA LYS D 364 20.37 10.42 -24.23
C LYS D 364 19.48 10.11 -23.06
N CYS D 365 19.64 10.86 -21.99
CA CYS D 365 18.84 10.60 -20.80
C CYS D 365 17.71 11.59 -20.71
N ASP D 366 16.48 11.11 -20.57
CA ASP D 366 15.35 12.04 -20.52
C ASP D 366 15.03 12.57 -19.12
N TYR D 367 15.36 13.83 -18.86
CA TYR D 367 15.15 14.40 -17.54
C TYR D 367 13.80 15.06 -17.38
N ASP D 368 12.97 14.97 -18.43
CA ASP D 368 11.65 15.63 -18.44
C ASP D 368 10.55 14.78 -17.86
N ASN D 369 9.79 15.37 -16.93
CA ASN D 369 8.65 14.68 -16.32
C ASN D 369 9.05 13.39 -15.62
N VAL D 370 10.14 13.46 -14.87
CA VAL D 370 10.53 12.34 -14.01
C VAL D 370 9.57 12.32 -12.81
N PRO D 371 8.86 11.20 -12.61
CA PRO D 371 7.94 11.07 -11.50
C PRO D 371 8.70 10.99 -10.18
N THR D 372 8.07 11.47 -9.11
CA THR D 372 8.66 11.48 -7.79
C THR D 372 7.61 11.10 -6.75
N THR D 373 8.00 10.53 -5.62
CA THR D 373 7.04 10.30 -4.54
C THR D 373 7.56 10.67 -3.17
N VAL D 374 6.88 11.60 -2.52
CA VAL D 374 7.17 11.93 -1.14
C VAL D 374 6.43 10.92 -0.26
N PHE D 375 7.16 10.26 0.61
CA PHE D 375 6.57 9.20 1.39
C PHE D 375 6.12 9.65 2.76
N THR D 376 5.44 10.78 2.79
CA THR D 376 4.79 11.24 3.99
C THR D 376 3.73 10.23 4.43
N PRO D 377 3.30 10.24 5.71
CA PRO D 377 2.30 9.26 6.17
C PRO D 377 1.19 9.04 5.16
N LEU D 378 0.50 10.09 4.74
CA LEU D 378 -0.32 9.97 3.55
C LEU D 378 0.62 10.30 2.45
N GLU D 379 0.84 9.33 1.58
CA GLU D 379 1.86 9.42 0.57
C GLU D 379 1.47 10.39 -0.53
N TYR D 380 2.47 11.08 -1.11
CA TYR D 380 2.25 12.01 -2.22
C TYR D 380 3.14 11.71 -3.40
N GLY D 381 2.53 11.23 -4.46
CA GLY D 381 3.17 11.04 -5.73
C GLY D 381 2.66 12.06 -6.71
N CYS D 382 3.50 12.39 -7.68
CA CYS D 382 3.23 13.41 -8.69
C CYS D 382 4.23 13.36 -9.84
N CYS D 383 3.80 13.82 -11.02
CA CYS D 383 4.66 13.82 -12.17
C CYS D 383 4.21 14.91 -13.10
N GLY D 384 5.15 15.65 -13.67
CA GLY D 384 4.80 16.72 -14.58
C GLY D 384 4.96 18.04 -13.88
N LEU D 385 4.17 19.03 -14.27
CA LEU D 385 4.30 20.38 -13.70
C LEU D 385 3.33 20.58 -12.56
N SER D 386 3.70 21.41 -11.59
CA SER D 386 2.77 21.81 -10.52
C SER D 386 1.73 22.85 -11.03
N GLU D 387 0.64 23.08 -10.29
CA GLU D 387 -0.40 24.02 -10.75
C GLU D 387 0.16 25.44 -11.01
N GLU D 388 0.89 25.99 -10.05
CA GLU D 388 1.48 27.32 -10.20
C GLU D 388 2.41 27.37 -11.40
N LYS D 389 3.23 26.35 -11.58
CA LYS D 389 4.22 26.32 -12.67
C LYS D 389 3.61 26.13 -14.06
N ALA D 390 2.45 25.48 -14.14
CA ALA D 390 1.75 25.29 -15.39
C ALA D 390 1.05 26.59 -15.73
N VAL D 391 0.55 27.26 -14.70
CA VAL D 391 0.03 28.62 -14.84
C VAL D 391 1.17 29.50 -15.36
N GLU D 392 2.23 29.65 -14.58
CA GLU D 392 3.39 30.41 -15.04
C GLU D 392 3.84 30.03 -16.48
N LYS D 393 4.14 28.76 -16.73
CA LYS D 393 4.61 28.33 -18.06
C LYS D 393 3.57 28.50 -19.17
N PHE D 394 2.31 28.19 -18.91
CA PHE D 394 1.33 28.15 -19.99
C PHE D 394 0.24 29.25 -20.00
N GLY D 395 0.31 30.20 -19.07
CA GLY D 395 -0.71 31.26 -18.98
C GLY D 395 -1.95 30.82 -18.23
N GLU D 396 -2.30 31.60 -17.21
CA GLU D 396 -3.39 31.32 -16.28
C GLU D 396 -4.64 30.67 -16.90
N GLU D 397 -5.46 31.41 -17.63
CA GLU D 397 -6.74 30.83 -18.09
C GLU D 397 -6.60 29.85 -19.28
N ASN D 398 -5.36 29.50 -19.63
CA ASN D 398 -5.10 28.37 -20.56
C ASN D 398 -5.03 27.01 -19.85
N ILE D 399 -4.98 27.06 -18.53
CA ILE D 399 -4.90 25.87 -17.70
C ILE D 399 -6.28 25.48 -17.19
N GLU D 400 -6.60 24.21 -17.29
CA GLU D 400 -7.80 23.66 -16.72
C GLU D 400 -7.37 22.56 -15.78
N VAL D 401 -7.96 22.55 -14.58
CA VAL D 401 -7.62 21.57 -13.55
C VAL D 401 -8.80 20.72 -13.14
N TYR D 402 -8.78 19.45 -13.51
CA TYR D 402 -9.75 18.49 -13.03
C TYR D 402 -9.21 17.89 -11.75
N HIS D 403 -10.02 17.87 -10.71
CA HIS D 403 -9.56 17.43 -9.39
C HIS D 403 -10.69 16.86 -8.55
N SER D 404 -10.36 16.07 -7.53
CA SER D 404 -11.36 15.41 -6.69
C SER D 404 -10.82 14.70 -5.45
N PHE D 405 -11.62 14.69 -4.39
CA PHE D 405 -11.28 13.89 -3.22
C PHE D 405 -11.69 12.43 -3.43
N PHE D 406 -11.13 11.50 -2.65
CA PHE D 406 -11.56 10.10 -2.70
C PHE D 406 -11.32 9.37 -1.36
N TRP D 407 -11.98 8.24 -1.18
CA TRP D 407 -11.88 7.47 0.04
C TRP D 407 -11.50 6.02 -0.29
N PRO D 408 -10.25 5.63 -0.02
CA PRO D 408 -9.89 4.26 -0.27
C PRO D 408 -10.87 3.30 0.40
N LEU D 409 -11.46 2.42 -0.39
CA LEU D 409 -12.33 1.44 0.17
C LEU D 409 -11.70 0.87 1.43
N GLU D 410 -10.39 0.69 1.44
CA GLU D 410 -9.72 0.07 2.60
C GLU D 410 -9.93 0.78 3.95
N TRP D 411 -10.45 2.00 3.89
CA TRP D 411 -10.59 2.82 5.07
C TRP D 411 -12.04 2.92 5.57
N THR D 412 -13.00 2.54 4.74
CA THR D 412 -14.40 2.60 5.15
C THR D 412 -14.69 1.74 6.37
N VAL D 413 -14.24 0.49 6.37
CA VAL D 413 -14.49 -0.46 7.47
C VAL D 413 -13.82 -0.03 8.76
N PRO D 414 -12.53 0.41 8.69
CA PRO D 414 -11.92 1.04 9.88
C PRO D 414 -12.59 2.36 10.22
N SER D 415 -13.35 2.88 9.26
CA SER D 415 -14.16 4.06 9.46
C SER D 415 -13.29 5.28 9.82
N ARG D 416 -12.38 5.67 8.93
CA ARG D 416 -11.48 6.79 9.20
C ARG D 416 -11.13 7.52 7.94
N ASP D 417 -10.79 8.80 8.11
CA ASP D 417 -10.09 9.59 7.09
C ASP D 417 -10.77 9.69 5.75
N ASN D 418 -12.09 9.83 5.76
CA ASN D 418 -12.82 10.19 4.54
C ASN D 418 -12.38 11.57 4.04
N ASN D 419 -12.50 11.80 2.74
CA ASN D 419 -12.18 13.10 2.16
C ASN D 419 -10.83 13.67 2.54
N LYS D 420 -9.80 12.84 2.56
CA LYS D 420 -8.47 13.34 2.83
C LYS D 420 -7.63 13.11 1.60
N CYS D 421 -7.82 11.96 0.96
CA CYS D 421 -7.08 11.62 -0.28
C CYS D 421 -7.61 12.48 -1.41
N TYR D 422 -6.72 12.90 -2.29
CA TYR D 422 -7.03 13.93 -3.28
C TYR D 422 -6.19 13.74 -4.52
N ALA D 423 -6.84 13.75 -5.70
CA ALA D 423 -6.19 13.62 -7.00
C ALA D 423 -6.47 14.83 -7.82
N LYS D 424 -5.54 15.18 -8.70
CA LYS D 424 -5.80 16.19 -9.73
C LYS D 424 -4.97 15.94 -10.96
N VAL D 425 -5.48 16.29 -12.14
CA VAL D 425 -4.66 16.44 -13.35
C VAL D 425 -4.64 17.88 -13.80
N ILE D 426 -3.50 18.34 -14.32
CA ILE D 426 -3.39 19.69 -14.82
C ILE D 426 -3.32 19.64 -16.34
N CYS D 427 -4.26 20.32 -16.99
CA CYS D 427 -4.40 20.23 -18.44
C CYS D 427 -4.17 21.54 -19.15
N ASN D 428 -3.56 21.45 -20.34
CA ASN D 428 -3.22 22.60 -21.17
C ASN D 428 -4.26 22.80 -22.27
N LEU D 429 -5.10 23.82 -22.12
CA LEU D 429 -6.20 24.04 -23.06
C LEU D 429 -5.66 24.32 -24.47
N LYS D 430 -4.54 25.05 -24.57
CA LYS D 430 -3.87 25.36 -25.87
C LYS D 430 -3.24 24.13 -26.54
N ASP D 431 -3.57 22.92 -26.10
CA ASP D 431 -2.82 21.72 -26.47
C ASP D 431 -3.63 20.39 -26.43
N ASN D 432 -4.96 20.48 -26.59
CA ASN D 432 -5.84 19.30 -26.51
C ASN D 432 -5.99 18.77 -25.09
N GLU D 433 -5.77 19.66 -24.13
CA GLU D 433 -5.76 19.30 -22.72
C GLU D 433 -4.73 18.19 -22.49
N ARG D 434 -3.48 18.51 -22.84
CA ARG D 434 -2.38 17.65 -22.49
C ARG D 434 -2.30 17.65 -20.96
N VAL D 435 -2.24 16.46 -20.35
CA VAL D 435 -2.02 16.35 -18.91
C VAL D 435 -0.54 16.65 -18.71
N VAL D 436 -0.27 17.92 -18.43
CA VAL D 436 1.08 18.38 -18.19
C VAL D 436 1.40 18.36 -16.71
N GLY D 437 0.44 17.92 -15.90
CA GLY D 437 0.62 17.84 -14.46
C GLY D 437 -0.24 16.72 -13.92
N PHE D 438 0.28 15.98 -12.95
CA PHE D 438 -0.41 14.83 -12.34
C PHE D 438 -0.08 14.78 -10.88
N HIS D 439 -1.10 14.67 -10.03
CA HIS D 439 -0.93 14.68 -8.58
C HIS D 439 -1.95 13.82 -7.85
N VAL D 440 -1.46 13.07 -6.87
CA VAL D 440 -2.31 12.19 -6.04
C VAL D 440 -1.78 12.13 -4.61
N LEU D 441 -2.66 12.39 -3.65
CA LEU D 441 -2.33 12.21 -2.26
C LEU D 441 -3.18 11.06 -1.78
N GLY D 442 -2.56 9.96 -1.48
CA GLY D 442 -3.30 8.80 -1.01
C GLY D 442 -2.38 7.62 -0.76
N PRO D 443 -2.95 6.46 -0.42
CA PRO D 443 -2.08 5.32 -0.15
C PRO D 443 -1.40 4.80 -1.43
N ASN D 444 -0.25 4.15 -1.28
CA ASN D 444 0.47 3.55 -2.43
C ASN D 444 0.64 4.51 -3.57
N ALA D 445 0.91 5.77 -3.27
CA ALA D 445 0.96 6.82 -4.27
C ALA D 445 1.97 6.51 -5.31
N GLY D 446 2.99 5.78 -4.92
CA GLY D 446 4.10 5.46 -5.80
C GLY D 446 3.62 4.58 -6.93
N GLU D 447 2.91 3.52 -6.57
CA GLU D 447 2.43 2.55 -7.52
C GLU D 447 1.45 3.22 -8.45
N VAL D 448 0.61 4.08 -7.91
CA VAL D 448 -0.40 4.78 -8.70
C VAL D 448 0.30 5.60 -9.78
N THR D 449 1.26 6.41 -9.38
CA THR D 449 1.85 7.38 -10.26
C THR D 449 2.58 6.77 -11.43
N GLN D 450 3.40 5.75 -11.18
CA GLN D 450 4.28 5.16 -12.22
C GLN D 450 3.64 5.08 -13.60
N GLY D 451 2.62 4.24 -13.74
CA GLY D 451 1.93 4.12 -15.00
C GLY D 451 1.58 5.45 -15.67
N PHE D 452 1.05 6.39 -14.90
CA PHE D 452 0.66 7.66 -15.49
C PHE D 452 1.88 8.46 -15.98
N ALA D 453 3.01 8.26 -15.33
CA ALA D 453 4.24 8.90 -15.79
C ALA D 453 4.55 8.33 -17.18
N ALA D 454 4.45 7.02 -17.35
CA ALA D 454 4.60 6.44 -18.67
C ALA D 454 3.57 7.04 -19.61
N ALA D 455 2.33 7.17 -19.15
CA ALA D 455 1.28 7.80 -19.95
C ALA D 455 1.61 9.26 -20.33
N LEU D 456 2.31 9.99 -19.48
CA LEU D 456 2.68 11.36 -19.80
C LEU D 456 3.76 11.41 -20.87
N LYS D 457 4.69 10.45 -20.85
CA LYS D 457 5.72 10.33 -21.88
C LYS D 457 5.12 10.04 -23.22
N CYS D 458 3.88 9.53 -23.23
CA CYS D 458 3.14 9.36 -24.48
C CYS D 458 2.25 10.55 -24.79
N GLY D 459 2.51 11.69 -24.17
CA GLY D 459 1.71 12.92 -24.31
C GLY D 459 0.21 12.76 -24.06
N LEU D 460 -0.16 12.14 -22.94
CA LEU D 460 -1.57 11.86 -22.59
C LEU D 460 -2.39 13.11 -22.60
N THR D 461 -3.55 13.01 -23.23
CA THR D 461 -4.59 14.06 -23.23
C THR D 461 -5.79 13.67 -22.34
N LYS D 462 -6.41 14.68 -21.76
CA LYS D 462 -7.55 14.47 -20.86
C LYS D 462 -8.63 13.62 -21.48
N GLN D 463 -8.81 13.74 -22.80
CA GLN D 463 -9.88 12.97 -23.44
C GLN D 463 -9.49 11.53 -23.67
N GLN D 464 -8.18 11.28 -23.75
CA GLN D 464 -7.65 9.90 -23.73
C GLN D 464 -7.76 9.29 -22.35
N LEU D 465 -7.43 10.08 -21.31
CA LEU D 465 -7.60 9.67 -19.91
C LEU D 465 -9.05 9.25 -19.66
N ASP D 466 -9.99 10.07 -20.13
CA ASP D 466 -11.40 9.78 -19.99
C ASP D 466 -11.83 8.48 -20.65
N SER D 467 -11.33 8.22 -21.86
CA SER D 467 -11.67 7.00 -22.58
C SER D 467 -11.06 5.72 -21.96
N THR D 468 -10.15 5.91 -21.00
CA THR D 468 -9.53 4.80 -20.28
C THR D 468 -10.41 4.34 -19.12
N ILE D 469 -10.73 3.06 -19.08
CA ILE D 469 -11.68 2.54 -18.10
C ILE D 469 -10.95 2.35 -16.75
N GLY D 470 -11.61 2.62 -15.63
CA GLY D 470 -10.99 2.43 -14.33
C GLY D 470 -10.85 0.96 -13.97
N ILE D 471 -10.08 0.70 -12.91
CA ILE D 471 -10.10 -0.60 -12.20
C ILE D 471 -10.74 -0.40 -10.80
N HIS D 472 -11.69 -1.27 -10.47
CA HIS D 472 -12.52 -1.08 -9.28
C HIS D 472 -12.46 -2.32 -8.39
N PRO D 473 -12.44 -2.13 -7.06
CA PRO D 473 -12.25 -0.85 -6.39
C PRO D 473 -10.76 -0.66 -6.16
N VAL D 474 -10.24 0.46 -6.67
CA VAL D 474 -8.83 0.75 -6.61
C VAL D 474 -8.66 2.27 -6.56
N CYS D 475 -7.68 2.75 -5.82
CA CYS D 475 -7.52 4.18 -5.65
C CYS D 475 -7.32 4.88 -6.97
N ALA D 476 -6.43 4.33 -7.79
CA ALA D 476 -6.01 4.97 -9.05
C ALA D 476 -7.14 5.27 -10.05
N GLU D 477 -8.20 4.47 -9.99
CA GLU D 477 -9.35 4.66 -10.88
C GLU D 477 -9.92 6.05 -10.82
N ILE D 478 -9.75 6.74 -9.70
CA ILE D 478 -10.25 8.09 -9.60
C ILE D 478 -9.82 8.95 -10.78
N PHE D 479 -8.67 8.64 -11.37
CA PHE D 479 -8.16 9.48 -12.45
C PHE D 479 -8.93 9.29 -13.75
N THR D 480 -9.65 8.17 -13.88
CA THR D 480 -10.37 7.88 -15.12
C THR D 480 -11.65 8.70 -15.24
N THR D 481 -12.09 9.27 -14.12
CA THR D 481 -13.42 9.88 -14.02
C THR D 481 -13.37 11.26 -13.39
N LEU D 482 -12.34 12.01 -13.70
CA LEU D 482 -12.18 13.34 -13.12
C LEU D 482 -12.97 14.38 -13.92
N SER D 483 -14.23 14.60 -13.56
CA SER D 483 -15.09 15.51 -14.32
C SER D 483 -15.20 16.95 -13.76
N VAL D 484 -15.08 17.13 -12.45
CA VAL D 484 -15.24 18.49 -11.86
C VAL D 484 -14.02 19.38 -12.02
N THR D 485 -14.14 20.50 -12.72
CA THR D 485 -12.96 21.37 -12.85
C THR D 485 -12.82 22.33 -11.68
N LYS D 486 -11.60 22.83 -11.46
CA LYS D 486 -11.34 23.76 -10.35
C LYS D 486 -12.01 25.09 -10.71
N ARG D 487 -11.80 25.52 -11.95
CA ARG D 487 -12.42 26.71 -12.54
C ARG D 487 -13.94 26.70 -12.44
N SER D 488 -14.56 25.57 -12.79
CA SER D 488 -16.02 25.39 -12.70
C SER D 488 -16.59 25.70 -11.30
N GLY D 489 -15.75 25.58 -10.27
CA GLY D 489 -16.16 25.90 -8.90
C GLY D 489 -16.99 24.83 -8.20
N GLY D 490 -17.35 23.75 -8.90
CA GLY D 490 -18.18 22.69 -8.32
C GLY D 490 -17.65 22.13 -7.01
N ASP D 491 -18.55 21.78 -6.09
CA ASP D 491 -18.16 21.17 -4.81
C ASP D 491 -17.46 19.85 -5.09
N ILE D 492 -16.31 19.58 -4.45
CA ILE D 492 -15.67 18.27 -4.60
C ILE D 492 -15.70 17.39 -3.37
N LEU D 493 -16.22 17.92 -2.27
CA LEU D 493 -16.24 17.15 -1.01
C LEU D 493 -16.93 15.78 -1.20
N GLN D 494 -18.26 15.56 -1.07
CA GLN D 494 -19.09 15.62 0.15
C GLN D 494 -20.44 14.80 0.00
N SER D 495 -20.53 13.44 -0.11
CA SER D 495 -19.53 12.35 -0.38
C SER D 495 -19.75 11.07 0.47
N GLY D 496 -20.45 10.02 -0.02
CA GLY D 496 -21.07 9.87 -1.35
C GLY D 496 -20.10 9.81 -2.52
N CYS D 497 -19.41 8.69 -2.84
CA CYS D 497 -19.65 7.22 -2.57
C CYS D 497 -20.52 6.59 -3.66
N SEC D 498 -21.57 7.34 -3.98
CA SEC D 498 -22.80 6.88 -4.60
C SEC D 498 -23.46 8.20 -4.96
N GLY D 499 -23.44 8.46 -6.27
CA GLY D 499 -24.19 9.52 -6.91
C GLY D 499 -23.86 9.55 -8.39
N SER E 10 -9.68 2.48 34.79
CA SER E 10 -10.20 3.04 33.52
C SER E 10 -11.13 2.02 32.86
N TYR E 11 -12.30 2.50 32.44
CA TYR E 11 -13.30 1.64 31.81
C TYR E 11 -13.24 1.72 30.28
N ASP E 12 -14.10 0.97 29.61
CA ASP E 12 -14.16 0.96 28.15
C ASP E 12 -14.60 2.34 27.62
N PHE E 13 -15.67 2.89 28.19
CA PHE E 13 -16.18 4.20 27.80
C PHE E 13 -16.37 5.10 29.02
N ASP E 14 -16.41 6.40 28.78
CA ASP E 14 -16.76 7.33 29.82
C ASP E 14 -18.24 7.23 30.06
N LEU E 15 -18.98 6.95 28.98
CA LEU E 15 -20.43 6.99 28.97
C LEU E 15 -21.03 6.03 27.96
N ILE E 16 -21.96 5.22 28.43
CA ILE E 16 -22.77 4.33 27.61
C ILE E 16 -24.23 4.76 27.72
N ILE E 17 -24.82 5.06 26.57
CA ILE E 17 -26.19 5.47 26.51
C ILE E 17 -27.00 4.28 26.04
N ILE E 18 -27.91 3.83 26.89
CA ILE E 18 -28.83 2.73 26.59
C ILE E 18 -30.08 3.30 25.94
N GLY E 19 -30.15 3.12 24.62
CA GLY E 19 -31.26 3.63 23.80
C GLY E 19 -30.81 4.73 22.85
N GLY E 20 -31.12 4.57 21.58
CA GLY E 20 -30.70 5.55 20.57
C GLY E 20 -31.83 6.42 20.11
N GLY E 21 -32.60 6.91 21.07
CA GLY E 21 -33.79 7.69 20.81
C GLY E 21 -33.50 9.16 20.82
N SER E 22 -34.57 9.93 20.95
CA SER E 22 -34.51 11.37 20.92
C SER E 22 -33.57 11.86 22.01
N GLY E 23 -33.77 11.34 23.21
CA GLY E 23 -32.88 11.67 24.31
C GLY E 23 -31.52 11.04 24.18
N GLY E 24 -31.48 9.76 23.81
CA GLY E 24 -30.23 9.07 23.66
C GLY E 24 -29.28 9.82 22.76
N LEU E 25 -29.62 9.91 21.48
CA LEU E 25 -28.73 10.47 20.48
C LEU E 25 -28.34 11.92 20.76
N ALA E 26 -29.25 12.63 21.44
CA ALA E 26 -29.03 14.00 21.88
C ALA E 26 -27.88 14.12 22.86
N ALA E 27 -27.92 13.34 23.93
CA ALA E 27 -26.84 13.31 24.92
C ALA E 27 -25.60 12.79 24.30
N ALA E 28 -25.75 11.71 23.56
CA ALA E 28 -24.66 11.12 22.85
C ALA E 28 -23.94 12.16 22.00
N LYS E 29 -24.63 12.76 21.03
CA LYS E 29 -24.01 13.72 20.12
C LYS E 29 -23.41 14.92 20.89
N GLU E 30 -23.97 15.24 22.04
CA GLU E 30 -23.50 16.37 22.82
C GLU E 30 -22.23 16.03 23.56
N ALA E 31 -22.18 14.84 24.13
CA ALA E 31 -21.03 14.41 24.93
C ALA E 31 -19.79 14.32 24.05
N ALA E 32 -20.00 14.10 22.77
CA ALA E 32 -18.91 13.94 21.85
C ALA E 32 -18.07 15.20 21.68
N LYS E 33 -18.71 16.38 21.71
CA LYS E 33 -18.00 17.69 21.68
C LYS E 33 -16.86 17.77 22.69
N PHE E 34 -17.03 17.12 23.86
CA PHE E 34 -16.06 17.14 24.96
C PHE E 34 -15.04 15.99 24.89
N ASP E 35 -14.94 15.36 23.72
CA ASP E 35 -13.93 14.35 23.41
C ASP E 35 -13.82 13.24 24.47
N LYS E 36 -14.84 12.37 24.51
CA LYS E 36 -14.92 11.27 25.46
C LYS E 36 -15.34 10.04 24.70
N LYS E 37 -14.98 8.86 25.20
CA LYS E 37 -15.40 7.63 24.56
C LYS E 37 -16.88 7.42 24.90
N VAL E 38 -17.72 7.42 23.88
CA VAL E 38 -19.15 7.30 24.07
C VAL E 38 -19.68 6.13 23.26
N MET E 39 -20.66 5.41 23.82
CA MET E 39 -21.32 4.36 23.07
C MET E 39 -22.84 4.40 23.17
N VAL E 40 -23.48 4.32 22.01
CA VAL E 40 -24.91 4.19 21.95
C VAL E 40 -25.28 2.75 21.60
N LEU E 41 -26.17 2.18 22.41
CA LEU E 41 -26.81 0.94 22.08
C LEU E 41 -28.24 1.27 21.73
N ASP E 42 -28.64 0.98 20.50
CA ASP E 42 -30.05 0.98 20.15
C ASP E 42 -30.45 -0.41 19.65
N PHE E 43 -31.63 -0.88 20.06
CA PHE E 43 -32.21 -2.06 19.47
C PHE E 43 -33.72 -1.91 19.47
N VAL E 44 -34.34 -2.24 18.34
CA VAL E 44 -35.78 -2.18 18.24
C VAL E 44 -36.37 -3.58 18.41
N THR E 45 -36.83 -3.85 19.62
CA THR E 45 -37.52 -5.07 19.95
C THR E 45 -38.79 -5.07 19.11
N PRO E 46 -39.02 -6.10 18.27
CA PRO E 46 -40.16 -6.07 17.31
C PRO E 46 -41.54 -6.04 17.98
N THR E 47 -42.53 -5.46 17.29
CA THR E 47 -43.90 -5.44 17.81
C THR E 47 -44.45 -6.86 17.74
N PRO E 48 -45.58 -7.17 18.43
CA PRO E 48 -46.27 -8.45 18.25
C PRO E 48 -46.34 -8.97 16.81
N LEU E 49 -46.90 -8.23 15.87
CA LEU E 49 -46.87 -8.70 14.48
C LEU E 49 -45.52 -8.54 13.77
N GLY E 50 -44.47 -8.27 14.54
CA GLY E 50 -43.07 -8.29 14.06
C GLY E 50 -42.51 -7.12 13.25
N THR E 51 -42.83 -5.88 13.63
CA THR E 51 -42.35 -4.73 12.88
C THR E 51 -41.02 -4.21 13.46
N ARG E 52 -40.18 -3.63 12.62
CA ARG E 52 -38.84 -3.18 12.96
C ARG E 52 -38.59 -1.77 12.44
N TRP E 53 -37.52 -1.18 12.86
CA TRP E 53 -37.12 0.11 12.30
C TRP E 53 -35.72 0.54 12.77
N GLY E 54 -35.20 1.61 12.18
CA GLY E 54 -33.81 1.94 12.39
C GLY E 54 -33.51 2.82 13.57
N LEU E 55 -32.28 3.30 13.56
CA LEU E 55 -31.78 4.20 14.57
C LEU E 55 -32.65 5.44 14.55
N GLY E 56 -32.94 5.98 15.72
CA GLY E 56 -33.61 7.26 15.80
C GLY E 56 -34.64 7.35 16.89
N GLY E 57 -35.18 6.20 17.30
CA GLY E 57 -36.14 6.16 18.39
C GLY E 57 -37.55 6.36 17.90
N THR E 58 -38.46 6.63 18.83
CA THR E 58 -39.90 6.63 18.56
C THR E 58 -40.35 7.80 17.65
N CYS E 59 -39.89 9.00 17.98
CA CYS E 59 -40.31 10.16 17.25
C CYS E 59 -39.97 9.93 15.79
N VAL E 60 -38.72 9.60 15.51
CA VAL E 60 -38.26 9.44 14.16
C VAL E 60 -39.06 8.37 13.38
N ASN E 61 -39.32 7.23 14.02
CA ASN E 61 -39.77 6.06 13.29
C ASN E 61 -41.23 5.77 13.41
N VAL E 62 -41.79 5.99 14.57
CA VAL E 62 -43.18 5.64 14.85
C VAL E 62 -43.90 6.68 15.74
N GLY E 63 -43.45 7.93 15.66
CA GLY E 63 -44.02 9.01 16.44
C GLY E 63 -44.24 10.30 15.67
N CYS E 64 -43.63 11.39 16.13
CA CYS E 64 -43.86 12.72 15.59
C CYS E 64 -43.65 12.78 14.10
N ILE E 65 -42.51 12.30 13.63
CA ILE E 65 -42.21 12.40 12.22
C ILE E 65 -43.27 11.77 11.30
N PRO E 66 -43.51 10.45 11.41
CA PRO E 66 -44.53 9.95 10.50
C PRO E 66 -45.93 10.49 10.81
N LYS E 67 -46.20 10.79 12.07
CA LYS E 67 -47.51 11.25 12.52
C LYS E 67 -47.79 12.59 11.87
N LYS E 68 -46.86 13.54 11.99
CA LYS E 68 -47.04 14.86 11.38
C LYS E 68 -47.16 14.72 9.88
N LEU E 69 -46.31 13.94 9.25
CA LEU E 69 -46.44 13.75 7.81
C LEU E 69 -47.84 13.24 7.44
N MET E 70 -48.35 12.23 8.13
CA MET E 70 -49.66 11.73 7.78
C MET E 70 -50.76 12.70 8.12
N HIS E 71 -50.56 13.51 9.17
CA HIS E 71 -51.40 14.69 9.41
C HIS E 71 -51.40 15.62 8.19
N GLN E 72 -50.22 15.94 7.69
CA GLN E 72 -50.09 16.84 6.58
C GLN E 72 -50.87 16.32 5.42
N ALA E 73 -50.77 15.03 5.20
CA ALA E 73 -51.48 14.41 4.11
C ALA E 73 -52.97 14.74 4.21
N ALA E 74 -53.52 14.60 5.41
CA ALA E 74 -54.92 14.89 5.61
C ALA E 74 -55.21 16.35 5.26
N LEU E 75 -54.42 17.26 5.84
CA LEU E 75 -54.57 18.70 5.60
C LEU E 75 -54.52 18.99 4.11
N LEU E 76 -53.60 18.33 3.41
CA LEU E 76 -53.48 18.57 1.99
C LEU E 76 -54.73 18.17 1.24
N GLY E 77 -55.43 17.16 1.72
CA GLY E 77 -56.74 16.83 1.20
C GLY E 77 -57.71 17.99 1.37
N GLN E 78 -57.77 18.53 2.60
CA GLN E 78 -58.52 19.74 2.90
C GLN E 78 -58.13 20.84 1.95
N ALA E 79 -56.82 21.04 1.78
CA ALA E 79 -56.29 22.06 0.90
C ALA E 79 -56.81 21.88 -0.51
N LEU E 80 -56.89 20.67 -1.00
CA LEU E 80 -57.41 20.48 -2.34
C LEU E 80 -58.85 20.95 -2.46
N LYS E 81 -59.66 20.67 -1.42
CA LYS E 81 -61.06 21.06 -1.38
C LYS E 81 -61.19 22.57 -1.45
N ASP E 82 -60.34 23.28 -0.70
CA ASP E 82 -60.41 24.74 -0.64
C ASP E 82 -60.03 25.38 -1.95
N SER E 83 -59.12 24.75 -2.68
CA SER E 83 -58.53 25.40 -3.84
C SER E 83 -59.53 25.74 -4.94
N ARG E 84 -60.70 25.10 -4.93
CA ARG E 84 -61.74 25.41 -5.91
C ARG E 84 -62.14 26.89 -5.78
N ASN E 85 -62.52 27.33 -4.58
CA ASN E 85 -62.98 28.70 -4.42
C ASN E 85 -61.91 29.75 -4.48
N TYR E 86 -60.64 29.35 -4.44
CA TYR E 86 -59.54 30.28 -4.73
C TYR E 86 -59.21 30.23 -6.23
N GLY E 87 -59.99 29.46 -6.98
CA GLY E 87 -60.01 29.55 -8.43
C GLY E 87 -59.22 28.47 -9.12
N TRP E 88 -58.90 27.41 -8.42
CA TRP E 88 -58.16 26.34 -9.05
C TRP E 88 -59.18 25.42 -9.68
N LYS E 89 -59.02 25.16 -10.98
CA LYS E 89 -59.93 24.28 -11.70
C LYS E 89 -59.65 22.82 -11.40
N LEU E 90 -59.76 22.45 -10.12
CA LEU E 90 -59.87 21.06 -9.73
C LEU E 90 -61.08 20.38 -10.37
N GLU E 91 -60.86 19.21 -10.94
CA GLU E 91 -61.92 18.20 -11.04
C GLU E 91 -62.50 17.87 -9.68
N ASP E 92 -63.47 16.96 -9.66
CA ASP E 92 -64.52 16.98 -8.65
C ASP E 92 -64.02 16.41 -7.33
N THR E 93 -63.42 15.22 -7.39
CA THR E 93 -62.82 14.61 -6.22
C THR E 93 -61.51 13.92 -6.56
N VAL E 94 -60.48 14.19 -5.78
CA VAL E 94 -59.22 13.46 -5.88
C VAL E 94 -59.13 12.35 -4.84
N LYS E 95 -58.63 11.20 -5.25
CA LYS E 95 -58.58 10.03 -4.38
C LYS E 95 -57.23 9.90 -3.71
N HIS E 96 -57.21 9.17 -2.58
CA HIS E 96 -55.96 9.00 -1.85
C HIS E 96 -55.41 7.59 -1.93
N ASP E 97 -54.09 7.47 -2.00
CA ASP E 97 -53.42 6.20 -2.15
C ASP E 97 -52.53 5.90 -0.91
N TRP E 98 -53.04 5.14 0.05
CA TRP E 98 -52.28 4.80 1.27
C TRP E 98 -50.84 4.37 1.05
N GLU E 99 -50.62 3.47 0.10
CA GLU E 99 -49.30 2.90 -0.17
C GLU E 99 -48.29 3.95 -0.62
N LYS E 100 -48.65 4.68 -1.68
CA LYS E 100 -47.86 5.83 -2.15
C LYS E 100 -47.45 6.74 -0.98
N MET E 101 -48.39 7.01 -0.07
CA MET E 101 -48.16 7.87 1.07
C MET E 101 -47.19 7.27 2.04
N THR E 102 -47.53 6.11 2.59
CA THR E 102 -46.65 5.51 3.58
C THR E 102 -45.26 5.19 3.01
N GLU E 103 -45.17 5.02 1.70
CA GLU E 103 -43.89 4.90 1.03
C GLU E 103 -43.03 6.16 1.19
N SER E 104 -43.58 7.32 0.84
CA SER E 104 -42.82 8.58 0.98
C SER E 104 -42.40 8.85 2.43
N VAL E 105 -43.32 8.58 3.35
CA VAL E 105 -43.05 8.74 4.78
C VAL E 105 -41.84 7.89 5.17
N GLN E 106 -41.92 6.59 4.89
CA GLN E 106 -40.83 5.67 5.13
C GLN E 106 -39.56 6.15 4.46
N ASN E 107 -39.68 6.60 3.22
CA ASN E 107 -38.53 7.16 2.54
C ASN E 107 -37.87 8.29 3.33
N HIS E 108 -38.67 9.10 4.01
CA HIS E 108 -38.07 10.14 4.81
C HIS E 108 -37.54 9.60 6.13
N ILE E 109 -38.30 8.69 6.74
CA ILE E 109 -37.84 8.04 7.96
C ILE E 109 -36.48 7.40 7.69
N GLY E 110 -36.44 6.54 6.68
CA GLY E 110 -35.22 5.92 6.23
C GLY E 110 -34.02 6.84 6.21
N SER E 111 -34.14 7.99 5.55
CA SER E 111 -33.02 8.90 5.48
C SER E 111 -32.67 9.45 6.85
N LEU E 112 -33.64 9.50 7.78
CA LEU E 112 -33.34 9.98 9.14
C LEU E 112 -32.58 8.91 9.86
N ASN E 113 -33.02 7.66 9.76
CA ASN E 113 -32.26 6.53 10.28
C ASN E 113 -30.79 6.64 9.90
N TRP E 114 -30.53 6.66 8.59
CA TRP E 114 -29.18 6.74 8.02
C TRP E 114 -28.43 8.01 8.37
N GLY E 115 -29.16 9.08 8.64
CA GLY E 115 -28.58 10.35 9.00
C GLY E 115 -27.94 10.23 10.36
N TYR E 116 -28.65 9.60 11.27
CA TYR E 116 -28.20 9.49 12.63
C TYR E 116 -27.04 8.54 12.72
N ARG E 117 -27.10 7.43 11.96
CA ARG E 117 -26.00 6.45 11.92
C ARG E 117 -24.75 7.15 11.42
N VAL E 118 -24.90 8.08 10.47
CA VAL E 118 -23.78 8.88 9.95
C VAL E 118 -23.33 9.87 11.00
N ALA E 119 -24.28 10.58 11.57
CA ALA E 119 -23.96 11.61 12.54
C ALA E 119 -23.12 11.06 13.70
N LEU E 120 -23.40 9.83 14.12
CA LEU E 120 -22.67 9.21 15.21
C LEU E 120 -21.25 8.90 14.75
N ARG E 121 -21.14 8.39 13.53
CA ARG E 121 -19.83 8.07 12.97
C ARG E 121 -18.99 9.34 12.88
N GLU E 122 -19.56 10.41 12.30
CA GLU E 122 -18.87 11.70 12.18
C GLU E 122 -18.39 12.29 13.51
N LYS E 123 -19.24 12.25 14.54
CA LYS E 123 -18.86 12.78 15.84
C LYS E 123 -18.00 11.74 16.59
N LYS E 124 -17.77 10.58 15.97
CA LYS E 124 -16.93 9.51 16.54
C LYS E 124 -17.53 8.69 17.69
N VAL E 125 -18.86 8.75 17.86
CA VAL E 125 -19.55 7.90 18.83
C VAL E 125 -19.62 6.47 18.30
N VAL E 126 -19.49 5.48 19.18
CA VAL E 126 -19.57 4.09 18.73
C VAL E 126 -21.04 3.66 18.74
N TYR E 127 -21.56 3.24 17.59
CA TYR E 127 -22.92 2.69 17.52
C TYR E 127 -22.87 1.18 17.49
N GLU E 128 -23.67 0.57 18.34
CA GLU E 128 -23.77 -0.88 18.40
C GLU E 128 -25.27 -1.19 18.41
N ASN E 129 -25.74 -1.84 17.35
CA ASN E 129 -27.17 -2.15 17.25
C ASN E 129 -27.50 -3.40 18.07
N ALA E 130 -27.65 -3.18 19.38
CA ALA E 130 -27.87 -4.31 20.28
C ALA E 130 -28.66 -3.92 21.52
N TYR E 131 -29.32 -4.92 22.11
CA TYR E 131 -30.11 -4.72 23.32
C TYR E 131 -29.18 -4.63 24.50
N GLY E 132 -29.30 -3.56 25.27
CA GLY E 132 -28.46 -3.35 26.43
C GLY E 132 -29.18 -3.82 27.67
N LYS E 133 -28.47 -4.56 28.49
CA LYS E 133 -29.00 -5.11 29.73
C LYS E 133 -27.90 -5.04 30.75
N PHE E 134 -28.16 -4.41 31.89
CA PHE E 134 -27.15 -4.38 32.95
C PHE E 134 -26.85 -5.77 33.53
N ILE E 135 -25.58 -6.04 33.80
CA ILE E 135 -25.16 -7.30 34.44
C ILE E 135 -24.47 -7.19 35.80
N GLY E 136 -23.90 -6.02 36.09
CA GLY E 136 -23.29 -5.76 37.39
C GLY E 136 -22.82 -4.32 37.40
N PRO E 137 -22.35 -3.80 38.55
CA PRO E 137 -21.92 -2.41 38.61
C PRO E 137 -20.93 -2.06 37.50
N HIS E 138 -21.20 -1.00 36.74
CA HIS E 138 -20.35 -0.51 35.62
C HIS E 138 -20.19 -1.46 34.43
N LYS E 139 -21.05 -2.47 34.35
CA LYS E 139 -20.92 -3.58 33.38
C LYS E 139 -22.25 -3.83 32.66
N ILE E 140 -22.23 -3.76 31.34
CA ILE E 140 -23.44 -4.01 30.61
C ILE E 140 -23.24 -5.12 29.60
N MET E 141 -24.28 -5.89 29.36
CA MET E 141 -24.27 -6.89 28.32
C MET E 141 -25.03 -6.43 27.09
N ALA E 142 -24.40 -6.53 25.94
CA ALA E 142 -25.01 -6.14 24.68
C ALA E 142 -25.38 -7.37 23.85
N THR E 143 -26.64 -7.80 23.96
CA THR E 143 -27.14 -8.89 23.12
C THR E 143 -27.49 -8.38 21.72
N ASN E 144 -26.64 -8.71 20.74
CA ASN E 144 -26.86 -8.22 19.40
C ASN E 144 -28.00 -8.97 18.72
N ASN E 145 -28.28 -8.56 17.50
CA ASN E 145 -29.48 -8.95 16.80
C ASN E 145 -29.60 -10.44 16.61
N LYS E 146 -28.48 -11.12 16.39
CA LYS E 146 -28.49 -12.58 16.15
C LYS E 146 -28.43 -13.43 17.41
N GLY E 147 -27.86 -12.90 18.47
CA GLY E 147 -27.85 -13.61 19.72
C GLY E 147 -26.55 -13.51 20.48
N LYS E 148 -25.45 -13.22 19.77
CA LYS E 148 -24.14 -13.10 20.42
C LYS E 148 -24.15 -11.94 21.39
N GLU E 149 -23.40 -12.07 22.50
CA GLU E 149 -23.33 -11.03 23.53
C GLU E 149 -21.91 -10.54 23.70
N LYS E 150 -21.73 -9.26 23.96
CA LYS E 150 -20.44 -8.74 24.29
C LYS E 150 -20.60 -8.00 25.60
N VAL E 151 -19.57 -7.93 26.40
CA VAL E 151 -19.69 -7.22 27.65
C VAL E 151 -18.85 -5.95 27.60
N TYR E 152 -19.49 -4.82 27.87
CA TYR E 152 -18.82 -3.54 27.91
C TYR E 152 -18.89 -2.93 29.31
N SER E 153 -17.96 -2.03 29.60
CA SER E 153 -17.96 -1.25 30.86
C SER E 153 -17.89 0.26 30.60
N ALA E 154 -18.29 1.05 31.59
CA ALA E 154 -18.27 2.50 31.49
C ALA E 154 -18.34 3.18 32.85
N GLU E 155 -17.71 4.33 32.97
CA GLU E 155 -17.76 5.13 34.20
C GLU E 155 -19.15 5.66 34.56
N ARG E 156 -19.88 6.13 33.55
CA ARG E 156 -21.26 6.56 33.72
C ARG E 156 -22.19 5.94 32.70
N PHE E 157 -23.49 5.88 33.02
CA PHE E 157 -24.48 5.31 32.15
C PHE E 157 -25.67 6.23 32.01
N LEU E 158 -26.24 6.29 30.82
CA LEU E 158 -27.50 6.99 30.61
C LEU E 158 -28.58 6.00 30.19
N ILE E 159 -29.62 5.84 30.99
CA ILE E 159 -30.76 5.05 30.59
C ILE E 159 -31.71 5.94 29.83
N ALA E 160 -31.93 5.62 28.57
CA ALA E 160 -32.77 6.43 27.69
C ALA E 160 -33.53 5.51 26.76
N THR E 161 -34.38 4.67 27.34
CA THR E 161 -34.96 3.55 26.64
C THR E 161 -36.39 3.81 26.21
N GLY E 162 -37.01 4.84 26.75
CA GLY E 162 -38.35 5.18 26.35
C GLY E 162 -39.37 4.10 26.67
N GLU E 163 -40.49 4.11 25.94
CA GLU E 163 -41.63 3.24 26.20
C GLU E 163 -42.12 2.54 24.93
N ARG E 164 -43.13 1.71 25.04
CA ARG E 164 -43.73 1.06 23.88
C ARG E 164 -45.21 0.95 24.13
N PRO E 165 -46.04 0.85 23.06
CA PRO E 165 -47.49 0.81 23.21
C PRO E 165 -47.98 -0.34 24.10
N ARG E 166 -48.94 -0.02 24.95
CA ARG E 166 -49.58 -1.01 25.80
C ARG E 166 -50.79 -1.57 25.08
N TYR E 167 -51.03 -2.85 25.29
CA TYR E 167 -52.25 -3.50 24.83
C TYR E 167 -53.29 -3.59 25.94
N LEU E 168 -54.52 -3.99 25.58
CA LEU E 168 -55.55 -4.27 26.56
C LEU E 168 -55.35 -5.68 27.05
N GLY E 169 -55.72 -5.95 28.28
CA GLY E 169 -55.61 -7.33 28.77
C GLY E 169 -56.64 -8.29 28.16
N ILE E 170 -57.06 -8.06 26.90
CA ILE E 170 -58.15 -8.84 26.28
C ILE E 170 -57.65 -9.71 25.10
N PRO E 171 -58.46 -10.66 24.62
CA PRO E 171 -57.95 -11.57 23.61
C PRO E 171 -58.22 -11.12 22.18
N GLY E 172 -57.32 -11.52 21.27
CA GLY E 172 -57.36 -11.17 19.84
C GLY E 172 -56.52 -9.95 19.55
N ASP E 173 -56.39 -9.10 20.56
CA ASP E 173 -55.74 -7.79 20.49
C ASP E 173 -54.27 -7.78 20.01
N LYS E 174 -53.44 -8.70 20.48
CA LYS E 174 -52.05 -8.74 20.06
C LYS E 174 -51.87 -9.34 18.67
N GLU E 175 -52.69 -10.34 18.32
CA GLU E 175 -52.56 -11.00 17.00
C GLU E 175 -53.36 -10.31 15.89
N TYR E 176 -54.38 -9.52 16.26
CA TYR E 176 -55.23 -8.89 15.26
C TYR E 176 -55.23 -7.37 15.20
N CYS E 177 -54.75 -6.69 16.24
CA CYS E 177 -54.77 -5.23 16.26
C CYS E 177 -53.42 -4.61 16.01
N ILE E 178 -53.44 -3.32 15.68
CA ILE E 178 -52.22 -2.57 15.47
C ILE E 178 -52.12 -1.49 16.54
N SER E 179 -50.88 -1.08 16.83
CA SER E 179 -50.57 0.07 17.68
C SER E 179 -50.09 1.26 16.86
N SER E 180 -49.62 2.29 17.52
CA SER E 180 -48.98 3.36 16.82
C SER E 180 -47.81 2.77 16.07
N ASP E 181 -47.09 1.83 16.70
CA ASP E 181 -45.84 1.23 16.18
C ASP E 181 -46.00 0.58 14.81
N ASP E 182 -47.22 0.18 14.49
CA ASP E 182 -47.50 -0.59 13.29
C ASP E 182 -48.09 0.27 12.19
N LEU E 183 -49.02 1.15 12.59
CA LEU E 183 -49.79 1.98 11.66
C LEU E 183 -48.96 2.67 10.60
N PHE E 184 -47.83 3.23 11.03
CA PHE E 184 -47.00 4.06 10.19
C PHE E 184 -46.16 3.33 9.17
N SER E 185 -46.22 2.00 9.15
CA SER E 185 -45.65 1.26 8.02
C SER E 185 -46.61 0.25 7.43
N LEU E 186 -47.89 0.33 7.82
CA LEU E 186 -48.88 -0.62 7.35
C LEU E 186 -48.77 -0.77 5.85
N PRO E 187 -48.50 -2.01 5.39
CA PRO E 187 -48.30 -2.35 3.98
C PRO E 187 -49.59 -2.39 3.18
N TYR E 188 -50.70 -2.01 3.78
CA TYR E 188 -51.96 -1.90 3.06
C TYR E 188 -52.80 -0.76 3.67
N CYS E 189 -53.72 -0.21 2.87
CA CYS E 189 -54.71 0.76 3.31
C CYS E 189 -55.45 0.14 4.50
N PRO E 190 -55.50 0.84 5.65
CA PRO E 190 -56.16 0.28 6.82
C PRO E 190 -57.65 0.03 6.66
N GLY E 191 -58.32 0.70 5.71
CA GLY E 191 -59.77 0.60 5.55
C GLY E 191 -60.54 1.03 6.77
N LYS E 192 -61.83 0.70 6.85
CA LYS E 192 -62.68 1.05 8.01
C LYS E 192 -61.91 0.75 9.29
N THR E 193 -61.84 1.73 10.18
CA THR E 193 -61.03 1.58 11.37
C THR E 193 -61.78 1.91 12.64
N LEU E 194 -61.43 1.17 13.68
CA LEU E 194 -61.77 1.52 15.05
C LEU E 194 -60.50 1.88 15.79
N VAL E 195 -60.47 3.10 16.30
CA VAL E 195 -59.39 3.53 17.13
C VAL E 195 -59.89 3.49 18.55
N VAL E 196 -59.19 2.73 19.38
CA VAL E 196 -59.56 2.53 20.76
C VAL E 196 -58.63 3.39 21.58
N GLY E 197 -59.19 4.29 22.38
CA GLY E 197 -58.44 5.26 23.21
C GLY E 197 -58.81 6.69 22.85
N ALA E 198 -58.42 7.67 23.67
CA ALA E 198 -58.79 9.05 23.39
C ALA E 198 -57.79 10.09 23.91
N SER E 199 -56.50 9.82 23.78
CA SER E 199 -55.49 10.87 24.06
C SER E 199 -54.76 11.31 22.79
N TYR E 200 -53.59 11.93 22.91
CA TYR E 200 -52.99 12.51 21.72
C TYR E 200 -52.90 11.49 20.62
N VAL E 201 -52.31 10.33 20.90
CA VAL E 201 -52.14 9.30 19.85
C VAL E 201 -53.46 8.81 19.23
N ALA E 202 -54.44 8.54 20.07
CA ALA E 202 -55.72 8.04 19.60
C ALA E 202 -56.42 9.03 18.66
N LEU E 203 -56.63 10.25 19.12
CA LEU E 203 -57.32 11.29 18.32
C LEU E 203 -56.55 11.75 17.11
N GLU E 204 -55.24 11.96 17.26
CA GLU E 204 -54.40 12.35 16.13
C GLU E 204 -54.52 11.37 14.96
N CYS E 205 -54.41 10.09 15.28
CA CYS E 205 -54.53 9.03 14.30
C CYS E 205 -55.90 8.91 13.72
N ALA E 206 -56.90 8.90 14.59
CA ALA E 206 -58.27 8.88 14.09
C ALA E 206 -58.44 10.07 13.15
N GLY E 207 -57.85 11.20 13.51
CA GLY E 207 -57.97 12.40 12.73
C GLY E 207 -57.39 12.32 11.34
N PHE E 208 -56.13 11.90 11.22
CA PHE E 208 -55.53 11.81 9.91
C PHE E 208 -56.08 10.65 9.08
N LEU E 209 -56.40 9.52 9.72
CA LEU E 209 -57.05 8.43 9.01
C LEU E 209 -58.34 8.91 8.34
N ALA E 210 -59.20 9.58 9.10
CA ALA E 210 -60.46 10.13 8.56
C ALA E 210 -60.19 11.16 7.46
N GLY E 211 -59.25 12.05 7.75
CA GLY E 211 -58.80 13.07 6.83
C GLY E 211 -58.35 12.60 5.46
N ILE E 212 -57.79 11.39 5.33
CA ILE E 212 -57.39 10.86 4.01
C ILE E 212 -58.50 10.03 3.39
N GLY E 213 -59.67 10.04 4.01
CA GLY E 213 -60.85 9.43 3.40
C GLY E 213 -61.46 8.15 3.98
N LEU E 214 -60.92 7.62 5.08
CA LEU E 214 -61.37 6.33 5.64
C LEU E 214 -62.50 6.46 6.63
N ASP E 215 -63.24 5.36 6.82
CA ASP E 215 -64.36 5.30 7.75
C ASP E 215 -63.87 5.01 9.15
N VAL E 216 -63.87 6.04 10.00
CA VAL E 216 -63.19 5.96 11.31
C VAL E 216 -64.07 6.16 12.52
N THR E 217 -63.96 5.25 13.49
CA THR E 217 -64.68 5.36 14.75
C THR E 217 -63.71 5.37 15.95
N VAL E 218 -63.97 6.26 16.90
CA VAL E 218 -63.19 6.31 18.12
C VAL E 218 -64.03 5.82 19.31
N MET E 219 -63.51 4.80 20.02
CA MET E 219 -64.16 4.22 21.19
C MET E 219 -63.54 4.79 22.48
N VAL E 220 -64.30 5.66 23.14
CA VAL E 220 -63.82 6.39 24.31
C VAL E 220 -64.23 5.67 25.58
N ARG E 221 -63.28 5.33 26.45
CA ARG E 221 -63.64 4.78 27.78
C ARG E 221 -64.29 5.83 28.68
N SER E 222 -63.56 6.87 29.04
CA SER E 222 -64.16 7.90 29.86
C SER E 222 -64.22 9.26 29.15
N ILE E 223 -63.30 10.16 29.46
CA ILE E 223 -63.23 11.50 28.90
C ILE E 223 -62.19 11.58 27.76
N LEU E 224 -62.26 12.62 26.94
CA LEU E 224 -61.24 12.89 25.92
C LEU E 224 -60.01 13.61 26.48
N LEU E 225 -58.83 13.20 26.06
CA LEU E 225 -57.59 13.87 26.44
C LEU E 225 -57.44 14.16 27.94
N ARG E 226 -57.62 13.13 28.77
CA ARG E 226 -57.37 13.25 30.21
C ARG E 226 -56.06 13.96 30.40
N GLY E 227 -56.07 15.02 31.20
CA GLY E 227 -54.87 15.75 31.53
C GLY E 227 -54.81 17.10 30.86
N PHE E 228 -55.42 17.21 29.68
CA PHE E 228 -55.47 18.49 28.99
C PHE E 228 -56.76 19.20 29.38
N ASP E 229 -56.76 20.53 29.31
CA ASP E 229 -57.97 21.32 29.58
C ASP E 229 -59.19 20.65 28.94
N GLN E 230 -60.09 20.13 29.79
CA GLN E 230 -61.27 19.38 29.34
C GLN E 230 -62.23 20.10 28.38
N ASP E 231 -62.40 21.40 28.52
CA ASP E 231 -63.22 22.18 27.59
C ASP E 231 -62.57 22.16 26.19
N MET E 232 -61.27 22.39 26.11
CA MET E 232 -60.57 22.31 24.82
C MET E 232 -60.73 20.89 24.26
N ALA E 233 -60.50 19.90 25.12
CA ALA E 233 -60.68 18.50 24.72
C ALA E 233 -62.05 18.27 24.08
N ASN E 234 -63.11 18.73 24.74
CA ASN E 234 -64.44 18.59 24.19
C ASN E 234 -64.64 19.28 22.85
N LYS E 235 -64.12 20.51 22.71
CA LYS E 235 -64.22 21.21 21.46
C LYS E 235 -63.50 20.43 20.36
N ILE E 236 -62.34 19.83 20.68
CA ILE E 236 -61.61 19.00 19.73
C ILE E 236 -62.52 17.85 19.32
N GLY E 237 -63.15 17.23 20.32
CA GLY E 237 -64.09 16.15 20.08
C GLY E 237 -65.25 16.56 19.18
N GLU E 238 -65.89 17.68 19.51
CA GLU E 238 -66.97 18.23 18.71
C GLU E 238 -66.55 18.48 17.27
N HIS E 239 -65.39 19.13 17.10
CA HIS E 239 -64.89 19.40 15.78
C HIS E 239 -64.70 18.10 15.02
N MET E 240 -64.02 17.14 15.62
CA MET E 240 -63.79 15.85 14.98
C MET E 240 -65.08 15.14 14.57
N GLU E 241 -66.11 15.22 15.41
CA GLU E 241 -67.39 14.59 15.10
C GLU E 241 -68.06 15.31 13.96
N GLU E 242 -67.98 16.63 13.97
CA GLU E 242 -68.64 17.42 12.97
C GLU E 242 -68.00 17.21 11.64
N HIS E 243 -66.75 16.81 11.62
CA HIS E 243 -66.08 16.57 10.34
C HIS E 243 -65.91 15.09 10.03
N GLY E 244 -66.91 14.30 10.37
CA GLY E 244 -67.00 12.91 9.95
C GLY E 244 -66.25 11.82 10.73
N ILE E 245 -66.01 12.02 12.04
CA ILE E 245 -65.44 10.96 12.86
C ILE E 245 -66.51 10.46 13.80
N LYS E 246 -66.71 9.14 13.84
CA LYS E 246 -67.76 8.56 14.65
C LYS E 246 -67.23 8.27 16.03
N PHE E 247 -68.03 8.59 17.05
CA PHE E 247 -67.65 8.41 18.45
C PHE E 247 -68.56 7.44 19.21
N ILE E 248 -67.96 6.43 19.83
CA ILE E 248 -68.66 5.51 20.70
C ILE E 248 -68.24 5.87 22.13
N ARG E 249 -69.12 6.55 22.88
CA ARG E 249 -68.81 7.06 24.22
C ARG E 249 -69.14 6.07 25.31
N GLN E 250 -68.27 5.97 26.31
CA GLN E 250 -68.40 5.01 27.43
C GLN E 250 -68.51 3.52 27.03
N PHE E 251 -67.46 2.97 26.42
CA PHE E 251 -67.38 1.56 26.04
C PHE E 251 -65.90 1.10 26.02
N VAL E 252 -65.65 -0.14 26.43
CA VAL E 252 -64.32 -0.73 26.32
C VAL E 252 -64.45 -2.06 25.59
N PRO E 253 -63.55 -2.34 24.64
CA PRO E 253 -63.68 -3.61 23.97
C PRO E 253 -63.36 -4.77 24.91
N THR E 254 -64.01 -5.91 24.65
CA THR E 254 -63.86 -7.10 25.47
C THR E 254 -63.16 -8.22 24.70
N LYS E 255 -63.38 -8.24 23.38
CA LYS E 255 -62.68 -9.20 22.54
C LYS E 255 -62.61 -8.78 21.08
N ILE E 256 -61.53 -9.19 20.42
CA ILE E 256 -61.34 -8.94 18.99
C ILE E 256 -61.08 -10.29 18.31
N GLU E 257 -61.92 -10.60 17.32
CA GLU E 257 -61.85 -11.90 16.69
C GLU E 257 -61.81 -11.76 15.18
N GLN E 258 -60.89 -12.50 14.56
CA GLN E 258 -60.69 -12.44 13.11
C GLN E 258 -61.82 -13.11 12.38
N ILE E 259 -62.60 -12.33 11.63
CA ILE E 259 -63.62 -12.87 10.75
C ILE E 259 -63.04 -13.17 9.36
N GLU E 260 -61.80 -12.72 9.13
CA GLU E 260 -61.05 -13.15 7.96
C GLU E 260 -59.55 -12.88 8.15
N ALA E 261 -58.75 -13.45 7.26
CA ALA E 261 -57.44 -12.88 6.94
C ALA E 261 -57.48 -12.13 5.61
N GLY E 262 -56.52 -11.23 5.41
CA GLY E 262 -56.61 -10.24 4.38
C GLY E 262 -55.68 -9.09 4.67
N THR E 263 -55.46 -8.26 3.65
CA THR E 263 -54.65 -7.05 3.78
C THR E 263 -55.40 -5.88 3.14
N PRO E 264 -56.34 -5.28 3.91
CA PRO E 264 -56.67 -5.53 5.30
C PRO E 264 -57.56 -6.76 5.52
N GLY E 265 -57.58 -7.29 6.74
CA GLY E 265 -58.47 -8.40 7.05
C GLY E 265 -59.89 -7.91 7.22
N ARG E 266 -60.63 -8.58 8.11
CA ARG E 266 -61.96 -8.16 8.58
C ARG E 266 -62.06 -8.69 10.00
N LEU E 267 -62.29 -7.80 10.96
CA LEU E 267 -62.26 -8.17 12.37
C LEU E 267 -63.57 -7.80 13.04
N LYS E 268 -63.95 -8.51 14.10
CA LYS E 268 -65.17 -8.23 14.84
C LYS E 268 -64.90 -7.79 16.27
N VAL E 269 -65.28 -6.56 16.58
CA VAL E 269 -65.02 -6.02 17.90
C VAL E 269 -66.29 -6.01 18.72
N THR E 270 -66.18 -6.61 19.89
CA THR E 270 -67.27 -6.68 20.82
C THR E 270 -66.86 -5.83 22.02
N ALA E 271 -67.75 -4.95 22.45
CA ALA E 271 -67.43 -4.03 23.54
C ALA E 271 -68.55 -3.93 24.58
N LYS E 272 -68.14 -3.92 25.84
CA LYS E 272 -69.04 -3.75 26.99
C LYS E 272 -69.16 -2.25 27.37
N SER E 273 -70.23 -1.86 28.06
CA SER E 273 -70.37 -0.48 28.58
C SER E 273 -69.52 -0.20 29.84
N THR E 274 -69.23 1.09 30.06
CA THR E 274 -68.49 1.59 31.22
C THR E 274 -69.30 1.38 32.49
N ASN E 275 -70.63 1.38 32.36
CA ASN E 275 -71.55 1.38 33.51
C ASN E 275 -72.78 0.46 33.40
N SER E 276 -73.48 0.54 32.26
CA SER E 276 -74.58 -0.39 32.00
C SER E 276 -74.08 -1.82 31.67
N GLU E 277 -75.00 -2.75 31.42
CA GLU E 277 -74.61 -4.13 31.14
C GLU E 277 -74.46 -4.44 29.63
N GLU E 278 -75.08 -3.57 28.83
CA GLU E 278 -75.15 -3.62 27.38
C GLU E 278 -73.88 -4.03 26.60
N THR E 279 -74.12 -4.54 25.40
CA THR E 279 -73.07 -5.07 24.53
C THR E 279 -73.24 -4.57 23.11
N ILE E 280 -72.16 -4.14 22.46
CA ILE E 280 -72.21 -3.82 21.04
C ILE E 280 -71.21 -4.61 20.20
N GLU E 281 -71.59 -4.83 18.95
CA GLU E 281 -70.77 -5.49 17.96
C GLU E 281 -70.75 -4.64 16.70
N ASP E 282 -69.56 -4.33 16.21
CA ASP E 282 -69.38 -3.97 14.81
C ASP E 282 -68.16 -4.69 14.22
N GLU E 283 -67.99 -4.60 12.89
CA GLU E 283 -66.80 -5.14 12.23
C GLU E 283 -66.00 -4.11 11.44
N PHE E 284 -64.68 -4.11 11.65
CA PHE E 284 -63.80 -3.14 11.01
C PHE E 284 -62.72 -3.83 10.17
N ASN E 285 -61.94 -3.08 9.41
CA ASN E 285 -60.77 -3.65 8.73
C ASN E 285 -59.50 -3.59 9.57
N THR E 286 -59.42 -2.58 10.43
CA THR E 286 -58.25 -2.39 11.26
C THR E 286 -58.69 -1.89 12.61
N VAL E 287 -58.07 -2.40 13.66
CA VAL E 287 -58.32 -1.87 14.99
C VAL E 287 -57.02 -1.23 15.52
N LEU E 288 -57.11 0.06 15.80
CA LEU E 288 -55.98 0.75 16.32
C LEU E 288 -56.10 0.90 17.83
N LEU E 289 -55.19 0.26 18.54
CA LEU E 289 -55.11 0.34 19.98
C LEU E 289 -54.12 1.41 20.42
N ALA E 290 -54.63 2.53 20.91
CA ALA E 290 -53.79 3.60 21.34
C ALA E 290 -54.18 3.88 22.76
N VAL E 291 -53.70 3.04 23.66
CA VAL E 291 -54.22 3.00 25.01
C VAL E 291 -53.07 3.02 26.01
N GLY E 292 -52.19 4.00 25.87
CA GLY E 292 -51.04 4.14 26.78
C GLY E 292 -49.77 3.44 26.35
N ARG E 293 -48.68 3.73 27.06
CA ARG E 293 -47.40 3.07 26.79
C ARG E 293 -46.67 2.82 28.09
N ASP E 294 -46.07 1.63 28.23
CA ASP E 294 -45.28 1.28 29.40
C ASP E 294 -43.82 1.51 29.12
N SER E 295 -43.06 1.90 30.15
CA SER E 295 -41.63 2.12 30.04
C SER E 295 -40.84 0.83 29.85
N CYS E 296 -39.76 0.90 29.08
CA CYS E 296 -38.86 -0.23 28.92
C CYS E 296 -37.79 -0.14 29.97
N THR E 297 -38.21 -0.35 31.21
CA THR E 297 -37.34 -0.27 32.38
C THR E 297 -37.32 -1.59 33.12
N ARG E 298 -38.30 -2.45 32.82
CA ARG E 298 -38.37 -3.79 33.39
C ARG E 298 -37.17 -4.66 33.04
N THR E 299 -36.98 -4.95 31.77
CA THR E 299 -35.99 -5.96 31.40
C THR E 299 -34.64 -5.41 30.93
N ILE E 300 -34.12 -4.42 31.65
CA ILE E 300 -32.80 -3.88 31.33
C ILE E 300 -31.85 -4.22 32.44
N GLY E 301 -32.27 -5.16 33.28
CA GLY E 301 -31.44 -5.66 34.36
C GLY E 301 -31.07 -4.57 35.35
N LEU E 302 -32.04 -3.76 35.75
CA LEU E 302 -31.77 -2.71 36.72
C LEU E 302 -31.43 -3.26 38.11
N GLU E 303 -31.97 -4.43 38.46
CA GLU E 303 -31.67 -5.10 39.73
C GLU E 303 -30.17 -5.22 39.92
N THR E 304 -29.47 -5.71 38.91
CA THR E 304 -28.03 -5.99 38.99
C THR E 304 -27.16 -4.75 39.28
N VAL E 305 -27.76 -3.57 39.30
CA VAL E 305 -27.03 -2.35 39.66
C VAL E 305 -27.82 -1.52 40.67
N GLY E 306 -28.98 -2.03 41.05
CA GLY E 306 -29.81 -1.45 42.12
C GLY E 306 -30.39 -0.08 41.86
N VAL E 307 -30.82 0.17 40.62
CA VAL E 307 -31.51 1.40 40.31
C VAL E 307 -32.92 1.22 40.80
N LYS E 308 -33.40 2.15 41.63
CA LYS E 308 -34.78 2.07 42.07
C LYS E 308 -35.72 2.61 41.00
N ILE E 309 -36.76 1.85 40.71
CA ILE E 309 -37.83 2.32 39.81
C ILE E 309 -39.19 2.24 40.51
N ASN E 310 -40.10 3.15 40.16
CA ASN E 310 -41.47 3.03 40.62
C ASN E 310 -42.07 1.72 40.13
N GLU E 311 -42.29 0.78 41.04
CA GLU E 311 -42.78 -0.55 40.67
C GLU E 311 -44.15 -0.51 40.04
N LYS E 312 -45.05 0.31 40.57
CA LYS E 312 -46.40 0.43 40.05
C LYS E 312 -46.41 0.95 38.63
N THR E 313 -45.78 2.11 38.38
CA THR E 313 -45.81 2.74 37.05
C THR E 313 -44.70 2.31 36.07
N GLY E 314 -43.51 2.06 36.59
CA GLY E 314 -42.39 1.64 35.74
C GLY E 314 -41.41 2.77 35.49
N LYS E 315 -41.74 3.96 35.98
CA LYS E 315 -40.92 5.14 35.76
C LYS E 315 -39.72 5.14 36.68
N ILE E 316 -38.66 5.84 36.26
CA ILE E 316 -37.47 5.98 37.06
C ILE E 316 -37.53 7.37 37.71
N PRO E 317 -37.71 7.42 39.07
CA PRO E 317 -37.52 8.65 39.83
C PRO E 317 -36.09 9.13 39.71
N VAL E 318 -35.90 10.44 39.74
CA VAL E 318 -34.67 11.02 39.27
C VAL E 318 -34.46 12.42 39.88
N THR E 319 -33.21 12.77 40.18
CA THR E 319 -32.93 14.06 40.79
C THR E 319 -33.19 15.17 39.77
N ASP E 320 -33.27 16.41 40.20
CA ASP E 320 -33.48 17.51 39.27
C ASP E 320 -32.30 17.64 38.30
N GLU E 321 -31.36 16.70 38.40
CA GLU E 321 -30.22 16.61 37.47
C GLU E 321 -30.23 15.35 36.62
N GLU E 322 -31.38 14.68 36.57
CA GLU E 322 -31.59 13.46 35.78
C GLU E 322 -30.75 12.28 36.26
N GLN E 323 -30.41 12.31 37.55
CA GLN E 323 -29.65 11.27 38.22
C GLN E 323 -30.58 10.29 38.91
N THR E 324 -30.36 8.99 38.71
CA THR E 324 -31.09 7.94 39.42
C THR E 324 -30.50 7.84 40.82
N ASN E 325 -31.12 7.03 41.67
CA ASN E 325 -30.55 6.81 43.00
C ASN E 325 -29.13 6.24 42.94
N VAL E 326 -28.76 5.54 41.88
CA VAL E 326 -27.36 5.09 41.74
C VAL E 326 -26.50 6.14 41.03
N PRO E 327 -25.54 6.78 41.76
CA PRO E 327 -24.83 8.01 41.36
C PRO E 327 -24.13 8.08 40.00
N TYR E 328 -23.79 6.93 39.41
CA TYR E 328 -23.15 6.96 38.09
C TYR E 328 -24.14 6.73 36.95
N ILE E 329 -25.40 6.44 37.29
CA ILE E 329 -26.43 6.10 36.30
C ILE E 329 -27.45 7.22 36.13
N TYR E 330 -27.78 7.56 34.91
CA TYR E 330 -28.73 8.62 34.65
C TYR E 330 -29.88 8.16 33.78
N ALA E 331 -30.97 8.92 33.84
CA ALA E 331 -32.17 8.65 33.08
C ALA E 331 -32.73 9.92 32.40
N ILE E 332 -33.25 9.75 31.21
CA ILE E 332 -33.55 10.85 30.33
C ILE E 332 -34.86 10.53 29.66
N GLY E 333 -35.66 11.56 29.41
CA GLY E 333 -36.81 11.42 28.51
C GLY E 333 -38.10 10.85 29.07
N ASP E 334 -38.68 9.88 28.36
CA ASP E 334 -40.04 9.39 28.65
C ASP E 334 -40.11 8.55 29.90
N ILE E 335 -39.04 7.80 30.18
CA ILE E 335 -39.00 6.86 31.28
C ILE E 335 -38.96 7.55 32.65
N LEU E 336 -38.73 8.86 32.66
CA LEU E 336 -38.66 9.62 33.93
C LEU E 336 -40.02 9.76 34.55
N GLU E 337 -40.03 9.86 35.87
CA GLU E 337 -41.27 9.95 36.65
C GLU E 337 -41.76 11.41 36.80
N GLY E 338 -43.06 11.62 36.61
CA GLY E 338 -43.63 12.96 36.67
C GLY E 338 -42.90 13.98 35.80
N LYS E 339 -42.65 13.62 34.55
CA LYS E 339 -42.18 14.59 33.57
C LYS E 339 -43.07 14.56 32.35
N LEU E 340 -42.73 15.38 31.39
CA LEU E 340 -43.45 15.38 30.14
C LEU E 340 -42.75 14.39 29.25
N GLU E 341 -43.56 13.61 28.55
CA GLU E 341 -43.06 12.63 27.59
C GLU E 341 -43.15 13.19 26.18
N LEU E 342 -42.30 14.18 25.92
CA LEU E 342 -42.24 14.89 24.64
C LEU E 342 -40.79 14.89 24.14
N THR E 343 -40.59 14.94 22.82
CA THR E 343 -39.25 14.83 22.21
C THR E 343 -38.31 16.00 22.56
N PRO E 344 -38.76 17.25 22.36
CA PRO E 344 -37.85 18.33 22.65
C PRO E 344 -37.38 18.33 24.10
N VAL E 345 -38.23 17.89 25.02
CA VAL E 345 -37.86 17.72 26.42
C VAL E 345 -36.66 16.79 26.51
N ALA E 346 -36.82 15.56 26.06
CA ALA E 346 -35.74 14.58 26.05
C ALA E 346 -34.46 15.09 25.42
N ILE E 347 -34.56 15.75 24.26
CA ILE E 347 -33.39 16.36 23.60
C ILE E 347 -32.72 17.37 24.52
N GLN E 348 -33.49 18.31 25.05
CA GLN E 348 -32.99 19.30 25.99
C GLN E 348 -32.36 18.65 27.20
N ALA E 349 -33.11 17.78 27.88
CA ALA E 349 -32.61 17.12 29.08
C ALA E 349 -31.27 16.46 28.82
N GLY E 350 -31.25 15.61 27.80
CA GLY E 350 -30.06 14.92 27.37
C GLY E 350 -28.89 15.82 27.01
N ARG E 351 -29.15 16.83 26.18
CA ARG E 351 -28.10 17.77 25.77
C ARG E 351 -27.52 18.50 26.97
N LEU E 352 -28.38 19.00 27.84
CA LEU E 352 -27.97 19.71 29.03
C LEU E 352 -27.32 18.82 30.08
N LEU E 353 -27.71 17.55 30.16
CA LEU E 353 -27.02 16.62 31.06
C LEU E 353 -25.54 16.43 30.63
N ALA E 354 -25.30 16.37 29.33
CA ALA E 354 -23.95 16.21 28.84
C ALA E 354 -23.14 17.44 29.14
N GLN E 355 -23.79 18.60 29.16
CA GLN E 355 -23.12 19.85 29.50
C GLN E 355 -22.60 19.80 30.94
N ARG E 356 -23.47 19.41 31.86
CA ARG E 356 -23.11 19.33 33.26
C ARG E 356 -21.93 18.40 33.48
N LEU E 357 -22.07 17.15 33.01
CA LEU E 357 -21.07 16.11 33.23
C LEU E 357 -19.70 16.45 32.67
N TYR E 358 -19.62 16.87 31.43
CA TYR E 358 -18.32 17.04 30.77
C TYR E 358 -17.93 18.49 30.40
N GLY E 359 -18.80 19.46 30.66
CA GLY E 359 -18.53 20.85 30.28
C GLY E 359 -18.70 21.83 31.42
N GLY E 360 -19.02 21.28 32.60
CA GLY E 360 -19.15 22.06 33.83
C GLY E 360 -20.20 23.16 33.84
N SER E 361 -21.26 22.99 33.04
CA SER E 361 -22.40 23.92 33.06
C SER E 361 -23.20 23.57 34.29
N THR E 362 -23.76 24.58 34.95
CA THR E 362 -24.63 24.34 36.11
C THR E 362 -26.10 24.42 35.75
N VAL E 363 -26.36 24.56 34.45
CA VAL E 363 -27.71 24.72 33.89
C VAL E 363 -28.51 23.41 33.94
N LYS E 364 -29.59 23.45 34.73
CA LYS E 364 -30.52 22.35 34.87
C LYS E 364 -31.56 22.41 33.77
N CYS E 365 -32.43 21.42 33.76
CA CYS E 365 -33.44 21.34 32.74
C CYS E 365 -34.74 21.91 33.29
N ASP E 366 -35.34 22.84 32.55
CA ASP E 366 -36.57 23.44 33.02
C ASP E 366 -37.79 22.69 32.53
N TYR E 367 -38.45 21.95 33.42
CA TYR E 367 -39.63 21.16 33.05
C TYR E 367 -40.94 21.95 33.20
N ASP E 368 -40.85 23.22 33.54
CA ASP E 368 -42.03 24.03 33.84
C ASP E 368 -42.55 24.77 32.62
N ASN E 369 -43.86 24.61 32.35
CA ASN E 369 -44.52 25.27 31.23
C ASN E 369 -43.96 24.90 29.88
N VAL E 370 -43.73 23.59 29.71
CA VAL E 370 -43.31 23.05 28.42
C VAL E 370 -44.51 23.04 27.45
N PRO E 371 -44.41 23.77 26.33
CA PRO E 371 -45.53 23.81 25.41
C PRO E 371 -45.73 22.44 24.77
N THR E 372 -46.96 22.14 24.37
CA THR E 372 -47.27 20.89 23.68
C THR E 372 -48.25 21.20 22.56
N THR E 373 -48.37 20.33 21.56
CA THR E 373 -49.43 20.49 20.58
C THR E 373 -50.03 19.16 20.20
N VAL E 374 -51.34 19.02 20.38
CA VAL E 374 -52.07 17.85 19.90
C VAL E 374 -52.43 18.14 18.46
N PHE E 375 -52.09 17.22 17.57
CA PHE E 375 -52.26 17.49 16.14
C PHE E 375 -53.53 16.89 15.59
N THR E 376 -54.62 17.14 16.29
CA THR E 376 -55.94 16.76 15.83
C THR E 376 -56.28 17.56 14.59
N PRO E 377 -57.22 17.06 13.75
CA PRO E 377 -57.56 17.79 12.53
C PRO E 377 -57.63 19.30 12.70
N LEU E 378 -58.43 19.78 13.63
CA LEU E 378 -58.21 21.12 14.08
C LEU E 378 -57.18 21.03 15.21
N GLU E 379 -56.00 21.59 14.95
CA GLU E 379 -54.85 21.45 15.85
C GLU E 379 -55.06 22.15 17.18
N TYR E 380 -54.50 21.59 18.24
CA TYR E 380 -54.62 22.18 19.56
C TYR E 380 -53.31 22.32 20.23
N GLY E 381 -52.89 23.57 20.39
CA GLY E 381 -51.65 23.94 21.05
C GLY E 381 -51.94 24.67 22.32
N CYS E 382 -51.06 24.49 23.30
CA CYS E 382 -51.27 25.03 24.62
C CYS E 382 -49.97 25.00 25.41
N CYS E 383 -49.87 25.91 26.37
CA CYS E 383 -48.74 25.96 27.26
C CYS E 383 -49.11 26.58 28.61
N GLY E 384 -48.67 25.95 29.70
CA GLY E 384 -49.01 26.44 31.03
C GLY E 384 -50.06 25.60 31.70
N LEU E 385 -50.93 26.22 32.48
CA LEU E 385 -51.90 25.47 33.25
C LEU E 385 -53.25 25.46 32.54
N SER E 386 -54.01 24.39 32.75
CA SER E 386 -55.39 24.29 32.26
C SER E 386 -56.32 25.08 33.18
N GLU E 387 -57.56 25.31 32.72
CA GLU E 387 -58.51 26.15 33.48
C GLU E 387 -58.82 25.53 34.82
N GLU E 388 -59.22 24.26 34.83
CA GLU E 388 -59.48 23.56 36.09
C GLU E 388 -58.27 23.52 37.06
N LYS E 389 -57.06 23.35 36.50
CA LYS E 389 -55.81 23.32 37.29
C LYS E 389 -55.31 24.69 37.80
N ALA E 390 -55.66 25.78 37.10
CA ALA E 390 -55.29 27.12 37.60
C ALA E 390 -56.29 27.53 38.68
N VAL E 391 -57.54 27.05 38.55
CA VAL E 391 -58.55 27.17 39.58
C VAL E 391 -58.06 26.42 40.82
N GLU E 392 -57.87 25.10 40.69
CA GLU E 392 -57.35 24.30 41.77
C GLU E 392 -56.10 24.93 42.38
N LYS E 393 -55.07 25.17 41.58
CA LYS E 393 -53.83 25.74 42.14
C LYS E 393 -53.98 27.15 42.74
N PHE E 394 -54.69 28.05 42.05
CA PHE E 394 -54.74 29.46 42.47
C PHE E 394 -56.05 29.96 43.07
N GLY E 395 -57.02 29.08 43.28
CA GLY E 395 -58.31 29.48 43.85
C GLY E 395 -59.27 30.09 42.83
N GLU E 396 -60.48 29.50 42.78
CA GLU E 396 -61.50 29.88 41.80
C GLU E 396 -61.55 31.37 41.40
N GLU E 397 -62.13 32.23 42.25
CA GLU E 397 -62.35 33.63 41.82
C GLU E 397 -61.05 34.53 41.77
N ASN E 398 -59.89 33.90 41.99
CA ASN E 398 -58.60 34.55 41.69
C ASN E 398 -58.16 34.41 40.26
N ILE E 399 -58.90 33.56 39.52
CA ILE E 399 -58.65 33.29 38.12
C ILE E 399 -59.57 34.13 37.24
N GLU E 400 -58.96 34.83 36.28
CA GLU E 400 -59.68 35.54 35.23
C GLU E 400 -59.32 34.91 33.86
N VAL E 401 -60.35 34.61 33.03
CA VAL E 401 -60.14 33.96 31.75
C VAL E 401 -60.59 34.85 30.62
N TYR E 402 -59.64 35.37 29.86
CA TYR E 402 -59.96 36.02 28.59
C TYR E 402 -59.99 34.95 27.49
N HIS E 403 -61.06 34.92 26.70
CA HIS E 403 -61.24 33.95 25.62
C HIS E 403 -62.09 34.50 24.47
N SER E 404 -61.99 33.84 23.32
CA SER E 404 -62.69 34.30 22.12
C SER E 404 -62.61 33.26 20.96
N PHE E 405 -63.70 33.14 20.18
CA PHE E 405 -63.66 32.39 18.90
C PHE E 405 -62.96 33.26 17.82
N PHE E 406 -62.54 32.62 16.72
CA PHE E 406 -61.99 33.36 15.58
C PHE E 406 -62.15 32.58 14.27
N TRP E 407 -61.98 33.28 13.16
CA TRP E 407 -62.16 32.66 11.87
C TRP E 407 -60.95 32.91 10.96
N PRO E 408 -60.11 31.87 10.74
CA PRO E 408 -58.93 32.11 9.93
C PRO E 408 -59.33 32.67 8.60
N LEU E 409 -58.73 33.79 8.23
CA LEU E 409 -59.09 34.42 6.96
C LEU E 409 -59.11 33.36 5.87
N GLU E 410 -58.17 32.41 5.94
CA GLU E 410 -58.01 31.37 4.92
C GLU E 410 -59.26 30.55 4.64
N TRP E 411 -60.24 30.64 5.53
CA TRP E 411 -61.40 29.81 5.48
C TRP E 411 -62.60 30.56 4.96
N THR E 412 -62.49 31.88 4.90
CA THR E 412 -63.65 32.68 4.51
C THR E 412 -64.03 32.36 3.08
N VAL E 413 -63.06 32.39 2.17
CA VAL E 413 -63.32 32.12 0.75
C VAL E 413 -63.87 30.69 0.50
N PRO E 414 -63.26 29.66 1.09
CA PRO E 414 -63.84 28.33 0.99
C PRO E 414 -65.19 28.29 1.70
N SER E 415 -65.48 29.32 2.47
CA SER E 415 -66.75 29.48 3.16
C SER E 415 -67.09 28.29 4.04
N ARG E 416 -66.28 28.06 5.07
CA ARG E 416 -66.47 26.92 6.00
C ARG E 416 -65.99 27.22 7.40
N ASP E 417 -66.55 26.52 8.37
CA ASP E 417 -65.99 26.44 9.71
C ASP E 417 -65.74 27.76 10.42
N ASN E 418 -66.68 28.69 10.29
CA ASN E 418 -66.70 29.88 11.15
C ASN E 418 -66.93 29.49 12.63
N ASN E 419 -66.39 30.28 13.55
CA ASN E 419 -66.62 30.07 14.97
C ASN E 419 -66.31 28.67 15.44
N LYS E 420 -65.21 28.11 14.98
CA LYS E 420 -64.80 26.79 15.46
C LYS E 420 -63.47 26.97 16.18
N CYS E 421 -62.59 27.80 15.61
CA CYS E 421 -61.30 28.11 16.22
C CYS E 421 -61.49 28.99 17.45
N TYR E 422 -60.78 28.65 18.53
CA TYR E 422 -61.01 29.26 19.82
C TYR E 422 -59.68 29.50 20.54
N ALA E 423 -59.49 30.71 21.07
CA ALA E 423 -58.31 31.08 21.88
C ALA E 423 -58.72 31.48 23.30
N LYS E 424 -57.84 31.25 24.28
CA LYS E 424 -58.04 31.72 25.67
C LYS E 424 -56.69 31.87 26.39
N VAL E 425 -56.56 32.90 27.21
CA VAL E 425 -55.46 32.96 28.17
C VAL E 425 -56.05 32.81 29.57
N ILE E 426 -55.29 32.19 30.46
CA ILE E 426 -55.73 32.05 31.86
C ILE E 426 -54.83 32.89 32.73
N CYS E 427 -55.48 33.83 33.45
CA CYS E 427 -54.78 34.86 34.23
C CYS E 427 -55.00 34.77 35.73
N ASN E 428 -53.90 35.04 36.47
CA ASN E 428 -53.86 35.00 37.94
C ASN E 428 -54.04 36.40 38.48
N LEU E 429 -55.24 36.68 39.00
CA LEU E 429 -55.54 38.01 39.53
C LEU E 429 -54.58 38.39 40.67
N LYS E 430 -54.30 37.44 41.57
CA LYS E 430 -53.31 37.61 42.67
C LYS E 430 -51.85 37.82 42.23
N ASP E 431 -51.62 38.18 40.96
CA ASP E 431 -50.27 38.15 40.40
C ASP E 431 -50.04 39.10 39.22
N ASN E 432 -50.88 40.13 39.11
CA ASN E 432 -50.80 41.05 37.94
C ASN E 432 -51.34 40.43 36.66
N GLU E 433 -52.26 39.47 36.83
CA GLU E 433 -52.80 38.70 35.72
C GLU E 433 -51.65 38.08 34.92
N ARG E 434 -50.85 37.28 35.63
CA ARG E 434 -49.86 36.45 35.01
C ARG E 434 -50.61 35.50 34.08
N VAL E 435 -50.22 35.44 32.81
CA VAL E 435 -50.77 34.43 31.90
C VAL E 435 -50.16 33.07 32.28
N VAL E 436 -50.83 32.37 33.21
CA VAL E 436 -50.35 31.10 33.73
C VAL E 436 -50.97 29.94 32.93
N GLY E 437 -51.75 30.29 31.90
CA GLY E 437 -52.37 29.30 31.02
C GLY E 437 -52.57 29.92 29.65
N PHE E 438 -52.31 29.13 28.60
CA PHE E 438 -52.43 29.59 27.21
C PHE E 438 -53.05 28.45 26.42
N HIS E 439 -54.04 28.75 25.57
CA HIS E 439 -54.69 27.74 24.74
C HIS E 439 -55.22 28.28 23.42
N VAL E 440 -55.05 27.52 22.36
CA VAL E 440 -55.55 27.90 21.05
C VAL E 440 -55.94 26.64 20.28
N LEU E 441 -57.15 26.66 19.71
CA LEU E 441 -57.60 25.60 18.85
C LEU E 441 -57.76 26.24 17.49
N GLY E 442 -56.87 25.92 16.57
CA GLY E 442 -56.92 26.50 15.23
C GLY E 442 -55.78 26.00 14.36
N PRO E 443 -55.68 26.49 13.12
CA PRO E 443 -54.65 25.98 12.22
C PRO E 443 -53.26 26.41 12.67
N ASN E 444 -52.23 25.64 12.31
CA ASN E 444 -50.85 25.89 12.69
C ASN E 444 -50.67 26.17 14.16
N ALA E 445 -51.46 25.51 15.00
CA ALA E 445 -51.44 25.78 16.45
C ALA E 445 -50.03 25.78 17.04
N GLY E 446 -49.18 24.90 16.51
CA GLY E 446 -47.85 24.70 17.03
C GLY E 446 -47.03 25.94 16.85
N GLU E 447 -47.02 26.50 15.64
CA GLU E 447 -46.31 27.73 15.32
C GLU E 447 -46.79 28.92 16.17
N VAL E 448 -48.10 29.03 16.35
CA VAL E 448 -48.73 30.06 17.18
C VAL E 448 -48.18 29.99 18.61
N THR E 449 -48.30 28.81 19.23
CA THR E 449 -47.96 28.64 20.63
C THR E 449 -46.50 28.88 21.00
N GLN E 450 -45.56 28.41 20.18
CA GLN E 450 -44.11 28.48 20.47
C GLN E 450 -43.69 29.81 21.12
N GLY E 451 -43.83 30.90 20.34
CA GLY E 451 -43.56 32.25 20.81
C GLY E 451 -44.12 32.58 22.20
N PHE E 452 -45.41 32.30 22.39
CA PHE E 452 -46.05 32.57 23.66
C PHE E 452 -45.48 31.74 24.79
N ALA E 453 -44.99 30.55 24.48
CA ALA E 453 -44.35 29.72 25.48
C ALA E 453 -43.11 30.45 25.97
N ALA E 454 -42.32 30.98 25.03
CA ALA E 454 -41.19 31.87 25.37
C ALA E 454 -41.69 33.07 26.21
N ALA E 455 -42.78 33.70 25.76
CA ALA E 455 -43.38 34.80 26.52
C ALA E 455 -43.76 34.39 27.96
N LEU E 456 -44.22 33.15 28.15
CA LEU E 456 -44.58 32.68 29.47
C LEU E 456 -43.34 32.54 30.34
N LYS E 457 -42.24 32.05 29.75
CA LYS E 457 -40.97 31.92 30.49
C LYS E 457 -40.49 33.28 30.94
N CYS E 458 -40.96 34.35 30.28
CA CYS E 458 -40.65 35.71 30.71
C CYS E 458 -41.73 36.27 31.65
N GLY E 459 -42.51 35.37 32.28
CA GLY E 459 -43.63 35.72 33.16
C GLY E 459 -44.67 36.71 32.60
N LEU E 460 -45.11 36.48 31.36
CA LEU E 460 -46.04 37.40 30.67
C LEU E 460 -47.32 37.72 31.46
N THR E 461 -47.61 39.02 31.54
CA THR E 461 -48.85 39.51 32.16
C THR E 461 -49.83 40.01 31.10
N LYS E 462 -51.12 39.80 31.40
CA LYS E 462 -52.23 40.19 30.51
C LYS E 462 -52.09 41.63 29.95
N GLN E 463 -51.56 42.53 30.77
CA GLN E 463 -51.42 43.93 30.31
C GLN E 463 -50.24 44.11 29.37
N GLN E 464 -49.24 43.25 29.50
CA GLN E 464 -48.14 43.24 28.55
C GLN E 464 -48.63 42.65 27.23
N LEU E 465 -49.44 41.60 27.33
CA LEU E 465 -50.00 40.93 26.15
C LEU E 465 -50.77 41.94 25.31
N ASP E 466 -51.62 42.72 26.02
CA ASP E 466 -52.46 43.77 25.42
C ASP E 466 -51.63 44.82 24.71
N SER E 467 -50.56 45.28 25.36
CA SER E 467 -49.66 46.29 24.81
C SER E 467 -48.91 45.84 23.54
N THR E 468 -48.95 44.52 23.27
CA THR E 468 -48.27 43.91 22.12
C THR E 468 -49.24 43.99 20.98
N ILE E 469 -48.76 44.49 19.86
CA ILE E 469 -49.62 44.71 18.70
C ILE E 469 -49.78 43.39 17.91
N GLY E 470 -50.97 43.15 17.37
CA GLY E 470 -51.18 41.98 16.53
C GLY E 470 -50.40 42.03 15.20
N ILE E 471 -50.32 40.86 14.54
CA ILE E 471 -49.99 40.77 13.09
C ILE E 471 -51.25 40.41 12.29
N HIS E 472 -51.54 41.14 11.23
CA HIS E 472 -52.80 40.99 10.52
C HIS E 472 -52.52 40.70 9.06
N PRO E 473 -53.33 39.84 8.43
CA PRO E 473 -54.28 38.96 9.07
C PRO E 473 -53.59 37.62 9.36
N VAL E 474 -53.59 37.27 10.64
CA VAL E 474 -52.88 36.10 11.11
C VAL E 474 -53.67 35.58 12.29
N CYS E 475 -53.73 34.25 12.44
CA CYS E 475 -54.55 33.65 13.50
C CYS E 475 -54.12 34.07 14.89
N ALA E 476 -52.81 34.09 15.10
CA ALA E 476 -52.21 34.38 16.42
C ALA E 476 -52.52 35.75 17.02
N GLU E 477 -52.78 36.73 16.15
CA GLU E 477 -53.11 38.09 16.57
C GLU E 477 -54.30 38.13 17.49
N ILE E 478 -55.20 37.14 17.39
CA ILE E 478 -56.32 37.06 18.33
C ILE E 478 -55.90 37.29 19.80
N PHE E 479 -54.72 36.79 20.14
CA PHE E 479 -54.25 36.87 21.52
C PHE E 479 -53.92 38.31 21.97
N THR E 480 -53.64 39.19 21.01
CA THR E 480 -53.30 40.58 21.34
C THR E 480 -54.52 41.37 21.83
N THR E 481 -55.72 40.89 21.47
CA THR E 481 -56.96 41.66 21.67
C THR E 481 -58.03 40.86 22.38
N LEU E 482 -57.65 40.07 23.39
CA LEU E 482 -58.62 39.25 24.12
C LEU E 482 -59.31 40.04 25.24
N SER E 483 -60.41 40.70 24.90
CA SER E 483 -61.03 41.59 25.88
C SER E 483 -62.18 40.95 26.69
N VAL E 484 -62.91 40.02 26.09
CA VAL E 484 -64.09 39.45 26.78
C VAL E 484 -63.73 38.40 27.85
N THR E 485 -64.08 38.64 29.11
CA THR E 485 -63.78 37.60 30.10
C THR E 485 -64.86 36.51 30.17
N LYS E 486 -64.48 35.35 30.65
CA LYS E 486 -65.44 34.25 30.83
C LYS E 486 -66.39 34.60 31.96
N ARG E 487 -65.85 35.05 33.09
CA ARG E 487 -66.64 35.56 34.24
C ARG E 487 -67.65 36.64 33.81
N SER E 488 -67.19 37.63 33.02
CA SER E 488 -68.04 38.76 32.54
C SER E 488 -69.32 38.29 31.83
N GLY E 489 -69.32 37.03 31.39
CA GLY E 489 -70.48 36.40 30.72
C GLY E 489 -70.74 36.83 29.27
N GLY E 490 -69.99 37.81 28.77
CA GLY E 490 -70.23 38.40 27.45
C GLY E 490 -70.29 37.35 26.36
N ASP E 491 -71.16 37.56 25.37
CA ASP E 491 -71.23 36.70 24.16
C ASP E 491 -69.86 36.73 23.41
N ILE E 492 -69.33 35.56 23.04
CA ILE E 492 -68.10 35.50 22.25
C ILE E 492 -68.34 34.97 20.87
N LEU E 493 -69.57 34.51 20.64
CA LEU E 493 -69.92 33.85 19.41
C LEU E 493 -69.70 34.71 18.13
N GLN E 494 -70.53 35.74 17.92
CA GLN E 494 -71.53 35.76 16.85
C GLN E 494 -71.84 37.08 16.06
N SER E 495 -71.09 37.54 15.02
CA SER E 495 -69.75 37.18 14.46
C SER E 495 -69.67 37.12 12.90
N GLY E 496 -69.25 38.19 12.20
CA GLY E 496 -68.79 39.48 12.75
C GLY E 496 -67.49 39.44 13.56
N CYS E 497 -66.27 39.43 12.98
CA CYS E 497 -65.80 39.85 11.58
C CYS E 497 -65.42 41.33 11.53
N SEC E 498 -66.32 42.13 12.13
CA SEC E 498 -66.53 43.53 11.88
C SEC E 498 -67.44 43.93 13.00
N GLY E 499 -66.86 44.68 13.92
CA GLY E 499 -67.56 45.36 14.97
C GLY E 499 -66.52 45.97 15.88
N TYR F 11 -73.07 70.30 22.33
CA TYR F 11 -72.64 70.78 20.98
C TYR F 11 -73.62 70.18 19.96
N ASP F 12 -73.19 69.10 19.26
CA ASP F 12 -74.02 68.31 18.30
C ASP F 12 -73.82 66.75 18.53
N PHE F 13 -72.65 66.22 18.14
CA PHE F 13 -72.08 64.92 18.60
C PHE F 13 -70.84 65.21 19.50
N ASP F 14 -70.57 64.32 20.49
CA ASP F 14 -69.33 64.32 21.33
C ASP F 14 -68.06 64.16 20.47
N LEU F 15 -68.19 63.31 19.45
CA LEU F 15 -67.07 62.87 18.61
C LEU F 15 -67.52 62.56 17.18
N ILE F 16 -66.73 63.10 16.26
CA ILE F 16 -66.85 62.80 14.84
C ILE F 16 -65.51 62.22 14.37
N ILE F 17 -65.62 61.02 13.80
CA ILE F 17 -64.46 60.34 13.25
C ILE F 17 -64.49 60.52 11.74
N ILE F 18 -63.49 61.23 11.25
CA ILE F 18 -63.28 61.38 9.80
C ILE F 18 -62.51 60.20 9.23
N GLY F 19 -63.23 59.30 8.57
CA GLY F 19 -62.68 58.07 8.00
C GLY F 19 -63.24 56.83 8.69
N GLY F 20 -63.79 55.92 7.91
CA GLY F 20 -64.33 54.66 8.47
C GLY F 20 -63.38 53.48 8.31
N GLY F 21 -62.09 53.74 8.59
CA GLY F 21 -61.04 52.77 8.37
C GLY F 21 -60.85 51.92 9.60
N SER F 22 -59.74 51.19 9.56
CA SER F 22 -59.41 50.25 10.61
C SER F 22 -59.38 51.03 11.90
N GLY F 23 -58.72 52.20 11.83
CA GLY F 23 -58.59 53.11 12.97
C GLY F 23 -59.93 53.72 13.28
N GLY F 24 -60.53 54.28 12.23
CA GLY F 24 -61.82 54.91 12.36
C GLY F 24 -62.79 54.07 13.17
N LEU F 25 -63.21 52.96 12.56
CA LEU F 25 -64.29 52.12 13.10
C LEU F 25 -63.99 51.52 14.48
N ALA F 26 -62.68 51.37 14.75
CA ALA F 26 -62.18 50.84 16.01
C ALA F 26 -62.47 51.80 17.17
N ALA F 27 -62.11 53.07 16.98
CA ALA F 27 -62.38 54.14 17.95
C ALA F 27 -63.88 54.35 18.05
N ALA F 28 -64.50 54.50 16.87
CA ALA F 28 -65.93 54.61 16.74
C ALA F 28 -66.64 53.57 17.62
N LYS F 29 -66.43 52.29 17.30
CA LYS F 29 -67.11 51.17 17.99
C LYS F 29 -66.78 51.12 19.51
N GLU F 30 -65.62 51.69 19.86
CA GLU F 30 -65.15 51.70 21.25
C GLU F 30 -65.82 52.82 22.05
N ALA F 31 -65.92 54.00 21.42
CA ALA F 31 -66.52 55.19 22.01
C ALA F 31 -67.97 54.94 22.38
N ALA F 32 -68.60 54.05 21.60
CA ALA F 32 -70.01 53.70 21.78
C ALA F 32 -70.35 53.00 23.10
N LYS F 33 -69.47 52.12 23.61
CA LYS F 33 -69.66 51.52 24.95
C LYS F 33 -69.96 52.56 26.06
N PHE F 34 -69.34 53.75 25.94
CA PHE F 34 -69.46 54.86 26.93
C PHE F 34 -70.59 55.85 26.66
N ASP F 35 -71.57 55.37 25.86
CA ASP F 35 -72.84 56.05 25.57
C ASP F 35 -72.70 57.55 25.17
N LYS F 36 -72.15 57.79 23.98
CA LYS F 36 -71.88 59.14 23.50
C LYS F 36 -72.38 59.23 22.06
N LYS F 37 -72.78 60.44 21.66
CA LYS F 37 -73.17 60.64 20.26
C LYS F 37 -71.88 60.56 19.40
N VAL F 38 -71.84 59.55 18.53
CA VAL F 38 -70.65 59.38 17.68
C VAL F 38 -71.02 59.36 16.19
N MET F 39 -70.16 59.93 15.37
CA MET F 39 -70.44 59.85 13.96
C MET F 39 -69.20 59.51 13.15
N VAL F 40 -69.38 58.55 12.25
CA VAL F 40 -68.35 58.18 11.29
C VAL F 40 -68.72 58.73 9.93
N LEU F 41 -67.75 59.38 9.33
CA LEU F 41 -67.87 59.70 7.93
C LEU F 41 -66.89 58.84 7.17
N ASP F 42 -67.38 58.03 6.24
CA ASP F 42 -66.46 57.35 5.34
C ASP F 42 -66.83 57.67 3.91
N PHE F 43 -65.81 57.94 3.11
CA PHE F 43 -66.03 58.14 1.69
C PHE F 43 -64.83 57.69 0.87
N VAL F 44 -65.12 56.88 -0.14
CA VAL F 44 -64.08 56.32 -0.97
C VAL F 44 -63.96 57.13 -2.24
N THR F 45 -63.01 58.04 -2.20
CA THR F 45 -62.67 58.83 -3.37
C THR F 45 -62.17 57.83 -4.47
N PRO F 46 -62.80 57.81 -5.65
CA PRO F 46 -62.43 56.77 -6.62
C PRO F 46 -60.99 56.91 -7.11
N THR F 47 -60.40 55.79 -7.53
CA THR F 47 -59.05 55.79 -8.13
C THR F 47 -59.15 56.46 -9.48
N PRO F 48 -58.01 56.84 -10.07
CA PRO F 48 -57.94 57.23 -11.49
C PRO F 48 -58.88 56.48 -12.42
N LEU F 49 -58.73 55.15 -12.57
CA LEU F 49 -59.68 54.41 -13.44
C LEU F 49 -61.05 54.12 -12.80
N GLY F 50 -61.36 54.88 -11.73
CA GLY F 50 -62.70 54.94 -11.14
C GLY F 50 -63.19 53.76 -10.31
N THR F 51 -62.33 53.20 -9.44
CA THR F 51 -62.75 52.07 -8.63
C THR F 51 -63.27 52.54 -7.28
N ARG F 52 -64.26 51.79 -6.73
CA ARG F 52 -64.97 52.14 -5.50
C ARG F 52 -65.00 50.97 -4.53
N TRP F 53 -65.47 51.23 -3.29
CA TRP F 53 -65.69 50.15 -2.34
C TRP F 53 -66.36 50.63 -1.06
N GLY F 54 -66.77 49.67 -0.25
CA GLY F 54 -67.63 49.98 0.89
C GLY F 54 -66.90 50.42 2.14
N LEU F 55 -67.70 50.54 3.20
CA LEU F 55 -67.22 50.78 4.55
C LEU F 55 -66.21 49.72 5.00
N GLY F 56 -65.12 50.16 5.61
CA GLY F 56 -64.13 49.23 6.19
C GLY F 56 -62.70 49.72 6.10
N GLY F 57 -62.44 50.53 5.06
CA GLY F 57 -61.13 51.14 4.91
C GLY F 57 -60.25 50.25 4.06
N THR F 58 -58.93 50.48 4.17
CA THR F 58 -57.95 49.95 3.19
C THR F 58 -57.68 48.45 3.39
N CYS F 59 -57.51 48.07 4.66
CA CYS F 59 -57.27 46.68 5.01
C CYS F 59 -58.39 45.82 4.47
N VAL F 60 -59.62 46.16 4.85
CA VAL F 60 -60.80 45.40 4.45
C VAL F 60 -60.96 45.34 2.90
N ASN F 61 -60.72 46.43 2.20
CA ASN F 61 -61.15 46.51 0.80
C ASN F 61 -60.05 46.35 -0.23
N VAL F 62 -58.88 46.88 0.10
CA VAL F 62 -57.79 46.90 -0.86
C VAL F 62 -56.42 46.71 -0.18
N GLY F 63 -56.43 46.07 0.99
CA GLY F 63 -55.23 45.81 1.75
C GLY F 63 -55.10 44.36 2.21
N CYS F 64 -54.92 44.21 3.53
CA CYS F 64 -54.66 42.91 4.14
C CYS F 64 -55.64 41.86 3.63
N ILE F 65 -56.94 42.12 3.79
CA ILE F 65 -57.93 41.10 3.55
C ILE F 65 -57.84 40.52 2.14
N PRO F 66 -57.98 41.36 1.11
CA PRO F 66 -57.83 40.74 -0.21
C PRO F 66 -56.42 40.27 -0.51
N LYS F 67 -55.42 40.89 0.11
CA LYS F 67 -54.03 40.57 -0.17
C LYS F 67 -53.71 39.15 0.35
N LYS F 68 -54.04 38.91 1.63
CA LYS F 68 -53.87 37.60 2.24
C LYS F 68 -54.65 36.53 1.45
N LEU F 69 -55.93 36.77 1.16
CA LEU F 69 -56.69 35.77 0.41
C LEU F 69 -55.94 35.40 -0.87
N MET F 70 -55.50 36.38 -1.62
CA MET F 70 -54.85 36.08 -2.89
C MET F 70 -53.51 35.40 -2.68
N HIS F 71 -52.82 35.79 -1.60
CA HIS F 71 -51.67 35.04 -1.12
C HIS F 71 -52.04 33.57 -0.95
N GLN F 72 -53.08 33.30 -0.14
CA GLN F 72 -53.55 31.95 0.12
C GLN F 72 -53.79 31.17 -1.18
N ALA F 73 -54.52 31.79 -2.12
CA ALA F 73 -54.70 31.23 -3.46
C ALA F 73 -53.40 30.71 -4.06
N ALA F 74 -52.35 31.55 -4.01
CA ALA F 74 -51.00 31.12 -4.48
C ALA F 74 -50.50 29.87 -3.72
N LEU F 75 -50.48 29.95 -2.38
CA LEU F 75 -50.07 28.84 -1.51
C LEU F 75 -50.83 27.57 -1.85
N LEU F 76 -52.14 27.68 -2.05
CA LEU F 76 -52.94 26.52 -2.35
C LEU F 76 -52.49 25.86 -3.66
N GLY F 77 -51.97 26.66 -4.58
CA GLY F 77 -51.42 26.07 -5.80
C GLY F 77 -50.22 25.21 -5.45
N GLN F 78 -49.35 25.78 -4.62
CA GLN F 78 -48.20 25.05 -4.07
C GLN F 78 -48.70 23.75 -3.40
N ALA F 79 -49.69 23.89 -2.50
CA ALA F 79 -50.29 22.78 -1.84
C ALA F 79 -50.72 21.73 -2.84
N LEU F 80 -51.32 22.10 -3.96
CA LEU F 80 -51.76 21.06 -4.91
C LEU F 80 -50.58 20.31 -5.47
N LYS F 81 -49.48 21.01 -5.70
CA LYS F 81 -48.24 20.41 -6.23
C LYS F 81 -47.71 19.38 -5.23
N ASP F 82 -47.66 19.77 -3.96
CA ASP F 82 -47.13 18.89 -2.93
C ASP F 82 -47.94 17.63 -2.79
N SER F 83 -49.26 17.74 -2.87
CA SER F 83 -50.15 16.64 -2.55
C SER F 83 -49.85 15.33 -3.29
N ARG F 84 -49.17 15.41 -4.43
CA ARG F 84 -48.84 14.22 -5.22
C ARG F 84 -48.02 13.25 -4.36
N ASN F 85 -46.94 13.76 -3.76
CA ASN F 85 -46.05 12.90 -2.98
C ASN F 85 -46.59 12.45 -1.64
N TYR F 86 -47.66 13.09 -1.18
CA TYR F 86 -48.36 12.63 0.02
C TYR F 86 -49.44 11.63 -0.34
N GLY F 87 -49.54 11.33 -1.63
CA GLY F 87 -50.39 10.24 -2.09
C GLY F 87 -51.70 10.60 -2.76
N TRP F 88 -51.92 11.89 -3.02
CA TRP F 88 -53.11 12.36 -3.74
C TRP F 88 -52.93 12.23 -5.25
N LYS F 89 -53.79 11.42 -5.87
CA LYS F 89 -53.73 11.19 -7.30
C LYS F 89 -54.23 12.38 -8.09
N LEU F 90 -53.61 13.54 -7.87
CA LEU F 90 -53.75 14.67 -8.78
C LEU F 90 -53.39 14.27 -10.21
N GLU F 91 -54.29 14.58 -11.15
CA GLU F 91 -53.90 14.86 -12.52
C GLU F 91 -52.75 15.86 -12.58
N ASP F 92 -52.29 16.16 -13.78
CA ASP F 92 -50.90 16.57 -14.00
C ASP F 92 -50.71 18.03 -13.61
N THR F 93 -51.56 18.91 -14.14
CA THR F 93 -51.56 20.31 -13.75
C THR F 93 -52.98 20.85 -13.60
N VAL F 94 -53.21 21.63 -12.55
CA VAL F 94 -54.47 22.33 -12.38
C VAL F 94 -54.32 23.81 -12.70
N LYS F 95 -55.31 24.36 -13.41
CA LYS F 95 -55.22 25.71 -13.91
C LYS F 95 -56.00 26.67 -13.05
N HIS F 96 -55.60 27.94 -13.09
CA HIS F 96 -56.18 28.96 -12.25
C HIS F 96 -57.10 29.92 -13.00
N ASP F 97 -58.17 30.35 -12.34
CA ASP F 97 -59.19 31.18 -12.94
C ASP F 97 -59.29 32.50 -12.17
N TRP F 98 -58.65 33.55 -12.69
CA TRP F 98 -58.60 34.85 -11.98
C TRP F 98 -59.98 35.33 -11.51
N GLU F 99 -60.97 35.22 -12.41
CA GLU F 99 -62.31 35.77 -12.20
C GLU F 99 -62.99 35.08 -11.03
N LYS F 100 -63.05 33.75 -11.10
CA LYS F 100 -63.55 32.91 -10.01
C LYS F 100 -62.91 33.30 -8.66
N MET F 101 -61.60 33.55 -8.65
CA MET F 101 -60.91 33.93 -7.43
C MET F 101 -61.37 35.29 -6.93
N THR F 102 -61.18 36.32 -7.75
CA THR F 102 -61.44 37.69 -7.30
C THR F 102 -62.91 37.87 -6.93
N GLU F 103 -63.77 37.04 -7.53
CA GLU F 103 -65.18 36.99 -7.18
C GLU F 103 -65.35 36.61 -5.72
N SER F 104 -64.72 35.50 -5.29
CA SER F 104 -64.90 35.02 -3.90
C SER F 104 -64.36 36.04 -2.91
N VAL F 105 -63.24 36.66 -3.31
CA VAL F 105 -62.55 37.64 -2.48
C VAL F 105 -63.51 38.78 -2.24
N GLN F 106 -64.08 39.28 -3.35
CA GLN F 106 -65.08 40.34 -3.27
C GLN F 106 -66.26 39.92 -2.40
N ASN F 107 -66.80 38.75 -2.67
CA ASN F 107 -67.87 38.23 -1.85
C ASN F 107 -67.55 38.27 -0.38
N HIS F 108 -66.28 38.03 -0.01
CA HIS F 108 -65.92 38.16 1.40
C HIS F 108 -65.83 39.63 1.78
N ILE F 109 -65.13 40.42 0.94
CA ILE F 109 -65.00 41.85 1.19
C ILE F 109 -66.38 42.42 1.44
N GLY F 110 -67.26 42.19 0.47
CA GLY F 110 -68.66 42.58 0.52
C GLY F 110 -69.31 42.35 1.87
N SER F 111 -69.16 41.14 2.42
CA SER F 111 -69.80 40.82 3.71
C SER F 111 -69.13 41.61 4.85
N LEU F 112 -67.85 41.95 4.67
CA LEU F 112 -67.17 42.78 5.68
C LEU F 112 -67.74 44.18 5.63
N ASN F 113 -67.80 44.78 4.44
CA ASN F 113 -68.45 46.07 4.23
C ASN F 113 -69.76 46.11 4.97
N TRP F 114 -70.65 45.20 4.57
CA TRP F 114 -71.95 45.04 5.20
C TRP F 114 -71.88 44.91 6.73
N GLY F 115 -70.93 44.10 7.18
CA GLY F 115 -70.77 43.79 8.62
C GLY F 115 -70.57 45.03 9.49
N TYR F 116 -69.70 45.92 9.00
CA TYR F 116 -69.35 47.18 9.65
C TYR F 116 -70.51 48.15 9.66
N ARG F 117 -71.23 48.21 8.54
CA ARG F 117 -72.41 49.05 8.43
C ARG F 117 -73.43 48.59 9.46
N VAL F 118 -73.57 47.27 9.65
CA VAL F 118 -74.46 46.71 10.67
C VAL F 118 -73.96 46.99 12.08
N ALA F 119 -72.67 46.74 12.26
CA ALA F 119 -72.00 46.93 13.55
C ALA F 119 -72.20 48.34 14.11
N LEU F 120 -72.03 49.36 13.25
CA LEU F 120 -72.29 50.76 13.60
C LEU F 120 -73.75 51.00 14.02
N ARG F 121 -74.67 50.47 13.23
CA ARG F 121 -76.08 50.56 13.56
C ARG F 121 -76.37 49.92 14.91
N GLU F 122 -75.82 48.72 15.17
CA GLU F 122 -76.11 48.01 16.43
C GLU F 122 -75.59 48.76 17.68
N LYS F 123 -74.38 49.29 17.57
CA LYS F 123 -73.77 50.03 18.69
C LYS F 123 -74.36 51.48 18.75
N LYS F 124 -75.23 51.81 17.77
CA LYS F 124 -75.89 53.12 17.67
C LYS F 124 -75.04 54.29 17.13
N VAL F 125 -73.89 54.00 16.51
CA VAL F 125 -73.08 55.06 15.90
C VAL F 125 -73.78 55.50 14.63
N VAL F 126 -73.67 56.80 14.30
CA VAL F 126 -74.26 57.31 13.05
C VAL F 126 -73.28 57.18 11.85
N TYR F 127 -73.73 56.45 10.84
CA TYR F 127 -72.91 56.34 9.68
C TYR F 127 -73.43 57.31 8.63
N GLU F 128 -72.50 58.05 8.03
CA GLU F 128 -72.84 58.92 6.94
C GLU F 128 -71.80 58.68 5.86
N ASN F 129 -72.25 58.15 4.73
CA ASN F 129 -71.33 57.93 3.64
C ASN F 129 -71.01 59.24 2.90
N ALA F 130 -70.12 60.03 3.50
CA ALA F 130 -69.76 61.31 2.93
C ALA F 130 -68.29 61.73 3.15
N TYR F 131 -67.73 62.50 2.21
CA TYR F 131 -66.40 63.13 2.41
C TYR F 131 -66.48 64.16 3.55
N GLY F 132 -65.61 64.02 4.55
CA GLY F 132 -65.50 65.01 5.63
C GLY F 132 -64.44 66.06 5.31
N LYS F 133 -64.83 67.34 5.44
CA LYS F 133 -63.93 68.48 5.21
C LYS F 133 -64.21 69.52 6.27
N PHE F 134 -63.18 69.83 7.08
CA PHE F 134 -63.25 70.90 8.09
C PHE F 134 -63.60 72.27 7.46
N ILE F 135 -64.57 72.95 8.08
CA ILE F 135 -64.86 74.32 7.66
C ILE F 135 -64.53 75.41 8.70
N GLY F 136 -64.42 75.05 9.98
CA GLY F 136 -64.04 76.02 11.00
C GLY F 136 -63.98 75.26 12.30
N PRO F 137 -63.54 75.92 13.42
CA PRO F 137 -63.45 75.24 14.76
C PRO F 137 -64.75 74.51 15.17
N HIS F 138 -64.63 73.22 15.52
CA HIS F 138 -65.80 72.35 15.87
C HIS F 138 -66.89 72.12 14.77
N LYS F 139 -66.56 72.47 13.52
CA LYS F 139 -67.52 72.49 12.41
C LYS F 139 -66.94 71.75 11.22
N ILE F 140 -67.67 70.73 10.80
CA ILE F 140 -67.27 69.98 9.60
C ILE F 140 -68.36 69.99 8.52
N MET F 141 -67.92 70.03 7.26
CA MET F 141 -68.83 69.89 6.12
C MET F 141 -68.79 68.46 5.57
N ALA F 142 -69.98 67.86 5.44
CA ALA F 142 -70.12 66.51 4.91
C ALA F 142 -70.66 66.52 3.47
N THR F 143 -69.77 66.57 2.47
CA THR F 143 -70.13 66.41 1.04
C THR F 143 -70.47 64.96 0.68
N ASN F 144 -71.77 64.67 0.64
CA ASN F 144 -72.23 63.33 0.27
C ASN F 144 -71.91 62.99 -1.20
N ASN F 145 -72.23 61.74 -1.54
CA ASN F 145 -71.88 61.13 -2.83
C ASN F 145 -72.37 61.89 -4.08
N LYS F 146 -73.59 62.43 -4.00
CA LYS F 146 -74.15 63.19 -5.13
C LYS F 146 -73.77 64.69 -5.21
N GLY F 147 -73.39 65.28 -4.08
CA GLY F 147 -72.91 66.67 -4.09
C GLY F 147 -73.47 67.52 -2.96
N LYS F 148 -74.63 67.12 -2.42
CA LYS F 148 -75.27 67.84 -1.29
C LYS F 148 -74.35 67.89 -0.09
N GLU F 149 -74.35 69.00 0.64
CA GLU F 149 -73.50 69.09 1.82
C GLU F 149 -74.38 69.30 3.03
N LYS F 150 -73.96 68.79 4.18
CA LYS F 150 -74.61 69.11 5.43
C LYS F 150 -73.50 69.61 6.36
N VAL F 151 -73.86 70.38 7.38
CA VAL F 151 -72.81 70.85 8.28
C VAL F 151 -73.07 70.31 9.67
N TYR F 152 -72.06 69.64 10.21
CA TYR F 152 -72.15 69.06 11.55
C TYR F 152 -71.10 69.67 12.49
N SER F 153 -71.42 69.57 13.77
CA SER F 153 -70.51 70.00 14.80
C SER F 153 -70.22 68.83 15.78
N ALA F 154 -69.08 68.95 16.50
CA ALA F 154 -68.70 67.98 17.57
C ALA F 154 -67.69 68.60 18.55
N GLU F 155 -67.76 68.14 19.80
CA GLU F 155 -66.82 68.59 20.84
C GLU F 155 -65.36 68.13 20.58
N ARG F 156 -65.23 66.86 20.15
CA ARG F 156 -63.96 66.34 19.68
C ARG F 156 -64.00 65.77 18.27
N PHE F 157 -62.83 65.72 17.65
CA PHE F 157 -62.64 65.13 16.32
C PHE F 157 -61.56 64.01 16.28
N LEU F 158 -61.84 62.94 15.53
CA LEU F 158 -60.77 62.03 15.19
C LEU F 158 -60.49 62.07 13.70
N ILE F 159 -59.28 62.48 13.33
CA ILE F 159 -58.82 62.32 11.95
C ILE F 159 -58.22 60.90 11.79
N ALA F 160 -58.81 60.13 10.88
CA ALA F 160 -58.46 58.70 10.66
C ALA F 160 -58.62 58.37 9.18
N THR F 161 -57.91 59.14 8.36
CA THR F 161 -58.20 59.17 6.93
C THR F 161 -57.24 58.32 6.09
N GLY F 162 -56.19 57.84 6.73
CA GLY F 162 -55.21 56.97 6.07
C GLY F 162 -54.67 57.58 4.80
N GLU F 163 -54.22 56.73 3.88
CA GLU F 163 -53.47 57.16 2.69
C GLU F 163 -54.01 56.53 1.40
N ARG F 164 -53.36 56.81 0.28
CA ARG F 164 -53.75 56.20 -1.00
C ARG F 164 -52.50 56.03 -1.85
N PRO F 165 -52.52 55.10 -2.80
CA PRO F 165 -51.31 54.78 -3.60
C PRO F 165 -50.80 56.00 -4.30
N ARG F 166 -49.49 56.23 -4.25
CA ARG F 166 -48.91 57.30 -5.05
C ARG F 166 -48.57 56.78 -6.45
N TYR F 167 -48.64 57.67 -7.43
CA TYR F 167 -48.17 57.38 -8.78
C TYR F 167 -46.76 57.92 -9.02
N LEU F 168 -46.17 57.53 -10.13
CA LEU F 168 -44.94 58.15 -10.61
C LEU F 168 -45.28 59.51 -11.23
N GLY F 169 -44.37 60.48 -11.14
CA GLY F 169 -44.55 61.70 -11.93
C GLY F 169 -44.41 61.53 -13.46
N ILE F 170 -44.65 60.32 -14.01
CA ILE F 170 -44.45 60.04 -15.46
C ILE F 170 -45.78 59.85 -16.25
N PRO F 171 -45.74 59.89 -17.61
CA PRO F 171 -47.00 59.87 -18.41
C PRO F 171 -47.48 58.48 -18.82
N GLY F 172 -48.80 58.30 -18.90
CA GLY F 172 -49.43 56.99 -19.19
C GLY F 172 -49.81 56.21 -17.93
N ASP F 173 -49.11 56.54 -16.84
CA ASP F 173 -49.21 55.82 -15.60
C ASP F 173 -50.59 55.86 -14.89
N LYS F 174 -51.27 57.01 -14.95
CA LYS F 174 -52.61 57.13 -14.32
C LYS F 174 -53.75 56.49 -15.15
N GLU F 175 -53.65 56.63 -16.48
CA GLU F 175 -54.67 56.10 -17.43
C GLU F 175 -54.46 54.63 -17.80
N TYR F 176 -53.19 54.17 -17.72
CA TYR F 176 -52.83 52.79 -18.13
C TYR F 176 -52.42 51.79 -17.00
N CYS F 177 -52.05 52.28 -15.82
CA CYS F 177 -51.54 51.37 -14.79
C CYS F 177 -52.51 51.22 -13.64
N ILE F 178 -52.32 50.15 -12.87
CA ILE F 178 -53.13 49.89 -11.69
C ILE F 178 -52.30 50.00 -10.42
N SER F 179 -52.98 50.34 -9.32
CA SER F 179 -52.36 50.36 -8.02
C SER F 179 -52.85 49.14 -7.23
N SER F 180 -52.43 49.11 -5.97
CA SER F 180 -52.98 48.17 -5.03
C SER F 180 -54.53 48.30 -5.12
N ASP F 181 -55.02 49.54 -5.11
CA ASP F 181 -56.47 49.84 -5.04
C ASP F 181 -57.29 49.19 -6.15
N ASP F 182 -56.63 48.82 -7.22
CA ASP F 182 -57.29 48.33 -8.42
C ASP F 182 -57.16 46.82 -8.58
N LEU F 183 -55.94 46.33 -8.35
CA LEU F 183 -55.62 44.93 -8.57
C LEU F 183 -56.67 43.97 -8.00
N PHE F 184 -57.08 44.24 -6.76
CA PHE F 184 -57.96 43.35 -5.98
C PHE F 184 -59.40 43.29 -6.43
N SER F 185 -59.76 44.02 -7.48
CA SER F 185 -61.08 43.84 -8.06
C SER F 185 -60.98 43.82 -9.57
N LEU F 186 -59.75 43.67 -10.08
CA LEU F 186 -59.51 43.62 -11.53
C LEU F 186 -60.49 42.66 -12.21
N PRO F 187 -61.34 43.19 -13.12
CA PRO F 187 -62.39 42.40 -13.76
C PRO F 187 -61.85 41.47 -14.86
N TYR F 188 -60.55 41.39 -15.02
CA TYR F 188 -59.98 40.39 -15.94
C TYR F 188 -58.65 39.96 -15.36
N CYS F 189 -58.25 38.73 -15.72
CA CYS F 189 -56.92 38.17 -15.42
C CYS F 189 -55.88 39.20 -15.89
N PRO F 190 -54.96 39.61 -14.99
CA PRO F 190 -53.96 40.65 -15.32
C PRO F 190 -52.97 40.25 -16.44
N GLY F 191 -52.80 38.95 -16.72
CA GLY F 191 -51.80 38.49 -17.68
C GLY F 191 -50.37 38.90 -17.28
N LYS F 192 -49.42 38.76 -18.21
CA LYS F 192 -48.03 39.17 -17.97
C LYS F 192 -47.98 40.54 -17.28
N THR F 193 -47.19 40.61 -16.22
CA THR F 193 -47.23 41.81 -15.41
C THR F 193 -45.83 42.35 -15.11
N LEU F 194 -45.76 43.67 -15.03
CA LEU F 194 -44.64 44.32 -14.42
C LEU F 194 -45.11 44.99 -13.14
N VAL F 195 -44.43 44.62 -12.07
CA VAL F 195 -44.63 45.29 -10.82
C VAL F 195 -43.50 46.29 -10.63
N VAL F 196 -43.88 47.54 -10.40
CA VAL F 196 -42.93 48.62 -10.15
C VAL F 196 -42.98 48.95 -8.66
N GLY F 197 -41.80 48.84 -8.04
CA GLY F 197 -41.56 49.03 -6.59
C GLY F 197 -41.07 47.72 -5.95
N ALA F 198 -40.62 47.80 -4.70
CA ALA F 198 -40.00 46.64 -4.02
C ALA F 198 -40.16 46.71 -2.48
N SER F 199 -41.33 47.16 -2.02
CA SER F 199 -41.60 47.02 -0.60
C SER F 199 -42.73 46.03 -0.35
N TYR F 200 -43.29 46.01 0.87
CA TYR F 200 -44.27 44.95 1.17
C TYR F 200 -45.29 44.80 0.02
N VAL F 201 -45.98 45.87 -0.33
CA VAL F 201 -46.99 45.76 -1.39
C VAL F 201 -46.44 45.24 -2.74
N ALA F 202 -45.30 45.75 -3.14
CA ALA F 202 -44.80 45.42 -4.46
C ALA F 202 -44.51 43.93 -4.50
N LEU F 203 -43.83 43.43 -3.47
CA LEU F 203 -43.29 42.07 -3.51
C LEU F 203 -44.39 41.03 -3.25
N GLU F 204 -45.17 41.29 -2.19
CA GLU F 204 -46.35 40.49 -1.87
C GLU F 204 -47.18 40.26 -3.11
N CYS F 205 -47.43 41.33 -3.88
CA CYS F 205 -48.25 41.25 -5.11
C CYS F 205 -47.62 40.48 -6.23
N ALA F 206 -46.36 40.80 -6.49
CA ALA F 206 -45.57 40.09 -7.46
C ALA F 206 -45.62 38.63 -7.06
N GLY F 207 -45.53 38.39 -5.73
CA GLY F 207 -45.53 37.04 -5.17
C GLY F 207 -46.77 36.18 -5.45
N PHE F 208 -47.94 36.71 -5.09
CA PHE F 208 -49.15 35.96 -5.35
C PHE F 208 -49.53 35.89 -6.83
N LEU F 209 -49.28 36.97 -7.59
CA LEU F 209 -49.55 36.93 -9.04
C LEU F 209 -48.74 35.84 -9.76
N ALA F 210 -47.46 35.71 -9.39
CA ALA F 210 -46.62 34.65 -9.97
C ALA F 210 -47.17 33.32 -9.50
N GLY F 211 -47.42 33.25 -8.18
CA GLY F 211 -47.94 32.06 -7.51
C GLY F 211 -49.14 31.41 -8.20
N ILE F 212 -50.02 32.23 -8.79
CA ILE F 212 -51.25 31.72 -9.46
C ILE F 212 -51.01 31.49 -10.95
N GLY F 213 -49.75 31.61 -11.36
CA GLY F 213 -49.36 31.17 -12.68
C GLY F 213 -48.90 32.22 -13.68
N LEU F 214 -48.98 33.50 -13.33
CA LEU F 214 -48.71 34.60 -14.30
C LEU F 214 -47.24 34.92 -14.43
N ASP F 215 -46.90 35.49 -15.60
CA ASP F 215 -45.54 35.92 -15.99
C ASP F 215 -45.17 37.28 -15.37
N VAL F 216 -44.39 37.23 -14.29
CA VAL F 216 -44.25 38.42 -13.44
C VAL F 216 -42.83 38.96 -13.42
N THR F 217 -42.69 40.28 -13.62
CA THR F 217 -41.41 40.98 -13.45
C THR F 217 -41.47 42.14 -12.45
N VAL F 218 -40.46 42.21 -11.59
CA VAL F 218 -40.37 43.30 -10.61
C VAL F 218 -39.20 44.22 -10.94
N MET F 219 -39.55 45.51 -11.06
CA MET F 219 -38.58 46.55 -11.40
C MET F 219 -38.17 47.28 -10.12
N VAL F 220 -36.92 47.04 -9.73
CA VAL F 220 -36.38 47.59 -8.48
C VAL F 220 -35.59 48.88 -8.75
N ARG F 221 -35.96 49.97 -8.10
CA ARG F 221 -35.16 51.20 -8.19
C ARG F 221 -33.82 51.01 -7.46
N SER F 222 -33.88 50.86 -6.14
CA SER F 222 -32.63 50.64 -5.39
C SER F 222 -32.51 49.22 -4.76
N ILE F 223 -32.74 49.17 -3.44
CA ILE F 223 -32.72 47.95 -2.61
C ILE F 223 -34.14 47.40 -2.39
N LEU F 224 -34.24 46.10 -2.09
CA LEU F 224 -35.53 45.50 -1.73
C LEU F 224 -35.90 45.84 -0.30
N LEU F 225 -37.17 46.12 -0.07
CA LEU F 225 -37.70 46.31 1.31
C LEU F 225 -36.89 47.25 2.19
N ARG F 226 -36.54 48.43 1.66
CA ARG F 226 -35.96 49.50 2.48
C ARG F 226 -36.65 49.53 3.85
N GLY F 227 -35.83 49.56 4.90
CA GLY F 227 -36.32 49.68 6.27
C GLY F 227 -36.35 48.36 7.01
N PHE F 228 -36.54 47.26 6.27
CA PHE F 228 -36.50 45.93 6.86
C PHE F 228 -35.05 45.45 6.82
N ASP F 229 -34.65 44.58 7.75
CA ASP F 229 -33.35 43.87 7.72
C ASP F 229 -32.96 43.49 6.27
N GLN F 230 -31.92 44.12 5.76
CA GLN F 230 -31.53 43.99 4.34
C GLN F 230 -31.09 42.58 3.89
N ASP F 231 -30.52 41.82 4.83
CA ASP F 231 -30.13 40.43 4.56
C ASP F 231 -31.40 39.55 4.32
N MET F 232 -32.37 39.64 5.26
CA MET F 232 -33.66 38.99 5.09
C MET F 232 -34.23 39.41 3.73
N ALA F 233 -34.24 40.72 3.48
CA ALA F 233 -34.80 41.29 2.25
C ALA F 233 -34.20 40.58 1.02
N ASN F 234 -32.88 40.47 1.01
CA ASN F 234 -32.19 39.80 -0.09
C ASN F 234 -32.54 38.38 -0.23
N LYS F 235 -32.65 37.69 0.91
CA LYS F 235 -33.09 36.29 0.92
C LYS F 235 -34.49 36.14 0.30
N ILE F 236 -35.41 37.06 0.70
CA ILE F 236 -36.76 37.09 0.14
C ILE F 236 -36.65 37.22 -1.37
N GLY F 237 -35.77 38.12 -1.78
CA GLY F 237 -35.45 38.37 -3.18
C GLY F 237 -34.97 37.13 -3.89
N GLU F 238 -33.95 36.50 -3.31
CA GLU F 238 -33.38 35.25 -3.85
C GLU F 238 -34.40 34.15 -4.00
N HIS F 239 -35.20 33.98 -2.95
CA HIS F 239 -36.24 32.99 -3.00
C HIS F 239 -37.20 33.30 -4.15
N MET F 240 -37.71 34.54 -4.22
CA MET F 240 -38.66 34.92 -5.26
C MET F 240 -38.11 34.64 -6.65
N GLU F 241 -36.84 34.99 -6.87
CA GLU F 241 -36.21 34.79 -8.18
C GLU F 241 -36.06 33.30 -8.49
N GLU F 242 -35.69 32.53 -7.49
CA GLU F 242 -35.53 31.09 -7.64
C GLU F 242 -36.84 30.38 -7.94
N HIS F 243 -37.95 30.97 -7.54
CA HIS F 243 -39.25 30.36 -7.82
C HIS F 243 -40.00 31.08 -8.94
N GLY F 244 -39.25 31.56 -9.95
CA GLY F 244 -39.79 32.12 -11.20
C GLY F 244 -40.34 33.56 -11.24
N ILE F 245 -39.79 34.47 -10.42
CA ILE F 245 -40.12 35.89 -10.53
C ILE F 245 -38.90 36.61 -11.12
N LYS F 246 -39.13 37.36 -12.22
CA LYS F 246 -38.07 38.07 -12.94
C LYS F 246 -37.77 39.41 -12.26
N PHE F 247 -36.49 39.66 -12.05
CA PHE F 247 -36.07 40.93 -11.47
C PHE F 247 -35.27 41.84 -12.43
N ILE F 248 -35.73 43.11 -12.51
CA ILE F 248 -35.04 44.19 -13.21
C ILE F 248 -34.46 45.14 -12.15
N ARG F 249 -33.15 45.01 -11.94
CA ARG F 249 -32.43 45.74 -10.88
C ARG F 249 -31.87 47.08 -11.35
N GLN F 250 -32.01 48.11 -10.51
CA GLN F 250 -31.62 49.52 -10.84
C GLN F 250 -32.20 50.02 -12.17
N PHE F 251 -33.53 50.21 -12.21
CA PHE F 251 -34.26 50.81 -13.34
C PHE F 251 -35.55 51.50 -12.84
N VAL F 252 -35.86 52.68 -13.39
CA VAL F 252 -37.14 53.35 -13.13
C VAL F 252 -37.85 53.54 -14.47
N PRO F 253 -39.18 53.26 -14.52
CA PRO F 253 -39.89 53.55 -15.77
C PRO F 253 -40.02 55.08 -16.00
N THR F 254 -39.96 55.42 -17.29
CA THR F 254 -39.97 56.82 -17.76
C THR F 254 -41.32 57.13 -18.40
N LYS F 255 -41.89 56.12 -19.09
CA LYS F 255 -43.20 56.26 -19.75
C LYS F 255 -43.88 54.92 -19.99
N ILE F 256 -45.22 54.98 -19.89
CA ILE F 256 -46.11 53.86 -20.16
C ILE F 256 -47.09 54.27 -21.28
N GLU F 257 -47.08 53.50 -22.36
CA GLU F 257 -47.91 53.84 -23.53
C GLU F 257 -48.78 52.67 -24.00
N GLN F 258 -50.09 52.91 -24.14
CA GLN F 258 -51.00 51.87 -24.59
C GLN F 258 -50.74 51.46 -26.05
N ILE F 259 -50.26 50.23 -26.23
CA ILE F 259 -50.13 49.64 -27.55
C ILE F 259 -51.43 48.97 -27.98
N GLU F 260 -52.39 48.88 -27.06
CA GLU F 260 -53.74 48.45 -27.38
C GLU F 260 -54.71 48.78 -26.27
N ALA F 261 -56.01 48.69 -26.56
CA ALA F 261 -57.02 48.49 -25.54
C ALA F 261 -57.44 47.03 -25.46
N GLY F 262 -58.05 46.64 -24.34
CA GLY F 262 -58.31 45.25 -24.05
C GLY F 262 -58.51 45.02 -22.57
N THR F 263 -59.01 43.84 -22.27
CA THR F 263 -59.15 43.38 -20.87
C THR F 263 -58.51 41.97 -20.70
N PRO F 264 -57.16 41.89 -20.51
CA PRO F 264 -56.22 43.00 -20.32
C PRO F 264 -55.80 43.65 -21.67
N GLY F 265 -55.26 44.87 -21.57
CA GLY F 265 -54.75 45.54 -22.76
C GLY F 265 -53.43 44.91 -23.27
N ARG F 266 -52.56 45.78 -23.76
CA ARG F 266 -51.13 45.49 -24.03
C ARG F 266 -50.45 46.85 -23.90
N LEU F 267 -49.46 46.95 -23.02
CA LEU F 267 -48.83 48.24 -22.73
C LEU F 267 -47.33 48.14 -22.96
N LYS F 268 -46.69 49.28 -23.24
CA LYS F 268 -45.24 49.35 -23.48
C LYS F 268 -44.52 50.21 -22.42
N VAL F 269 -43.67 49.53 -21.66
CA VAL F 269 -42.92 50.19 -20.60
C VAL F 269 -41.46 50.42 -21.04
N THR F 270 -41.08 51.70 -20.95
CA THR F 270 -39.75 52.17 -21.27
C THR F 270 -39.16 52.61 -19.94
N ALA F 271 -37.96 52.14 -19.64
CA ALA F 271 -37.34 52.43 -18.35
C ALA F 271 -35.86 52.80 -18.52
N LYS F 272 -35.46 53.83 -17.77
CA LYS F 272 -34.07 54.35 -17.71
C LYS F 272 -33.30 53.68 -16.54
N SER F 273 -31.98 53.60 -16.65
CA SER F 273 -31.14 53.11 -15.53
C SER F 273 -31.03 54.12 -14.35
N THR F 274 -30.70 53.60 -13.16
CA THR F 274 -30.48 54.39 -11.92
C THR F 274 -29.21 55.25 -12.02
N ASN F 275 -28.24 54.77 -12.80
CA ASN F 275 -26.89 55.37 -12.89
C ASN F 275 -26.35 55.49 -14.33
N SER F 276 -26.39 54.39 -15.10
CA SER F 276 -25.98 54.41 -16.51
C SER F 276 -26.98 55.21 -17.38
N GLU F 277 -26.70 55.35 -18.68
CA GLU F 277 -27.58 56.12 -19.58
C GLU F 277 -28.66 55.24 -20.27
N GLU F 278 -28.35 53.94 -20.34
CA GLU F 278 -29.15 52.86 -20.98
C GLU F 278 -30.70 52.86 -20.81
N THR F 279 -31.34 52.26 -21.81
CA THR F 279 -32.80 52.25 -21.95
C THR F 279 -33.28 50.84 -22.29
N ILE F 280 -34.30 50.38 -21.54
CA ILE F 280 -35.00 49.14 -21.91
C ILE F 280 -36.51 49.32 -22.22
N GLU F 281 -36.97 48.48 -23.15
CA GLU F 281 -38.37 48.35 -23.52
C GLU F 281 -38.80 46.90 -23.40
N ASP F 282 -39.86 46.69 -22.61
CA ASP F 282 -40.69 45.50 -22.80
C ASP F 282 -42.19 45.89 -22.86
N GLU F 283 -43.02 44.89 -23.19
CA GLU F 283 -44.48 45.02 -23.18
C GLU F 283 -45.17 43.99 -22.26
N PHE F 284 -46.09 44.50 -21.44
CA PHE F 284 -46.84 43.71 -20.42
C PHE F 284 -48.34 43.76 -20.69
N ASN F 285 -49.12 42.97 -19.96
CA ASN F 285 -50.57 43.16 -19.97
C ASN F 285 -51.05 44.10 -18.87
N THR F 286 -50.31 44.14 -17.79
CA THR F 286 -50.70 44.98 -16.67
C THR F 286 -49.46 45.56 -16.03
N VAL F 287 -49.53 46.82 -15.62
CA VAL F 287 -48.41 47.38 -14.90
C VAL F 287 -48.91 47.76 -13.51
N LEU F 288 -48.27 47.13 -12.54
CA LEU F 288 -48.62 47.39 -11.16
C LEU F 288 -47.63 48.40 -10.56
N LEU F 289 -48.18 49.55 -10.19
CA LEU F 289 -47.43 50.59 -9.54
C LEU F 289 -47.64 50.51 -8.05
N ALA F 290 -46.62 50.01 -7.36
CA ALA F 290 -46.67 49.93 -5.91
C ALA F 290 -45.49 50.70 -5.38
N VAL F 291 -45.64 52.02 -5.38
CA VAL F 291 -44.53 52.92 -5.17
C VAL F 291 -44.91 53.95 -4.11
N GLY F 292 -45.35 53.47 -2.96
CA GLY F 292 -45.62 54.37 -1.84
C GLY F 292 -47.03 54.93 -1.83
N ARG F 293 -47.39 55.57 -0.71
CA ARG F 293 -48.75 56.09 -0.48
C ARG F 293 -48.70 57.41 0.30
N ASP F 294 -49.38 58.42 -0.25
CA ASP F 294 -49.50 59.75 0.38
C ASP F 294 -50.71 59.81 1.28
N SER F 295 -50.55 60.49 2.42
CA SER F 295 -51.65 60.71 3.34
C SER F 295 -52.81 61.58 2.74
N CYS F 296 -54.05 61.22 3.09
CA CYS F 296 -55.23 62.03 2.81
C CYS F 296 -55.43 63.03 3.97
N THR F 297 -54.52 64.01 4.00
CA THR F 297 -54.46 65.04 5.05
C THR F 297 -54.53 66.43 4.38
N ARG F 298 -54.10 66.48 3.10
CA ARG F 298 -54.16 67.69 2.26
C ARG F 298 -55.57 68.35 2.21
N THR F 299 -56.53 67.67 1.56
CA THR F 299 -57.81 68.29 1.26
C THR F 299 -58.94 67.94 2.28
N ILE F 300 -58.59 68.02 3.55
CA ILE F 300 -59.61 67.82 4.58
C ILE F 300 -59.86 69.15 5.32
N GLY F 301 -59.42 70.24 4.68
CA GLY F 301 -59.59 71.58 5.24
C GLY F 301 -59.01 71.70 6.65
N LEU F 302 -57.76 71.27 6.82
CA LEU F 302 -57.06 71.41 8.11
C LEU F 302 -56.67 72.86 8.45
N GLU F 303 -56.36 73.65 7.41
CA GLU F 303 -56.14 75.09 7.58
C GLU F 303 -57.25 75.70 8.46
N THR F 304 -58.51 75.50 8.07
CA THR F 304 -59.70 76.08 8.74
C THR F 304 -59.87 75.79 10.26
N VAL F 305 -59.05 74.88 10.79
CA VAL F 305 -59.01 74.60 12.25
C VAL F 305 -57.56 74.57 12.76
N GLY F 306 -56.61 74.86 11.85
CA GLY F 306 -55.18 75.08 12.14
C GLY F 306 -54.48 73.88 12.79
N VAL F 307 -54.78 72.68 12.28
CA VAL F 307 -54.02 71.49 12.64
C VAL F 307 -52.67 71.59 11.86
N LYS F 308 -51.56 71.50 12.61
CA LYS F 308 -50.24 71.46 11.95
C LYS F 308 -49.95 70.09 11.38
N ILE F 309 -49.57 70.08 10.09
CA ILE F 309 -49.09 68.87 9.43
C ILE F 309 -47.69 69.04 8.86
N ASN F 310 -46.92 67.97 8.89
CA ASN F 310 -45.63 67.96 8.22
C ASN F 310 -45.87 68.28 6.73
N GLU F 311 -45.39 69.43 6.29
CA GLU F 311 -45.65 69.85 4.91
C GLU F 311 -44.96 68.97 3.87
N LYS F 312 -43.73 68.58 4.19
CA LYS F 312 -42.93 67.76 3.29
C LYS F 312 -43.57 66.39 3.08
N THR F 313 -43.87 65.66 4.17
CA THR F 313 -44.38 64.24 4.08
C THR F 313 -45.90 64.13 4.02
N GLY F 314 -46.60 64.97 4.79
CA GLY F 314 -48.06 64.95 4.78
C GLY F 314 -48.58 64.32 6.05
N LYS F 315 -47.64 63.97 6.92
CA LYS F 315 -48.01 63.27 8.16
C LYS F 315 -48.45 64.28 9.20
N ILE F 316 -49.30 63.83 10.12
CA ILE F 316 -49.75 64.63 11.25
C ILE F 316 -48.94 64.25 12.52
N PRO F 317 -47.97 65.12 12.92
CA PRO F 317 -47.31 64.95 14.23
C PRO F 317 -48.35 65.02 15.34
N VAL F 318 -48.05 64.35 16.43
CA VAL F 318 -49.10 63.95 17.35
C VAL F 318 -48.48 63.57 18.71
N THR F 319 -49.15 63.93 19.80
CA THR F 319 -48.62 63.67 21.14
C THR F 319 -48.66 62.17 21.37
N ASP F 320 -47.90 61.71 22.36
CA ASP F 320 -47.95 60.29 22.75
C ASP F 320 -49.38 59.87 23.17
N GLU F 321 -50.33 60.81 23.08
CA GLU F 321 -51.77 60.53 23.28
C GLU F 321 -52.66 60.62 22.01
N GLU F 322 -51.99 60.63 20.84
CA GLU F 322 -52.63 60.73 19.51
C GLU F 322 -53.37 62.05 19.31
N GLN F 323 -52.95 63.06 20.08
CA GLN F 323 -53.48 64.43 20.01
C GLN F 323 -52.66 65.27 19.00
N THR F 324 -53.38 65.96 18.11
CA THR F 324 -52.73 66.93 17.22
C THR F 324 -52.44 68.19 18.07
N ASN F 325 -51.74 69.17 17.45
CA ASN F 325 -51.50 70.47 18.10
C ASN F 325 -52.78 71.17 18.56
N VAL F 326 -53.87 70.98 17.81
CA VAL F 326 -55.21 71.46 18.21
C VAL F 326 -55.91 70.50 19.22
N PRO F 327 -55.99 70.90 20.51
CA PRO F 327 -56.42 70.07 21.66
C PRO F 327 -57.73 69.23 21.57
N TYR F 328 -58.69 69.62 20.74
CA TYR F 328 -59.94 68.82 20.61
C TYR F 328 -59.86 67.83 19.42
N ILE F 329 -58.79 67.96 18.60
CA ILE F 329 -58.58 67.16 17.39
C ILE F 329 -57.52 66.05 17.60
N TYR F 330 -57.86 64.84 17.15
CA TYR F 330 -56.98 63.69 17.27
C TYR F 330 -56.71 63.06 15.92
N ALA F 331 -55.59 62.36 15.84
CA ALA F 331 -55.23 61.60 14.64
C ALA F 331 -54.82 60.16 15.00
N ILE F 332 -55.17 59.24 14.11
CA ILE F 332 -55.06 57.81 14.36
C ILE F 332 -54.49 57.13 13.11
N GLY F 333 -53.65 56.11 13.32
CA GLY F 333 -53.28 55.19 12.26
C GLY F 333 -52.18 55.62 11.32
N ASP F 334 -52.44 55.51 10.02
CA ASP F 334 -51.38 55.62 9.00
C ASP F 334 -50.90 57.03 8.82
N ILE F 335 -51.83 57.98 8.96
CA ILE F 335 -51.54 59.43 8.76
C ILE F 335 -50.60 60.02 9.84
N LEU F 336 -50.40 59.31 10.96
CA LEU F 336 -49.48 59.76 12.00
C LEU F 336 -48.05 59.78 11.50
N GLU F 337 -47.23 60.62 12.14
CA GLU F 337 -45.82 60.80 11.76
C GLU F 337 -44.91 59.92 12.61
N GLY F 338 -43.91 59.33 11.95
CA GLY F 338 -43.02 58.34 12.58
C GLY F 338 -43.73 57.24 13.38
N LYS F 339 -44.76 56.64 12.79
CA LYS F 339 -45.38 55.46 13.38
C LYS F 339 -45.36 54.35 12.35
N LEU F 340 -45.87 53.21 12.79
CA LEU F 340 -46.04 52.07 11.91
C LEU F 340 -47.40 52.21 11.25
N GLU F 341 -47.40 52.00 9.93
CA GLU F 341 -48.62 52.00 9.14
C GLU F 341 -49.19 50.56 8.95
N LEU F 342 -49.70 50.03 10.07
CA LEU F 342 -50.21 48.65 10.17
C LEU F 342 -51.56 48.69 10.87
N THR F 343 -52.45 47.81 10.42
CA THR F 343 -53.84 47.79 10.89
C THR F 343 -53.99 47.58 12.40
N PRO F 344 -53.36 46.53 12.98
CA PRO F 344 -53.61 46.28 14.41
C PRO F 344 -53.21 47.46 15.26
N VAL F 345 -52.18 48.18 14.79
CA VAL F 345 -51.71 49.44 15.40
C VAL F 345 -52.88 50.44 15.48
N ALA F 346 -53.37 50.83 14.29
CA ALA F 346 -54.51 51.73 14.16
C ALA F 346 -55.69 51.30 15.04
N ILE F 347 -56.07 50.03 14.98
CA ILE F 347 -57.14 49.49 15.86
C ILE F 347 -56.85 49.74 17.35
N GLN F 348 -55.66 49.32 17.79
CA GLN F 348 -55.20 49.50 19.18
C GLN F 348 -55.20 51.00 19.56
N ALA F 349 -54.50 51.83 18.75
CA ALA F 349 -54.43 53.27 18.95
C ALA F 349 -55.86 53.80 19.20
N GLY F 350 -56.69 53.70 18.15
CA GLY F 350 -58.09 54.12 18.19
C GLY F 350 -58.86 53.59 19.41
N ARG F 351 -58.77 52.29 19.68
CA ARG F 351 -59.55 51.68 20.77
C ARG F 351 -59.13 52.27 22.10
N LEU F 352 -57.81 52.36 22.30
CA LEU F 352 -57.24 52.93 23.54
C LEU F 352 -57.43 54.46 23.67
N LEU F 353 -57.47 55.19 22.54
CA LEU F 353 -57.79 56.63 22.59
C LEU F 353 -59.19 56.85 23.15
N ALA F 354 -60.14 56.03 22.69
CA ALA F 354 -61.50 56.11 23.19
C ALA F 354 -61.57 55.76 24.69
N GLN F 355 -60.67 54.88 25.15
CA GLN F 355 -60.62 54.53 26.58
C GLN F 355 -60.28 55.76 27.45
N ARG F 356 -59.22 56.45 27.04
CA ARG F 356 -58.72 57.64 27.70
C ARG F 356 -59.84 58.72 27.77
N LEU F 357 -60.37 59.10 26.59
CA LEU F 357 -61.36 60.18 26.49
C LEU F 357 -62.61 59.95 27.34
N TYR F 358 -63.21 58.76 27.26
CA TYR F 358 -64.56 58.58 27.84
C TYR F 358 -64.65 57.54 28.97
N GLY F 359 -63.52 56.86 29.24
CA GLY F 359 -63.46 55.77 30.24
C GLY F 359 -62.40 56.01 31.30
N GLY F 360 -61.62 57.08 31.09
CA GLY F 360 -60.60 57.50 32.05
C GLY F 360 -59.52 56.46 32.30
N SER F 361 -59.17 55.70 31.26
CA SER F 361 -57.98 54.86 31.30
C SER F 361 -56.77 55.79 31.05
N THR F 362 -55.68 55.54 31.79
CA THR F 362 -54.42 56.29 31.56
C THR F 362 -53.47 55.58 30.57
N VAL F 363 -53.89 54.38 30.13
CA VAL F 363 -53.12 53.52 29.22
C VAL F 363 -52.91 54.16 27.82
N LYS F 364 -51.65 54.45 27.52
CA LYS F 364 -51.23 54.93 26.21
C LYS F 364 -51.07 53.78 25.21
N CYS F 365 -50.69 54.14 24.00
CA CYS F 365 -50.48 53.14 22.95
C CYS F 365 -49.00 52.83 22.82
N ASP F 366 -48.62 51.56 22.95
CA ASP F 366 -47.20 51.21 22.86
C ASP F 366 -46.77 50.92 21.44
N TYR F 367 -45.99 51.82 20.85
CA TYR F 367 -45.59 51.68 19.44
C TYR F 367 -44.26 50.96 19.29
N ASP F 368 -43.73 50.50 20.42
CA ASP F 368 -42.40 49.87 20.45
C ASP F 368 -42.44 48.37 20.20
N ASN F 369 -41.64 47.92 19.22
CA ASN F 369 -41.52 46.48 18.87
C ASN F 369 -42.86 45.91 18.40
N VAL F 370 -43.48 46.62 17.47
CA VAL F 370 -44.69 46.13 16.87
C VAL F 370 -44.26 45.11 15.83
N PRO F 371 -44.77 43.87 15.94
CA PRO F 371 -44.44 42.83 14.97
C PRO F 371 -45.11 43.09 13.64
N THR F 372 -44.42 42.72 12.56
CA THR F 372 -44.94 42.87 11.21
C THR F 372 -44.65 41.64 10.38
N THR F 373 -45.44 41.38 9.34
CA THR F 373 -45.16 40.25 8.47
C THR F 373 -45.30 40.63 7.01
N VAL F 374 -44.23 40.44 6.27
CA VAL F 374 -44.31 40.56 4.83
C VAL F 374 -44.75 39.21 4.31
N PHE F 375 -45.84 39.18 3.55
CA PHE F 375 -46.41 37.94 3.04
C PHE F 375 -45.93 37.59 1.64
N THR F 376 -44.63 37.69 1.42
CA THR F 376 -44.00 37.24 0.20
C THR F 376 -44.20 35.74 0.13
N PRO F 377 -44.06 35.13 -1.09
CA PRO F 377 -44.24 33.66 -1.23
C PRO F 377 -43.64 32.90 -0.06
N LEU F 378 -42.31 32.99 0.17
CA LEU F 378 -41.79 32.55 1.45
C LEU F 378 -42.00 33.70 2.40
N GLU F 379 -42.89 33.51 3.37
CA GLU F 379 -43.30 34.59 4.26
C GLU F 379 -42.18 35.09 5.17
N TYR F 380 -42.19 36.39 5.47
CA TYR F 380 -41.20 36.96 6.35
C TYR F 380 -41.83 37.72 7.53
N GLY F 381 -41.63 37.18 8.72
CA GLY F 381 -42.14 37.77 9.93
C GLY F 381 -40.97 38.20 10.75
N CYS F 382 -41.15 39.25 11.54
CA CYS F 382 -40.06 39.89 12.33
C CYS F 382 -40.58 40.94 13.30
N CYS F 383 -39.79 41.21 14.33
CA CYS F 383 -40.23 42.08 15.38
C CYS F 383 -39.03 42.50 16.21
N GLY F 384 -39.00 43.80 16.53
CA GLY F 384 -37.83 44.47 17.18
C GLY F 384 -36.87 45.10 16.17
N LEU F 385 -35.57 45.14 16.50
CA LEU F 385 -34.60 45.82 15.64
C LEU F 385 -34.02 44.92 14.56
N SER F 386 -33.71 45.49 13.39
CA SER F 386 -32.96 44.76 12.34
C SER F 386 -31.47 44.65 12.73
N GLU F 387 -30.67 43.89 11.96
CA GLU F 387 -29.27 43.63 12.36
C GLU F 387 -28.43 44.91 12.32
N GLU F 388 -28.48 45.61 11.19
CA GLU F 388 -27.82 46.91 11.03
C GLU F 388 -28.24 47.94 12.13
N LYS F 389 -29.55 48.08 12.34
CA LYS F 389 -30.07 49.02 13.36
C LYS F 389 -29.72 48.70 14.85
N ALA F 390 -29.48 47.43 15.19
CA ALA F 390 -29.08 47.09 16.57
C ALA F 390 -27.57 47.31 16.71
N VAL F 391 -26.85 47.13 15.59
CA VAL F 391 -25.44 47.48 15.48
C VAL F 391 -25.37 48.99 15.70
N GLU F 392 -26.00 49.74 14.79
CA GLU F 392 -26.06 51.20 14.93
C GLU F 392 -26.49 51.61 16.36
N LYS F 393 -27.66 51.16 16.81
CA LYS F 393 -28.16 51.57 18.14
C LYS F 393 -27.27 51.09 19.31
N PHE F 394 -26.76 49.86 19.23
CA PHE F 394 -26.08 49.25 20.39
C PHE F 394 -24.56 49.05 20.28
N GLY F 395 -23.99 49.38 19.13
CA GLY F 395 -22.55 49.27 18.95
C GLY F 395 -22.13 47.89 18.47
N GLU F 396 -21.48 47.88 17.31
CA GLU F 396 -21.11 46.64 16.60
C GLU F 396 -20.80 45.42 17.46
N GLU F 397 -19.64 45.38 18.11
CA GLU F 397 -19.29 44.15 18.82
C GLU F 397 -20.01 44.00 20.21
N ASN F 398 -21.01 44.82 20.48
CA ASN F 398 -21.95 44.52 21.57
C ASN F 398 -23.15 43.63 21.18
N ILE F 399 -23.27 43.43 19.87
CA ILE F 399 -24.35 42.64 19.31
C ILE F 399 -23.84 41.24 19.03
N GLU F 400 -24.64 40.26 19.48
CA GLU F 400 -24.44 38.87 19.14
C GLU F 400 -25.67 38.37 18.36
N VAL F 401 -25.43 37.67 17.25
CA VAL F 401 -26.50 37.15 16.44
C VAL F 401 -26.47 35.61 16.39
N TYR F 402 -27.49 34.95 16.97
CA TYR F 402 -27.69 33.52 16.80
C TYR F 402 -28.65 33.33 15.67
N HIS F 403 -28.26 32.50 14.72
CA HIS F 403 -29.03 32.32 13.50
C HIS F 403 -28.89 30.89 12.92
N SER F 404 -29.84 30.48 12.06
CA SER F 404 -29.79 29.15 11.47
C SER F 404 -30.80 28.96 10.33
N PHE F 405 -30.46 28.09 9.38
CA PHE F 405 -31.42 27.62 8.37
C PHE F 405 -32.29 26.51 8.96
N PHE F 406 -33.46 26.25 8.36
CA PHE F 406 -34.28 25.07 8.72
C PHE F 406 -35.11 24.53 7.55
N TRP F 407 -35.61 23.32 7.70
CA TRP F 407 -36.42 22.69 6.66
C TRP F 407 -37.77 22.28 7.24
N PRO F 408 -38.88 22.98 6.89
CA PRO F 408 -40.17 22.56 7.46
C PRO F 408 -40.45 21.11 7.11
N LEU F 409 -40.79 20.30 8.10
CA LEU F 409 -41.00 18.88 7.85
C LEU F 409 -41.92 18.67 6.63
N GLU F 410 -42.89 19.56 6.50
CA GLU F 410 -43.88 19.50 5.44
C GLU F 410 -43.31 19.48 4.04
N TRP F 411 -42.04 19.85 3.88
CA TRP F 411 -41.41 19.97 2.54
C TRP F 411 -40.54 18.78 2.19
N THR F 412 -40.17 18.01 3.21
CA THR F 412 -39.33 16.83 3.03
C THR F 412 -39.92 15.84 2.03
N VAL F 413 -41.19 15.49 2.21
CA VAL F 413 -41.84 14.53 1.30
C VAL F 413 -42.01 15.05 -0.13
N PRO F 414 -42.46 16.33 -0.29
CA PRO F 414 -42.49 16.89 -1.64
C PRO F 414 -41.08 17.02 -2.17
N SER F 415 -40.10 16.98 -1.26
CA SER F 415 -38.68 16.98 -1.61
C SER F 415 -38.26 18.27 -2.32
N ARG F 416 -38.43 19.39 -1.63
CA ARG F 416 -38.14 20.71 -2.18
C ARG F 416 -37.62 21.68 -1.14
N ASP F 417 -36.81 22.62 -1.59
CA ASP F 417 -36.58 23.85 -0.84
C ASP F 417 -35.96 23.66 0.55
N ASN F 418 -35.02 22.72 0.60
CA ASN F 418 -34.14 22.60 1.74
C ASN F 418 -33.30 23.87 1.90
N ASN F 419 -32.99 24.23 3.14
CA ASN F 419 -32.06 25.33 3.42
C ASN F 419 -32.46 26.66 2.76
N LYS F 420 -33.75 26.96 2.78
CA LYS F 420 -34.20 28.24 2.28
C LYS F 420 -34.74 28.97 3.49
N CYS F 421 -35.42 28.25 4.36
CA CYS F 421 -35.98 28.89 5.56
C CYS F 421 -34.89 29.26 6.56
N TYR F 422 -35.03 30.40 7.21
CA TYR F 422 -33.93 30.95 7.99
C TYR F 422 -34.46 31.74 9.17
N ALA F 423 -33.89 31.51 10.35
CA ALA F 423 -34.28 32.23 11.58
C ALA F 423 -33.05 32.86 12.15
N LYS F 424 -33.23 33.94 12.90
CA LYS F 424 -32.17 34.59 13.67
C LYS F 424 -32.77 35.40 14.82
N VAL F 425 -32.10 35.43 15.97
CA VAL F 425 -32.39 36.42 16.99
C VAL F 425 -31.18 37.36 17.08
N ILE F 426 -31.46 38.62 17.40
CA ILE F 426 -30.42 39.62 17.63
C ILE F 426 -30.39 39.96 19.10
N CYS F 427 -29.21 39.77 19.68
CA CYS F 427 -28.98 39.94 21.11
C CYS F 427 -28.01 41.07 21.50
N ASN F 428 -28.34 41.71 22.61
CA ASN F 428 -27.56 42.81 23.14
C ASN F 428 -26.68 42.33 24.27
N LEU F 429 -25.38 42.20 23.98
CA LEU F 429 -24.41 41.70 24.97
C LEU F 429 -24.38 42.57 26.23
N LYS F 430 -24.44 43.88 26.05
CA LYS F 430 -24.51 44.83 27.19
C LYS F 430 -25.80 44.72 28.06
N ASP F 431 -26.60 43.66 27.89
CA ASP F 431 -27.96 43.67 28.44
C ASP F 431 -28.50 42.27 28.86
N ASN F 432 -27.61 41.31 29.13
CA ASN F 432 -28.01 39.90 29.34
C ASN F 432 -28.45 39.19 28.07
N GLU F 433 -27.95 39.64 26.92
CA GLU F 433 -28.42 39.19 25.60
C GLU F 433 -29.96 39.31 25.46
N ARG F 434 -30.47 40.53 25.66
CA ARG F 434 -31.86 40.85 25.38
C ARG F 434 -32.07 40.55 23.89
N VAL F 435 -33.15 39.86 23.57
CA VAL F 435 -33.45 39.60 22.18
C VAL F 435 -34.16 40.85 21.76
N VAL F 436 -33.38 41.74 21.16
CA VAL F 436 -33.85 43.06 20.72
C VAL F 436 -34.19 43.02 19.22
N GLY F 437 -33.96 41.86 18.60
CA GLY F 437 -34.27 41.66 17.19
C GLY F 437 -34.71 40.22 17.00
N PHE F 438 -35.73 40.04 16.17
CA PHE F 438 -36.30 38.69 15.91
C PHE F 438 -36.63 38.60 14.41
N HIS F 439 -36.26 37.50 13.76
CA HIS F 439 -36.52 37.34 12.33
C HIS F 439 -36.65 35.91 11.89
N VAL F 440 -37.58 35.67 10.98
CA VAL F 440 -37.86 34.33 10.50
C VAL F 440 -38.39 34.39 9.08
N LEU F 441 -37.72 33.67 8.20
CA LEU F 441 -38.18 33.53 6.85
C LEU F 441 -38.60 32.07 6.67
N GLY F 442 -39.92 31.84 6.68
CA GLY F 442 -40.48 30.48 6.45
C GLY F 442 -41.99 30.49 6.34
N PRO F 443 -42.61 29.30 6.29
CA PRO F 443 -44.06 29.26 6.20
C PRO F 443 -44.71 29.71 7.51
N ASN F 444 -45.95 30.20 7.40
CA ASN F 444 -46.75 30.69 8.54
C ASN F 444 -46.00 31.66 9.43
N ALA F 445 -45.17 32.51 8.81
CA ALA F 445 -44.26 33.40 9.52
C ALA F 445 -45.01 34.20 10.56
N GLY F 446 -46.23 34.57 10.18
CA GLY F 446 -47.09 35.35 11.03
C GLY F 446 -47.38 34.68 12.36
N GLU F 447 -47.79 33.42 12.29
CA GLU F 447 -48.20 32.70 13.48
C GLU F 447 -46.99 32.51 14.36
N VAL F 448 -45.84 32.26 13.71
CA VAL F 448 -44.61 32.02 14.44
C VAL F 448 -44.30 33.24 15.30
N THR F 449 -44.19 34.39 14.63
CA THR F 449 -43.75 35.67 15.23
C THR F 449 -44.58 36.20 16.41
N GLN F 450 -45.89 36.33 16.24
CA GLN F 450 -46.79 36.81 17.29
C GLN F 450 -46.36 36.50 18.74
N GLY F 451 -46.38 35.24 19.12
CA GLY F 451 -45.93 34.85 20.45
C GLY F 451 -44.60 35.44 20.86
N PHE F 452 -43.61 35.46 19.95
CA PHE F 452 -42.30 35.99 20.29
C PHE F 452 -42.34 37.49 20.56
N ALA F 453 -43.22 38.16 19.81
CA ALA F 453 -43.46 39.59 20.02
C ALA F 453 -43.92 39.80 21.44
N ALA F 454 -44.92 39.04 21.88
CA ALA F 454 -45.31 39.07 23.29
C ALA F 454 -44.09 38.80 24.15
N ALA F 455 -43.29 37.81 23.75
CA ALA F 455 -42.07 37.46 24.48
C ALA F 455 -41.07 38.63 24.56
N LEU F 456 -40.97 39.43 23.49
CA LEU F 456 -40.14 40.65 23.53
C LEU F 456 -40.66 41.72 24.51
N LYS F 457 -41.96 41.98 24.51
CA LYS F 457 -42.62 42.86 25.52
C LYS F 457 -42.35 42.47 26.98
N CYS F 458 -41.94 41.22 27.20
CA CYS F 458 -41.52 40.82 28.52
C CYS F 458 -39.99 40.93 28.64
N GLY F 459 -39.35 41.63 27.69
CA GLY F 459 -37.90 41.73 27.57
C GLY F 459 -37.13 40.43 27.55
N LEU F 460 -37.46 39.54 26.60
CA LEU F 460 -36.90 38.20 26.57
C LEU F 460 -35.37 38.23 26.38
N THR F 461 -34.69 37.42 27.20
CA THR F 461 -33.23 37.22 27.11
C THR F 461 -32.88 35.87 26.48
N LYS F 462 -31.76 35.83 25.75
CA LYS F 462 -31.33 34.63 25.03
C LYS F 462 -31.25 33.38 25.90
N GLN F 463 -30.87 33.54 27.16
CA GLN F 463 -30.81 32.38 28.04
C GLN F 463 -32.19 31.89 28.51
N GLN F 464 -33.18 32.78 28.56
CA GLN F 464 -34.57 32.38 28.80
C GLN F 464 -35.14 31.66 27.56
N LEU F 465 -34.84 32.19 26.37
CA LEU F 465 -35.24 31.56 25.10
C LEU F 465 -34.76 30.12 25.06
N ASP F 466 -33.50 29.91 25.44
CA ASP F 466 -32.86 28.61 25.51
C ASP F 466 -33.52 27.66 26.50
N SER F 467 -33.94 28.19 27.64
CA SER F 467 -34.62 27.39 28.65
C SER F 467 -36.04 26.95 28.27
N THR F 468 -36.54 27.56 27.18
CA THR F 468 -37.86 27.24 26.65
C THR F 468 -37.77 26.06 25.71
N ILE F 469 -38.60 25.07 25.95
CA ILE F 469 -38.50 23.83 25.18
C ILE F 469 -39.22 24.03 23.85
N GLY F 470 -38.71 23.43 22.79
CA GLY F 470 -39.38 23.51 21.50
C GLY F 470 -40.68 22.69 21.41
N ILE F 471 -41.47 22.93 20.36
CA ILE F 471 -42.56 22.03 19.96
C ILE F 471 -42.16 21.33 18.67
N HIS F 472 -42.31 20.01 18.63
CA HIS F 472 -41.79 19.23 17.52
C HIS F 472 -42.93 18.44 16.92
N PRO F 473 -42.93 18.28 15.59
CA PRO F 473 -42.08 19.00 14.69
C PRO F 473 -42.84 20.23 14.24
N VAL F 474 -42.23 21.38 14.42
CA VAL F 474 -42.90 22.64 14.15
C VAL F 474 -41.80 23.61 13.74
N CYS F 475 -42.08 24.48 12.78
CA CYS F 475 -41.08 25.45 12.33
C CYS F 475 -40.54 26.32 13.48
N ALA F 476 -41.42 26.91 14.26
CA ALA F 476 -41.05 27.82 15.34
C ALA F 476 -40.05 27.29 16.39
N GLU F 477 -39.97 25.97 16.57
CA GLU F 477 -39.05 25.39 17.55
C GLU F 477 -37.58 25.74 17.26
N ILE F 478 -37.26 26.07 16.02
CA ILE F 478 -35.89 26.45 15.66
C ILE F 478 -35.34 27.54 16.59
N PHE F 479 -36.19 28.45 17.01
CA PHE F 479 -35.77 29.49 17.94
C PHE F 479 -35.37 29.01 19.35
N THR F 480 -35.83 27.84 19.80
CA THR F 480 -35.45 27.34 21.12
C THR F 480 -34.03 26.79 21.15
N THR F 481 -33.46 26.50 19.98
CA THR F 481 -32.16 25.85 19.93
C THR F 481 -31.20 26.58 19.01
N LEU F 482 -31.19 27.90 19.07
CA LEU F 482 -30.27 28.66 18.21
C LEU F 482 -28.86 28.79 18.83
N SER F 483 -27.96 27.90 18.45
CA SER F 483 -26.66 27.88 19.14
C SER F 483 -25.51 28.51 18.36
N VAL F 484 -25.52 28.38 17.04
CA VAL F 484 -24.44 28.94 16.20
C VAL F 484 -24.52 30.48 16.04
N THR F 485 -23.50 31.21 16.50
CA THR F 485 -23.47 32.67 16.32
C THR F 485 -22.91 33.06 14.95
N LYS F 486 -23.33 34.23 14.50
CA LYS F 486 -22.84 34.79 13.23
C LYS F 486 -21.33 35.10 13.40
N ARG F 487 -21.01 35.82 14.48
CA ARG F 487 -19.62 36.12 14.85
C ARG F 487 -18.73 34.84 14.87
N SER F 488 -19.20 33.80 15.57
CA SER F 488 -18.46 32.53 15.68
C SER F 488 -18.02 31.97 14.32
N GLY F 489 -18.69 32.38 13.26
CA GLY F 489 -18.32 31.94 11.92
C GLY F 489 -18.74 30.51 11.53
N GLY F 490 -19.35 29.78 12.48
CA GLY F 490 -19.74 28.37 12.24
C GLY F 490 -20.65 28.18 11.04
N ASP F 491 -20.46 27.09 10.30
CA ASP F 491 -21.33 26.71 9.15
C ASP F 491 -22.79 26.51 9.63
N ILE F 492 -23.78 27.07 8.93
CA ILE F 492 -25.17 26.91 9.34
C ILE F 492 -25.98 26.18 8.30
N LEU F 493 -25.36 25.91 7.17
CA LEU F 493 -26.08 25.33 6.08
C LEU F 493 -26.67 23.93 6.36
N GLN F 494 -25.80 22.92 6.52
CA GLN F 494 -25.64 21.85 5.50
C GLN F 494 -25.41 20.33 5.88
N SER F 495 -26.41 19.47 6.23
CA SER F 495 -27.84 19.66 6.62
C SER F 495 -28.74 18.53 6.06
N GLY F 496 -29.10 17.48 6.81
CA GLY F 496 -28.72 17.20 8.21
C GLY F 496 -29.27 18.15 9.26
N CYS F 497 -30.54 18.03 9.74
CA CYS F 497 -31.53 16.87 9.78
C CYS F 497 -31.39 16.01 11.05
N SEC F 498 -30.13 15.71 11.35
CA SEC F 498 -29.67 14.62 12.15
C SEC F 498 -28.20 14.97 12.30
N GLY F 499 -27.86 15.34 13.51
CA GLY F 499 -26.50 15.52 13.95
C GLY F 499 -26.58 16.07 15.35
PA FAD G . 32.81 -25.16 14.55
O1A FAD G . 33.11 -24.83 13.15
O2A FAD G . 33.70 -24.59 15.58
O5B FAD G . 31.29 -24.72 14.89
C5B FAD G . 30.86 -24.36 16.23
C4B FAD G . 30.17 -22.96 16.23
O4B FAD G . 29.12 -22.95 17.23
C3B FAD G . 31.12 -21.83 16.59
O3B FAD G . 30.69 -20.64 15.92
C2B FAD G . 30.90 -21.70 18.09
O2B FAD G . 31.22 -20.38 18.56
C1B FAD G . 29.40 -21.89 18.18
N9A FAD G . 28.89 -22.30 19.54
C8A FAD G . 29.56 -22.92 20.53
N7A FAD G . 28.75 -23.12 21.59
C5A FAD G . 27.56 -22.63 21.26
C6A FAD G . 26.34 -22.54 21.92
N6A FAD G . 26.21 -23.02 23.15
N1A FAD G . 25.30 -21.95 21.29
C2A FAD G . 25.41 -21.47 20.05
N3A FAD G . 26.57 -21.54 19.40
C4A FAD G . 27.64 -22.11 19.97
N1 FAD G . 40.15 -28.24 9.22
C2 FAD G . 40.41 -28.68 7.91
O2 FAD G . 39.75 -29.57 7.39
N3 FAD G . 41.43 -28.07 7.16
C4 FAD G . 42.19 -27.05 7.71
O4 FAD G . 43.08 -26.57 7.03
C4X FAD G . 41.95 -26.61 9.03
N5 FAD G . 42.71 -25.58 9.59
C5X FAD G . 42.46 -25.08 10.87
C6 FAD G . 43.22 -24.00 11.35
C7 FAD G . 42.95 -23.49 12.61
C7M FAD G . 43.77 -22.31 13.16
C8 FAD G . 41.95 -24.05 13.39
C8M FAD G . 41.66 -23.49 14.78
C9 FAD G . 41.19 -25.13 12.92
C9A FAD G . 41.44 -25.66 11.64
N10 FAD G . 40.70 -26.73 11.12
C10 FAD G . 40.93 -27.19 9.79
C1' FAD G . 39.73 -27.44 11.99
C2' FAD G . 38.34 -26.92 11.71
O2' FAD G . 38.33 -25.57 12.21
C3' FAD G . 37.28 -27.78 12.39
O3' FAD G . 37.46 -29.13 12.03
C4' FAD G . 35.87 -27.38 12.00
O4' FAD G . 35.70 -25.96 11.99
C5' FAD G . 34.89 -27.94 13.00
O5' FAD G . 33.52 -27.61 12.66
P FAD G . 32.38 -27.86 13.80
O1P FAD G . 31.02 -27.52 13.28
O2P FAD G . 32.65 -29.20 14.38
O3P FAD G . 32.79 -26.74 14.89
PA NAP H . 46.86 -30.30 19.65
O1A NAP H . 45.72 -30.66 20.56
O2A NAP H . 47.05 -31.03 18.37
O5B NAP H . 48.16 -30.61 20.52
C5B NAP H . 48.67 -29.66 21.44
C4B NAP H . 50.03 -29.13 20.94
O4B NAP H . 50.49 -28.07 21.84
C3B NAP H . 51.15 -30.17 20.95
O3B NAP H . 52.25 -29.71 20.16
C2B NAP H . 51.52 -30.14 22.43
O2B NAP H . 52.82 -30.72 22.65
C1B NAP H . 51.52 -28.64 22.70
N9A NAP H . 51.26 -28.29 24.13
C8A NAP H . 50.20 -28.60 24.90
N7A NAP H . 50.38 -28.08 26.12
C5A NAP H . 51.55 -27.44 26.11
C6A NAP H . 52.27 -26.71 27.06
N6A NAP H . 51.80 -26.53 28.31
N1A NAP H . 53.46 -26.16 26.70
C2A NAP H . 53.95 -26.31 25.47
N3A NAP H . 53.28 -27.01 24.55
C4A NAP H . 52.09 -27.57 24.85
O3 NAP H . 46.90 -28.63 19.34
PN NAP H . 46.31 -27.74 18.01
O1N NAP H . 47.39 -27.77 17.00
O2N NAP H . 45.93 -26.41 18.58
O5D NAP H . 44.94 -28.61 17.41
C5D NAP H . 43.68 -28.06 16.89
P2B NAP H . 53.00 -32.19 23.39
O1X NAP H . 53.08 -33.31 22.23
O2X NAP H . 54.42 -32.06 24.12
O3X NAP H . 51.87 -32.48 24.29
PA FAD I . 61.86 -38.43 -27.99
O1A FAD I . 61.91 -37.97 -26.59
O2A FAD I . 61.58 -37.44 -29.03
O5B FAD I . 63.29 -39.20 -28.27
C5B FAD I . 63.87 -39.35 -29.58
C4B FAD I . 65.31 -38.81 -29.63
O4B FAD I . 66.07 -39.60 -30.59
C3B FAD I . 65.40 -37.37 -30.12
O3B FAD I . 66.53 -36.75 -29.51
C2B FAD I . 65.59 -37.54 -31.63
O2B FAD I . 66.28 -36.45 -32.23
C1B FAD I . 66.55 -38.72 -31.70
N9A FAD I . 66.58 -39.45 -33.04
C8A FAD I . 65.66 -39.46 -34.01
N7A FAD I . 66.05 -40.25 -35.02
C5A FAD I . 67.23 -40.75 -34.68
C6A FAD I . 68.13 -41.62 -35.30
N6A FAD I . 67.83 -42.12 -36.50
N1A FAD I . 69.29 -41.93 -34.66
C2A FAD I . 69.59 -41.45 -33.47
N3A FAD I . 68.75 -40.63 -32.86
C4A FAD I . 67.58 -40.25 -33.43
N1 FAD I . 54.68 -35.27 -22.60
C2 FAD I . 54.26 -35.32 -21.25
O2 FAD I . 54.13 -36.39 -20.64
N3 FAD I . 53.98 -34.13 -20.57
C4 FAD I . 54.11 -32.88 -21.22
O4 FAD I . 53.85 -31.83 -20.61
C4X FAD I . 54.53 -32.84 -22.53
N5 FAD I . 54.66 -31.61 -23.15
C5X FAD I . 55.18 -31.51 -24.44
C6 FAD I . 55.36 -30.25 -25.02
C7 FAD I . 55.87 -30.13 -26.33
C7M FAD I . 56.08 -28.75 -26.95
C8 FAD I . 56.18 -31.29 -27.04
C8M FAD I . 56.72 -31.18 -28.46
C9 FAD I . 55.97 -32.55 -26.46
C9A FAD I . 55.48 -32.67 -25.15
N10 FAD I . 55.25 -33.94 -24.56
C10 FAD I . 54.83 -34.02 -23.22
C1' FAD I . 55.43 -35.16 -25.36
C2' FAD I . 56.81 -35.70 -25.07
O2' FAD I . 57.79 -34.84 -25.63
C3' FAD I . 56.98 -37.09 -25.67
O3' FAD I . 55.86 -37.90 -25.24
C4' FAD I . 58.34 -37.77 -25.28
O4' FAD I . 59.45 -36.85 -25.33
C5' FAD I . 58.63 -38.97 -26.20
O5' FAD I . 59.83 -39.69 -25.85
P FAD I . 60.42 -40.68 -27.01
O1P FAD I . 61.62 -41.40 -26.50
O2P FAD I . 59.27 -41.42 -27.54
O3P FAD I . 60.84 -39.67 -28.19
PA NAP J . 48.11 -32.69 -32.93
O1A NAP J . 48.61 -33.80 -33.81
O2A NAP J . 47.57 -32.96 -31.56
O5B NAP J . 46.92 -32.11 -33.84
C5B NAP J . 47.15 -31.13 -34.86
C4B NAP J . 46.61 -29.74 -34.41
O4B NAP J . 46.99 -28.74 -35.41
C3B NAP J . 45.08 -29.67 -34.34
O3B NAP J . 44.68 -28.49 -33.63
C2B NAP J . 44.77 -29.56 -35.83
O2B NAP J . 43.42 -29.11 -36.04
C1B NAP J . 45.81 -28.50 -36.23
N9A NAP J . 46.19 -28.53 -37.67
C8A NAP J . 46.71 -29.53 -38.39
N7A NAP J . 46.90 -29.09 -39.64
C5A NAP J . 46.52 -27.82 -39.71
C6A NAP J . 46.49 -26.84 -40.71
N6A NAP J . 46.90 -27.11 -41.94
N1A NAP J . 46.02 -25.61 -40.42
C2A NAP J . 45.60 -25.31 -39.19
N3A NAP J . 45.61 -26.21 -38.21
C4A NAP J . 46.07 -27.47 -38.45
O3 NAP J . 49.24 -31.46 -32.71
PN NAP J . 50.33 -31.17 -31.43
O1N NAP J . 49.54 -30.39 -30.42
O2N NAP J . 51.49 -30.53 -32.07
O5D NAP J . 50.73 -32.72 -30.82
C5D NAP J . 52.01 -33.17 -30.35
P2B NAP J . 42.32 -30.06 -36.70
O1X NAP J . 41.47 -30.63 -35.48
O2X NAP J . 41.35 -29.01 -37.44
O3X NAP J . 42.85 -31.14 -37.51
PA FAD K . -25.54 -5.71 -11.86
O1A FAD K . -24.72 -4.85 -10.99
O2A FAD K . -25.66 -7.13 -11.50
O5B FAD K . -27.02 -4.89 -11.97
C5B FAD K . -28.30 -5.55 -12.18
C4B FAD K . -29.29 -5.27 -11.03
O4B FAD K . -30.65 -5.28 -11.54
C3B FAD K . -29.25 -6.34 -9.91
O3B FAD K . -29.59 -5.73 -8.64
C2B FAD K . -30.30 -7.35 -10.39
O2B FAD K . -30.87 -8.10 -9.33
C1B FAD K . -31.39 -6.40 -10.88
N9A FAD K . -32.39 -7.06 -11.82
C8A FAD K . -32.24 -8.19 -12.54
N7A FAD K . -33.35 -8.41 -13.27
C5A FAD K . -34.21 -7.41 -13.00
C6A FAD K . -35.50 -7.08 -13.44
N6A FAD K . -36.15 -7.87 -14.32
N1A FAD K . -36.07 -5.97 -12.95
C2A FAD K . -35.45 -5.17 -12.08
N3A FAD K . -34.23 -5.44 -11.63
C4A FAD K . -33.60 -6.55 -12.07
N1 FAD K . -16.06 -6.01 -11.35
C2 FAD K . -14.94 -5.14 -11.26
O2 FAD K . -14.79 -4.20 -12.05
N3 FAD K . -13.98 -5.36 -10.25
C4 FAD K . -14.14 -6.42 -9.34
O4 FAD K . -13.30 -6.59 -8.44
C4X FAD K . -15.23 -7.28 -9.42
N5 FAD K . -15.37 -8.34 -8.51
C5X FAD K . -16.49 -9.16 -8.53
C6 FAD K . -16.64 -10.15 -7.55
C7 FAD K . -17.75 -10.98 -7.55
C7M FAD K . -17.93 -12.06 -6.49
C8 FAD K . -18.72 -10.82 -8.53
C8M FAD K . -19.95 -11.72 -8.55
C9 FAD K . -18.58 -9.83 -9.51
C9A FAD K . -17.46 -9.00 -9.51
N10 FAD K . -17.28 -8.00 -10.49
C10 FAD K . -16.19 -7.10 -10.43
C1' FAD K . -18.23 -7.93 -11.62
C2' FAD K . -19.28 -6.88 -11.33
O2' FAD K . -20.16 -7.40 -10.32
C3' FAD K . -20.06 -6.59 -12.61
O3' FAD K . -19.14 -6.30 -13.67
C4' FAD K . -21.03 -5.42 -12.43
O4' FAD K . -21.60 -5.54 -11.11
C5' FAD K . -22.11 -5.45 -13.53
O5' FAD K . -22.99 -4.27 -13.51
P FAD K . -24.43 -4.37 -14.24
O1P FAD K . -25.24 -3.11 -14.12
O2P FAD K . -24.12 -4.90 -15.59
O3P FAD K . -25.08 -5.68 -13.44
PA NAP L . -16.39 -17.94 -15.28
O1A NAP L . -17.61 -17.81 -16.14
O2A NAP L . -15.26 -16.98 -15.46
O5B NAP L . -15.84 -19.47 -15.60
C5B NAP L . -16.33 -20.59 -14.95
C4B NAP L . -15.29 -21.12 -13.95
O4B NAP L . -15.88 -22.19 -13.18
C3B NAP L . -14.08 -21.77 -14.60
O3B NAP L . -13.09 -22.01 -13.60
C2B NAP L . -14.69 -23.09 -15.04
O2B NAP L . -13.68 -24.05 -15.35
C1B NAP L . -15.41 -23.48 -13.76
N9A NAP L . -16.59 -24.46 -13.96
C8A NAP L . -17.70 -24.31 -14.71
N7A NAP L . -18.48 -25.41 -14.59
C5A NAP L . -17.84 -26.25 -13.76
C6A NAP L . -18.12 -27.52 -13.23
N6A NAP L . -19.24 -28.19 -13.57
N1A NAP L . -17.25 -28.11 -12.37
C2A NAP L . -16.11 -27.50 -12.00
N3A NAP L . -15.82 -26.30 -12.48
C4A NAP L . -16.65 -25.66 -13.35
O3 NAP L . -16.78 -17.96 -13.65
PN NAP L . -16.83 -16.69 -12.49
O1N NAP L . -15.45 -16.65 -11.91
O2N NAP L . -17.94 -17.02 -11.54
O5D NAP L . -17.17 -15.28 -13.43
C5D NAP L . -17.96 -14.12 -13.04
P2B NAP L . -13.49 -24.54 -16.87
O1X NAP L . -12.33 -23.58 -17.54
O2X NAP L . -12.90 -26.07 -16.64
O3X NAP L . -14.70 -24.38 -17.70
PA FAD M . 25.18 8.50 -3.94
O1A FAD M . 24.25 7.40 -3.92
O2A FAD M . 25.21 9.32 -2.75
O5B FAD M . 26.63 7.90 -4.25
C5B FAD M . 27.88 8.53 -3.84
C4B FAD M . 28.81 7.53 -3.08
O4B FAD M . 30.21 7.87 -3.30
C3B FAD M . 28.62 7.62 -1.58
O3B FAD M . 28.86 6.34 -1.00
C2B FAD M . 29.70 8.63 -1.21
O2B FAD M . 30.09 8.47 0.14
C1B FAD M . 30.85 8.17 -2.05
N9A FAD M . 31.93 9.22 -2.27
C8A FAD M . 31.82 10.54 -2.14
N7A FAD M . 32.99 11.13 -2.45
C5A FAD M . 33.83 10.17 -2.78
C6A FAD M . 35.14 10.17 -3.18
N6A FAD M . 35.83 11.29 -3.32
N1A FAD M . 35.73 8.99 -3.43
C2A FAD M . 35.05 7.85 -3.32
N3A FAD M . 33.78 7.82 -2.94
C4A FAD M . 33.15 8.97 -2.66
N1 FAD M . 15.60 8.90 -4.20
C2 FAD M . 14.52 8.25 -4.77
O2 FAD M . 14.45 8.07 -5.99
N3 FAD M . 13.50 7.79 -3.96
C4 FAD M . 13.53 7.97 -2.59
O4 FAD M . 12.62 7.56 -1.87
C4X FAD M . 14.61 8.62 -2.03
N5 FAD M . 14.63 8.80 -0.63
C5X FAD M . 15.73 9.44 -0.01
C6 FAD M . 15.75 9.59 1.37
C7 FAD M . 16.82 10.21 2.01
C7M FAD M . 16.83 10.35 3.53
C8 FAD M . 17.86 10.68 1.24
C8M FAD M . 19.06 11.36 1.89
C9 FAD M . 17.85 10.54 -0.15
C9A FAD M . 16.77 9.92 -0.79
N10 FAD M . 16.73 9.77 -2.20
C10 FAD M . 15.65 9.09 -2.82
C1' FAD M . 17.78 10.37 -3.02
C2' FAD M . 18.83 9.34 -3.40
O2' FAD M . 19.55 9.02 -2.26
C3' FAD M . 19.77 9.93 -4.39
O3' FAD M . 18.98 10.49 -5.44
C4' FAD M . 20.73 8.87 -4.93
O4' FAD M . 21.15 8.07 -3.85
C5' FAD M . 21.94 9.52 -5.61
O5' FAD M . 22.87 8.61 -6.17
P FAD M . 24.32 9.11 -6.59
O1P FAD M . 25.16 8.01 -7.18
O2P FAD M . 24.11 10.34 -7.33
O3P FAD M . 24.94 9.51 -5.18
PA NAP N . 16.02 20.55 0.39
O1A NAP N . 17.30 20.98 -0.24
O2A NAP N . 14.92 19.98 -0.42
O5B NAP N . 15.47 21.95 1.02
C5B NAP N . 15.87 22.41 2.30
C4B NAP N . 14.73 22.25 3.34
O4B NAP N . 15.22 22.60 4.64
C3B NAP N . 13.58 23.23 3.10
O3B NAP N . 12.43 22.84 3.87
C2B NAP N . 14.18 24.48 3.65
O2B NAP N . 13.14 25.43 3.87
C1B NAP N . 14.77 23.93 4.96
N9A NAP N . 15.90 24.75 5.53
C8A NAP N . 17.05 25.09 4.95
N7A NAP N . 17.78 25.81 5.81
C5A NAP N . 17.08 25.94 6.94
C6A NAP N . 17.31 26.57 8.17
N6A NAP N . 18.42 27.24 8.42
N1A NAP N . 16.35 26.49 9.11
C2A NAP N . 15.23 25.84 8.90
N3A NAP N . 14.99 25.22 7.75
C4A NAP N . 15.89 25.26 6.76
O3 NAP N . 16.29 19.49 1.64
PN NAP N . 16.25 17.81 1.70
O1N NAP N . 14.82 17.50 1.92
O2N NAP N . 17.22 17.38 2.72
O5D NAP N . 16.72 17.25 0.17
C5D NAP N . 17.49 16.03 -0.10
P2B NAP N . 13.06 26.78 3.01
O1X NAP N . 11.93 26.52 1.92
O2X NAP N . 12.46 27.85 4.02
O3X NAP N . 14.33 27.24 2.43
PA FAD O . -37.30 6.94 22.46
O1A FAD O . -37.28 7.90 21.36
O2A FAD O . -38.38 5.97 22.43
O5B FAD O . -35.90 6.19 22.51
C5B FAD O . -35.68 4.84 22.98
C4B FAD O . -34.96 3.98 21.94
O4B FAD O . -34.14 3.03 22.64
C3B FAD O . -35.93 3.17 21.08
O3B FAD O . -35.41 2.99 19.76
C2B FAD O . -36.01 1.85 21.84
O2B FAD O . -36.32 0.77 20.98
C1B FAD O . -34.58 1.66 22.29
N9A FAD O . -34.39 0.70 23.47
C8A FAD O . -35.26 0.37 24.43
N7A FAD O . -34.70 -0.48 25.28
C5A FAD O . -33.46 -0.68 24.87
C6A FAD O . -32.39 -1.45 25.31
N6A FAD O . -32.51 -2.18 26.41
N1A FAD O . -31.24 -1.44 24.64
C2A FAD O . -31.09 -0.71 23.55
N3A FAD O . -32.08 0.02 23.09
C4A FAD O . -33.27 0.06 23.72
N1 FAD O . -43.44 14.19 20.99
C2 FAD O . -43.43 15.54 20.57
O2 FAD O . -42.70 16.37 21.13
N3 FAD O . -44.25 15.94 19.52
C4 FAD O . -45.06 15.02 18.91
O4 FAD O . -45.79 15.41 18.01
C4X FAD O . -45.09 13.69 19.32
N5 FAD O . -45.93 12.76 18.69
C5X FAD O . -45.91 11.40 19.01
C6 FAD O . -46.69 10.52 18.30
C7 FAD O . -46.68 9.15 18.61
C7M FAD O . -47.55 8.19 17.82
C8 FAD O . -45.87 8.71 19.64
C8M FAD O . -45.85 7.23 20.01
C9 FAD O . -45.08 9.59 20.35
C9A FAD O . -45.09 10.95 20.04
N10 FAD O . -44.31 11.88 20.77
C10 FAD O . -44.27 13.25 20.36
C1' FAD O . -43.57 11.44 21.97
C2' FAD O . -42.13 11.17 21.57
O2' FAD O . -42.10 10.05 20.66
C3' FAD O . -41.26 10.94 22.80
O3' FAD O . -41.46 12.02 23.71
C4' FAD O . -39.77 10.81 22.46
O4' FAD O . -39.60 10.01 21.29
C5' FAD O . -39.02 10.15 23.62
O5' FAD O . -37.65 9.99 23.38
P FAD O . -36.82 9.04 24.32
O1P FAD O . -35.39 9.10 23.95
O2P FAD O . -37.20 9.32 25.68
O3P FAD O . -37.37 7.62 23.92
PA NAP P . -52.21 8.03 27.53
O1A NAP P . -51.33 7.33 28.51
O2A NAP P . -52.12 9.50 27.38
O5B NAP P . -53.64 7.69 28.07
C5B NAP P . -54.29 6.49 27.73
C4B NAP P . -55.54 6.78 26.85
O4B NAP P . -56.14 5.53 26.44
C3B NAP P . -56.68 7.54 27.52
O3B NAP P . -57.59 8.01 26.53
C2B NAP P . -57.33 6.42 28.29
O2B NAP P . -58.64 6.79 28.70
C1B NAP P . -57.37 5.34 27.22
N9A NAP P . -57.39 3.95 27.76
C8A NAP P . -56.52 3.35 28.59
N7A NAP P . -56.93 2.10 28.81
C5A NAP P . -58.05 1.90 28.12
C6A NAP P . -58.92 0.81 27.94
N6A NAP P . -58.75 -0.37 28.54
N1A NAP P . -59.99 0.99 27.13
C2A NAP P . -60.23 2.16 26.50
N3A NAP P . -59.42 3.20 26.65
C4A NAP P . -58.34 3.09 27.45
O3 NAP P . -52.13 7.34 26.00
PN NAP P . -51.27 7.80 24.60
O1N NAP P . -52.12 8.80 23.92
O2N NAP P . -51.01 6.52 23.89
O5D NAP P . -49.80 8.52 25.18
C5D NAP P . -48.42 8.44 24.65
P2B NAP P . -58.97 7.02 30.27
O1X NAP P . -58.92 8.60 30.51
O2X NAP P . -60.48 6.57 30.40
O3X NAP P . -58.11 6.31 31.19
PA FAD Q . -57.66 53.34 6.37
O1A FAD Q . -58.05 51.93 6.75
O2A FAD Q . -57.07 53.66 5.01
O5B FAD Q . -59.03 54.22 6.75
C5B FAD Q . -59.36 55.50 6.07
C4B FAD Q . -60.76 55.45 5.45
O4B FAD Q . -61.29 56.77 5.48
C3B FAD Q . -60.69 55.04 3.96
O3B FAD Q . -61.93 54.37 3.61
C2B FAD Q . -60.56 56.36 3.21
O2B FAD Q . -61.05 56.26 1.86
C1B FAD Q . -61.52 57.21 4.06
N9A FAD Q . -61.35 58.72 3.91
C8A FAD Q . -60.27 59.39 3.44
N7A FAD Q . -60.50 60.70 3.50
C5A FAD Q . -61.76 60.87 3.99
C6A FAD Q . -62.57 61.98 4.28
N6A FAD Q . -62.12 63.25 4.07
N1A FAD Q . -63.82 61.76 4.79
C2A FAD Q . -64.32 60.54 5.02
N3A FAD Q . -63.58 59.47 4.77
C4A FAD Q . -62.31 59.60 4.26
N1 FAD Q . -51.58 46.14 7.60
C2 FAD Q . -51.41 44.99 8.45
O2 FAD Q . -51.44 45.06 9.69
N3 FAD Q . -51.19 43.74 7.85
C4 FAD Q . -51.13 43.60 6.43
O4 FAD Q . -50.93 42.49 5.91
C4X FAD Q . -51.30 44.72 5.61
N5 FAD Q . -51.25 44.56 4.20
C5X FAD Q . -51.53 45.62 3.35
C6 FAD Q . -51.56 45.41 1.97
C7 FAD Q . -51.84 46.48 1.11
C7M FAD Q . -51.88 46.22 -0.39
C8 FAD Q . -52.07 47.76 1.66
C8M FAD Q . -52.36 48.94 0.72
C9 FAD Q . -52.01 47.98 3.03
C9A FAD Q . -51.76 46.91 3.89
N10 FAD Q . -51.69 47.09 5.31
C10 FAD Q . -51.53 45.98 6.18
C1' FAD Q . -51.75 48.45 5.87
C2' FAD Q . -53.18 48.76 6.25
O2' FAD Q . -53.94 48.98 5.05
C3' FAD Q . -53.25 50.00 7.16
O3' FAD Q . -52.29 49.87 8.23
C4' FAD Q . -54.67 50.24 7.74
O4' FAD Q . -55.74 49.84 6.86
C5' FAD Q . -54.84 51.72 8.09
O5' FAD Q . -56.12 51.94 8.80
P FAD Q . -56.58 53.51 9.07
O1P FAD Q . -57.88 53.61 9.80
O2P FAD Q . -55.33 54.18 9.60
O3P FAD Q . -56.63 53.98 7.45
PA NAP R . -43.09 52.24 0.66
O1A NAP R . -43.51 53.63 1.08
O2A NAP R . -42.76 51.21 1.69
O5B NAP R . -41.74 52.39 -0.24
C5B NAP R . -41.79 52.73 -1.61
C4B NAP R . -41.33 51.50 -2.45
O4B NAP R . -41.49 51.77 -3.87
C3B NAP R . -39.84 51.24 -2.29
O3B NAP R . -39.54 49.95 -2.85
C2B NAP R . -39.27 52.34 -3.18
O2B NAP R . -37.91 52.09 -3.56
C1B NAP R . -40.17 52.22 -4.40
N9A NAP R . -40.27 53.48 -5.22
C8A NAP R . -40.66 54.72 -4.84
N7A NAP R . -40.60 55.54 -5.89
C5A NAP R . -40.17 54.81 -6.95
C6A NAP R . -39.89 55.07 -8.30
N6A NAP R . -40.05 56.31 -8.82
N1A NAP R . -39.45 54.05 -9.11
C2A NAP R . -39.27 52.81 -8.65
N3A NAP R . -39.51 52.53 -7.37
C4A NAP R . -39.96 53.50 -6.52
O3 NAP R . -44.22 51.56 -0.41
PN NAP R . -45.54 50.50 -0.11
O1N NAP R . -44.94 49.12 -0.17
O2N NAP R . -46.53 50.88 -1.16
O5D NAP R . -46.10 50.84 1.50
C5D NAP R . -47.45 50.87 1.96
P2B NAP R . -36.67 52.95 -2.92
O1X NAP R . -36.10 52.18 -1.57
O2X NAP R . -35.54 52.83 -4.20
O3X NAP R . -37.05 54.36 -2.52
#